data_6II8
#
_entry.id   6II8
#
_cell.length_a   203.409
_cell.length_b   116.062
_cell.length_c   185.207
_cell.angle_alpha   90.00
_cell.angle_beta   108.99
_cell.angle_gamma   90.00
#
_symmetry.space_group_name_H-M   'C 1 2 1'
#
loop_
_entity.id
_entity.type
_entity.pdbx_description
1 polymer Hemagglutinin
2 polymer Hemagglutinin
3 polymer 'Heavy chain of L4B-18 Fab'
4 polymer 'Light chain of L4B-18 Fab'
5 non-polymer 2-acetamido-2-deoxy-beta-D-glucopyranose
#
loop_
_entity_poly.entity_id
_entity_poly.type
_entity_poly.pdbx_seq_one_letter_code
_entity_poly.pdbx_strand_id
1 'polypeptide(L)'
;DKICLGHHAVSNGTKVNTLTERGVEVVNATETVERTNIPRICSKGKRTVDLGQCGLLGTITGPPQCDQFLEFSADLIIER
REGSDVCYPGKFVNEEALRQILRESGGIDKEAMGFTYSGIRTNGATSACRRSGSSFYAEMKWLLSNTDNAAFPQMTKSYK
NTRKSPALIVWGIHHSVSTAEQTKLYGSGNKLVTVGSSNYQQSFVPSPGARPQVNGLSGRIDFHWLMLNPNDTVTFSFNG
AFIAPDRASFLRGKSMGIQSGVQVDANCEGDCYHSGGTIISNLPFQNIDSRAVGKCPRYVKQRSLLLATGMKNVPE
;
A,C,E
2 'polypeptide(L)'
;GLFGAIAGFIENGWEGLIDGWYGFRHQNAQGEGTAADYKSTQSAIDQITGKLNRLIEKTNQQFELIDNEFNEVEKQIGNV
INWTRDSITEVWSYNAELLVAMENQHTIDLADSEMDKLYERVKRQLRENAEEDGTGCFEIFHKCDDDCMASIRNNTYDHS
KYREEAMQNRIQ
;
B,D,F
3 'polypeptide(L)'
;EVQLVESGGGLVQPGGSLRLSCAASGFTFSSYAMSWVRQAPGKGLEWVSAISGSGGSTYYADSVKGRFTISRDNSKNTLY
LQMNSLRAEDTAVYYCAKDRLLWFGELLFEGFDYWGQGTLVTVSSASTKGPSVFPLAPSSKSTSGGTAALGCLVKDYFPE
PVTVSWNSGALTSGVHTFPAVLQSSGLYSLSSVVTVPSSSLGTQTYICNVNHKPSNTKVDKKV
;
J,G,H
4 'polypeptide(L)'
;NFMLTQPHSVSESPGKTVTISCTRSSGSIASNYVQWYQQRPGSSPTTVIYEDNQRPSGVPDRFSGSIDSSSNSASLTISG
LKTEDEADYYCQSYDSSNVVFGGGTKLTVLGQPKAAPSVTLFPPSSEELQANKATLVCLISDFYPGAVTVAWKADSSPVK
AGVETTTPSKQSNNKYAASSYLSLTPEQWKSHRSYSCQVTHEGSTVEKTVAPT
;
K,I,L
#
loop_
_chem_comp.id
_chem_comp.type
_chem_comp.name
_chem_comp.formula
NAG D-saccharide, beta linking 2-acetamido-2-deoxy-beta-D-glucopyranose 'C8 H15 N O6'
#
# COMPACT_ATOMS: atom_id res chain seq x y z
N ASP A 1 90.06 24.06 -2.92
CA ASP A 1 88.74 24.71 -2.83
C ASP A 1 87.60 23.78 -3.24
N LYS A 2 86.56 23.69 -2.41
CA LYS A 2 85.37 22.89 -2.68
C LYS A 2 84.18 23.80 -2.92
N ILE A 3 83.21 23.28 -3.68
CA ILE A 3 81.86 23.83 -3.72
C ILE A 3 80.89 22.67 -3.70
N CYS A 4 80.01 22.63 -2.70
CA CYS A 4 79.05 21.57 -2.54
C CYS A 4 77.65 22.17 -2.52
N LEU A 5 76.69 21.41 -3.03
CA LEU A 5 75.35 21.93 -3.18
C LEU A 5 74.33 20.89 -2.76
N GLY A 6 73.39 21.28 -1.90
CA GLY A 6 72.46 20.35 -1.31
C GLY A 6 71.09 20.97 -1.06
N HIS A 7 70.26 20.24 -0.35
CA HIS A 7 68.87 20.62 -0.11
C HIS A 7 68.64 20.86 1.37
N HIS A 8 67.54 21.52 1.69
CA HIS A 8 67.27 21.83 3.09
C HIS A 8 66.57 20.64 3.76
N ALA A 9 66.43 20.76 5.08
CA ALA A 9 65.76 19.74 5.88
C ALA A 9 65.32 20.40 7.18
N VAL A 10 64.52 19.67 7.96
CA VAL A 10 64.04 20.15 9.26
C VAL A 10 64.16 19.00 10.26
N SER A 11 64.09 19.36 11.54
CA SER A 11 64.20 18.34 12.59
C SER A 11 62.95 17.47 12.65
N ASN A 12 61.79 18.08 12.88
CA ASN A 12 60.52 17.36 13.02
C ASN A 12 59.70 17.60 11.75
N GLY A 13 59.65 16.58 10.90
CA GLY A 13 58.84 16.62 9.69
C GLY A 13 57.51 15.91 9.87
N THR A 14 56.83 15.67 8.74
CA THR A 14 55.52 15.03 8.74
C THR A 14 55.53 13.77 7.88
N LYS A 15 55.04 12.66 8.44
CA LYS A 15 54.98 11.40 7.70
C LYS A 15 53.80 11.42 6.73
N VAL A 16 54.01 10.92 5.52
CA VAL A 16 52.96 10.80 4.52
C VAL A 16 52.99 9.39 3.95
N ASN A 17 51.97 9.07 3.18
CA ASN A 17 51.90 7.82 2.44
C ASN A 17 52.17 8.09 0.97
N THR A 18 52.83 7.14 0.31
CA THR A 18 53.05 7.24 -1.12
C THR A 18 52.53 5.98 -1.79
N LEU A 19 52.78 5.90 -3.10
CA LEU A 19 52.45 4.71 -3.87
C LEU A 19 53.16 3.49 -3.32
N THR A 20 54.33 3.70 -2.70
CA THR A 20 55.29 2.63 -2.43
C THR A 20 55.70 2.53 -0.97
N GLU A 21 55.20 3.39 -0.08
CA GLU A 21 55.70 3.39 1.30
C GLU A 21 54.70 4.04 2.25
N ARG A 22 54.71 3.59 3.50
CA ARG A 22 53.91 4.19 4.57
C ARG A 22 54.82 4.98 5.50
N GLY A 23 54.41 6.21 5.82
CA GLY A 23 55.15 7.03 6.77
C GLY A 23 56.55 7.42 6.32
N VAL A 24 56.62 8.27 5.31
CA VAL A 24 57.88 8.79 4.79
C VAL A 24 57.95 10.28 5.11
N GLU A 25 58.93 10.68 5.95
CA GLU A 25 58.99 12.06 6.41
C GLU A 25 59.24 13.02 5.27
N VAL A 26 58.56 14.17 5.30
CA VAL A 26 58.71 15.22 4.31
C VAL A 26 58.75 16.55 5.05
N VAL A 27 59.14 17.62 4.33
CA VAL A 27 59.34 18.92 4.97
C VAL A 27 58.00 19.52 5.43
N ASN A 28 56.97 19.48 4.58
CA ASN A 28 55.67 19.99 4.99
C ASN A 28 54.58 19.17 4.31
N ALA A 29 53.41 19.11 4.96
CA ALA A 29 52.20 18.54 4.39
C ALA A 29 51.00 19.37 4.84
N THR A 30 49.92 19.26 4.08
CA THR A 30 48.66 19.86 4.46
C THR A 30 47.55 18.84 4.28
N GLU A 31 46.46 19.05 5.02
CA GLU A 31 45.36 18.09 5.09
C GLU A 31 44.45 18.17 3.85
N THR A 32 43.89 17.03 3.48
CA THR A 32 42.95 16.92 2.37
C THR A 32 41.55 16.51 2.81
N VAL A 33 41.36 16.17 4.08
CA VAL A 33 40.08 15.72 4.59
C VAL A 33 39.63 16.69 5.67
N GLU A 34 38.49 17.32 5.45
CA GLU A 34 37.96 18.31 6.39
C GLU A 34 37.28 17.63 7.59
N ARG A 35 37.65 18.04 8.80
CA ARG A 35 37.02 17.53 10.01
C ARG A 35 36.42 18.60 10.91
N THR A 36 36.78 19.88 10.73
CA THR A 36 36.33 20.96 11.63
C THR A 36 34.91 21.37 11.25
N ASN A 37 33.97 21.13 12.16
CA ASN A 37 32.58 21.48 11.96
C ASN A 37 32.27 22.84 12.56
N ILE A 38 31.25 23.50 12.03
CA ILE A 38 30.68 24.72 12.59
C ILE A 38 29.29 24.38 13.12
N PRO A 39 29.05 24.47 14.44
CA PRO A 39 27.79 23.94 15.00
C PRO A 39 26.59 24.88 14.83
N ARG A 40 26.45 25.49 13.64
CA ARG A 40 25.40 26.46 13.38
C ARG A 40 25.09 26.41 11.89
N ILE A 41 23.85 26.79 11.54
CA ILE A 41 23.48 27.00 10.15
C ILE A 41 24.03 28.36 9.72
N CYS A 42 25.08 28.35 8.90
CA CYS A 42 25.67 29.59 8.42
C CYS A 42 24.84 30.13 7.28
N SER A 43 24.11 31.21 7.54
CA SER A 43 23.08 31.67 6.61
C SER A 43 23.30 33.11 6.15
N LYS A 44 24.56 33.56 6.13
CA LYS A 44 24.85 34.91 5.69
C LYS A 44 24.34 35.15 4.27
N GLY A 45 23.43 36.11 4.13
CA GLY A 45 22.94 36.53 2.82
C GLY A 45 22.01 35.55 2.15
N LYS A 46 21.44 34.62 2.90
CA LYS A 46 20.52 33.64 2.36
C LYS A 46 19.13 33.88 2.94
N ARG A 47 18.10 33.93 2.08
CA ARG A 47 16.74 34.05 2.59
C ARG A 47 16.35 32.74 3.27
N THR A 48 16.25 32.77 4.61
CA THR A 48 16.09 31.57 5.41
C THR A 48 14.70 31.52 6.05
N VAL A 49 14.15 30.32 6.14
CA VAL A 49 12.90 30.07 6.83
C VAL A 49 13.15 28.94 7.82
N ASP A 50 13.12 29.25 9.11
CA ASP A 50 13.23 28.24 10.17
C ASP A 50 11.82 27.80 10.55
N LEU A 51 11.37 26.66 9.98
CA LEU A 51 9.98 26.24 10.13
C LEU A 51 9.59 26.02 11.59
N GLY A 52 10.55 25.68 12.46
CA GLY A 52 10.24 25.46 13.87
C GLY A 52 9.21 24.38 14.04
N GLN A 53 8.20 24.67 14.87
CA GLN A 53 7.09 23.75 15.11
C GLN A 53 6.23 23.53 13.88
N CYS A 54 6.36 24.37 12.86
CA CYS A 54 5.60 24.18 11.62
C CYS A 54 6.25 23.05 10.83
N GLY A 55 5.43 22.08 10.42
CA GLY A 55 5.90 21.06 9.51
C GLY A 55 5.89 21.55 8.07
N LEU A 56 6.88 21.07 7.29
CA LEU A 56 7.02 21.56 5.94
C LEU A 56 5.77 21.31 5.11
N LEU A 57 5.05 20.22 5.37
CA LEU A 57 3.79 20.01 4.69
C LEU A 57 2.66 20.84 5.30
N GLY A 58 2.78 21.22 6.57
CA GLY A 58 1.80 22.10 7.18
C GLY A 58 1.69 23.47 6.54
N THR A 59 2.67 23.87 5.72
CA THR A 59 2.51 25.09 4.97
C THR A 59 1.44 24.97 3.89
N ILE A 60 1.14 23.75 3.44
CA ILE A 60 0.18 23.57 2.37
C ILE A 60 -1.25 23.58 2.91
N THR A 61 -1.47 22.89 4.03
CA THR A 61 -2.78 22.78 4.65
C THR A 61 -3.05 23.89 5.66
N GLY A 62 -2.03 24.35 6.36
CA GLY A 62 -2.18 25.40 7.34
C GLY A 62 -2.80 24.96 8.64
N PRO A 63 -2.17 24.05 9.37
CA PRO A 63 -2.58 23.79 10.75
C PRO A 63 -2.12 24.95 11.63
N PRO A 64 -2.63 25.07 12.86
CA PRO A 64 -2.38 26.29 13.66
C PRO A 64 -0.90 26.63 13.84
N GLN A 65 0.01 25.65 13.86
CA GLN A 65 1.44 25.96 14.00
C GLN A 65 1.97 26.73 12.80
N CYS A 66 1.42 26.48 11.62
CA CYS A 66 1.95 27.01 10.37
C CYS A 66 1.24 28.29 9.92
N ASP A 67 0.54 28.98 10.83
CA ASP A 67 -0.21 30.16 10.42
C ASP A 67 0.73 31.25 9.91
N GLN A 68 1.98 31.23 10.34
CA GLN A 68 2.95 32.24 9.95
C GLN A 68 3.80 31.81 8.77
N PHE A 69 3.50 30.66 8.15
CA PHE A 69 4.33 30.13 7.08
C PHE A 69 3.49 29.71 5.88
N LEU A 70 2.32 30.34 5.69
CA LEU A 70 1.44 29.93 4.62
C LEU A 70 1.94 30.39 3.25
N GLU A 71 2.63 31.55 3.18
CA GLU A 71 3.08 32.11 1.91
C GLU A 71 4.55 32.51 1.94
N PHE A 72 5.37 31.80 2.72
CA PHE A 72 6.77 32.18 2.86
C PHE A 72 7.50 32.14 1.51
N SER A 73 8.67 32.77 1.48
CA SER A 73 9.57 32.75 0.34
C SER A 73 10.99 32.68 0.83
N ALA A 74 11.78 31.74 0.33
CA ALA A 74 13.10 31.52 0.88
C ALA A 74 14.09 31.01 -0.18
N ASP A 75 15.36 31.05 0.21
CA ASP A 75 16.44 30.34 -0.46
C ASP A 75 16.89 29.12 0.31
N LEU A 76 16.83 29.17 1.64
CA LEU A 76 17.22 28.08 2.51
C LEU A 76 16.05 27.79 3.45
N ILE A 77 15.54 26.56 3.41
CA ILE A 77 14.42 26.13 4.26
C ILE A 77 14.95 25.14 5.28
N ILE A 78 14.62 25.35 6.54
CA ILE A 78 15.07 24.48 7.62
C ILE A 78 13.86 23.81 8.27
N GLU A 79 13.89 22.47 8.32
CA GLU A 79 12.95 21.67 9.08
C GLU A 79 13.55 21.31 10.43
N ARG A 80 12.73 21.37 11.47
CA ARG A 80 13.17 20.98 12.80
C ARG A 80 12.45 19.71 13.24
N ARG A 81 13.06 19.02 14.21
CA ARG A 81 12.52 17.73 14.65
C ARG A 81 11.13 17.86 15.28
N GLU A 82 10.77 19.02 15.81
CA GLU A 82 9.50 19.23 16.46
C GLU A 82 8.40 19.66 15.50
N GLY A 83 8.69 19.69 14.20
CA GLY A 83 7.69 20.13 13.23
C GLY A 83 6.67 19.03 12.98
N SER A 84 5.39 19.36 13.14
CA SER A 84 4.28 18.46 12.84
C SER A 84 3.42 19.07 11.76
N ASP A 85 3.19 18.31 10.68
CA ASP A 85 2.42 18.82 9.55
C ASP A 85 0.93 18.86 9.82
N VAL A 86 0.48 18.23 10.90
CA VAL A 86 -0.94 18.02 11.11
C VAL A 86 -1.33 18.42 12.52
N CYS A 87 -2.58 18.86 12.66
CA CYS A 87 -3.27 19.00 13.93
C CYS A 87 -4.33 17.91 14.11
N TYR A 88 -5.28 17.81 13.17
CA TYR A 88 -6.19 16.67 13.11
C TYR A 88 -5.42 15.47 12.56
N PRO A 89 -5.30 14.37 13.29
CA PRO A 89 -4.32 13.34 12.93
C PRO A 89 -4.54 12.79 11.52
N GLY A 90 -3.43 12.57 10.83
CA GLY A 90 -3.45 12.06 9.46
C GLY A 90 -2.06 12.15 8.90
N LYS A 91 -1.92 11.67 7.66
CA LYS A 91 -0.61 11.73 7.03
C LYS A 91 -0.76 11.83 5.51
N PHE A 92 0.28 12.39 4.88
CA PHE A 92 0.28 12.65 3.45
C PHE A 92 0.65 11.39 2.68
N VAL A 93 -0.16 11.04 1.68
CA VAL A 93 0.26 10.06 0.69
C VAL A 93 1.40 10.65 -0.12
N ASN A 94 2.47 9.88 -0.33
CA ASN A 94 3.66 10.36 -1.03
C ASN A 94 4.26 11.58 -0.34
N GLU A 95 4.41 11.49 0.98
CA GLU A 95 4.82 12.66 1.74
C GLU A 95 6.17 13.16 1.28
N GLU A 96 7.16 12.26 1.20
CA GLU A 96 8.54 12.73 0.99
C GLU A 96 8.73 13.37 -0.37
N ALA A 97 8.12 12.80 -1.41
CA ALA A 97 8.16 13.45 -2.72
C ALA A 97 7.66 14.88 -2.62
N LEU A 98 6.52 15.08 -1.94
CA LEU A 98 6.01 16.44 -1.76
C LEU A 98 6.94 17.28 -0.89
N ARG A 99 7.59 16.68 0.11
CA ARG A 99 8.59 17.41 0.86
C ARG A 99 9.78 17.78 -0.02
N GLN A 100 10.25 16.84 -0.84
CA GLN A 100 11.37 17.14 -1.73
C GLN A 100 11.00 18.19 -2.74
N ILE A 101 9.73 18.24 -3.15
CA ILE A 101 9.26 19.30 -4.04
C ILE A 101 9.32 20.66 -3.32
N LEU A 102 8.87 20.71 -2.07
CA LEU A 102 8.82 21.96 -1.32
C LEU A 102 10.21 22.45 -0.89
N ARG A 103 11.14 21.54 -0.61
CA ARG A 103 12.45 22.01 -0.13
C ARG A 103 13.16 22.82 -1.20
N GLU A 104 13.00 22.47 -2.47
CA GLU A 104 13.62 23.23 -3.53
C GLU A 104 12.61 24.16 -4.21
N SER A 105 11.53 24.49 -3.52
CA SER A 105 10.46 25.29 -4.12
C SER A 105 10.74 26.78 -4.12
N GLY A 106 11.65 27.27 -3.27
CA GLY A 106 11.82 28.69 -3.08
C GLY A 106 10.72 29.40 -2.33
N GLY A 107 9.62 28.71 -1.99
CA GLY A 107 8.49 29.30 -1.30
C GLY A 107 7.18 28.91 -1.95
N ILE A 108 6.10 29.47 -1.40
CA ILE A 108 4.75 29.13 -1.81
C ILE A 108 3.96 30.42 -1.99
N ASP A 109 3.23 30.52 -3.08
CA ASP A 109 2.26 31.58 -3.29
C ASP A 109 0.86 30.97 -3.29
N LYS A 110 -0.03 31.55 -2.49
CA LYS A 110 -1.39 31.02 -2.39
C LYS A 110 -2.46 31.84 -3.11
N GLU A 111 -3.17 31.19 -4.02
CA GLU A 111 -4.26 31.80 -4.77
C GLU A 111 -5.55 31.10 -4.39
N ALA A 112 -6.58 31.88 -4.09
CA ALA A 112 -7.86 31.29 -3.74
C ALA A 112 -8.41 30.51 -4.92
N MET A 113 -8.92 29.32 -4.65
CA MET A 113 -9.56 28.54 -5.70
C MET A 113 -11.00 28.94 -5.91
N GLY A 114 -11.62 29.61 -4.94
CA GLY A 114 -12.92 30.18 -5.15
C GLY A 114 -14.06 29.19 -5.30
N PHE A 115 -14.07 28.15 -4.48
CA PHE A 115 -15.21 27.26 -4.44
C PHE A 115 -16.29 27.88 -3.59
N THR A 116 -17.53 27.80 -4.07
CA THR A 116 -18.71 28.21 -3.30
C THR A 116 -19.55 26.98 -3.04
N TYR A 117 -19.99 26.83 -1.80
CA TYR A 117 -20.82 25.69 -1.41
C TYR A 117 -22.20 26.22 -1.05
N SER A 118 -23.24 25.48 -1.44
CA SER A 118 -24.61 25.94 -1.31
C SER A 118 -25.43 24.90 -0.56
N GLY A 119 -25.95 25.30 0.60
CA GLY A 119 -26.83 24.45 1.37
C GLY A 119 -26.19 23.23 2.00
N ILE A 120 -24.94 23.33 2.45
CA ILE A 120 -24.30 22.34 3.32
C ILE A 120 -23.57 23.08 4.42
N ARG A 121 -22.90 22.32 5.25
CA ARG A 121 -22.14 22.88 6.36
C ARG A 121 -20.66 22.95 5.96
N THR A 122 -20.05 24.15 6.03
CA THR A 122 -18.62 24.32 5.68
C THR A 122 -17.74 24.81 6.84
N ASN A 123 -18.29 24.83 8.03
CA ASN A 123 -17.62 25.24 9.23
C ASN A 123 -16.98 24.12 9.98
N GLY A 124 -16.74 23.01 9.37
CA GLY A 124 -16.14 21.94 10.16
C GLY A 124 -14.97 22.35 11.06
N ALA A 125 -14.96 22.03 12.36
CA ALA A 125 -13.85 22.41 13.24
C ALA A 125 -13.70 21.45 14.42
N THR A 126 -12.53 21.51 15.06
CA THR A 126 -12.26 20.72 16.26
C THR A 126 -11.30 21.49 17.16
N SER A 127 -11.22 21.05 18.41
CA SER A 127 -10.29 21.63 19.38
C SER A 127 -8.90 20.99 19.30
N ALA A 128 -8.66 20.12 18.33
CA ALA A 128 -7.30 19.72 18.04
C ALA A 128 -6.56 20.77 17.20
N CYS A 129 -7.19 21.24 16.11
CA CYS A 129 -6.73 22.43 15.39
C CYS A 129 -7.36 23.65 16.05
N ARG A 130 -6.69 24.16 17.07
CA ARG A 130 -7.26 25.18 17.95
C ARG A 130 -6.53 26.50 17.78
N ARG A 131 -7.24 27.53 17.32
CA ARG A 131 -6.68 28.87 17.23
C ARG A 131 -7.34 29.83 18.21
N SER A 132 -8.64 30.08 18.02
CA SER A 132 -9.44 30.87 18.94
C SER A 132 -10.20 29.95 19.88
N GLY A 133 -11.07 29.11 19.31
CA GLY A 133 -11.63 27.97 19.99
C GLY A 133 -11.44 26.76 19.09
N SER A 134 -12.51 26.02 18.80
CA SER A 134 -12.45 25.01 17.76
C SER A 134 -12.12 25.66 16.43
N SER A 135 -11.23 25.03 15.67
CA SER A 135 -10.86 25.53 14.34
C SER A 135 -10.49 24.31 13.49
N PHE A 136 -9.80 24.55 12.39
CA PHE A 136 -9.42 23.51 11.43
C PHE A 136 -8.21 24.03 10.66
N TYR A 137 -7.83 23.32 9.60
CA TYR A 137 -6.76 23.79 8.73
C TYR A 137 -7.17 25.06 8.00
N ALA A 138 -6.28 26.06 7.98
CA ALA A 138 -6.66 27.39 7.52
C ALA A 138 -6.88 27.43 6.01
N GLU A 139 -6.21 26.56 5.26
CA GLU A 139 -6.33 26.55 3.81
C GLU A 139 -7.40 25.61 3.30
N MET A 140 -8.13 24.93 4.17
CA MET A 140 -9.07 23.92 3.74
C MET A 140 -10.38 24.09 4.49
N LYS A 141 -11.37 23.29 4.10
CA LYS A 141 -12.71 23.37 4.66
C LYS A 141 -13.25 21.98 4.86
N TRP A 142 -13.75 21.73 6.07
CA TRP A 142 -14.36 20.45 6.44
C TRP A 142 -15.84 20.52 6.08
N LEU A 143 -16.23 19.85 4.98
CA LEU A 143 -17.60 19.90 4.47
C LEU A 143 -18.45 18.85 5.19
N LEU A 144 -19.43 19.30 5.98
CA LEU A 144 -20.40 18.45 6.64
C LEU A 144 -21.75 18.54 5.93
N SER A 145 -22.76 17.91 6.51
CA SER A 145 -24.11 17.94 5.97
C SER A 145 -24.94 18.98 6.71
N ASN A 146 -26.21 19.13 6.28
CA ASN A 146 -27.12 20.09 6.89
C ASN A 146 -27.58 19.64 8.27
N THR A 147 -27.78 20.62 9.15
CA THR A 147 -28.49 20.32 10.39
C THR A 147 -29.96 20.00 10.09
N ASP A 148 -30.54 20.65 9.09
CA ASP A 148 -31.95 20.42 8.77
C ASP A 148 -32.15 19.01 8.22
N ASN A 149 -31.37 18.62 7.22
CA ASN A 149 -31.48 17.31 6.60
C ASN A 149 -30.14 16.58 6.70
N ALA A 150 -30.20 15.26 6.89
CA ALA A 150 -29.00 14.46 7.06
C ALA A 150 -28.44 14.01 5.72
N ALA A 151 -28.70 14.76 4.65
CA ALA A 151 -28.22 14.42 3.32
C ALA A 151 -27.00 15.25 2.94
N PHE A 152 -26.09 14.63 2.19
CA PHE A 152 -25.00 15.36 1.55
C PHE A 152 -25.18 15.28 0.03
N PRO A 153 -25.58 16.38 -0.62
CA PRO A 153 -25.84 16.33 -2.07
C PRO A 153 -24.61 16.02 -2.88
N GLN A 154 -24.81 15.27 -3.97
CA GLN A 154 -23.73 15.01 -4.92
C GLN A 154 -23.24 16.30 -5.54
N MET A 155 -22.03 16.70 -5.17
CA MET A 155 -21.48 18.00 -5.54
C MET A 155 -20.37 17.82 -6.58
N THR A 156 -20.27 18.79 -7.47
CA THR A 156 -19.26 18.80 -8.53
C THR A 156 -18.60 20.16 -8.49
N LYS A 157 -17.31 20.20 -8.12
CA LYS A 157 -16.57 21.45 -7.96
C LYS A 157 -15.29 21.36 -8.78
N SER A 158 -15.00 22.42 -9.54
CA SER A 158 -13.91 22.36 -10.51
C SER A 158 -13.08 23.64 -10.45
N TYR A 159 -11.80 23.50 -10.82
CA TYR A 159 -10.83 24.60 -10.80
C TYR A 159 -10.00 24.60 -12.07
N LYS A 160 -9.79 25.78 -12.64
CA LYS A 160 -8.96 25.95 -13.82
C LYS A 160 -7.72 26.77 -13.45
N ASN A 161 -6.55 26.22 -13.76
CA ASN A 161 -5.30 26.90 -13.45
C ASN A 161 -5.03 27.90 -14.56
N THR A 162 -5.31 29.17 -14.31
CA THR A 162 -5.08 30.21 -15.30
C THR A 162 -3.63 30.70 -15.33
N ARG A 163 -2.80 30.25 -14.40
CA ARG A 163 -1.46 30.79 -14.24
C ARG A 163 -0.46 30.02 -15.09
N LYS A 164 0.77 30.56 -15.18
CA LYS A 164 1.82 29.97 -16.01
C LYS A 164 2.60 28.86 -15.31
N SER A 165 2.50 28.74 -13.98
CA SER A 165 3.21 27.72 -13.23
C SER A 165 2.24 26.63 -12.79
N PRO A 166 2.71 25.38 -12.70
CA PRO A 166 1.86 24.30 -12.20
C PRO A 166 1.38 24.58 -10.79
N ALA A 167 0.13 24.20 -10.52
CA ALA A 167 -0.54 24.48 -9.26
C ALA A 167 -0.52 23.24 -8.36
N LEU A 168 -0.12 23.43 -7.11
CA LEU A 168 -0.13 22.35 -6.11
C LEU A 168 -1.51 22.30 -5.48
N ILE A 169 -2.32 21.32 -5.90
CA ILE A 169 -3.66 21.10 -5.37
C ILE A 169 -3.57 20.01 -4.31
N VAL A 170 -4.09 20.28 -3.12
CA VAL A 170 -4.11 19.30 -2.04
C VAL A 170 -5.53 19.15 -1.54
N TRP A 171 -5.84 17.96 -1.01
CA TRP A 171 -7.15 17.75 -0.42
C TRP A 171 -7.08 16.57 0.52
N GLY A 172 -8.09 16.46 1.38
CA GLY A 172 -8.14 15.38 2.34
C GLY A 172 -9.34 14.46 2.14
N ILE A 173 -9.22 13.21 2.60
CA ILE A 173 -10.32 12.27 2.69
C ILE A 173 -10.45 11.86 4.15
N HIS A 174 -11.64 12.06 4.72
CA HIS A 174 -11.86 11.82 6.14
C HIS A 174 -12.25 10.37 6.38
N HIS A 175 -11.56 9.73 7.33
CA HIS A 175 -11.86 8.38 7.79
C HIS A 175 -12.47 8.52 9.19
N SER A 176 -13.79 8.54 9.25
CA SER A 176 -14.49 8.71 10.52
C SER A 176 -14.22 7.52 11.46
N VAL A 177 -14.45 7.74 12.76
CA VAL A 177 -14.17 6.71 13.77
C VAL A 177 -15.03 5.47 13.54
N SER A 178 -16.27 5.66 13.09
CA SER A 178 -17.16 4.54 12.81
C SER A 178 -18.17 4.97 11.76
N THR A 179 -18.83 3.97 11.14
CA THR A 179 -19.89 4.26 10.17
C THR A 179 -20.98 5.11 10.81
N ALA A 180 -21.28 4.85 12.09
CA ALA A 180 -22.20 5.71 12.83
C ALA A 180 -21.76 7.17 12.75
N GLU A 181 -20.49 7.42 13.08
CA GLU A 181 -19.95 8.77 13.00
C GLU A 181 -19.98 9.29 11.57
N GLN A 182 -19.55 8.45 10.62
CA GLN A 182 -19.59 8.84 9.21
C GLN A 182 -20.99 9.24 8.78
N THR A 183 -22.00 8.41 9.10
CA THR A 183 -23.36 8.71 8.68
C THR A 183 -23.90 9.96 9.37
N LYS A 184 -23.45 10.22 10.61
CA LYS A 184 -23.94 11.40 11.32
C LYS A 184 -23.42 12.69 10.72
N LEU A 185 -22.18 12.68 10.21
CA LEU A 185 -21.55 13.88 9.67
C LEU A 185 -21.94 14.11 8.21
N TYR A 186 -21.68 13.12 7.34
CA TYR A 186 -21.82 13.28 5.90
C TYR A 186 -23.05 12.59 5.34
N GLY A 187 -23.98 12.17 6.19
CA GLY A 187 -25.16 11.46 5.74
C GLY A 187 -24.93 9.99 5.50
N SER A 188 -26.03 9.24 5.48
CA SER A 188 -25.98 7.81 5.24
C SER A 188 -25.68 7.52 3.77
N GLY A 189 -25.36 6.25 3.49
CA GLY A 189 -25.11 5.77 2.14
C GLY A 189 -23.62 5.65 1.85
N ASN A 190 -23.32 4.89 0.79
CA ASN A 190 -21.93 4.67 0.38
C ASN A 190 -21.32 5.98 -0.11
N LYS A 191 -20.21 6.38 0.50
CA LYS A 191 -19.57 7.66 0.19
C LYS A 191 -18.45 7.47 -0.83
N LEU A 192 -18.30 8.45 -1.72
CA LEU A 192 -17.36 8.33 -2.82
C LEU A 192 -16.86 9.70 -3.23
N VAL A 193 -15.55 9.81 -3.45
CA VAL A 193 -14.90 11.03 -3.88
C VAL A 193 -14.02 10.71 -5.08
N THR A 194 -14.21 11.43 -6.18
CA THR A 194 -13.38 11.26 -7.37
C THR A 194 -12.61 12.53 -7.67
N VAL A 195 -11.44 12.36 -8.25
CA VAL A 195 -10.58 13.46 -8.66
C VAL A 195 -10.09 13.17 -10.07
N GLY A 196 -10.08 14.19 -10.92
CA GLY A 196 -9.68 14.00 -12.30
C GLY A 196 -9.08 15.25 -12.90
N SER A 197 -8.10 15.03 -13.78
CA SER A 197 -7.53 16.06 -14.63
C SER A 197 -7.19 15.42 -15.98
N SER A 198 -6.40 16.12 -16.80
CA SER A 198 -5.89 15.51 -18.02
C SER A 198 -4.83 14.46 -17.72
N ASN A 199 -3.87 14.80 -16.86
CA ASN A 199 -2.88 13.83 -16.41
C ASN A 199 -3.48 12.89 -15.36
N TYR A 200 -3.87 13.45 -14.23
CA TYR A 200 -4.13 12.69 -13.01
C TYR A 200 -5.59 12.27 -12.91
N GLN A 201 -5.81 11.05 -12.44
CA GLN A 201 -7.15 10.56 -12.13
C GLN A 201 -7.03 9.53 -11.00
N GLN A 202 -7.96 9.60 -10.06
CA GLN A 202 -7.94 8.73 -8.89
C GLN A 202 -9.24 8.94 -8.12
N SER A 203 -9.73 7.86 -7.53
CA SER A 203 -10.99 7.93 -6.81
C SER A 203 -10.79 7.34 -5.41
N PHE A 204 -11.60 7.81 -4.46
CA PHE A 204 -11.36 7.55 -3.05
C PHE A 204 -12.68 7.22 -2.37
N VAL A 205 -12.63 6.24 -1.46
CA VAL A 205 -13.76 5.84 -0.64
C VAL A 205 -13.29 5.85 0.82
N PRO A 206 -14.07 6.41 1.75
CA PRO A 206 -13.62 6.46 3.15
C PRO A 206 -13.58 5.08 3.79
N SER A 207 -12.60 4.92 4.71
CA SER A 207 -12.37 3.69 5.44
C SER A 207 -12.61 3.94 6.92
N PRO A 208 -13.88 3.97 7.38
CA PRO A 208 -14.16 4.26 8.78
C PRO A 208 -13.65 3.15 9.68
N GLY A 209 -13.20 3.54 10.87
CA GLY A 209 -12.63 2.61 11.82
C GLY A 209 -11.84 3.32 12.89
N ALA A 210 -11.51 2.57 13.93
CA ALA A 210 -10.78 3.09 15.09
C ALA A 210 -9.28 3.09 14.84
N ARG A 211 -8.66 4.24 15.01
CA ARG A 211 -7.21 4.42 14.98
C ARG A 211 -6.71 4.82 16.36
N PRO A 212 -5.41 4.62 16.66
CA PRO A 212 -4.91 5.00 17.98
C PRO A 212 -5.07 6.49 18.24
N GLN A 213 -5.34 6.83 19.50
CA GLN A 213 -5.58 8.22 19.87
C GLN A 213 -4.35 9.09 19.61
N VAL A 214 -4.55 10.14 18.82
CA VAL A 214 -3.55 11.19 18.63
C VAL A 214 -4.27 12.53 18.68
N ASN A 215 -3.89 13.39 19.63
CA ASN A 215 -4.57 14.66 19.91
C ASN A 215 -6.07 14.44 20.12
N GLY A 216 -6.40 13.37 20.86
CA GLY A 216 -7.75 13.09 21.30
C GLY A 216 -8.66 12.49 20.26
N LEU A 217 -8.23 12.38 19.01
CA LEU A 217 -9.09 11.88 17.94
C LEU A 217 -8.61 10.52 17.45
N SER A 218 -9.54 9.58 17.33
CA SER A 218 -9.26 8.27 16.77
C SER A 218 -9.58 8.19 15.29
N GLY A 219 -10.03 9.29 14.70
CA GLY A 219 -10.18 9.35 13.26
C GLY A 219 -8.90 9.83 12.58
N ARG A 220 -8.89 9.71 11.26
CA ARG A 220 -7.73 10.13 10.48
C ARG A 220 -8.18 10.79 9.18
N ILE A 221 -7.42 11.80 8.76
CA ILE A 221 -7.60 12.45 7.46
C ILE A 221 -6.41 12.04 6.58
N ASP A 222 -6.71 11.60 5.36
CA ASP A 222 -5.68 11.25 4.39
C ASP A 222 -5.55 12.39 3.37
N PHE A 223 -4.37 13.00 3.32
CA PHE A 223 -4.13 14.14 2.43
C PHE A 223 -3.54 13.67 1.11
N HIS A 224 -4.20 14.01 0.00
CA HIS A 224 -3.74 13.68 -1.33
C HIS A 224 -3.41 14.95 -2.10
N TRP A 225 -2.63 14.80 -3.17
CA TRP A 225 -2.24 15.97 -3.93
C TRP A 225 -1.87 15.58 -5.36
N LEU A 226 -2.13 16.51 -6.28
CA LEU A 226 -1.71 16.42 -7.66
C LEU A 226 -1.19 17.79 -8.05
N MET A 227 -0.58 17.88 -9.24
CA MET A 227 -0.09 19.16 -9.75
C MET A 227 -0.78 19.48 -11.07
N LEU A 228 -1.72 20.43 -11.04
CA LEU A 228 -2.36 20.94 -12.24
C LEU A 228 -1.34 21.64 -13.13
N ASN A 229 -1.28 21.24 -14.38
CA ASN A 229 -0.50 21.97 -15.37
C ASN A 229 -1.27 23.21 -15.81
N PRO A 230 -0.57 24.21 -16.37
CA PRO A 230 -1.26 25.44 -16.79
C PRO A 230 -2.39 25.17 -17.77
N ASN A 231 -3.49 25.88 -17.58
CA ASN A 231 -4.70 25.85 -18.40
C ASN A 231 -5.47 24.55 -18.28
N ASP A 232 -4.98 23.59 -17.51
CA ASP A 232 -5.74 22.37 -17.27
C ASP A 232 -6.78 22.60 -16.16
N THR A 233 -7.64 21.61 -16.00
CA THR A 233 -8.76 21.73 -15.09
C THR A 233 -8.81 20.50 -14.19
N VAL A 234 -9.03 20.74 -12.90
CA VAL A 234 -9.26 19.68 -11.91
C VAL A 234 -10.72 19.72 -11.51
N THR A 235 -11.31 18.53 -11.30
CA THR A 235 -12.72 18.44 -10.98
C THR A 235 -12.91 17.45 -9.83
N PHE A 236 -13.70 17.86 -8.84
CA PHE A 236 -14.00 17.06 -7.64
C PHE A 236 -15.47 16.69 -7.64
N SER A 237 -15.78 15.41 -7.82
CA SER A 237 -17.10 14.88 -7.48
C SER A 237 -17.05 14.30 -6.08
N PHE A 238 -18.02 14.67 -5.24
CA PHE A 238 -18.03 14.15 -3.88
C PHE A 238 -19.42 14.26 -3.28
N ASN A 239 -19.87 13.20 -2.61
CA ASN A 239 -21.10 13.22 -1.83
C ASN A 239 -20.82 12.97 -0.35
N GLY A 240 -19.63 13.33 0.12
CA GLY A 240 -19.30 13.22 1.52
C GLY A 240 -17.84 12.86 1.73
N ALA A 241 -17.42 12.93 3.00
CA ALA A 241 -16.07 12.54 3.44
C ALA A 241 -14.99 13.28 2.65
N PHE A 242 -15.21 14.57 2.40
CA PHE A 242 -14.29 15.40 1.64
C PHE A 242 -13.73 16.52 2.50
N ILE A 243 -12.44 16.78 2.35
CA ILE A 243 -11.80 17.96 2.94
C ILE A 243 -11.34 18.82 1.77
N ALA A 244 -12.16 19.80 1.40
CA ALA A 244 -11.91 20.47 0.13
C ALA A 244 -10.85 21.56 0.29
N PRO A 245 -10.02 21.76 -0.74
CA PRO A 245 -9.06 22.87 -0.70
C PRO A 245 -9.79 24.19 -0.87
N ASP A 246 -9.33 25.19 -0.13
CA ASP A 246 -9.81 26.55 -0.34
C ASP A 246 -8.89 27.33 -1.27
N ARG A 247 -7.57 27.22 -1.08
CA ARG A 247 -6.58 27.94 -1.86
C ARG A 247 -5.62 26.95 -2.50
N ALA A 248 -5.13 27.31 -3.68
CA ALA A 248 -4.09 26.56 -4.36
C ALA A 248 -2.72 27.11 -3.97
N SER A 249 -1.66 26.45 -4.45
CA SER A 249 -0.30 26.80 -4.05
C SER A 249 0.64 26.76 -5.24
N PHE A 250 1.42 27.82 -5.41
CA PHE A 250 2.39 27.92 -6.50
C PHE A 250 3.80 28.12 -5.94
N LEU A 251 4.78 27.58 -6.67
CA LEU A 251 6.17 27.62 -6.22
C LEU A 251 6.84 28.92 -6.67
N ARG A 252 7.53 29.59 -5.74
CA ARG A 252 8.06 30.93 -6.02
C ARG A 252 9.38 30.90 -6.77
N GLY A 253 10.16 29.84 -6.64
CA GLY A 253 11.44 29.80 -7.31
C GLY A 253 12.25 28.55 -7.02
N LYS A 254 13.54 28.74 -6.72
CA LYS A 254 14.39 27.62 -6.35
C LYS A 254 15.00 27.86 -4.98
N SER A 255 15.19 26.78 -4.23
CA SER A 255 15.79 26.88 -2.92
C SER A 255 16.40 25.53 -2.55
N MET A 256 16.92 25.46 -1.33
CA MET A 256 17.45 24.22 -0.78
C MET A 256 16.92 24.06 0.63
N GLY A 257 16.40 22.86 0.92
CA GLY A 257 15.96 22.53 2.25
C GLY A 257 16.96 21.62 2.94
N ILE A 258 17.05 21.75 4.26
CA ILE A 258 17.90 20.88 5.07
C ILE A 258 17.12 20.46 6.31
N GLN A 259 17.78 19.65 7.15
CA GLN A 259 17.22 19.19 8.42
C GLN A 259 18.30 19.37 9.48
N SER A 260 17.98 20.08 10.54
CA SER A 260 19.02 20.40 11.50
C SER A 260 18.38 20.70 12.85
N GLY A 261 19.24 20.78 13.87
CA GLY A 261 18.82 21.15 15.21
C GLY A 261 19.77 22.12 15.87
N VAL A 262 20.40 22.98 15.08
CA VAL A 262 21.44 23.87 15.60
C VAL A 262 21.02 25.32 15.37
N GLN A 263 21.71 26.21 16.07
CA GLN A 263 21.46 27.65 15.99
C GLN A 263 21.57 28.15 14.56
N VAL A 264 20.87 29.24 14.26
CA VAL A 264 21.01 29.95 12.99
C VAL A 264 21.94 31.14 13.19
N ASP A 265 22.88 31.31 12.26
CA ASP A 265 23.88 32.37 12.34
C ASP A 265 24.00 33.08 11.00
N ALA A 266 23.85 34.40 11.03
CA ALA A 266 24.06 35.21 9.84
C ALA A 266 25.46 35.84 9.80
N ASN A 267 26.36 35.46 10.73
CA ASN A 267 27.72 35.97 10.71
C ASN A 267 28.63 35.17 9.78
N CYS A 268 28.38 33.86 9.64
CA CYS A 268 29.16 33.01 8.75
C CYS A 268 28.34 32.62 7.53
N GLU A 269 29.04 32.38 6.42
CA GLU A 269 28.44 31.92 5.17
C GLU A 269 28.98 30.55 4.83
N GLY A 270 28.08 29.59 4.68
CA GLY A 270 28.45 28.26 4.25
C GLY A 270 27.45 27.73 3.25
N ASP A 271 27.91 26.77 2.44
CA ASP A 271 27.07 26.14 1.45
C ASP A 271 26.94 24.64 1.62
N CYS A 272 27.50 24.07 2.66
CA CYS A 272 27.43 22.63 2.89
C CYS A 272 26.82 22.42 4.27
N TYR A 273 25.55 22.01 4.32
CA TYR A 273 24.83 21.84 5.57
C TYR A 273 24.62 20.37 5.88
N HIS A 274 24.68 20.03 7.17
CA HIS A 274 24.24 18.72 7.65
C HIS A 274 23.51 18.93 8.96
N SER A 275 22.95 17.84 9.50
CA SER A 275 22.10 17.94 10.68
C SER A 275 22.82 18.51 11.90
N GLY A 276 24.14 18.64 11.85
CA GLY A 276 24.90 19.12 12.99
C GLY A 276 25.53 20.49 12.81
N GLY A 277 25.30 21.10 11.64
CA GLY A 277 25.84 22.41 11.36
C GLY A 277 26.30 22.59 9.91
N THR A 278 27.26 23.49 9.71
CA THR A 278 27.77 23.83 8.39
C THR A 278 29.22 23.37 8.25
N ILE A 279 29.63 23.14 7.00
CA ILE A 279 31.00 22.79 6.68
C ILE A 279 31.53 23.88 5.74
N ILE A 280 32.41 24.72 6.25
CA ILE A 280 33.05 25.77 5.45
C ILE A 280 34.51 25.37 5.28
N SER A 281 34.88 24.97 4.07
CA SER A 281 36.20 24.40 3.85
C SER A 281 36.53 24.36 2.36
N ASN A 282 37.80 24.57 2.05
CA ASN A 282 38.29 24.51 0.68
C ASN A 282 38.84 23.14 0.31
N LEU A 283 38.85 22.21 1.26
CA LEU A 283 39.39 20.87 1.01
C LEU A 283 38.45 20.07 0.10
N PRO A 284 38.99 19.15 -0.70
CA PRO A 284 38.12 18.35 -1.57
C PRO A 284 37.30 17.30 -0.85
N PHE A 285 37.80 16.78 0.26
CA PHE A 285 37.14 15.68 0.96
C PHE A 285 36.71 16.13 2.35
N GLN A 286 35.67 15.53 2.85
CA GLN A 286 35.24 15.80 4.18
C GLN A 286 35.03 14.53 4.93
N ASN A 287 34.82 14.57 6.22
CA ASN A 287 34.63 13.34 6.96
C ASN A 287 33.68 13.58 8.07
N ILE A 288 32.75 14.50 7.85
CA ILE A 288 31.81 14.89 8.84
C ILE A 288 30.44 14.35 8.81
N ASP A 289 29.83 14.32 7.67
CA ASP A 289 28.55 13.68 7.54
C ASP A 289 28.44 13.19 6.11
N SER A 290 28.15 11.89 5.93
CA SER A 290 28.00 11.34 4.59
C SER A 290 26.72 11.82 3.91
N ARG A 291 25.74 12.33 4.66
CA ARG A 291 24.48 12.80 4.10
C ARG A 291 24.43 14.32 3.96
N ALA A 292 25.57 15.01 4.07
CA ALA A 292 25.59 16.46 3.94
C ALA A 292 25.08 16.89 2.57
N VAL A 293 24.39 18.04 2.55
CA VAL A 293 23.75 18.53 1.33
C VAL A 293 24.25 19.94 1.01
N GLY A 294 24.07 20.31 -0.26
CA GLY A 294 24.53 21.60 -0.75
C GLY A 294 25.67 21.47 -1.73
N LYS A 295 26.65 22.35 -1.65
CA LYS A 295 27.88 22.26 -2.44
C LYS A 295 28.99 21.80 -1.47
N CYS A 296 29.15 20.48 -1.36
CA CYS A 296 29.94 19.90 -0.29
C CYS A 296 31.22 19.24 -0.82
N PRO A 297 32.26 19.19 -0.01
CA PRO A 297 33.35 18.24 -0.28
C PRO A 297 32.80 16.83 -0.20
N ARG A 298 33.38 15.92 -0.98
CA ARG A 298 32.79 14.60 -1.01
C ARG A 298 33.30 13.75 0.15
N TYR A 299 32.41 12.92 0.68
CA TYR A 299 32.66 12.13 1.89
C TYR A 299 33.66 11.02 1.63
N VAL A 300 34.61 10.85 2.54
CA VAL A 300 35.54 9.75 2.51
C VAL A 300 35.51 9.05 3.86
N LYS A 301 35.78 7.74 3.85
CA LYS A 301 35.84 7.03 5.13
C LYS A 301 37.06 7.44 5.93
N GLN A 302 38.15 7.82 5.25
CA GLN A 302 39.38 8.16 5.92
C GLN A 302 39.23 9.39 6.79
N ARG A 303 39.93 9.37 7.93
CA ARG A 303 39.96 10.51 8.83
C ARG A 303 40.90 11.60 8.34
N SER A 304 41.99 11.23 7.67
CA SER A 304 42.99 12.22 7.26
C SER A 304 43.82 11.64 6.13
N LEU A 305 43.99 12.40 5.05
CA LEU A 305 44.86 12.02 3.94
C LEU A 305 45.82 13.17 3.69
N LEU A 306 47.08 13.03 4.08
CA LEU A 306 48.04 14.13 4.05
C LEU A 306 48.70 14.23 2.68
N LEU A 307 48.60 15.40 2.07
CA LEU A 307 49.22 15.67 0.79
C LEU A 307 50.61 16.28 0.99
N ALA A 308 51.61 15.69 0.34
CA ALA A 308 52.98 16.17 0.48
C ALA A 308 53.16 17.51 -0.24
N THR A 309 53.72 18.49 0.46
CA THR A 309 54.04 19.79 -0.12
C THR A 309 55.52 20.13 0.00
N GLY A 310 56.35 19.13 0.31
CA GLY A 310 57.80 19.29 0.38
C GLY A 310 58.54 18.07 -0.15
N MET A 311 59.86 18.09 -0.03
CA MET A 311 60.71 16.99 -0.46
C MET A 311 60.87 15.95 0.65
N LYS A 312 61.53 14.83 0.31
CA LYS A 312 61.97 13.89 1.34
C LYS A 312 62.83 14.61 2.38
N ASN A 313 62.51 14.41 3.64
CA ASN A 313 63.26 15.02 4.73
C ASN A 313 64.43 14.12 5.09
N VAL A 314 65.65 14.59 4.80
CA VAL A 314 66.85 13.83 5.14
C VAL A 314 67.69 14.62 6.12
N PRO A 315 67.45 14.49 7.42
CA PRO A 315 68.12 15.35 8.40
C PRO A 315 69.48 14.78 8.77
N GLU A 316 70.16 15.48 9.69
CA GLU A 316 71.48 15.07 10.17
C GLU A 316 71.39 14.34 11.52
N GLY B 1 64.19 8.70 -3.79
CA GLY B 1 63.79 9.44 -4.96
C GLY B 1 63.90 8.61 -6.18
N LEU B 2 63.77 9.21 -7.32
CA LEU B 2 63.88 8.45 -8.52
C LEU B 2 65.12 8.85 -9.22
N PHE B 3 65.62 10.01 -8.92
CA PHE B 3 66.84 10.45 -9.52
C PHE B 3 67.95 10.42 -8.56
N GLY B 4 67.81 9.68 -7.52
CA GLY B 4 68.88 9.49 -6.59
C GLY B 4 69.76 10.58 -6.10
N ALA B 5 69.18 11.70 -5.78
CA ALA B 5 69.97 12.74 -5.20
C ALA B 5 69.21 13.41 -4.10
N ILE B 6 68.51 12.65 -3.28
CA ILE B 6 67.74 13.24 -2.22
C ILE B 6 67.94 12.21 -1.19
N ALA B 7 68.25 11.10 -1.71
CA ALA B 7 68.73 10.06 -0.81
C ALA B 7 69.95 9.32 -1.36
N GLY B 8 70.29 9.48 -2.65
CA GLY B 8 71.34 8.70 -3.25
C GLY B 8 72.74 9.11 -2.87
N PHE B 9 73.17 10.29 -3.32
CA PHE B 9 74.53 10.71 -3.03
C PHE B 9 74.62 12.03 -2.26
N ILE B 10 73.56 12.82 -2.18
CA ILE B 10 73.49 13.82 -1.12
C ILE B 10 73.04 13.07 0.14
N GLU B 11 73.94 12.96 1.11
CA GLU B 11 73.68 12.09 2.25
C GLU B 11 72.57 12.63 3.14
N ASN B 12 72.53 13.94 3.34
CA ASN B 12 71.58 14.55 4.25
C ASN B 12 71.32 15.98 3.83
N GLY B 13 70.28 16.56 4.41
CA GLY B 13 69.95 17.94 4.16
C GLY B 13 70.63 18.89 5.14
N TRP B 14 70.48 20.18 4.86
CA TRP B 14 71.12 21.24 5.63
C TRP B 14 70.04 22.02 6.38
N GLU B 15 69.83 21.67 7.65
CA GLU B 15 68.80 22.32 8.45
C GLU B 15 69.07 23.80 8.61
N GLY B 16 70.33 24.23 8.47
CA GLY B 16 70.64 25.65 8.55
C GLY B 16 70.15 26.43 7.37
N LEU B 17 70.14 25.83 6.18
CA LEU B 17 69.68 26.51 4.98
C LEU B 17 68.17 26.72 5.01
N ILE B 18 67.73 27.86 5.53
CA ILE B 18 66.34 28.27 5.46
C ILE B 18 66.12 29.35 4.40
N ASP B 19 67.18 29.71 3.66
CA ASP B 19 67.05 30.67 2.57
C ASP B 19 66.17 30.12 1.45
N GLY B 20 66.29 28.83 1.15
CA GLY B 20 65.52 28.21 0.10
C GLY B 20 65.52 26.70 0.24
N TRP B 21 65.09 26.03 -0.83
CA TRP B 21 65.04 24.57 -0.86
C TRP B 21 66.37 23.96 -1.29
N TYR B 22 66.99 24.52 -2.33
CA TYR B 22 68.25 24.04 -2.87
C TYR B 22 69.25 25.19 -2.80
N GLY B 23 70.52 24.86 -2.61
CA GLY B 23 71.48 25.94 -2.50
C GLY B 23 72.91 25.46 -2.59
N PHE B 24 73.82 26.44 -2.52
CA PHE B 24 75.26 26.23 -2.57
C PHE B 24 75.88 26.36 -1.18
N ARG B 25 76.90 25.54 -0.91
CA ARG B 25 77.75 25.72 0.26
C ARG B 25 79.19 25.49 -0.18
N HIS B 26 80.01 26.55 -0.20
CA HIS B 26 81.36 26.46 -0.71
C HIS B 26 82.38 26.57 0.43
N GLN B 27 83.61 26.23 0.08
CA GLN B 27 84.77 26.36 0.95
C GLN B 27 85.96 26.77 0.09
N ASN B 28 86.68 27.80 0.52
CA ASN B 28 87.82 28.29 -0.24
C ASN B 28 88.79 28.97 0.72
N ALA B 29 89.72 29.76 0.16
CA ALA B 29 90.71 30.45 0.98
C ALA B 29 90.04 31.38 2.00
N GLN B 30 89.14 32.25 1.53
CA GLN B 30 88.55 33.25 2.41
C GLN B 30 87.69 32.62 3.50
N GLY B 31 87.15 31.42 3.28
CA GLY B 31 86.47 30.70 4.32
C GLY B 31 85.19 30.06 3.82
N GLU B 32 84.26 29.83 4.73
CA GLU B 32 83.00 29.16 4.44
C GLU B 32 81.98 30.15 3.87
N GLY B 33 80.92 29.61 3.29
CA GLY B 33 79.85 30.39 2.71
C GLY B 33 78.67 29.55 2.23
N THR B 34 77.44 30.01 2.49
CA THR B 34 76.24 29.26 2.14
C THR B 34 75.20 30.19 1.53
N ALA B 35 74.64 29.81 0.38
CA ALA B 35 73.62 30.59 -0.28
C ALA B 35 72.66 29.63 -1.00
N ALA B 36 71.43 30.09 -1.19
CA ALA B 36 70.40 29.29 -1.86
C ALA B 36 70.24 29.71 -3.31
N ASP B 37 69.72 28.78 -4.11
CA ASP B 37 69.54 28.98 -5.55
C ASP B 37 68.05 29.21 -5.84
N TYR B 38 67.72 30.42 -6.29
CA TYR B 38 66.32 30.80 -6.45
C TYR B 38 65.69 30.11 -7.65
N LYS B 39 66.38 30.10 -8.79
CA LYS B 39 65.76 29.60 -10.02
C LYS B 39 65.34 28.14 -9.87
N SER B 40 66.01 27.35 -9.02
CA SER B 40 65.60 25.97 -8.82
C SER B 40 64.48 25.88 -7.79
N THR B 41 64.73 26.42 -6.59
CA THR B 41 63.75 26.35 -5.52
C THR B 41 62.37 26.79 -5.99
N GLN B 42 62.30 27.91 -6.72
CA GLN B 42 61.01 28.39 -7.21
C GLN B 42 60.43 27.48 -8.27
N SER B 43 61.26 26.72 -8.99
CA SER B 43 60.75 25.83 -10.01
C SER B 43 59.94 24.68 -9.41
N ALA B 44 60.32 24.21 -8.22
CA ALA B 44 59.54 23.17 -7.54
C ALA B 44 58.35 23.77 -6.79
N ILE B 45 58.52 24.93 -6.17
CA ILE B 45 57.43 25.58 -5.45
C ILE B 45 56.29 25.94 -6.41
N ASP B 46 56.63 26.52 -7.57
CA ASP B 46 55.63 26.78 -8.59
C ASP B 46 54.92 25.51 -9.02
N GLN B 47 55.54 24.34 -8.80
CA GLN B 47 54.95 23.07 -9.22
C GLN B 47 54.02 22.51 -8.16
N ILE B 48 54.46 22.49 -6.89
CA ILE B 48 53.57 22.12 -5.81
C ILE B 48 52.33 23.01 -5.84
N THR B 49 52.53 24.31 -6.10
CA THR B 49 51.41 25.25 -6.18
C THR B 49 50.39 24.79 -7.21
N GLY B 50 50.84 24.33 -8.38
CA GLY B 50 49.92 23.78 -9.36
C GLY B 50 49.04 22.69 -8.78
N LYS B 51 49.65 21.75 -8.05
CA LYS B 51 48.88 20.68 -7.42
C LYS B 51 47.85 21.23 -6.46
N LEU B 52 48.27 22.12 -5.55
CA LEU B 52 47.36 22.68 -4.56
C LEU B 52 46.24 23.46 -5.25
N ASN B 53 46.58 24.33 -6.19
CA ASN B 53 45.55 25.03 -6.93
C ASN B 53 44.60 24.09 -7.67
N ARG B 54 44.98 22.81 -7.79
CA ARG B 54 44.12 21.83 -8.44
C ARG B 54 43.25 21.08 -7.45
N LEU B 55 43.72 20.88 -6.23
CA LEU B 55 42.92 20.16 -5.25
C LEU B 55 42.10 21.05 -4.35
N ILE B 56 42.43 22.33 -4.25
CA ILE B 56 41.77 23.21 -3.32
C ILE B 56 40.91 24.20 -4.09
N GLU B 57 39.89 24.73 -3.42
CA GLU B 57 38.91 25.65 -4.01
C GLU B 57 38.31 25.06 -5.29
N LYS B 58 38.04 23.76 -5.27
CA LYS B 58 37.15 23.19 -6.27
C LYS B 58 35.72 23.66 -5.97
N THR B 59 34.94 23.87 -7.03
CA THR B 59 33.54 24.30 -6.89
C THR B 59 32.67 23.05 -7.08
N ASN B 60 32.41 22.35 -5.98
CA ASN B 60 31.70 21.08 -6.07
C ASN B 60 30.23 21.30 -6.43
N GLN B 61 29.59 20.22 -6.89
CA GLN B 61 28.22 20.27 -7.36
C GLN B 61 27.23 20.38 -6.21
N GLN B 62 26.01 20.82 -6.54
CA GLN B 62 24.93 20.94 -5.57
C GLN B 62 24.10 19.68 -5.54
N PHE B 63 23.90 19.12 -4.34
CA PHE B 63 23.09 17.92 -4.14
C PHE B 63 22.01 18.20 -3.11
N GLU B 64 20.92 17.46 -3.21
CA GLU B 64 19.73 17.68 -2.40
C GLU B 64 19.47 16.46 -1.54
N LEU B 65 18.53 16.60 -0.62
CA LEU B 65 18.15 15.50 0.25
C LEU B 65 17.28 14.52 -0.51
N ILE B 66 17.61 13.24 -0.40
CA ILE B 66 16.69 12.16 -0.77
C ILE B 66 16.25 11.35 0.43
N ASP B 67 16.96 11.43 1.56
CA ASP B 67 16.61 10.75 2.80
C ASP B 67 15.76 11.65 3.67
N ASN B 68 15.39 11.14 4.84
CA ASN B 68 14.73 11.94 5.86
C ASN B 68 15.18 11.47 7.24
N GLU B 69 15.85 12.35 7.97
CA GLU B 69 16.35 12.04 9.30
C GLU B 69 15.24 12.04 10.36
N PHE B 70 14.14 12.73 10.10
CA PHE B 70 13.05 12.85 11.06
C PHE B 70 11.93 11.85 10.82
N ASN B 71 11.59 11.59 9.57
CA ASN B 71 10.51 10.66 9.23
C ASN B 71 11.05 9.71 8.16
N GLU B 72 11.62 8.61 8.62
CA GLU B 72 12.32 7.66 7.75
C GLU B 72 11.49 7.28 6.53
N VAL B 73 12.15 7.25 5.38
CA VAL B 73 11.49 6.95 4.12
C VAL B 73 11.16 5.46 4.06
N GLU B 74 10.37 5.05 3.06
CA GLU B 74 9.98 3.65 2.90
C GLU B 74 11.21 2.74 2.88
N LYS B 75 11.02 1.48 3.29
CA LYS B 75 12.16 0.62 3.54
C LYS B 75 12.88 0.23 2.26
N GLN B 76 12.13 -0.27 1.26
CA GLN B 76 12.78 -0.80 0.07
C GLN B 76 13.52 0.29 -0.67
N ILE B 77 12.97 1.50 -0.69
CA ILE B 77 13.70 2.59 -1.31
C ILE B 77 14.81 3.10 -0.38
N GLY B 78 14.60 3.03 0.94
CA GLY B 78 15.63 3.43 1.88
C GLY B 78 16.88 2.57 1.78
N ASN B 79 16.71 1.30 1.40
CA ASN B 79 17.87 0.43 1.23
C ASN B 79 18.59 0.65 -0.10
N VAL B 80 17.85 0.87 -1.18
CA VAL B 80 18.47 1.23 -2.46
C VAL B 80 19.29 2.50 -2.34
N ILE B 81 18.83 3.43 -1.51
CA ILE B 81 19.55 4.67 -1.28
C ILE B 81 20.76 4.44 -0.38
N ASN B 82 20.55 3.81 0.79
CA ASN B 82 21.66 3.45 1.66
C ASN B 82 22.72 2.63 0.90
N TRP B 83 22.27 1.71 0.06
CA TRP B 83 23.19 0.88 -0.69
C TRP B 83 23.97 1.72 -1.70
N THR B 84 23.26 2.48 -2.53
CA THR B 84 23.93 3.30 -3.53
C THR B 84 24.95 4.23 -2.86
N ARG B 85 24.54 4.97 -1.83
CA ARG B 85 25.44 5.91 -1.17
C ARG B 85 26.67 5.21 -0.64
N ASP B 86 26.49 4.06 0.03
CA ASP B 86 27.62 3.30 0.53
C ASP B 86 28.59 2.91 -0.60
N SER B 87 28.06 2.63 -1.79
CA SER B 87 28.92 2.27 -2.92
C SER B 87 29.73 3.46 -3.40
N ILE B 88 29.09 4.61 -3.61
CA ILE B 88 29.83 5.80 -4.03
C ILE B 88 30.92 6.14 -3.02
N THR B 89 30.63 5.96 -1.73
CA THR B 89 31.64 6.24 -0.71
C THR B 89 32.88 5.38 -0.92
N GLU B 90 32.69 4.11 -1.30
CA GLU B 90 33.84 3.29 -1.67
C GLU B 90 34.66 3.96 -2.76
N VAL B 91 34.01 4.40 -3.84
CA VAL B 91 34.73 4.97 -4.98
C VAL B 91 35.55 6.19 -4.53
N TRP B 92 34.89 7.15 -3.88
CA TRP B 92 35.60 8.35 -3.47
C TRP B 92 36.69 8.07 -2.46
N SER B 93 36.41 7.22 -1.47
CA SER B 93 37.47 6.85 -0.54
C SER B 93 38.65 6.25 -1.27
N TYR B 94 38.40 5.37 -2.25
CA TYR B 94 39.47 4.82 -3.07
C TYR B 94 40.12 5.93 -3.89
N ASN B 95 39.31 6.77 -4.54
CA ASN B 95 39.85 7.83 -5.39
C ASN B 95 40.69 8.81 -4.57
N ALA B 96 40.28 9.07 -3.33
CA ALA B 96 41.00 10.03 -2.50
C ALA B 96 42.36 9.47 -2.10
N GLU B 97 42.38 8.24 -1.57
CA GLU B 97 43.61 7.65 -1.06
C GLU B 97 44.59 7.38 -2.20
N LEU B 98 44.08 6.97 -3.35
CA LEU B 98 44.95 6.70 -4.50
C LEU B 98 45.54 7.99 -5.04
N LEU B 99 44.72 9.04 -5.14
CA LEU B 99 45.19 10.30 -5.70
C LEU B 99 46.34 10.87 -4.88
N VAL B 100 46.26 10.79 -3.55
CA VAL B 100 47.31 11.34 -2.70
C VAL B 100 48.61 10.55 -2.85
N ALA B 101 48.52 9.22 -2.83
CA ALA B 101 49.71 8.39 -3.09
C ALA B 101 50.33 8.71 -4.44
N MET B 102 49.51 8.82 -5.48
CA MET B 102 50.03 9.25 -6.79
C MET B 102 50.74 10.60 -6.66
N GLU B 103 50.08 11.57 -6.04
CA GLU B 103 50.66 12.91 -5.93
C GLU B 103 51.88 12.92 -5.03
N ASN B 104 51.79 12.26 -3.87
CA ASN B 104 52.91 12.28 -2.94
C ASN B 104 54.12 11.56 -3.52
N GLN B 105 53.88 10.47 -4.26
CA GLN B 105 54.97 9.83 -5.00
C GLN B 105 55.57 10.77 -6.03
N HIS B 106 54.72 11.55 -6.72
CA HIS B 106 55.22 12.46 -7.75
C HIS B 106 56.02 13.60 -7.12
N THR B 107 55.45 14.26 -6.10
CA THR B 107 56.14 15.39 -5.46
C THR B 107 57.52 14.98 -4.95
N ILE B 108 57.62 13.80 -4.34
CA ILE B 108 58.87 13.36 -3.72
C ILE B 108 59.94 13.12 -4.78
N ASP B 109 59.55 12.55 -5.93
CA ASP B 109 60.48 12.40 -7.05
C ASP B 109 60.71 13.72 -7.77
N LEU B 110 59.66 14.56 -7.85
CA LEU B 110 59.79 15.85 -8.53
C LEU B 110 60.89 16.69 -7.91
N ALA B 111 60.99 16.68 -6.57
CA ALA B 111 62.02 17.42 -5.89
C ALA B 111 63.40 16.88 -6.24
N ASP B 112 63.54 15.54 -6.34
CA ASP B 112 64.82 14.97 -6.76
C ASP B 112 65.29 15.60 -8.06
N SER B 113 64.42 15.55 -9.08
CA SER B 113 64.75 16.07 -10.39
C SER B 113 65.33 17.47 -10.30
N GLU B 114 64.74 18.34 -9.46
CA GLU B 114 65.26 19.70 -9.33
C GLU B 114 66.66 19.70 -8.76
N MET B 115 66.96 18.77 -7.84
CA MET B 115 68.31 18.65 -7.32
C MET B 115 69.28 18.18 -8.40
N ASP B 116 68.92 17.11 -9.10
CA ASP B 116 69.79 16.59 -10.14
C ASP B 116 69.93 17.57 -11.29
N LYS B 117 68.88 18.34 -11.59
CA LYS B 117 68.99 19.35 -12.65
C LYS B 117 69.99 20.43 -12.26
N LEU B 118 69.95 20.87 -11.00
CA LEU B 118 70.93 21.84 -10.51
C LEU B 118 72.34 21.28 -10.56
N TYR B 119 72.55 20.14 -9.89
CA TYR B 119 73.84 19.47 -9.86
C TYR B 119 74.41 19.30 -11.26
N GLU B 120 73.70 18.58 -12.13
CA GLU B 120 74.22 18.32 -13.46
C GLU B 120 74.32 19.57 -14.31
N ARG B 121 73.79 20.70 -13.86
CA ARG B 121 74.01 21.93 -14.61
C ARG B 121 75.29 22.66 -14.18
N VAL B 122 75.52 22.75 -12.87
CA VAL B 122 76.74 23.37 -12.35
C VAL B 122 77.97 22.64 -12.88
N LYS B 123 77.92 21.30 -12.90
CA LYS B 123 79.02 20.50 -13.42
C LYS B 123 79.39 20.89 -14.84
N ARG B 124 78.39 21.19 -15.67
CA ARG B 124 78.72 21.62 -17.01
C ARG B 124 79.34 22.99 -17.02
N GLN B 125 79.34 23.74 -15.95
CA GLN B 125 79.88 25.06 -16.11
C GLN B 125 81.33 25.05 -15.89
N LEU B 126 81.73 24.05 -15.19
CA LEU B 126 83.10 23.80 -14.74
C LEU B 126 83.80 22.76 -15.60
N ARG B 127 83.59 22.85 -16.92
CA ARG B 127 83.73 21.73 -17.84
C ARG B 127 84.87 20.76 -17.53
N GLU B 128 86.11 21.24 -17.55
CA GLU B 128 87.25 20.41 -17.19
C GLU B 128 88.08 21.03 -16.06
N ASN B 129 87.55 22.06 -15.40
CA ASN B 129 88.24 22.74 -14.31
C ASN B 129 88.07 22.05 -12.97
N ALA B 130 87.14 21.08 -12.86
CA ALA B 130 86.84 20.48 -11.58
C ALA B 130 86.37 19.05 -11.76
N GLU B 131 86.40 18.30 -10.66
CA GLU B 131 85.95 16.91 -10.64
C GLU B 131 85.00 16.72 -9.46
N GLU B 132 84.03 15.84 -9.66
CA GLU B 132 83.04 15.57 -8.63
C GLU B 132 83.36 14.31 -7.82
N ASP B 133 83.54 14.48 -6.52
CA ASP B 133 83.85 13.37 -5.63
C ASP B 133 82.72 12.34 -5.61
N GLY B 134 81.47 12.79 -5.65
CA GLY B 134 80.32 11.91 -5.58
C GLY B 134 79.47 12.05 -4.33
N THR B 135 79.71 13.06 -3.51
CA THR B 135 78.92 13.33 -2.32
C THR B 135 78.02 14.54 -2.52
N GLY B 136 77.92 15.04 -3.76
CA GLY B 136 77.29 16.32 -4.00
C GLY B 136 78.26 17.49 -3.95
N CYS B 137 79.55 17.24 -4.15
CA CYS B 137 80.59 18.26 -4.06
C CYS B 137 81.33 18.35 -5.38
N PHE B 138 82.00 19.48 -5.56
CA PHE B 138 82.84 19.74 -6.73
C PHE B 138 84.21 20.19 -6.25
N GLU B 139 85.21 19.34 -6.41
CA GLU B 139 86.59 19.69 -6.05
C GLU B 139 87.13 20.60 -7.16
N ILE B 140 87.27 21.89 -6.84
CA ILE B 140 87.78 22.86 -7.81
C ILE B 140 89.30 22.85 -7.78
N PHE B 141 89.91 22.88 -8.97
CA PHE B 141 91.36 22.76 -9.12
C PHE B 141 92.01 24.08 -9.52
N HIS B 142 91.47 25.19 -9.03
CA HIS B 142 92.13 26.48 -9.17
C HIS B 142 91.69 27.37 -8.01
N LYS B 143 92.36 28.51 -7.89
CA LYS B 143 92.00 29.49 -6.86
C LYS B 143 90.62 30.04 -7.18
N CYS B 144 89.65 29.73 -6.33
CA CYS B 144 88.29 30.21 -6.53
C CYS B 144 87.94 31.06 -5.31
N ASP B 145 88.12 32.37 -5.44
CA ASP B 145 87.82 33.27 -4.33
C ASP B 145 86.30 33.41 -4.17
N ASP B 146 85.88 34.17 -3.15
CA ASP B 146 84.45 34.35 -2.91
C ASP B 146 83.76 35.09 -4.05
N ASP B 147 84.52 35.78 -4.89
CA ASP B 147 83.92 36.32 -6.11
C ASP B 147 83.80 35.24 -7.18
N CYS B 148 84.79 34.34 -7.27
CA CYS B 148 84.69 33.23 -8.21
C CYS B 148 83.53 32.30 -7.83
N MET B 149 83.29 32.11 -6.53
CA MET B 149 82.16 31.30 -6.10
C MET B 149 80.84 31.90 -6.56
N ALA B 150 80.63 33.19 -6.24
CA ALA B 150 79.44 33.89 -6.70
C ALA B 150 79.35 33.97 -8.22
N SER B 151 80.48 33.74 -8.89
CA SER B 151 80.50 33.71 -10.34
C SER B 151 79.73 32.48 -10.79
N ILE B 152 80.00 31.35 -10.15
CA ILE B 152 79.31 30.09 -10.44
C ILE B 152 77.81 30.25 -10.23
N ARG B 153 77.41 30.88 -9.13
CA ARG B 153 76.01 30.92 -8.72
C ARG B 153 75.15 31.62 -9.77
N ASN B 154 75.50 32.84 -10.18
CA ASN B 154 74.71 33.54 -11.20
C ASN B 154 75.16 33.22 -12.62
N ASN B 155 75.89 32.12 -12.81
CA ASN B 155 76.20 31.57 -14.14
C ASN B 155 77.00 32.56 -15.00
N THR B 156 78.03 33.15 -14.39
CA THR B 156 78.98 33.98 -15.10
C THR B 156 80.35 33.31 -15.23
N TYR B 157 80.52 32.11 -14.67
CA TYR B 157 81.80 31.40 -14.71
C TYR B 157 82.25 31.17 -16.15
N ASP B 158 83.35 31.84 -16.54
CA ASP B 158 83.98 31.61 -17.84
C ASP B 158 85.00 30.51 -17.65
N HIS B 159 84.62 29.27 -18.04
CA HIS B 159 85.50 28.12 -17.87
C HIS B 159 86.85 28.34 -18.53
N SER B 160 86.90 29.17 -19.59
CA SER B 160 88.14 29.33 -20.36
C SER B 160 89.20 30.07 -19.54
N LYS B 161 88.79 31.06 -18.74
CA LYS B 161 89.75 31.89 -18.02
C LYS B 161 90.38 31.19 -16.83
N TYR B 162 90.05 29.93 -16.57
CA TYR B 162 90.73 29.15 -15.56
C TYR B 162 91.27 27.82 -16.09
N ARG B 163 90.99 27.50 -17.35
CA ARG B 163 91.17 26.13 -17.84
C ARG B 163 92.64 25.70 -17.79
N GLU B 164 93.51 26.44 -18.49
CA GLU B 164 94.93 26.08 -18.58
C GLU B 164 95.54 25.93 -17.20
N GLU B 165 95.16 26.80 -16.26
CA GLU B 165 95.60 26.66 -14.89
C GLU B 165 95.05 25.38 -14.26
N ALA B 166 93.75 25.13 -14.44
CA ALA B 166 93.12 23.98 -13.81
C ALA B 166 93.66 22.67 -14.37
N MET B 167 93.75 22.58 -15.71
CA MET B 167 94.26 21.37 -16.35
C MET B 167 95.65 21.00 -15.85
N GLN B 168 96.46 22.00 -15.50
CA GLN B 168 97.82 21.74 -15.01
C GLN B 168 97.76 20.98 -13.68
N ASN B 169 97.08 21.54 -12.67
CA ASN B 169 96.98 20.85 -11.39
C ASN B 169 96.25 19.53 -11.51
N ARG B 170 95.41 19.37 -12.53
CA ARG B 170 94.64 18.13 -12.70
C ARG B 170 95.56 16.94 -12.97
N ILE B 171 96.63 17.15 -13.75
CA ILE B 171 97.50 16.06 -14.15
C ILE B 171 98.75 15.93 -13.28
N GLN B 172 98.98 16.86 -12.35
CA GLN B 172 100.10 16.76 -11.41
C GLN B 172 99.66 17.10 -9.97
N ASP C 1 91.75 -4.10 -18.84
CA ASP C 1 90.73 -4.80 -18.05
C ASP C 1 89.62 -3.84 -17.58
N LYS C 2 88.42 -4.37 -17.36
CA LYS C 2 87.25 -3.52 -17.19
C LYS C 2 86.29 -4.17 -16.18
N ILE C 3 85.22 -3.44 -15.85
CA ILE C 3 84.13 -3.96 -15.04
C ILE C 3 82.82 -3.50 -15.65
N CYS C 4 81.88 -4.44 -15.82
CA CYS C 4 80.59 -4.16 -16.40
C CYS C 4 79.50 -4.47 -15.39
N LEU C 5 78.35 -3.84 -15.57
CA LEU C 5 77.23 -4.10 -14.67
C LEU C 5 75.96 -4.19 -15.48
N GLY C 6 74.95 -4.84 -14.89
CA GLY C 6 73.74 -5.15 -15.62
C GLY C 6 72.73 -5.75 -14.67
N HIS C 7 71.59 -6.14 -15.24
CA HIS C 7 70.48 -6.71 -14.49
C HIS C 7 70.33 -8.20 -14.82
N HIS C 8 69.39 -8.84 -14.15
CA HIS C 8 69.07 -10.23 -14.42
C HIS C 8 67.89 -10.32 -15.39
N ALA C 9 67.68 -11.54 -15.91
CA ALA C 9 66.56 -11.80 -16.80
C ALA C 9 66.26 -13.30 -16.78
N VAL C 10 65.15 -13.67 -17.40
CA VAL C 10 64.73 -15.07 -17.48
C VAL C 10 64.41 -15.41 -18.93
N SER C 11 64.54 -16.69 -19.27
CA SER C 11 64.26 -17.13 -20.64
C SER C 11 62.80 -16.86 -21.02
N ASN C 12 61.86 -17.22 -20.14
CA ASN C 12 60.43 -17.06 -20.37
C ASN C 12 59.87 -16.08 -19.35
N GLY C 13 59.45 -14.89 -19.80
CA GLY C 13 58.80 -13.92 -18.96
C GLY C 13 57.29 -13.95 -19.09
N THR C 14 56.64 -12.95 -18.47
CA THR C 14 55.19 -12.85 -18.50
C THR C 14 54.78 -11.47 -18.99
N LYS C 15 53.80 -11.43 -19.90
CA LYS C 15 53.35 -10.18 -20.49
C LYS C 15 52.45 -9.42 -19.52
N VAL C 16 52.60 -8.09 -19.49
CA VAL C 16 51.74 -7.20 -18.72
C VAL C 16 51.41 -6.02 -19.60
N ASN C 17 50.36 -5.30 -19.22
CA ASN C 17 49.98 -4.07 -19.90
C ASN C 17 50.49 -2.85 -19.14
N THR C 18 50.88 -1.80 -19.87
CA THR C 18 51.30 -0.55 -19.25
C THR C 18 50.45 0.58 -19.79
N LEU C 19 50.75 1.80 -19.33
CA LEU C 19 50.06 2.97 -19.85
C LEU C 19 50.24 3.10 -21.36
N THR C 20 51.41 2.69 -21.88
CA THR C 20 51.78 3.00 -23.24
C THR C 20 51.91 1.77 -24.13
N GLU C 21 51.74 0.56 -23.59
CA GLU C 21 51.99 -0.65 -24.38
C GLU C 21 51.21 -1.84 -23.81
N ARG C 22 50.76 -2.71 -24.71
CA ARG C 22 50.08 -3.94 -24.34
C ARG C 22 51.00 -5.10 -24.65
N GLY C 23 51.33 -5.88 -23.64
CA GLY C 23 52.14 -7.06 -23.84
C GLY C 23 53.63 -6.87 -23.69
N VAL C 24 54.05 -5.98 -22.79
CA VAL C 24 55.48 -5.82 -22.50
C VAL C 24 55.91 -6.91 -21.54
N GLU C 25 57.02 -7.58 -21.85
CA GLU C 25 57.46 -8.71 -21.05
C GLU C 25 58.15 -8.21 -19.77
N VAL C 26 57.80 -8.80 -18.64
CA VAL C 26 58.46 -8.50 -17.37
C VAL C 26 58.97 -9.82 -16.77
N VAL C 27 59.94 -9.68 -15.86
CA VAL C 27 60.47 -10.86 -15.18
C VAL C 27 59.36 -11.60 -14.45
N ASN C 28 58.48 -10.86 -13.78
CA ASN C 28 57.58 -11.50 -12.85
C ASN C 28 56.35 -10.63 -12.62
N ALA C 29 55.19 -11.28 -12.58
CA ALA C 29 53.93 -10.60 -12.31
C ALA C 29 53.08 -11.47 -11.40
N THR C 30 51.97 -10.91 -10.92
CA THR C 30 51.04 -11.69 -10.11
C THR C 30 49.62 -11.23 -10.39
N GLU C 31 48.67 -12.14 -10.18
CA GLU C 31 47.27 -11.91 -10.52
C GLU C 31 46.60 -11.00 -9.50
N THR C 32 45.60 -10.26 -9.98
CA THR C 32 44.88 -9.24 -9.21
C THR C 32 43.39 -9.48 -9.18
N VAL C 33 42.85 -10.14 -10.20
CA VAL C 33 41.45 -10.52 -10.26
C VAL C 33 41.33 -11.98 -9.81
N GLU C 34 40.43 -12.24 -8.88
CA GLU C 34 40.26 -13.58 -8.34
C GLU C 34 39.20 -14.32 -9.13
N ARG C 35 39.56 -15.48 -9.69
CA ARG C 35 38.64 -16.32 -10.46
C ARG C 35 38.31 -17.64 -9.78
N THR C 36 39.07 -18.03 -8.76
CA THR C 36 38.86 -19.31 -8.10
C THR C 36 37.68 -19.24 -7.14
N ASN C 37 36.85 -20.26 -7.17
CA ASN C 37 35.63 -20.32 -6.38
C ASN C 37 35.64 -21.57 -5.49
N ILE C 38 35.15 -21.43 -4.26
CA ILE C 38 34.96 -22.56 -3.36
C ILE C 38 33.46 -22.89 -3.33
N PRO C 39 33.02 -24.03 -3.89
CA PRO C 39 31.59 -24.29 -4.08
C PRO C 39 30.84 -24.71 -2.81
N ARG C 40 31.08 -23.98 -1.72
CA ARG C 40 30.48 -24.30 -0.43
C ARG C 40 30.21 -22.99 0.30
N ILE C 41 29.42 -23.07 1.36
CA ILE C 41 29.17 -21.93 2.26
C ILE C 41 30.13 -22.09 3.44
N CYS C 42 31.30 -21.43 3.34
CA CYS C 42 32.35 -21.53 4.35
C CYS C 42 31.90 -20.82 5.61
N SER C 43 31.43 -21.59 6.59
CA SER C 43 30.73 -21.10 7.75
C SER C 43 31.49 -21.35 9.06
N LYS C 44 32.79 -21.54 9.00
CA LYS C 44 33.58 -21.76 10.22
C LYS C 44 33.38 -20.61 11.20
N GLY C 45 32.82 -20.91 12.36
CA GLY C 45 32.75 -19.97 13.45
C GLY C 45 31.54 -19.05 13.45
N LYS C 46 30.55 -19.28 12.59
CA LYS C 46 29.39 -18.41 12.48
C LYS C 46 28.12 -19.15 12.90
N ARG C 47 27.26 -18.47 13.67
CA ARG C 47 25.97 -19.06 14.05
C ARG C 47 25.11 -19.09 12.79
N THR C 48 25.04 -20.25 12.15
CA THR C 48 24.44 -20.41 10.83
C THR C 48 23.06 -21.05 10.90
N VAL C 49 22.18 -20.65 9.99
CA VAL C 49 20.85 -21.22 9.89
C VAL C 49 20.60 -21.51 8.42
N ASP C 50 20.53 -22.79 8.08
CA ASP C 50 20.14 -23.22 6.74
C ASP C 50 18.64 -23.42 6.76
N LEU C 51 17.89 -22.41 6.32
CA LEU C 51 16.43 -22.45 6.40
C LEU C 51 15.83 -23.61 5.60
N GLY C 52 16.49 -24.03 4.53
CA GLY C 52 15.93 -25.07 3.67
C GLY C 52 14.55 -24.71 3.15
N GLN C 53 13.67 -25.63 3.46
CA GLN C 53 12.30 -25.54 3.13
C GLN C 53 11.62 -24.45 3.86
N CYS C 54 12.22 -23.84 4.84
CA CYS C 54 11.47 -22.74 5.44
C CYS C 54 11.71 -21.42 4.66
N GLY C 55 10.65 -20.76 4.21
CA GLY C 55 10.80 -19.43 3.62
C GLY C 55 11.13 -18.40 4.69
N LEU C 56 12.05 -17.49 4.37
CA LEU C 56 12.50 -16.50 5.34
C LEU C 56 11.32 -15.71 5.91
N LEU C 57 10.42 -15.24 5.04
CA LEU C 57 9.25 -14.54 5.55
C LEU C 57 8.35 -15.47 6.35
N GLY C 58 8.37 -16.78 6.06
CA GLY C 58 7.57 -17.75 6.80
C GLY C 58 7.93 -17.93 8.26
N THR C 59 8.93 -17.20 8.77
CA THR C 59 9.28 -17.35 10.17
C THR C 59 8.48 -16.42 11.07
N ILE C 60 7.84 -15.40 10.50
CA ILE C 60 7.02 -14.50 11.30
C ILE C 60 5.60 -15.05 11.44
N THR C 61 5.11 -15.74 10.42
CA THR C 61 3.76 -16.29 10.42
C THR C 61 3.74 -17.76 10.84
N GLY C 62 4.82 -18.49 10.58
CA GLY C 62 4.98 -19.87 11.01
C GLY C 62 4.06 -20.87 10.32
N PRO C 63 4.28 -21.09 9.03
CA PRO C 63 3.70 -22.27 8.38
C PRO C 63 4.39 -23.53 8.87
N PRO C 64 3.83 -24.72 8.57
CA PRO C 64 4.44 -25.96 9.11
C PRO C 64 5.94 -26.09 8.84
N GLN C 65 6.40 -25.73 7.63
CA GLN C 65 7.81 -25.90 7.30
C GLN C 65 8.72 -25.08 8.22
N CYS C 66 8.20 -24.00 8.79
CA CYS C 66 9.00 -23.08 9.60
C CYS C 66 8.82 -23.30 11.08
N ASP C 67 8.28 -24.45 11.49
CA ASP C 67 8.02 -24.66 12.91
C ASP C 67 9.28 -24.69 13.74
N GLN C 68 10.44 -24.98 13.13
CA GLN C 68 11.72 -25.01 13.82
C GLN C 68 12.44 -23.67 13.85
N PHE C 69 11.96 -22.69 13.08
CA PHE C 69 12.68 -21.43 12.92
C PHE C 69 11.91 -20.23 13.45
N LEU C 70 10.92 -20.45 14.32
CA LEU C 70 10.10 -19.35 14.80
C LEU C 70 10.88 -18.42 15.71
N GLU C 71 11.88 -18.93 16.42
CA GLU C 71 12.65 -18.11 17.35
C GLU C 71 14.14 -18.34 17.16
N PHE C 72 14.60 -18.34 15.92
CA PHE C 72 16.01 -18.63 15.71
C PHE C 72 16.88 -17.42 16.08
N SER C 73 18.19 -17.65 16.09
CA SER C 73 19.17 -16.62 16.34
C SER C 73 20.40 -16.97 15.53
N ALA C 74 20.94 -16.01 14.77
CA ALA C 74 21.98 -16.38 13.82
C ALA C 74 22.85 -15.18 13.45
N ASP C 75 24.00 -15.50 12.90
CA ASP C 75 24.92 -14.55 12.27
C ASP C 75 24.89 -14.63 10.76
N LEU C 76 24.78 -15.84 10.22
CA LEU C 76 24.63 -16.09 8.80
C LEU C 76 23.30 -16.79 8.56
N ILE C 77 22.49 -16.22 7.67
CA ILE C 77 21.19 -16.76 7.32
C ILE C 77 21.21 -17.16 5.85
N ILE C 78 20.74 -18.37 5.55
CA ILE C 78 20.80 -18.94 4.20
C ILE C 78 19.38 -19.19 3.73
N GLU C 79 19.10 -18.81 2.49
CA GLU C 79 17.84 -19.10 1.82
C GLU C 79 18.09 -20.09 0.70
N ARG C 80 17.35 -21.19 0.71
CA ARG C 80 17.41 -22.14 -0.39
C ARG C 80 16.24 -21.91 -1.34
N ARG C 81 16.46 -22.26 -2.61
CA ARG C 81 15.43 -22.07 -3.64
C ARG C 81 14.12 -22.77 -3.27
N GLU C 82 14.19 -23.91 -2.61
CA GLU C 82 12.99 -24.66 -2.27
C GLU C 82 12.24 -24.11 -1.04
N GLY C 83 12.52 -22.87 -0.62
CA GLY C 83 11.78 -22.28 0.48
C GLY C 83 10.38 -21.87 0.07
N SER C 84 9.47 -21.87 1.04
CA SER C 84 8.09 -21.42 0.82
C SER C 84 7.64 -20.70 2.08
N ASP C 85 7.40 -19.39 1.98
CA ASP C 85 6.96 -18.59 3.13
C ASP C 85 5.52 -18.88 3.54
N VAL C 86 4.86 -19.83 2.88
CA VAL C 86 3.41 -19.86 2.86
C VAL C 86 2.93 -21.29 2.74
N CYS C 87 1.83 -21.62 3.45
CA CYS C 87 1.12 -22.90 3.28
C CYS C 87 -0.25 -22.71 2.63
N TYR C 88 -1.12 -21.89 3.21
CA TYR C 88 -2.35 -21.46 2.54
C TYR C 88 -1.98 -20.41 1.51
N PRO C 89 -2.34 -20.60 0.23
CA PRO C 89 -1.78 -19.75 -0.85
C PRO C 89 -1.96 -18.26 -0.58
N GLY C 90 -1.00 -17.49 -1.07
CA GLY C 90 -0.98 -16.06 -0.84
C GLY C 90 0.45 -15.55 -0.89
N LYS C 91 0.59 -14.25 -0.71
CA LYS C 91 1.87 -13.59 -0.87
C LYS C 91 2.05 -12.59 0.25
N PHE C 92 3.24 -11.98 0.28
CA PHE C 92 3.60 -10.96 1.27
C PHE C 92 3.63 -9.62 0.56
N VAL C 93 2.64 -8.78 0.83
CA VAL C 93 2.63 -7.42 0.31
C VAL C 93 3.87 -6.69 0.80
N ASN C 94 4.62 -6.11 -0.13
CA ASN C 94 5.91 -5.48 0.15
C ASN C 94 6.89 -6.48 0.80
N GLU C 95 7.13 -7.58 0.08
CA GLU C 95 7.92 -8.68 0.62
C GLU C 95 9.40 -8.31 0.73
N GLU C 96 10.02 -7.98 -0.40
CA GLU C 96 11.48 -7.97 -0.49
C GLU C 96 12.13 -7.01 0.50
N ALA C 97 11.47 -5.89 0.82
CA ALA C 97 11.99 -5.01 1.87
C ALA C 97 12.01 -5.73 3.21
N LEU C 98 11.02 -6.59 3.48
CA LEU C 98 11.01 -7.32 4.74
C LEU C 98 12.07 -8.41 4.77
N ARG C 99 12.32 -9.07 3.64
CA ARG C 99 13.42 -10.03 3.57
C ARG C 99 14.76 -9.36 3.89
N GLN C 100 14.98 -8.18 3.32
CA GLN C 100 16.17 -7.39 3.62
C GLN C 100 16.26 -7.13 5.12
N ILE C 101 15.13 -6.82 5.75
CA ILE C 101 15.12 -6.49 7.17
C ILE C 101 15.47 -7.70 8.02
N LEU C 102 15.02 -8.90 7.61
CA LEU C 102 15.23 -10.13 8.38
C LEU C 102 16.61 -10.72 8.17
N ARG C 103 17.19 -10.56 6.98
CA ARG C 103 18.52 -11.10 6.75
C ARG C 103 19.58 -10.40 7.60
N GLU C 104 19.33 -9.15 7.98
CA GLU C 104 20.25 -8.41 8.83
C GLU C 104 19.80 -8.35 10.28
N SER C 105 18.95 -9.28 10.72
CA SER C 105 18.29 -9.16 12.01
C SER C 105 19.02 -9.88 13.13
N GLY C 106 19.97 -10.75 12.81
CA GLY C 106 20.55 -11.60 13.83
C GLY C 106 19.57 -12.59 14.44
N GLY C 107 18.45 -12.86 13.78
CA GLY C 107 17.42 -13.70 14.32
C GLY C 107 16.27 -12.92 14.92
N ILE C 108 15.17 -13.64 15.16
CA ILE C 108 13.92 -13.03 15.62
C ILE C 108 13.53 -13.65 16.97
N ASP C 109 13.12 -12.79 17.89
CA ASP C 109 12.59 -13.20 19.19
C ASP C 109 11.11 -12.82 19.25
N LYS C 110 10.27 -13.80 19.58
CA LYS C 110 8.83 -13.60 19.56
C LYS C 110 8.29 -13.32 20.95
N GLU C 111 7.21 -12.54 21.00
CA GLU C 111 6.52 -12.18 22.23
C GLU C 111 5.03 -12.12 21.98
N ALA C 112 4.25 -12.66 22.93
CA ALA C 112 2.80 -12.62 22.79
C ALA C 112 2.29 -11.19 22.80
N MET C 113 1.22 -10.96 22.06
CA MET C 113 0.56 -9.66 22.04
C MET C 113 -0.64 -9.59 22.98
N GLY C 114 -1.07 -10.73 23.53
CA GLY C 114 -2.12 -10.71 24.53
C GLY C 114 -3.52 -10.36 24.05
N PHE C 115 -3.84 -10.65 22.79
CA PHE C 115 -5.20 -10.42 22.29
C PHE C 115 -6.14 -11.48 22.83
N THR C 116 -7.33 -11.04 23.27
CA THR C 116 -8.37 -11.90 23.82
C THR C 116 -9.67 -11.65 23.05
N TYR C 117 -10.25 -12.71 22.48
CA TYR C 117 -11.45 -12.60 21.66
C TYR C 117 -12.63 -13.23 22.38
N SER C 118 -13.80 -12.61 22.25
CA SER C 118 -15.04 -13.06 22.88
C SER C 118 -16.16 -13.08 21.85
N GLY C 119 -16.88 -14.18 21.79
CA GLY C 119 -18.06 -14.27 20.96
C GLY C 119 -17.83 -14.57 19.49
N ILE C 120 -16.63 -14.98 19.11
CA ILE C 120 -16.31 -15.36 17.74
C ILE C 120 -15.51 -16.65 17.76
N ARG C 121 -15.34 -17.23 16.59
CA ARG C 121 -14.54 -18.43 16.43
C ARG C 121 -13.12 -18.01 16.08
N THR C 122 -12.14 -18.54 16.81
CA THR C 122 -10.74 -18.22 16.58
C THR C 122 -9.92 -19.42 16.09
N ASN C 123 -10.56 -20.54 15.81
CA ASN C 123 -9.88 -21.80 15.51
C ASN C 123 -9.89 -22.16 14.03
N GLY C 124 -9.84 -21.17 13.14
CA GLY C 124 -9.82 -21.46 11.72
C GLY C 124 -8.59 -22.25 11.35
N ALA C 125 -8.75 -23.22 10.45
CA ALA C 125 -7.64 -24.05 9.99
C ALA C 125 -8.01 -24.70 8.67
N THR C 126 -7.01 -25.35 8.06
CA THR C 126 -7.20 -26.06 6.80
C THR C 126 -6.17 -27.18 6.70
N SER C 127 -6.45 -28.13 5.83
CA SER C 127 -5.50 -29.23 5.62
C SER C 127 -4.33 -28.82 4.72
N ALA C 128 -4.25 -27.54 4.32
CA ALA C 128 -3.08 -27.07 3.61
C ALA C 128 -1.90 -26.81 4.55
N CYS C 129 -2.16 -26.37 5.77
CA CYS C 129 -1.15 -26.22 6.81
C CYS C 129 -1.37 -27.39 7.76
N ARG C 130 -0.75 -28.54 7.43
CA ARG C 130 -1.10 -29.84 8.02
C ARG C 130 -0.11 -30.20 9.11
N ARG C 131 -0.46 -29.90 10.36
CA ARG C 131 0.31 -30.36 11.52
C ARG C 131 -0.38 -31.57 12.15
N SER C 132 -0.24 -32.71 11.45
CA SER C 132 -0.88 -33.98 11.75
C SER C 132 -2.40 -33.90 11.60
N GLY C 133 -2.94 -32.73 11.28
CA GLY C 133 -4.35 -32.53 11.03
C GLY C 133 -4.53 -31.14 10.46
N SER C 134 -5.78 -30.79 10.20
CA SER C 134 -6.07 -29.44 9.73
C SER C 134 -5.60 -28.43 10.78
N SER C 135 -4.55 -27.68 10.47
CA SER C 135 -4.02 -26.67 11.38
C SER C 135 -3.86 -25.35 10.64
N PHE C 136 -3.16 -24.39 11.23
CA PHE C 136 -2.99 -23.07 10.63
C PHE C 136 -1.63 -22.53 11.04
N TYR C 137 -1.31 -21.32 10.55
CA TYR C 137 -0.06 -20.66 10.90
C TYR C 137 0.11 -20.58 12.41
N ALA C 138 1.32 -20.91 12.87
CA ALA C 138 1.58 -20.95 14.31
C ALA C 138 1.40 -19.60 14.98
N GLU C 139 1.74 -18.52 14.26
CA GLU C 139 1.80 -17.18 14.83
C GLU C 139 0.59 -16.33 14.51
N MET C 140 -0.44 -16.90 13.87
CA MET C 140 -1.62 -16.13 13.50
C MET C 140 -2.86 -16.83 14.03
N LYS C 141 -4.00 -16.15 13.85
CA LYS C 141 -5.30 -16.67 14.25
C LYS C 141 -6.29 -16.34 13.14
N TRP C 142 -6.92 -17.37 12.58
CA TRP C 142 -7.92 -17.18 11.53
C TRP C 142 -9.27 -16.99 12.22
N LEU C 143 -9.68 -15.73 12.38
CA LEU C 143 -10.91 -15.41 13.09
C LEU C 143 -12.12 -15.66 12.19
N LEU C 144 -13.11 -16.34 12.75
CA LEU C 144 -14.34 -16.70 12.05
C LEU C 144 -15.54 -16.13 12.81
N SER C 145 -16.71 -16.21 12.18
CA SER C 145 -17.94 -15.85 12.87
C SER C 145 -18.32 -16.92 13.88
N ASN C 146 -19.11 -16.49 14.86
CA ASN C 146 -19.58 -17.41 15.89
C ASN C 146 -20.49 -18.48 15.28
N THR C 147 -20.25 -19.75 15.65
CA THR C 147 -21.04 -20.83 15.09
C THR C 147 -22.52 -20.65 15.40
N ASP C 148 -22.85 -19.99 16.51
CA ASP C 148 -24.25 -19.78 16.89
C ASP C 148 -24.92 -18.76 15.97
N ASN C 149 -24.43 -17.53 15.97
CA ASN C 149 -24.96 -16.47 15.12
C ASN C 149 -23.92 -16.13 14.04
N ALA C 150 -24.33 -16.23 12.78
CA ALA C 150 -23.41 -16.01 11.67
C ALA C 150 -23.31 -14.52 11.40
N ALA C 151 -22.51 -13.85 12.22
CA ALA C 151 -22.28 -12.42 12.10
C ALA C 151 -20.97 -12.07 12.80
N PHE C 152 -20.12 -11.30 12.12
CA PHE C 152 -18.85 -10.90 12.71
C PHE C 152 -18.97 -9.47 13.20
N PRO C 153 -18.94 -9.23 14.51
CA PRO C 153 -19.07 -7.85 15.01
C PRO C 153 -17.79 -7.04 14.75
N GLN C 154 -17.97 -5.72 14.64
CA GLN C 154 -16.83 -4.82 14.55
C GLN C 154 -16.03 -4.87 15.84
N MET C 155 -14.71 -5.02 15.70
CA MET C 155 -13.81 -5.21 16.82
C MET C 155 -12.66 -4.22 16.76
N THR C 156 -12.04 -3.99 17.92
CA THR C 156 -10.88 -3.13 18.05
C THR C 156 -9.89 -3.83 18.97
N LYS C 157 -8.73 -4.20 18.42
CA LYS C 157 -7.64 -4.78 19.18
C LYS C 157 -6.41 -3.90 19.03
N SER C 158 -5.74 -3.63 20.15
CA SER C 158 -4.63 -2.69 20.20
C SER C 158 -3.47 -3.27 21.00
N TYR C 159 -2.25 -2.96 20.57
CA TYR C 159 -1.03 -3.48 21.20
C TYR C 159 -0.03 -2.36 21.39
N LYS C 160 0.59 -2.32 22.58
CA LYS C 160 1.59 -1.32 22.93
C LYS C 160 2.97 -1.98 22.99
N ASN C 161 3.97 -1.31 22.43
CA ASN C 161 5.33 -1.84 22.43
C ASN C 161 6.01 -1.48 23.75
N THR C 162 6.17 -2.46 24.62
CA THR C 162 6.76 -2.27 25.93
C THR C 162 8.26 -2.54 25.95
N ARG C 163 8.86 -2.82 24.81
CA ARG C 163 10.28 -3.18 24.74
C ARG C 163 11.09 -2.07 24.14
N LYS C 164 12.41 -2.14 24.34
CA LYS C 164 13.32 -1.05 24.00
C LYS C 164 13.81 -1.11 22.55
N SER C 165 13.03 -1.69 21.65
CA SER C 165 13.46 -1.93 20.28
C SER C 165 12.22 -1.98 19.41
N PRO C 166 12.33 -1.64 18.13
CA PRO C 166 11.16 -1.72 17.24
C PRO C 166 10.58 -3.13 17.20
N ALA C 167 9.26 -3.20 17.10
CA ALA C 167 8.51 -4.44 16.97
C ALA C 167 8.06 -4.66 15.53
N LEU C 168 7.91 -5.92 15.15
CA LEU C 168 7.46 -6.30 13.82
C LEU C 168 6.07 -6.90 13.93
N ILE C 169 5.07 -6.19 13.42
CA ILE C 169 3.69 -6.64 13.46
C ILE C 169 3.29 -7.12 12.07
N VAL C 170 2.72 -8.33 12.00
CA VAL C 170 2.28 -8.92 10.74
C VAL C 170 0.83 -9.37 10.88
N TRP C 171 0.01 -9.11 9.86
CA TRP C 171 -1.36 -9.59 9.84
C TRP C 171 -1.68 -10.05 8.42
N GLY C 172 -2.85 -10.67 8.27
CA GLY C 172 -3.29 -11.14 6.97
C GLY C 172 -4.72 -10.76 6.67
N ILE C 173 -5.05 -10.80 5.38
CA ILE C 173 -6.41 -10.61 4.89
C ILE C 173 -6.79 -11.83 4.07
N HIS C 174 -8.03 -12.32 4.25
CA HIS C 174 -8.52 -13.50 3.55
C HIS C 174 -9.41 -13.11 2.38
N HIS C 175 -9.01 -13.53 1.20
CA HIS C 175 -9.75 -13.25 -0.02
C HIS C 175 -10.50 -14.52 -0.38
N SER C 176 -11.80 -14.54 -0.08
CA SER C 176 -12.61 -15.75 -0.25
C SER C 176 -12.90 -16.02 -1.72
N VAL C 177 -13.32 -17.25 -2.01
CA VAL C 177 -13.62 -17.67 -3.39
C VAL C 177 -14.86 -16.97 -3.95
N SER C 178 -15.73 -16.45 -3.10
CA SER C 178 -16.96 -15.82 -3.57
C SER C 178 -17.49 -14.90 -2.48
N THR C 179 -18.51 -14.16 -2.80
CA THR C 179 -19.13 -13.38 -1.79
C THR C 179 -19.99 -14.26 -0.95
N ALA C 180 -20.21 -15.48 -1.34
CA ALA C 180 -21.03 -16.33 -0.55
C ALA C 180 -20.15 -16.98 0.41
N GLU C 181 -18.99 -17.42 -0.03
CA GLU C 181 -18.04 -18.06 0.86
C GLU C 181 -17.70 -17.07 1.88
N GLN C 182 -17.32 -15.87 1.48
CA GLN C 182 -16.99 -14.84 2.42
C GLN C 182 -18.03 -14.53 3.41
N THR C 183 -19.31 -14.57 3.10
CA THR C 183 -20.30 -14.27 4.11
C THR C 183 -20.60 -15.46 4.95
N LYS C 184 -20.16 -16.61 4.53
CA LYS C 184 -20.42 -17.73 5.36
C LYS C 184 -19.52 -17.64 6.52
N LEU C 185 -18.31 -17.24 6.29
CA LEU C 185 -17.36 -17.19 7.36
C LEU C 185 -17.56 -16.03 8.22
N TYR C 186 -17.69 -14.87 7.63
CA TYR C 186 -17.83 -13.70 8.44
C TYR C 186 -19.16 -13.01 8.43
N GLY C 187 -20.16 -13.56 7.78
CA GLY C 187 -21.45 -12.95 7.81
C GLY C 187 -21.65 -12.06 6.64
N SER C 188 -22.84 -11.51 6.49
CA SER C 188 -23.09 -10.67 5.36
C SER C 188 -22.57 -9.30 5.63
N GLY C 189 -22.37 -8.50 4.61
CA GLY C 189 -21.87 -7.18 4.85
C GLY C 189 -20.70 -6.86 3.99
N ASN C 190 -19.98 -5.80 4.30
CA ASN C 190 -18.82 -5.40 3.54
C ASN C 190 -17.74 -5.43 4.57
N LYS C 191 -16.59 -6.03 4.28
CA LYS C 191 -15.57 -6.12 5.28
C LYS C 191 -14.42 -5.21 5.06
N LEU C 192 -13.93 -4.61 6.12
CA LEU C 192 -12.86 -3.61 6.03
C LEU C 192 -11.97 -3.68 7.26
N VAL C 193 -10.66 -3.75 7.01
CA VAL C 193 -9.65 -3.76 8.05
C VAL C 193 -8.86 -2.46 7.94
N THR C 194 -8.69 -1.77 9.07
CA THR C 194 -7.94 -0.52 9.14
C THR C 194 -6.82 -0.69 10.16
N VAL C 195 -5.59 -0.42 9.75
CA VAL C 195 -4.43 -0.51 10.62
C VAL C 195 -3.86 0.89 10.81
N GLY C 196 -3.44 1.20 12.02
CA GLY C 196 -2.99 2.53 12.33
C GLY C 196 -2.02 2.63 13.49
N SER C 197 -1.00 3.46 13.29
CA SER C 197 -0.05 3.83 14.33
C SER C 197 0.40 5.26 14.05
N SER C 198 1.45 5.71 14.72
CA SER C 198 1.97 7.04 14.47
C SER C 198 2.52 7.16 13.06
N ASN C 199 3.52 6.35 12.72
CA ASN C 199 4.18 6.45 11.43
C ASN C 199 3.50 5.62 10.34
N TYR C 200 2.31 5.06 10.61
CA TYR C 200 1.67 4.14 9.68
C TYR C 200 0.16 4.23 9.82
N GLN C 201 -0.51 4.37 8.68
CA GLN C 201 -1.96 4.20 8.63
C GLN C 201 -2.36 3.74 7.24
N GLN C 202 -3.10 2.64 7.17
CA GLN C 202 -3.48 2.04 5.90
C GLN C 202 -4.73 1.20 6.16
N SER C 203 -5.43 0.88 5.08
CA SER C 203 -6.68 0.13 5.19
C SER C 203 -6.74 -0.87 4.04
N PHE C 204 -7.39 -2.01 4.29
CA PHE C 204 -7.44 -3.11 3.33
C PHE C 204 -8.86 -3.67 3.24
N VAL C 205 -9.20 -4.12 2.04
CA VAL C 205 -10.52 -4.63 1.72
C VAL C 205 -10.36 -6.03 1.13
N PRO C 206 -11.09 -7.02 1.62
CA PRO C 206 -11.04 -8.35 1.00
C PRO C 206 -11.51 -8.28 -0.45
N SER C 207 -10.85 -9.05 -1.31
CA SER C 207 -11.18 -9.12 -2.73
C SER C 207 -11.66 -10.53 -3.04
N PRO C 208 -12.95 -10.82 -2.79
CA PRO C 208 -13.48 -12.14 -3.11
C PRO C 208 -13.86 -12.25 -4.58
N GLY C 209 -13.80 -13.48 -5.08
CA GLY C 209 -14.15 -13.75 -6.46
C GLY C 209 -13.48 -15.03 -6.93
N ALA C 210 -13.81 -15.39 -8.18
CA ALA C 210 -13.28 -16.61 -8.78
C ALA C 210 -11.78 -16.53 -9.03
N ARG C 211 -11.07 -17.61 -8.72
CA ARG C 211 -9.63 -17.72 -8.88
C ARG C 211 -9.26 -19.16 -9.23
N PRO C 212 -8.14 -19.37 -9.90
CA PRO C 212 -7.66 -20.74 -10.12
C PRO C 212 -7.10 -21.34 -8.84
N GLN C 213 -6.99 -22.67 -8.85
CA GLN C 213 -6.60 -23.41 -7.66
C GLN C 213 -5.10 -23.43 -7.48
N VAL C 214 -4.65 -23.27 -6.24
CA VAL C 214 -3.26 -23.42 -5.83
C VAL C 214 -3.25 -24.30 -4.59
N ASN C 215 -2.66 -25.50 -4.71
CA ASN C 215 -2.81 -26.54 -3.70
C ASN C 215 -4.29 -26.87 -3.52
N GLY C 216 -4.98 -27.01 -4.65
CA GLY C 216 -6.40 -27.32 -4.65
C GLY C 216 -7.27 -26.30 -3.93
N LEU C 217 -6.75 -25.11 -3.65
CA LEU C 217 -7.49 -24.07 -2.95
C LEU C 217 -7.65 -22.83 -3.83
N SER C 218 -8.87 -22.32 -3.94
CA SER C 218 -9.10 -21.14 -4.75
C SER C 218 -9.04 -19.86 -3.93
N GLY C 219 -8.91 -19.95 -2.61
CA GLY C 219 -8.77 -18.77 -1.78
C GLY C 219 -7.32 -18.32 -1.65
N ARG C 220 -7.14 -17.13 -1.08
CA ARG C 220 -5.82 -16.57 -0.87
C ARG C 220 -5.77 -15.83 0.46
N ILE C 221 -4.58 -15.81 1.06
CA ILE C 221 -4.30 -15.02 2.26
C ILE C 221 -2.98 -14.30 2.03
N ASP C 222 -3.05 -13.00 1.84
CA ASP C 222 -1.88 -12.16 1.72
C ASP C 222 -1.59 -11.48 3.06
N PHE C 223 -0.31 -11.28 3.33
CA PHE C 223 0.16 -10.76 4.60
C PHE C 223 0.70 -9.35 4.47
N HIS C 224 0.45 -8.54 5.49
CA HIS C 224 0.93 -7.16 5.54
C HIS C 224 1.72 -6.96 6.82
N TRP C 225 2.50 -5.88 6.87
CA TRP C 225 3.41 -5.71 7.98
C TRP C 225 3.83 -4.26 8.10
N LEU C 226 3.87 -3.76 9.33
CA LEU C 226 4.53 -2.51 9.69
C LEU C 226 5.61 -2.83 10.71
N MET C 227 6.28 -1.79 11.23
CA MET C 227 7.22 -1.93 12.32
C MET C 227 6.92 -0.90 13.40
N LEU C 228 6.47 -1.39 14.56
CA LEU C 228 6.12 -0.53 15.68
C LEU C 228 7.38 0.00 16.38
N ASN C 229 7.55 1.31 16.37
CA ASN C 229 8.63 1.92 17.15
C ASN C 229 8.31 1.79 18.65
N PRO C 230 9.34 1.88 19.51
CA PRO C 230 9.11 1.67 20.95
C PRO C 230 8.08 2.64 21.50
N ASN C 231 7.21 2.11 22.36
CA ASN C 231 6.14 2.83 23.04
C ASN C 231 5.02 3.28 22.11
N ASP C 232 5.12 3.03 20.81
CA ASP C 232 4.02 3.34 19.90
C ASP C 232 2.95 2.26 19.98
N THR C 233 1.69 2.68 19.87
CA THR C 233 0.57 1.79 20.00
C THR C 233 -0.04 1.52 18.62
N VAL C 234 -0.27 0.23 18.31
CA VAL C 234 -0.94 -0.21 17.08
C VAL C 234 -2.38 -0.54 17.42
N THR C 235 -3.29 -0.23 16.49
CA THR C 235 -4.71 -0.49 16.73
C THR C 235 -5.36 -1.00 15.45
N PHE C 236 -6.03 -2.14 15.54
CA PHE C 236 -6.73 -2.75 14.42
C PHE C 236 -8.23 -2.53 14.54
N SER C 237 -8.90 -2.39 13.40
CA SER C 237 -10.36 -2.36 13.32
C SER C 237 -10.80 -3.28 12.18
N PHE C 238 -11.45 -4.39 12.55
CA PHE C 238 -11.84 -5.40 11.57
C PHE C 238 -13.26 -5.86 11.88
N ASN C 239 -13.97 -6.25 10.83
CA ASN C 239 -15.26 -6.92 10.96
C ASN C 239 -15.29 -8.24 10.18
N GLY C 240 -14.12 -8.80 9.90
CA GLY C 240 -14.02 -10.05 9.17
C GLY C 240 -12.78 -10.08 8.30
N ALA C 241 -12.51 -11.27 7.75
CA ALA C 241 -11.40 -11.49 6.82
C ALA C 241 -10.06 -11.05 7.39
N PHE C 242 -9.95 -11.07 8.72
CA PHE C 242 -8.75 -10.66 9.43
C PHE C 242 -8.03 -11.91 9.92
N ILE C 243 -6.79 -12.11 9.49
CA ILE C 243 -5.91 -13.11 10.08
C ILE C 243 -5.09 -12.39 11.15
N ALA C 244 -5.42 -12.63 12.42
CA ALA C 244 -4.90 -11.80 13.51
C ALA C 244 -3.55 -12.32 13.98
N PRO C 245 -2.64 -11.41 14.32
CA PRO C 245 -1.34 -11.83 14.87
C PRO C 245 -1.45 -12.23 16.33
N ASP C 246 -0.78 -13.33 16.68
CA ASP C 246 -0.70 -13.72 18.07
C ASP C 246 0.60 -13.27 18.72
N ARG C 247 1.69 -13.23 17.95
CA ARG C 247 3.01 -12.91 18.48
C ARG C 247 3.70 -11.89 17.59
N ALA C 248 4.28 -10.88 18.21
CA ALA C 248 5.15 -9.95 17.50
C ALA C 248 6.58 -10.44 17.51
N SER C 249 7.37 -9.94 16.57
CA SER C 249 8.75 -10.36 16.43
C SER C 249 9.69 -9.21 16.74
N PHE C 250 10.77 -9.50 17.46
CA PHE C 250 11.82 -8.55 17.77
C PHE C 250 13.15 -9.03 17.22
N LEU C 251 13.88 -8.15 16.56
CA LEU C 251 15.17 -8.52 16.00
C LEU C 251 16.23 -8.57 17.09
N ARG C 252 17.24 -9.43 16.90
CA ARG C 252 18.23 -9.71 17.94
C ARG C 252 19.52 -8.91 17.80
N GLY C 253 19.83 -8.41 16.61
CA GLY C 253 21.10 -7.74 16.42
C GLY C 253 21.47 -7.70 14.97
N LYS C 254 22.74 -7.97 14.65
CA LYS C 254 23.20 -7.90 13.28
C LYS C 254 23.47 -9.30 12.76
N SER C 255 23.18 -9.49 11.47
CA SER C 255 23.53 -10.72 10.77
C SER C 255 23.78 -10.40 9.30
N MET C 256 23.89 -11.45 8.49
CA MET C 256 23.95 -11.27 7.04
C MET C 256 23.23 -12.43 6.37
N GLY C 257 22.38 -12.12 5.41
CA GLY C 257 21.64 -13.13 4.68
C GLY C 257 22.21 -13.35 3.28
N ILE C 258 22.25 -14.61 2.85
CA ILE C 258 22.68 -14.97 1.51
C ILE C 258 21.63 -15.90 0.89
N GLN C 259 21.75 -16.11 -0.42
CA GLN C 259 20.92 -17.07 -1.14
C GLN C 259 21.84 -18.02 -1.88
N SER C 260 21.70 -19.33 -1.64
CA SER C 260 22.66 -20.25 -2.21
C SER C 260 22.01 -21.61 -2.43
N GLY C 261 22.72 -22.45 -3.17
CA GLY C 261 22.31 -23.81 -3.44
C GLY C 261 23.46 -24.80 -3.31
N VAL C 262 24.42 -24.48 -2.44
CA VAL C 262 25.55 -25.36 -2.18
C VAL C 262 25.56 -25.71 -0.70
N GLN C 263 26.46 -26.63 -0.34
CA GLN C 263 26.50 -27.21 1.00
C GLN C 263 27.17 -26.29 2.02
N VAL C 264 26.78 -26.44 3.28
CA VAL C 264 27.41 -25.71 4.38
C VAL C 264 28.66 -26.44 4.81
N ASP C 265 29.77 -25.71 4.92
CA ASP C 265 31.05 -26.26 5.34
C ASP C 265 31.53 -25.50 6.58
N ALA C 266 31.84 -26.25 7.65
CA ALA C 266 32.39 -25.64 8.85
C ALA C 266 33.90 -25.77 8.92
N ASN C 267 34.53 -26.33 7.88
CA ASN C 267 35.99 -26.49 7.87
C ASN C 267 36.71 -25.28 7.28
N CYS C 268 36.08 -24.56 6.36
CA CYS C 268 36.67 -23.35 5.78
C CYS C 268 35.97 -22.12 6.33
N GLU C 269 36.73 -21.04 6.45
CA GLU C 269 36.21 -19.76 6.88
C GLU C 269 36.23 -18.79 5.69
N GLY C 270 35.11 -18.10 5.47
CA GLY C 270 35.02 -17.09 4.44
C GLY C 270 34.19 -15.91 4.89
N ASP C 271 34.24 -14.84 4.09
CA ASP C 271 33.43 -13.65 4.35
C ASP C 271 32.66 -13.15 3.13
N CYS C 272 32.85 -13.73 1.96
CA CYS C 272 32.21 -13.26 0.74
C CYS C 272 31.41 -14.41 0.12
N TYR C 273 30.10 -14.24 0.01
CA TYR C 273 29.22 -15.31 -0.47
C TYR C 273 28.50 -14.88 -1.74
N HIS C 274 28.09 -15.89 -2.51
CA HIS C 274 27.16 -15.72 -3.62
C HIS C 274 26.45 -17.04 -3.83
N SER C 275 25.54 -17.07 -4.79
CA SER C 275 24.69 -18.25 -4.98
C SER C 275 25.49 -19.53 -5.21
N GLY C 276 26.76 -19.43 -5.59
CA GLY C 276 27.56 -20.59 -5.93
C GLY C 276 28.70 -20.91 -4.99
N GLY C 277 28.76 -20.29 -3.81
CA GLY C 277 29.78 -20.63 -2.86
C GLY C 277 30.39 -19.45 -2.14
N THR C 278 31.71 -19.54 -1.88
CA THR C 278 32.43 -18.57 -1.08
C THR C 278 33.69 -18.12 -1.80
N ILE C 279 34.07 -16.87 -1.57
CA ILE C 279 35.22 -16.25 -2.19
C ILE C 279 36.24 -15.99 -1.09
N ILE C 280 37.26 -16.83 -1.00
CA ILE C 280 38.35 -16.67 -0.04
C ILE C 280 39.54 -16.13 -0.83
N SER C 281 39.79 -14.82 -0.72
CA SER C 281 40.82 -14.21 -1.55
C SER C 281 41.31 -12.90 -0.94
N ASN C 282 42.62 -12.66 -1.07
CA ASN C 282 43.24 -11.41 -0.67
C ASN C 282 43.30 -10.40 -1.82
N LEU C 283 43.08 -10.86 -3.04
CA LEU C 283 43.14 -9.99 -4.20
C LEU C 283 42.09 -8.88 -4.10
N PRO C 284 42.37 -7.70 -4.63
CA PRO C 284 41.47 -6.56 -4.43
C PRO C 284 40.23 -6.63 -5.30
N PHE C 285 40.38 -7.27 -6.46
CA PHE C 285 39.29 -7.40 -7.41
C PHE C 285 38.94 -8.86 -7.56
N GLN C 286 37.75 -9.12 -8.09
CA GLN C 286 37.30 -10.46 -8.43
C GLN C 286 36.33 -10.37 -9.60
N ASN C 287 36.35 -11.39 -10.44
CA ASN C 287 35.41 -11.53 -11.54
C ASN C 287 34.76 -12.91 -11.41
N ILE C 288 33.79 -13.02 -10.50
CA ILE C 288 33.10 -14.28 -10.27
C ILE C 288 31.59 -14.07 -10.28
N ASP C 289 31.11 -13.18 -9.41
CA ASP C 289 29.70 -12.87 -9.30
C ASP C 289 29.55 -11.40 -8.96
N SER C 290 28.77 -10.67 -9.76
CA SER C 290 28.62 -9.23 -9.57
C SER C 290 27.79 -8.90 -8.34
N ARG C 291 26.89 -9.80 -7.92
CA ARG C 291 26.04 -9.57 -6.75
C ARG C 291 26.55 -10.32 -5.52
N ALA C 292 27.83 -10.67 -5.49
CA ALA C 292 28.43 -11.27 -4.30
C ALA C 292 28.15 -10.42 -3.09
N VAL C 293 28.00 -11.06 -1.94
CA VAL C 293 27.68 -10.35 -0.71
C VAL C 293 28.68 -10.73 0.38
N GLY C 294 28.83 -9.83 1.35
CA GLY C 294 29.82 -9.97 2.39
C GLY C 294 30.92 -8.95 2.23
N LYS C 295 32.10 -9.29 2.77
CA LYS C 295 33.27 -8.44 2.63
C LYS C 295 34.05 -8.93 1.42
N CYS C 296 33.66 -8.42 0.26
CA CYS C 296 34.09 -8.93 -1.02
C CYS C 296 35.06 -8.00 -1.73
N PRO C 297 35.93 -8.55 -2.58
CA PRO C 297 36.63 -7.73 -3.58
C PRO C 297 35.64 -7.11 -4.56
N ARG C 298 36.07 -6.04 -5.23
CA ARG C 298 35.17 -5.38 -6.16
C ARG C 298 35.02 -6.22 -7.42
N TYR C 299 33.80 -6.25 -7.97
CA TYR C 299 33.55 -6.96 -9.21
C TYR C 299 34.14 -6.15 -10.37
N VAL C 300 34.84 -6.83 -11.26
CA VAL C 300 35.36 -6.21 -12.47
C VAL C 300 34.96 -7.07 -13.65
N LYS C 301 34.74 -6.42 -14.79
CA LYS C 301 34.40 -7.16 -16.00
C LYS C 301 35.56 -8.01 -16.48
N GLN C 302 36.80 -7.61 -16.16
CA GLN C 302 37.99 -8.25 -16.70
C GLN C 302 38.15 -9.67 -16.16
N ARG C 303 38.75 -10.53 -16.98
CA ARG C 303 39.09 -11.88 -16.52
C ARG C 303 40.40 -11.89 -15.74
N SER C 304 41.36 -11.04 -16.12
CA SER C 304 42.67 -11.01 -15.51
C SER C 304 43.30 -9.64 -15.68
N LEU C 305 43.99 -9.17 -14.64
CA LEU C 305 44.78 -7.93 -14.71
C LEU C 305 46.10 -8.22 -14.00
N LEU C 306 47.13 -8.57 -14.77
CA LEU C 306 48.41 -8.99 -14.18
C LEU C 306 49.22 -7.78 -13.74
N LEU C 307 49.66 -7.79 -12.48
CA LEU C 307 50.41 -6.69 -11.86
C LEU C 307 51.89 -7.00 -11.88
N ALA C 308 52.67 -6.16 -12.56
CA ALA C 308 54.10 -6.42 -12.70
C ALA C 308 54.79 -6.29 -11.36
N THR C 309 55.55 -7.34 -10.99
CA THR C 309 56.36 -7.34 -9.78
C THR C 309 57.85 -7.46 -10.07
N GLY C 310 58.24 -7.63 -11.33
CA GLY C 310 59.63 -7.60 -11.69
C GLY C 310 59.99 -6.47 -12.63
N MET C 311 61.20 -6.51 -13.18
CA MET C 311 61.65 -5.52 -14.14
C MET C 311 61.29 -5.94 -15.55
N LYS C 312 61.66 -5.12 -16.54
CA LYS C 312 61.44 -5.50 -17.92
C LYS C 312 62.39 -6.63 -18.28
N ASN C 313 61.83 -7.70 -18.83
CA ASN C 313 62.63 -8.89 -19.15
C ASN C 313 63.39 -8.66 -20.46
N VAL C 314 64.72 -8.69 -20.39
CA VAL C 314 65.57 -8.58 -21.57
C VAL C 314 66.48 -9.80 -21.64
N PRO C 315 66.09 -10.85 -22.34
CA PRO C 315 66.88 -12.09 -22.37
C PRO C 315 68.04 -12.01 -23.35
N GLU C 316 68.86 -13.07 -23.32
CA GLU C 316 70.02 -13.18 -24.20
C GLU C 316 69.63 -13.75 -25.57
N GLY D 1 58.98 9.21 -17.25
CA GLY D 1 59.55 8.62 -18.45
C GLY D 1 60.52 7.51 -18.10
N LEU D 2 61.29 7.05 -19.08
CA LEU D 2 62.26 6.00 -18.87
C LEU D 2 63.63 6.59 -18.61
N PHE D 3 64.52 5.74 -18.16
CA PHE D 3 65.94 6.06 -18.09
C PHE D 3 66.66 5.18 -19.11
N GLY D 4 67.92 5.49 -19.36
CA GLY D 4 68.57 4.78 -20.46
C GLY D 4 68.91 3.34 -20.18
N ALA D 5 68.80 2.89 -18.93
CA ALA D 5 69.43 1.66 -18.49
C ALA D 5 68.89 0.39 -19.14
N ILE D 6 67.63 0.03 -18.88
CA ILE D 6 67.23 -1.38 -18.99
C ILE D 6 67.17 -1.82 -20.45
N ALA D 7 66.27 -1.22 -21.23
CA ALA D 7 66.19 -1.60 -22.63
C ALA D 7 67.26 -0.91 -23.46
N GLY D 8 67.87 0.14 -22.92
CA GLY D 8 68.73 1.01 -23.70
C GLY D 8 70.16 0.50 -23.80
N PHE D 9 71.12 1.32 -23.37
CA PHE D 9 72.53 1.02 -23.64
C PHE D 9 73.04 -0.23 -22.93
N ILE D 10 72.31 -0.78 -21.97
CA ILE D 10 72.53 -2.15 -21.52
C ILE D 10 71.71 -3.05 -22.44
N GLU D 11 72.38 -3.77 -23.33
CA GLU D 11 71.70 -4.50 -24.39
C GLU D 11 70.77 -5.58 -23.83
N ASN D 12 71.31 -6.50 -23.03
CA ASN D 12 70.53 -7.62 -22.51
C ASN D 12 70.82 -7.80 -21.02
N GLY D 13 70.07 -8.70 -20.40
CA GLY D 13 70.29 -9.08 -19.03
C GLY D 13 71.14 -10.34 -18.93
N TRP D 14 71.40 -10.73 -17.69
CA TRP D 14 72.24 -11.89 -17.39
C TRP D 14 71.34 -12.97 -16.80
N GLU D 15 70.93 -13.92 -17.65
CA GLU D 15 70.18 -15.08 -17.18
C GLU D 15 70.94 -15.88 -16.15
N GLY D 16 72.27 -15.74 -16.10
CA GLY D 16 73.10 -16.38 -15.09
C GLY D 16 73.17 -15.65 -13.77
N LEU D 17 72.69 -14.41 -13.70
CA LEU D 17 72.67 -13.67 -12.44
C LEU D 17 71.37 -14.05 -11.69
N ILE D 18 71.47 -15.09 -10.86
CA ILE D 18 70.37 -15.47 -9.97
C ILE D 18 70.63 -15.01 -8.53
N ASP D 19 71.81 -14.47 -8.25
CA ASP D 19 72.12 -14.00 -6.90
C ASP D 19 71.25 -12.81 -6.50
N GLY D 20 70.75 -12.04 -7.45
CA GLY D 20 69.92 -10.88 -7.17
C GLY D 20 69.36 -10.23 -8.42
N TRP D 21 69.08 -8.92 -8.34
CA TRP D 21 68.50 -8.17 -9.45
C TRP D 21 69.54 -7.41 -10.27
N TYR D 22 70.43 -6.72 -9.59
CA TYR D 22 71.53 -6.01 -10.22
C TYR D 22 72.84 -6.61 -9.72
N GLY D 23 73.90 -6.44 -10.52
CA GLY D 23 75.18 -7.01 -10.12
C GLY D 23 76.30 -6.61 -11.04
N PHE D 24 77.52 -6.88 -10.59
CA PHE D 24 78.77 -6.57 -11.29
C PHE D 24 79.29 -7.80 -12.03
N ARG D 25 80.05 -7.54 -13.06
CA ARG D 25 80.68 -8.57 -13.82
C ARG D 25 81.95 -8.07 -14.40
N HIS D 26 82.99 -7.98 -13.62
CA HIS D 26 84.26 -7.51 -14.07
C HIS D 26 85.01 -8.55 -14.81
N GLN D 27 86.14 -8.13 -15.36
CA GLN D 27 87.03 -8.99 -16.10
C GLN D 27 88.39 -8.41 -15.88
N ASN D 28 89.38 -9.22 -15.61
CA ASN D 28 90.73 -8.74 -15.31
C ASN D 28 91.72 -9.88 -15.46
N ALA D 29 92.96 -9.64 -14.99
CA ALA D 29 94.08 -10.57 -15.21
C ALA D 29 93.77 -11.96 -14.67
N GLN D 30 93.17 -12.03 -13.48
CA GLN D 30 92.96 -13.29 -12.79
C GLN D 30 91.68 -14.01 -13.19
N GLY D 31 90.90 -13.46 -14.11
CA GLY D 31 89.73 -14.14 -14.62
C GLY D 31 88.48 -13.30 -14.72
N GLU D 32 87.32 -13.95 -14.60
CA GLU D 32 86.02 -13.29 -14.69
C GLU D 32 85.22 -13.63 -13.44
N GLY D 33 84.34 -12.71 -13.04
CA GLY D 33 83.55 -12.90 -11.84
C GLY D 33 82.29 -12.07 -11.85
N THR D 34 81.22 -12.59 -11.24
CA THR D 34 79.90 -11.95 -11.24
C THR D 34 79.28 -12.02 -9.85
N ALA D 35 78.91 -10.86 -9.30
CA ALA D 35 78.34 -10.78 -7.95
C ALA D 35 77.27 -9.70 -7.90
N ALA D 36 76.21 -9.96 -7.16
CA ALA D 36 75.06 -9.07 -7.10
C ALA D 36 75.28 -7.93 -6.11
N ASP D 37 74.68 -6.77 -6.41
CA ASP D 37 74.75 -5.61 -5.52
C ASP D 37 73.51 -5.60 -4.61
N TYR D 38 73.73 -5.67 -3.29
CA TYR D 38 72.61 -5.87 -2.38
C TYR D 38 71.78 -4.60 -2.23
N LYS D 39 72.44 -3.46 -2.05
CA LYS D 39 71.72 -2.22 -1.72
C LYS D 39 70.72 -1.84 -2.81
N SER D 40 71.09 -2.01 -4.08
CA SER D 40 70.19 -1.64 -5.17
C SER D 40 69.10 -2.69 -5.37
N THR D 41 69.49 -3.97 -5.40
CA THR D 41 68.51 -5.04 -5.57
C THR D 41 67.45 -5.00 -4.48
N GLN D 42 67.87 -4.87 -3.22
CA GLN D 42 66.90 -4.76 -2.15
C GLN D 42 66.10 -3.45 -2.25
N SER D 43 66.73 -2.37 -2.72
CA SER D 43 66.03 -1.10 -2.84
C SER D 43 64.81 -1.22 -3.76
N ALA D 44 64.94 -1.95 -4.86
CA ALA D 44 63.79 -2.16 -5.73
C ALA D 44 62.75 -3.07 -5.07
N ILE D 45 63.21 -4.13 -4.41
CA ILE D 45 62.30 -5.09 -3.79
C ILE D 45 61.49 -4.42 -2.68
N ASP D 46 62.14 -3.59 -1.87
CA ASP D 46 61.44 -2.84 -0.84
C ASP D 46 60.41 -1.88 -1.41
N GLN D 47 60.40 -1.65 -2.73
CA GLN D 47 59.45 -0.76 -3.39
C GLN D 47 58.25 -1.51 -3.99
N ILE D 48 58.51 -2.52 -4.82
CA ILE D 48 57.42 -3.37 -5.31
C ILE D 48 56.64 -3.97 -4.15
N THR D 49 57.35 -4.40 -3.10
CA THR D 49 56.69 -4.87 -1.89
C THR D 49 55.72 -3.84 -1.33
N GLY D 50 56.17 -2.58 -1.23
CA GLY D 50 55.30 -1.50 -0.79
C GLY D 50 54.04 -1.34 -1.62
N LYS D 51 54.08 -1.76 -2.90
CA LYS D 51 52.90 -1.68 -3.75
C LYS D 51 51.93 -2.81 -3.45
N LEU D 52 52.42 -4.05 -3.40
CA LEU D 52 51.53 -5.16 -3.08
C LEU D 52 50.87 -4.93 -1.73
N ASN D 53 51.65 -4.54 -0.73
CA ASN D 53 51.12 -4.25 0.60
C ASN D 53 49.96 -3.27 0.57
N ARG D 54 49.82 -2.50 -0.51
CA ARG D 54 48.70 -1.59 -0.66
C ARG D 54 47.49 -2.22 -1.34
N LEU D 55 47.70 -3.23 -2.19
CA LEU D 55 46.61 -3.85 -2.94
C LEU D 55 46.10 -5.13 -2.29
N ILE D 56 47.01 -6.07 -2.02
CA ILE D 56 46.62 -7.38 -1.51
C ILE D 56 46.07 -7.25 -0.08
N GLU D 57 44.90 -7.87 0.14
CA GLU D 57 44.29 -8.13 1.46
C GLU D 57 44.09 -6.84 2.28
N LYS D 58 43.05 -6.12 1.93
CA LYS D 58 42.74 -4.94 2.67
C LYS D 58 41.27 -4.96 3.00
N THR D 59 40.86 -4.33 4.09
CA THR D 59 39.45 -4.33 4.51
C THR D 59 38.60 -3.84 3.41
N ASN D 60 37.56 -4.60 3.15
CA ASN D 60 36.67 -4.27 2.09
C ASN D 60 35.36 -4.20 2.75
N GLN D 61 34.61 -3.17 2.41
CA GLN D 61 33.34 -2.83 2.99
C GLN D 61 32.32 -3.91 2.87
N GLN D 62 31.41 -4.02 3.83
CA GLN D 62 30.43 -5.05 3.75
C GLN D 62 29.22 -4.66 3.04
N PHE D 63 28.90 -5.35 1.98
CA PHE D 63 27.75 -5.00 1.23
C PHE D 63 26.69 -6.02 1.33
N GLU D 64 25.48 -5.56 1.26
CA GLU D 64 24.30 -6.39 1.47
C GLU D 64 23.54 -6.65 0.17
N LEU D 65 22.42 -7.37 0.30
CA LEU D 65 21.64 -7.87 -0.84
C LEU D 65 20.41 -7.00 -1.03
N ILE D 66 20.40 -6.15 -2.06
CA ILE D 66 19.17 -5.43 -2.43
C ILE D 66 18.34 -6.20 -3.45
N ASP D 67 18.94 -7.17 -4.12
CA ASP D 67 18.40 -7.86 -5.27
C ASP D 67 17.73 -9.17 -4.82
N ASN D 68 17.39 -10.03 -5.77
CA ASN D 68 16.80 -11.32 -5.43
C ASN D 68 16.97 -12.27 -6.60
N GLU D 69 17.63 -13.40 -6.37
CA GLU D 69 17.91 -14.36 -7.41
C GLU D 69 16.79 -15.37 -7.61
N PHE D 70 15.93 -15.55 -6.61
CA PHE D 70 14.84 -16.53 -6.70
C PHE D 70 13.53 -15.87 -7.11
N ASN D 71 13.10 -14.86 -6.36
CA ASN D 71 11.85 -14.15 -6.63
C ASN D 71 12.18 -12.73 -7.08
N GLU D 72 12.16 -12.52 -8.40
CA GLU D 72 12.59 -11.26 -9.01
C GLU D 72 11.78 -10.08 -8.46
N VAL D 73 12.47 -8.99 -8.17
CA VAL D 73 11.83 -7.79 -7.64
C VAL D 73 11.11 -7.04 -8.75
N GLU D 74 10.30 -6.04 -8.37
CA GLU D 74 9.51 -5.24 -9.32
C GLU D 74 10.38 -4.73 -10.47
N LYS D 75 9.80 -4.68 -11.67
CA LYS D 75 10.59 -4.30 -12.85
C LYS D 75 11.08 -2.87 -12.78
N GLN D 76 10.30 -1.95 -12.22
CA GLN D 76 10.73 -0.56 -12.23
C GLN D 76 11.85 -0.33 -11.21
N ILE D 77 11.66 -0.79 -9.97
CA ILE D 77 12.78 -0.67 -9.02
C ILE D 77 13.93 -1.58 -9.46
N GLY D 78 13.63 -2.68 -10.14
CA GLY D 78 14.69 -3.59 -10.56
C GLY D 78 15.54 -3.04 -11.67
N ASN D 79 14.96 -2.24 -12.57
CA ASN D 79 15.75 -1.63 -13.63
C ASN D 79 16.65 -0.52 -13.10
N VAL D 80 16.23 0.19 -12.04
CA VAL D 80 17.09 1.19 -11.41
C VAL D 80 18.29 0.52 -10.75
N ILE D 81 18.06 -0.56 -10.02
CA ILE D 81 19.16 -1.27 -9.39
C ILE D 81 20.12 -1.84 -10.43
N ASN D 82 19.59 -2.57 -11.42
CA ASN D 82 20.42 -3.10 -12.49
C ASN D 82 21.22 -2.00 -13.16
N TRP D 83 20.65 -0.80 -13.23
CA TRP D 83 21.35 0.31 -13.86
C TRP D 83 22.41 0.88 -12.93
N THR D 84 22.07 1.09 -11.66
CA THR D 84 23.07 1.55 -10.70
C THR D 84 24.22 0.56 -10.57
N ARG D 85 23.91 -0.73 -10.46
CA ARG D 85 24.96 -1.74 -10.35
C ARG D 85 25.88 -1.72 -11.58
N ASP D 86 25.31 -1.62 -12.78
CA ASP D 86 26.13 -1.59 -13.98
C ASP D 86 26.96 -0.31 -14.08
N SER D 87 26.39 0.82 -13.64
CA SER D 87 27.15 2.07 -13.66
C SER D 87 28.37 2.00 -12.74
N ILE D 88 28.22 1.37 -11.57
CA ILE D 88 29.35 1.23 -10.66
C ILE D 88 30.37 0.26 -11.23
N THR D 89 29.90 -0.85 -11.80
CA THR D 89 30.80 -1.87 -12.34
C THR D 89 31.76 -1.30 -13.37
N GLU D 90 31.27 -0.36 -14.21
CA GLU D 90 32.16 0.35 -15.13
C GLU D 90 33.20 1.16 -14.36
N VAL D 91 32.77 1.83 -13.29
CA VAL D 91 33.71 2.60 -12.50
C VAL D 91 34.81 1.72 -11.96
N TRP D 92 34.42 0.62 -11.32
CA TRP D 92 35.36 -0.31 -10.71
C TRP D 92 36.29 -1.02 -11.70
N SER D 93 36.00 -0.96 -12.99
CA SER D 93 36.84 -1.60 -13.93
C SER D 93 37.70 -0.61 -14.56
N TYR D 94 37.24 0.63 -14.64
CA TYR D 94 38.04 1.71 -15.22
C TYR D 94 39.20 1.93 -14.25
N ASN D 95 38.84 1.97 -12.97
CA ASN D 95 39.79 2.12 -11.90
C ASN D 95 40.74 1.03 -11.76
N ALA D 96 40.33 -0.20 -11.87
CA ALA D 96 41.24 -1.26 -11.73
C ALA D 96 42.18 -1.33 -12.86
N GLU D 97 41.70 -1.41 -14.08
CA GLU D 97 42.57 -1.57 -15.24
C GLU D 97 43.52 -0.39 -15.38
N LEU D 98 43.06 0.81 -15.05
CA LEU D 98 43.94 1.97 -15.04
C LEU D 98 45.00 1.87 -13.94
N LEU D 99 44.58 1.45 -12.73
CA LEU D 99 45.51 1.33 -11.60
C LEU D 99 46.65 0.38 -11.94
N VAL D 100 46.33 -0.80 -12.47
CA VAL D 100 47.36 -1.80 -12.78
C VAL D 100 48.36 -1.23 -13.78
N ALA D 101 47.88 -0.56 -14.83
CA ALA D 101 48.82 0.02 -15.79
C ALA D 101 49.63 1.15 -15.17
N MET D 102 48.96 2.05 -14.44
CA MET D 102 49.67 3.14 -13.78
C MET D 102 50.75 2.62 -12.83
N GLU D 103 50.51 1.47 -12.20
CA GLU D 103 51.54 0.85 -11.37
C GLU D 103 52.57 0.12 -12.23
N ASN D 104 52.11 -0.62 -13.24
CA ASN D 104 53.05 -1.34 -14.12
C ASN D 104 54.00 -0.37 -14.79
N GLN D 105 53.48 0.76 -15.27
CA GLN D 105 54.34 1.78 -15.86
C GLN D 105 55.34 2.28 -14.82
N HIS D 106 54.88 2.54 -13.60
CA HIS D 106 55.78 3.03 -12.57
C HIS D 106 56.80 1.98 -12.19
N THR D 107 56.36 0.72 -12.01
CA THR D 107 57.27 -0.34 -11.60
C THR D 107 58.36 -0.56 -12.64
N ILE D 108 58.02 -0.49 -13.93
CA ILE D 108 59.00 -0.77 -14.97
C ILE D 108 60.05 0.35 -15.05
N ASP D 109 59.61 1.60 -14.97
CA ASP D 109 60.56 2.72 -14.86
C ASP D 109 61.28 2.72 -13.52
N LEU D 110 60.67 2.14 -12.49
CA LEU D 110 61.29 2.07 -11.18
C LEU D 110 62.60 1.28 -11.23
N ALA D 111 62.51 0.01 -11.67
CA ALA D 111 63.69 -0.83 -11.74
C ALA D 111 64.71 -0.24 -12.69
N ASP D 112 64.24 0.34 -13.80
CA ASP D 112 65.13 1.06 -14.71
C ASP D 112 65.90 2.15 -13.97
N SER D 113 65.19 2.93 -13.15
CA SER D 113 65.85 3.99 -12.38
C SER D 113 66.93 3.43 -11.47
N GLU D 114 66.68 2.25 -10.87
CA GLU D 114 67.65 1.72 -9.91
C GLU D 114 68.96 1.29 -10.57
N MET D 115 68.89 0.84 -11.83
CA MET D 115 70.11 0.47 -12.54
C MET D 115 70.99 1.69 -12.82
N ASP D 116 70.40 2.73 -13.42
CA ASP D 116 71.13 3.97 -13.61
C ASP D 116 71.76 4.45 -12.32
N LYS D 117 71.05 4.32 -11.19
CA LYS D 117 71.61 4.74 -9.91
C LYS D 117 72.83 3.91 -9.53
N LEU D 118 72.81 2.60 -9.84
CA LEU D 118 73.99 1.78 -9.66
C LEU D 118 75.11 2.25 -10.58
N TYR D 119 74.82 2.37 -11.87
CA TYR D 119 75.81 2.74 -12.88
C TYR D 119 76.53 4.04 -12.51
N GLU D 120 75.76 5.12 -12.33
CA GLU D 120 76.37 6.42 -12.05
C GLU D 120 76.99 6.50 -10.66
N ARG D 121 76.67 5.56 -9.76
CA ARG D 121 77.44 5.46 -8.52
C ARG D 121 78.88 5.06 -8.81
N VAL D 122 79.05 3.94 -9.51
CA VAL D 122 80.38 3.39 -9.81
C VAL D 122 81.21 4.38 -10.61
N LYS D 123 80.57 5.14 -11.50
CA LYS D 123 81.29 6.16 -12.26
C LYS D 123 81.99 7.14 -11.32
N ARG D 124 81.30 7.59 -10.32
CA ARG D 124 81.92 8.51 -9.47
C ARG D 124 82.97 7.84 -8.67
N GLN D 125 82.84 6.57 -8.40
CA GLN D 125 83.83 5.93 -7.59
C GLN D 125 85.20 5.93 -8.23
N LEU D 126 85.31 5.78 -9.54
CA LEU D 126 86.59 5.76 -10.25
C LEU D 126 86.69 7.06 -10.95
N ARG D 127 87.09 8.07 -10.26
CA ARG D 127 86.95 9.41 -10.81
C ARG D 127 87.50 9.54 -12.23
N GLU D 128 88.81 9.41 -12.36
CA GLU D 128 89.47 9.58 -13.65
C GLU D 128 90.31 8.36 -14.00
N ASN D 129 90.15 7.27 -13.26
CA ASN D 129 90.88 6.05 -13.55
C ASN D 129 90.17 5.16 -14.57
N ALA D 130 88.99 5.56 -15.03
CA ALA D 130 88.25 4.76 -16.00
C ALA D 130 87.41 5.68 -16.88
N GLU D 131 87.07 5.17 -18.05
CA GLU D 131 86.15 5.81 -18.96
C GLU D 131 85.03 4.82 -19.26
N GLU D 132 83.83 5.35 -19.47
CA GLU D 132 82.67 4.52 -19.73
C GLU D 132 82.63 3.99 -21.16
N ASP D 133 82.59 2.67 -21.29
CA ASP D 133 82.54 2.05 -22.62
C ASP D 133 81.31 2.52 -23.39
N GLY D 134 80.15 2.55 -22.73
CA GLY D 134 78.91 2.90 -23.37
C GLY D 134 77.96 1.74 -23.52
N THR D 135 78.43 0.51 -23.30
CA THR D 135 77.59 -0.67 -23.27
C THR D 135 77.23 -1.07 -21.85
N GLY D 136 77.52 -0.21 -20.88
CA GLY D 136 77.42 -0.59 -19.48
C GLY D 136 78.70 -1.11 -18.88
N CYS D 137 79.86 -0.75 -19.44
CA CYS D 137 81.16 -1.19 -18.97
C CYS D 137 82.03 0.01 -18.66
N PHE D 138 83.06 -0.22 -17.86
CA PHE D 138 84.06 0.80 -17.52
C PHE D 138 85.44 0.27 -17.85
N GLU D 139 86.06 0.80 -18.91
CA GLU D 139 87.42 0.40 -19.23
C GLU D 139 88.37 1.00 -18.19
N ILE D 140 88.89 0.16 -17.30
CA ILE D 140 89.72 0.59 -16.18
C ILE D 140 91.18 0.71 -16.61
N PHE D 141 91.78 1.87 -16.35
CA PHE D 141 93.09 2.21 -16.87
C PHE D 141 94.22 2.03 -15.85
N HIS D 142 94.01 1.17 -14.86
CA HIS D 142 95.06 0.59 -14.04
C HIS D 142 94.81 -0.91 -13.96
N LYS D 143 95.66 -1.61 -13.21
CA LYS D 143 95.48 -3.05 -13.06
C LYS D 143 94.67 -3.31 -11.79
N CYS D 144 93.55 -4.01 -11.94
CA CYS D 144 92.58 -4.19 -10.86
C CYS D 144 92.52 -5.69 -10.58
N ASP D 145 93.16 -6.14 -9.50
CA ASP D 145 93.16 -7.55 -9.12
C ASP D 145 91.83 -7.92 -8.47
N ASP D 146 91.73 -9.15 -7.97
CA ASP D 146 90.47 -9.60 -7.37
C ASP D 146 90.09 -8.75 -6.17
N ASP D 147 91.06 -8.42 -5.31
CA ASP D 147 90.79 -7.54 -4.17
C ASP D 147 90.68 -6.08 -4.57
N CYS D 148 90.85 -5.77 -5.85
CA CYS D 148 90.56 -4.46 -6.40
C CYS D 148 89.11 -4.35 -6.87
N MET D 149 88.67 -5.30 -7.70
CA MET D 149 87.26 -5.33 -8.09
C MET D 149 86.36 -5.41 -6.86
N ALA D 150 86.73 -6.26 -5.90
CA ALA D 150 85.98 -6.33 -4.65
C ALA D 150 85.96 -4.97 -3.95
N SER D 151 87.06 -4.22 -4.00
CA SER D 151 87.04 -2.90 -3.40
C SER D 151 86.15 -1.94 -4.19
N ILE D 152 86.01 -2.15 -5.49
CA ILE D 152 85.07 -1.37 -6.30
C ILE D 152 83.65 -1.64 -5.82
N ARG D 153 83.33 -2.92 -5.58
CA ARG D 153 81.97 -3.31 -5.19
C ARG D 153 81.60 -2.75 -3.82
N ASN D 154 82.33 -3.17 -2.77
CA ASN D 154 81.94 -2.76 -1.41
C ASN D 154 82.28 -1.30 -1.10
N ASN D 155 82.61 -0.47 -2.09
CA ASN D 155 82.74 0.98 -1.91
C ASN D 155 83.91 1.33 -0.98
N THR D 156 85.00 0.58 -1.08
CA THR D 156 86.24 0.90 -0.40
C THR D 156 87.29 1.46 -1.35
N TYR D 157 86.97 1.55 -2.65
CA TYR D 157 87.93 1.97 -3.67
C TYR D 157 88.48 3.37 -3.40
N ASP D 158 89.79 3.45 -3.17
CA ASP D 158 90.47 4.73 -2.99
C ASP D 158 91.07 5.13 -4.35
N HIS D 159 90.44 6.09 -5.02
CA HIS D 159 90.90 6.46 -6.35
C HIS D 159 92.22 7.23 -6.32
N SER D 160 92.57 7.84 -5.18
CA SER D 160 93.83 8.55 -5.10
C SER D 160 95.03 7.60 -5.18
N LYS D 161 94.84 6.34 -4.80
CA LYS D 161 95.95 5.40 -4.80
C LYS D 161 96.33 4.93 -6.20
N TYR D 162 95.36 4.87 -7.11
CA TYR D 162 95.57 4.37 -8.45
C TYR D 162 95.62 5.46 -9.50
N ARG D 163 95.40 6.72 -9.11
CA ARG D 163 95.15 7.78 -10.09
C ARG D 163 96.37 8.05 -10.95
N GLU D 164 97.55 8.17 -10.35
CA GLU D 164 98.75 8.52 -11.10
C GLU D 164 99.03 7.50 -12.20
N GLU D 165 99.05 6.21 -11.84
CA GLU D 165 99.17 5.17 -12.85
C GLU D 165 98.06 5.27 -13.88
N ALA D 166 96.84 5.56 -13.44
CA ALA D 166 95.70 5.60 -14.34
C ALA D 166 95.78 6.79 -15.29
N MET D 167 95.97 8.01 -14.75
CA MET D 167 96.01 9.19 -15.60
C MET D 167 97.13 9.13 -16.62
N GLN D 168 98.16 8.30 -16.38
CA GLN D 168 99.21 8.16 -17.37
C GLN D 168 98.76 7.29 -18.55
N ASN D 169 98.18 6.12 -18.26
CA ASN D 169 97.86 5.17 -19.32
C ASN D 169 96.84 5.74 -20.29
N ARG D 170 95.98 6.66 -19.83
CA ARG D 170 94.90 7.19 -20.66
C ARG D 170 95.43 8.13 -21.74
N ILE D 171 96.06 9.22 -21.32
CA ILE D 171 96.27 10.36 -22.21
C ILE D 171 97.33 10.03 -23.26
N GLN D 172 98.49 9.53 -22.83
CA GLN D 172 99.55 9.09 -23.73
C GLN D 172 99.88 10.12 -24.83
N ASP E 1 85.41 22.63 -34.32
CA ASP E 1 84.02 22.66 -34.76
C ASP E 1 83.13 21.79 -33.85
N LYS E 2 81.81 21.80 -34.06
CA LYS E 2 80.86 21.29 -33.07
C LYS E 2 79.71 20.55 -33.75
N ILE E 3 78.92 19.87 -32.92
CA ILE E 3 77.66 19.24 -33.31
C ILE E 3 76.68 19.37 -32.15
N CYS E 4 75.47 19.81 -32.45
CA CYS E 4 74.45 20.06 -31.42
C CYS E 4 73.27 19.11 -31.58
N LEU E 5 72.51 18.97 -30.51
CA LEU E 5 71.30 18.17 -30.49
C LEU E 5 70.12 19.02 -30.08
N GLY E 6 68.95 18.70 -30.62
CA GLY E 6 67.77 19.49 -30.34
C GLY E 6 66.51 18.71 -30.62
N HIS E 7 65.39 19.40 -30.43
CA HIS E 7 64.06 18.86 -30.67
C HIS E 7 63.30 19.83 -31.57
N HIS E 8 62.20 19.35 -32.14
CA HIS E 8 61.43 20.23 -32.99
C HIS E 8 60.49 21.10 -32.16
N ALA E 9 59.82 22.01 -32.84
CA ALA E 9 58.88 22.95 -32.25
C ALA E 9 58.13 23.63 -33.40
N VAL E 10 56.98 24.23 -33.05
CA VAL E 10 56.17 24.94 -34.03
C VAL E 10 55.93 26.37 -33.55
N SER E 11 55.51 27.22 -34.48
CA SER E 11 55.30 28.64 -34.19
C SER E 11 54.17 28.83 -33.18
N ASN E 12 53.04 28.16 -33.38
CA ASN E 12 51.87 28.28 -32.51
C ASN E 12 51.45 26.89 -32.03
N GLY E 13 51.54 26.66 -30.73
CA GLY E 13 51.14 25.40 -30.13
C GLY E 13 49.70 25.41 -29.62
N THR E 14 49.35 24.36 -28.88
CA THR E 14 48.06 24.23 -28.25
C THR E 14 48.24 24.04 -26.75
N LYS E 15 47.37 24.69 -25.97
CA LYS E 15 47.48 24.68 -24.51
C LYS E 15 46.79 23.45 -23.95
N VAL E 16 47.48 22.76 -23.03
CA VAL E 16 46.93 21.61 -22.31
C VAL E 16 47.14 21.82 -20.82
N ASN E 17 46.53 20.93 -20.03
CA ASN E 17 46.65 20.99 -18.57
C ASN E 17 47.40 19.75 -18.07
N THR E 18 48.20 19.93 -17.03
CA THR E 18 48.95 18.84 -16.43
C THR E 18 48.57 18.73 -14.96
N LEU E 19 49.24 17.79 -14.27
CA LEU E 19 49.11 17.69 -12.83
C LEU E 19 49.47 19.00 -12.13
N THR E 20 50.35 19.78 -12.75
CA THR E 20 51.02 20.87 -12.06
C THR E 20 50.90 22.23 -12.73
N GLU E 21 50.29 22.31 -13.92
CA GLU E 21 50.23 23.55 -14.68
C GLU E 21 48.96 23.60 -15.51
N ARG E 22 48.32 24.78 -15.58
CA ARG E 22 47.12 24.98 -16.41
C ARG E 22 47.50 25.86 -17.58
N GLY E 23 47.53 25.27 -18.78
CA GLY E 23 47.84 26.00 -19.98
C GLY E 23 49.27 25.90 -20.46
N VAL E 24 49.94 24.77 -20.26
CA VAL E 24 51.27 24.56 -20.83
C VAL E 24 51.15 24.32 -22.34
N GLU E 25 52.10 24.88 -23.10
CA GLU E 25 52.06 24.80 -24.55
C GLU E 25 52.77 23.55 -25.04
N VAL E 26 52.04 22.67 -25.72
CA VAL E 26 52.61 21.48 -26.32
C VAL E 26 52.50 21.58 -27.84
N VAL E 27 53.19 20.68 -28.54
CA VAL E 27 53.26 20.76 -30.00
C VAL E 27 51.92 20.42 -30.62
N ASN E 28 51.29 19.34 -30.17
CA ASN E 28 50.08 18.85 -30.83
C ASN E 28 49.25 18.09 -29.81
N ALA E 29 47.93 18.25 -29.90
CA ALA E 29 47.00 17.55 -29.02
C ALA E 29 45.78 17.10 -29.81
N THR E 30 45.09 16.10 -29.25
CA THR E 30 43.86 15.58 -29.82
C THR E 30 42.76 15.66 -28.77
N GLU E 31 41.54 15.92 -29.23
CA GLU E 31 40.43 16.17 -28.32
C GLU E 31 39.83 14.87 -27.78
N THR E 32 39.46 14.89 -26.49
CA THR E 32 39.04 13.71 -25.74
C THR E 32 37.57 13.71 -25.36
N VAL E 33 36.99 14.89 -25.12
CA VAL E 33 35.54 15.01 -24.89
C VAL E 33 34.85 15.30 -26.22
N GLU E 34 33.79 14.55 -26.50
CA GLU E 34 33.09 14.61 -27.77
C GLU E 34 31.90 15.56 -27.69
N ARG E 35 31.92 16.61 -28.53
CA ARG E 35 30.84 17.59 -28.59
C ARG E 35 29.98 17.48 -29.85
N THR E 36 30.51 17.00 -30.96
CA THR E 36 29.78 17.03 -32.24
C THR E 36 28.71 15.93 -32.23
N ASN E 37 27.46 16.34 -32.17
CA ASN E 37 26.32 15.45 -32.33
C ASN E 37 25.71 15.65 -33.71
N ILE E 38 25.01 14.64 -34.22
CA ILE E 38 24.35 14.71 -35.51
C ILE E 38 22.85 14.55 -35.29
N PRO E 39 21.99 15.40 -35.89
CA PRO E 39 20.59 15.54 -35.44
C PRO E 39 19.61 14.61 -36.16
N ARG E 40 19.92 13.32 -36.17
CA ARG E 40 19.05 12.34 -36.79
C ARG E 40 19.13 11.07 -35.95
N ILE E 41 18.28 10.11 -36.29
CA ILE E 41 18.32 8.79 -35.67
C ILE E 41 18.97 7.85 -36.67
N CYS E 42 20.25 7.52 -36.44
CA CYS E 42 21.03 6.68 -37.34
C CYS E 42 20.58 5.24 -37.23
N SER E 43 19.60 4.87 -38.07
CA SER E 43 18.90 3.61 -37.99
C SER E 43 19.46 2.56 -38.95
N LYS E 44 20.60 2.84 -39.59
CA LYS E 44 21.16 1.97 -40.62
C LYS E 44 21.34 0.57 -40.08
N GLY E 45 20.73 -0.40 -40.76
CA GLY E 45 20.84 -1.80 -40.39
C GLY E 45 20.17 -2.15 -39.08
N LYS E 46 19.17 -1.38 -38.65
CA LYS E 46 18.44 -1.64 -37.42
C LYS E 46 16.96 -1.68 -37.72
N ARG E 47 16.31 -2.80 -37.43
CA ARG E 47 14.86 -2.86 -37.55
C ARG E 47 14.24 -1.81 -36.64
N THR E 48 13.68 -0.76 -37.24
CA THR E 48 13.21 0.39 -36.50
C THR E 48 11.70 0.52 -36.59
N VAL E 49 11.11 1.05 -35.54
CA VAL E 49 9.69 1.36 -35.52
C VAL E 49 9.53 2.77 -34.98
N ASP E 50 9.04 3.67 -35.82
CA ASP E 50 8.73 5.03 -35.36
C ASP E 50 7.26 5.07 -34.96
N LEU E 51 7.00 4.95 -33.65
CA LEU E 51 5.63 4.82 -33.14
C LEU E 51 4.76 6.01 -33.52
N GLY E 52 5.35 7.17 -33.80
CA GLY E 52 4.62 8.33 -34.29
C GLY E 52 3.43 8.73 -33.44
N GLN E 53 2.25 8.79 -34.05
CA GLN E 53 1.06 9.14 -33.29
C GLN E 53 0.75 8.13 -32.19
N CYS E 54 1.25 6.89 -32.32
CA CYS E 54 0.89 5.80 -31.44
C CYS E 54 1.73 5.83 -30.18
N GLY E 55 1.07 5.74 -29.02
CA GLY E 55 1.79 5.57 -27.76
C GLY E 55 2.24 4.13 -27.56
N LEU E 56 3.43 3.96 -26.97
CA LEU E 56 3.97 2.61 -26.77
C LEU E 56 2.98 1.71 -26.03
N LEU E 57 2.34 2.22 -24.97
CA LEU E 57 1.29 1.46 -24.30
C LEU E 57 0.05 1.31 -25.16
N GLY E 58 -0.06 2.06 -26.25
CA GLY E 58 -1.21 1.91 -27.14
C GLY E 58 -1.18 0.62 -27.92
N THR E 59 0.01 0.08 -28.16
CA THR E 59 0.10 -1.18 -28.89
C THR E 59 -0.61 -2.33 -28.18
N ILE E 60 -0.85 -2.21 -26.87
CA ILE E 60 -1.51 -3.28 -26.13
C ILE E 60 -3.02 -3.16 -26.23
N THR E 61 -3.57 -1.99 -25.88
CA THR E 61 -5.01 -1.79 -25.96
C THR E 61 -5.48 -1.58 -27.39
N GLY E 62 -4.70 -0.87 -28.20
CA GLY E 62 -5.01 -0.67 -29.60
C GLY E 62 -6.01 0.42 -29.88
N PRO E 63 -5.69 1.66 -29.56
CA PRO E 63 -6.49 2.79 -30.03
C PRO E 63 -6.29 2.98 -31.52
N PRO E 64 -7.14 3.78 -32.19
CA PRO E 64 -7.09 3.86 -33.67
C PRO E 64 -5.70 4.12 -34.25
N GLN E 65 -4.93 5.03 -33.67
CA GLN E 65 -3.63 5.40 -34.25
C GLN E 65 -2.64 4.24 -34.24
N CYS E 66 -2.71 3.40 -33.22
CA CYS E 66 -1.81 2.25 -33.07
C CYS E 66 -2.20 1.07 -33.93
N ASP E 67 -3.13 1.24 -34.89
CA ASP E 67 -3.64 0.09 -35.62
C ASP E 67 -2.52 -0.62 -36.38
N GLN E 68 -1.55 0.13 -36.88
CA GLN E 68 -0.41 -0.45 -37.60
C GLN E 68 0.65 -1.04 -36.69
N PHE E 69 0.48 -0.97 -35.37
CA PHE E 69 1.52 -1.38 -34.43
C PHE E 69 1.06 -2.49 -33.48
N LEU E 70 -0.07 -3.13 -33.76
CA LEU E 70 -0.61 -4.10 -32.81
C LEU E 70 0.31 -5.30 -32.64
N GLU E 71 1.06 -5.68 -33.68
CA GLU E 71 1.97 -6.82 -33.62
C GLU E 71 3.35 -6.47 -34.17
N PHE E 72 3.83 -5.26 -33.88
CA PHE E 72 5.07 -4.81 -34.47
C PHE E 72 6.24 -5.68 -34.01
N SER E 73 7.32 -5.66 -34.79
CA SER E 73 8.55 -6.34 -34.43
C SER E 73 9.71 -5.39 -34.73
N ALA E 74 10.67 -5.30 -33.81
CA ALA E 74 11.72 -4.30 -33.94
C ALA E 74 12.92 -4.65 -33.08
N ASP E 75 14.03 -3.97 -33.39
CA ASP E 75 15.20 -3.93 -32.53
C ASP E 75 15.46 -2.54 -31.98
N LEU E 76 14.75 -1.53 -32.48
CA LEU E 76 14.89 -0.15 -32.03
C LEU E 76 13.53 0.52 -32.08
N ILE E 77 13.02 0.93 -30.92
CA ILE E 77 11.70 1.52 -30.82
C ILE E 77 11.84 2.99 -30.48
N ILE E 78 11.15 3.85 -31.24
CA ILE E 78 11.18 5.29 -31.03
C ILE E 78 9.81 5.74 -30.55
N GLU E 79 9.79 6.51 -29.46
CA GLU E 79 8.59 7.16 -28.96
C GLU E 79 8.65 8.63 -29.39
N ARG E 80 7.64 9.08 -30.12
CA ARG E 80 7.52 10.49 -30.46
C ARG E 80 6.64 11.16 -29.42
N ARG E 81 6.92 12.45 -29.16
CA ARG E 81 6.20 13.15 -28.10
C ARG E 81 4.71 13.29 -28.42
N GLU E 82 4.35 13.42 -29.68
CA GLU E 82 2.95 13.54 -30.04
C GLU E 82 2.17 12.25 -29.81
N GLY E 83 2.81 11.19 -29.38
CA GLY E 83 2.12 9.93 -29.20
C GLY E 83 1.11 9.98 -28.08
N SER E 84 0.07 9.15 -28.19
CA SER E 84 -0.99 9.07 -27.20
C SER E 84 -1.46 7.63 -27.15
N ASP E 85 -1.26 6.98 -26.00
CA ASP E 85 -1.55 5.57 -25.86
C ASP E 85 -3.03 5.29 -25.56
N VAL E 86 -3.92 6.21 -25.93
CA VAL E 86 -5.30 6.13 -25.49
C VAL E 86 -6.17 6.86 -26.51
N CYS E 87 -7.44 6.45 -26.59
CA CYS E 87 -8.44 7.18 -27.36
C CYS E 87 -9.60 7.63 -26.46
N TYR E 88 -10.24 6.70 -25.74
CA TYR E 88 -11.15 7.07 -24.66
C TYR E 88 -10.32 7.44 -23.44
N PRO E 89 -10.54 8.61 -22.84
CA PRO E 89 -9.63 9.10 -21.80
C PRO E 89 -9.46 8.10 -20.66
N GLY E 90 -8.22 8.01 -20.19
CA GLY E 90 -7.89 7.08 -19.12
C GLY E 90 -6.38 6.98 -18.98
N LYS E 91 -5.94 6.06 -18.13
CA LYS E 91 -4.52 5.84 -18.00
C LYS E 91 -4.24 4.48 -17.38
N PHE E 92 -3.03 3.98 -17.65
CA PHE E 92 -2.58 2.70 -17.12
C PHE E 92 -2.12 2.86 -15.69
N VAL E 93 -2.39 1.86 -14.86
CA VAL E 93 -1.74 1.75 -13.57
C VAL E 93 -0.33 1.18 -13.77
N ASN E 94 0.65 1.74 -13.07
CA ASN E 94 2.04 1.32 -13.22
C ASN E 94 2.50 1.38 -14.67
N GLU E 95 2.26 2.54 -15.29
CA GLU E 95 2.48 2.64 -16.73
C GLU E 95 3.96 2.59 -17.07
N GLU E 96 4.79 3.25 -16.28
CA GLU E 96 6.20 3.36 -16.66
C GLU E 96 6.91 2.01 -16.57
N ALA E 97 6.46 1.13 -15.68
CA ALA E 97 7.02 -0.22 -15.66
C ALA E 97 6.69 -0.96 -16.95
N LEU E 98 5.45 -0.81 -17.42
CA LEU E 98 5.05 -1.53 -18.62
C LEU E 98 5.74 -0.98 -19.87
N ARG E 99 6.06 0.32 -19.88
CA ARG E 99 6.83 0.90 -20.98
C ARG E 99 8.26 0.35 -21.01
N GLN E 100 8.93 0.34 -19.84
CA GLN E 100 10.26 -0.25 -19.76
C GLN E 100 10.24 -1.72 -20.17
N ILE E 101 9.12 -2.40 -19.91
CA ILE E 101 8.96 -3.78 -20.35
C ILE E 101 8.76 -3.86 -21.87
N LEU E 102 7.98 -2.94 -22.44
CA LEU E 102 7.69 -2.95 -23.87
C LEU E 102 8.87 -2.46 -24.72
N ARG E 103 9.72 -1.59 -24.18
CA ARG E 103 10.83 -1.07 -24.99
C ARG E 103 11.85 -2.16 -25.31
N GLU E 104 12.21 -2.98 -24.33
CA GLU E 104 13.14 -4.08 -24.57
C GLU E 104 12.44 -5.30 -25.17
N SER E 105 11.14 -5.19 -25.43
CA SER E 105 10.35 -6.34 -25.86
C SER E 105 10.79 -6.91 -27.19
N GLY E 106 11.37 -6.10 -28.06
CA GLY E 106 11.57 -6.55 -29.43
C GLY E 106 10.29 -6.67 -30.24
N GLY E 107 9.21 -6.04 -29.81
CA GLY E 107 7.91 -6.22 -30.43
C GLY E 107 6.99 -7.16 -29.65
N ILE E 108 5.77 -7.26 -30.15
CA ILE E 108 4.72 -8.04 -29.50
C ILE E 108 4.04 -8.93 -30.52
N ASP E 109 3.47 -10.03 -30.02
CA ASP E 109 2.68 -10.95 -30.81
C ASP E 109 1.37 -11.15 -30.07
N LYS E 110 0.25 -11.04 -30.78
CA LYS E 110 -1.06 -11.20 -30.15
C LYS E 110 -1.77 -12.51 -30.48
N GLU E 111 -2.27 -13.16 -29.43
CA GLU E 111 -3.00 -14.41 -29.55
C GLU E 111 -4.40 -14.20 -28.98
N ALA E 112 -5.40 -14.76 -29.64
CA ALA E 112 -6.77 -14.53 -29.22
C ALA E 112 -7.08 -15.26 -27.91
N MET E 113 -7.81 -14.57 -27.03
CA MET E 113 -8.27 -15.19 -25.80
C MET E 113 -9.61 -15.92 -25.97
N GLY E 114 -10.28 -15.71 -27.09
CA GLY E 114 -11.44 -16.51 -27.46
C GLY E 114 -12.62 -16.42 -26.52
N PHE E 115 -12.85 -15.25 -25.93
CA PHE E 115 -14.06 -15.08 -25.13
C PHE E 115 -15.28 -14.99 -26.02
N THR E 116 -16.39 -15.54 -25.54
CA THR E 116 -17.67 -15.52 -26.24
C THR E 116 -18.76 -15.10 -25.26
N TYR E 117 -19.42 -13.99 -25.53
CA TYR E 117 -20.49 -13.48 -24.67
C TYR E 117 -21.83 -13.64 -25.37
N SER E 118 -22.84 -14.09 -24.64
CA SER E 118 -24.17 -14.30 -25.18
C SER E 118 -25.18 -13.44 -24.43
N GLY E 119 -26.11 -12.87 -25.17
CA GLY E 119 -27.16 -12.05 -24.59
C GLY E 119 -26.80 -10.59 -24.35
N ILE E 120 -25.65 -10.34 -23.73
CA ILE E 120 -25.25 -8.97 -23.45
C ILE E 120 -24.87 -8.25 -24.75
N ARG E 121 -24.80 -6.93 -24.65
CA ARG E 121 -24.40 -6.09 -25.77
C ARG E 121 -22.88 -6.01 -25.77
N THR E 122 -22.24 -6.46 -26.84
CA THR E 122 -20.79 -6.56 -26.85
C THR E 122 -20.11 -5.56 -27.79
N ASN E 123 -20.86 -4.67 -28.44
CA ASN E 123 -20.32 -3.74 -29.42
C ASN E 123 -20.44 -2.31 -28.88
N GLY E 124 -19.50 -1.94 -28.02
CA GLY E 124 -19.48 -0.61 -27.45
C GLY E 124 -18.49 0.25 -28.21
N ALA E 125 -18.82 1.52 -28.38
CA ALA E 125 -18.01 2.39 -29.22
C ALA E 125 -18.32 3.84 -28.90
N THR E 126 -17.44 4.73 -29.38
CA THR E 126 -17.55 6.16 -29.18
C THR E 126 -16.82 6.85 -30.31
N SER E 127 -17.21 8.11 -30.58
CA SER E 127 -16.61 8.86 -31.67
C SER E 127 -15.24 9.42 -31.34
N ALA E 128 -14.81 9.33 -30.07
CA ALA E 128 -13.43 9.70 -29.75
C ALA E 128 -12.45 8.67 -30.29
N CYS E 129 -12.88 7.42 -30.42
CA CYS E 129 -12.12 6.36 -31.07
C CYS E 129 -12.80 6.09 -32.40
N ARG E 130 -12.46 6.87 -33.41
CA ARG E 130 -13.09 6.80 -34.71
C ARG E 130 -12.15 6.11 -35.69
N ARG E 131 -12.67 5.12 -36.43
CA ARG E 131 -11.97 4.59 -37.59
C ARG E 131 -12.71 4.86 -38.89
N SER E 132 -13.92 4.33 -39.02
CA SER E 132 -14.86 4.74 -40.05
C SER E 132 -16.04 5.46 -39.42
N GLY E 133 -16.67 4.83 -38.44
CA GLY E 133 -17.61 5.48 -37.56
C GLY E 133 -17.17 5.34 -36.12
N SER E 134 -18.12 5.43 -35.19
CA SER E 134 -17.81 5.22 -33.80
C SER E 134 -17.22 3.83 -33.61
N SER E 135 -16.03 3.76 -33.03
CA SER E 135 -15.32 2.50 -32.84
C SER E 135 -14.73 2.49 -31.43
N PHE E 136 -13.82 1.54 -31.19
CA PHE E 136 -13.25 1.32 -29.86
C PHE E 136 -11.89 0.66 -30.02
N TYR E 137 -11.24 0.40 -28.88
CA TYR E 137 -9.94 -0.26 -28.87
C TYR E 137 -10.01 -1.59 -29.61
N ALA E 138 -8.96 -1.85 -30.40
CA ALA E 138 -8.95 -3.03 -31.27
C ALA E 138 -8.68 -4.32 -30.51
N GLU E 139 -8.17 -4.23 -29.29
CA GLU E 139 -7.91 -5.43 -28.50
C GLU E 139 -8.85 -5.57 -27.33
N MET E 140 -9.69 -4.58 -27.07
CA MET E 140 -10.63 -4.61 -25.96
C MET E 140 -12.05 -4.65 -26.50
N LYS E 141 -12.98 -5.09 -25.65
CA LYS E 141 -14.40 -5.13 -26.02
C LYS E 141 -15.20 -4.44 -24.93
N TRP E 142 -15.99 -3.44 -25.33
CA TRP E 142 -16.80 -2.67 -24.39
C TRP E 142 -18.13 -3.42 -24.19
N LEU E 143 -18.26 -4.10 -23.06
CA LEU E 143 -19.43 -4.93 -22.78
C LEU E 143 -20.53 -4.06 -22.19
N LEU E 144 -21.64 -3.94 -22.91
CA LEU E 144 -22.83 -3.21 -22.51
C LEU E 144 -23.95 -4.18 -22.13
N SER E 145 -25.10 -3.61 -21.82
CA SER E 145 -26.22 -4.39 -21.32
C SER E 145 -27.22 -4.69 -22.43
N ASN E 146 -28.06 -5.69 -22.17
CA ASN E 146 -29.11 -6.08 -23.11
C ASN E 146 -30.07 -4.92 -23.35
N THR E 147 -30.41 -4.70 -24.61
CA THR E 147 -31.34 -3.62 -24.95
C THR E 147 -32.78 -3.96 -24.57
N ASP E 148 -33.13 -5.25 -24.50
CA ASP E 148 -34.48 -5.67 -24.16
C ASP E 148 -34.74 -5.52 -22.65
N ASN E 149 -33.85 -6.07 -21.82
CA ASN E 149 -33.85 -5.82 -20.38
C ASN E 149 -32.55 -5.14 -20.04
N ALA E 150 -32.63 -4.01 -19.33
CA ALA E 150 -31.44 -3.22 -19.04
C ALA E 150 -30.41 -3.98 -18.21
N ALA E 151 -30.71 -5.18 -17.72
CA ALA E 151 -29.81 -5.90 -16.84
C ALA E 151 -28.54 -6.36 -17.56
N PHE E 152 -27.46 -6.45 -16.79
CA PHE E 152 -26.20 -7.06 -17.23
C PHE E 152 -25.92 -8.25 -16.31
N PRO E 153 -26.06 -9.48 -16.80
CA PRO E 153 -25.88 -10.65 -15.91
C PRO E 153 -24.43 -10.86 -15.53
N GLN E 154 -24.21 -11.25 -14.28
CA GLN E 154 -22.88 -11.66 -13.85
C GLN E 154 -22.36 -12.78 -14.74
N MET E 155 -21.14 -12.60 -15.25
CA MET E 155 -20.47 -13.55 -16.12
C MET E 155 -19.16 -13.99 -15.50
N THR E 156 -18.49 -14.92 -16.19
CA THR E 156 -17.17 -15.39 -15.79
C THR E 156 -16.48 -15.88 -17.05
N LYS E 157 -15.27 -15.38 -17.29
CA LYS E 157 -14.45 -15.76 -18.43
C LYS E 157 -13.04 -16.06 -17.96
N SER E 158 -12.40 -17.06 -18.58
CA SER E 158 -11.10 -17.52 -18.11
C SER E 158 -10.17 -17.82 -19.28
N TYR E 159 -8.90 -17.44 -19.13
CA TYR E 159 -7.89 -17.65 -20.16
C TYR E 159 -6.70 -18.39 -19.55
N LYS E 160 -6.34 -19.53 -20.15
CA LYS E 160 -5.16 -20.29 -19.76
C LYS E 160 -4.04 -20.00 -20.76
N ASN E 161 -2.85 -19.70 -20.25
CA ASN E 161 -1.69 -19.44 -21.10
C ASN E 161 -1.07 -20.77 -21.50
N THR E 162 -1.35 -21.22 -22.73
CA THR E 162 -0.84 -22.48 -23.26
C THR E 162 0.58 -22.38 -23.79
N ARG E 163 1.18 -21.19 -23.77
CA ARG E 163 2.43 -20.93 -24.48
C ARG E 163 3.62 -20.90 -23.52
N LYS E 164 4.80 -21.02 -24.10
CA LYS E 164 6.03 -21.19 -23.34
C LYS E 164 6.49 -19.92 -22.64
N SER E 165 5.91 -18.76 -22.96
CA SER E 165 6.38 -17.48 -22.50
C SER E 165 5.30 -16.75 -21.69
N PRO E 166 5.71 -15.85 -20.78
CA PRO E 166 4.72 -15.08 -20.02
C PRO E 166 3.84 -14.24 -20.94
N ALA E 167 2.55 -14.21 -20.62
CA ALA E 167 1.55 -13.48 -21.40
C ALA E 167 1.19 -12.17 -20.72
N LEU E 168 1.21 -11.09 -21.48
CA LEU E 168 0.77 -9.80 -20.97
C LEU E 168 -0.74 -9.70 -21.14
N ILE E 169 -1.45 -9.57 -20.03
CA ILE E 169 -2.91 -9.51 -20.01
C ILE E 169 -3.34 -8.13 -19.53
N VAL E 170 -4.17 -7.46 -20.32
CA VAL E 170 -4.61 -6.10 -19.99
C VAL E 170 -6.14 -6.03 -20.04
N TRP E 171 -6.75 -5.49 -19.00
CA TRP E 171 -8.18 -5.22 -18.95
C TRP E 171 -8.40 -3.78 -18.48
N GLY E 172 -9.67 -3.41 -18.38
CA GLY E 172 -9.99 -2.04 -18.03
C GLY E 172 -11.33 -1.87 -17.34
N ILE E 173 -11.40 -0.95 -16.37
CA ILE E 173 -12.65 -0.63 -15.68
C ILE E 173 -13.15 0.70 -16.20
N HIS E 174 -14.47 0.84 -16.27
CA HIS E 174 -15.10 2.04 -16.80
C HIS E 174 -15.71 2.85 -15.67
N HIS E 175 -15.13 4.01 -15.38
CA HIS E 175 -15.69 4.96 -14.41
C HIS E 175 -16.63 5.90 -15.18
N SER E 176 -17.93 5.65 -15.04
CA SER E 176 -18.93 6.35 -15.84
C SER E 176 -19.09 7.81 -15.39
N VAL E 177 -19.76 8.61 -16.23
CA VAL E 177 -19.90 10.05 -15.98
C VAL E 177 -20.75 10.33 -14.75
N SER E 178 -21.66 9.41 -14.39
CA SER E 178 -22.52 9.61 -13.23
C SER E 178 -23.16 8.27 -12.88
N THR E 179 -23.73 8.21 -11.67
CA THR E 179 -24.42 7.00 -11.25
C THR E 179 -25.55 6.65 -12.21
N ALA E 180 -26.22 7.66 -12.76
CA ALA E 180 -27.35 7.49 -13.67
C ALA E 180 -26.93 7.16 -15.09
N GLU E 181 -25.64 7.15 -15.38
CA GLU E 181 -25.18 6.68 -16.68
C GLU E 181 -24.79 5.20 -16.64
N GLN E 182 -24.15 4.75 -15.54
CA GLN E 182 -23.94 3.32 -15.36
C GLN E 182 -25.25 2.57 -15.52
N THR E 183 -26.25 2.96 -14.71
CA THR E 183 -27.57 2.35 -14.75
C THR E 183 -28.22 2.47 -16.13
N LYS E 184 -27.68 3.32 -17.00
CA LYS E 184 -28.11 3.38 -18.40
C LYS E 184 -27.30 2.42 -19.27
N LEU E 185 -25.98 2.45 -19.13
CA LEU E 185 -25.12 1.56 -19.90
C LEU E 185 -25.17 0.13 -19.37
N TYR E 186 -25.36 -0.03 -18.06
CA TYR E 186 -25.33 -1.34 -17.40
C TYR E 186 -26.57 -1.49 -16.52
N GLY E 187 -26.77 -2.71 -16.03
CA GLY E 187 -27.95 -2.96 -15.20
C GLY E 187 -27.92 -2.13 -13.93
N SER E 188 -29.09 -1.62 -13.56
CA SER E 188 -29.23 -0.95 -12.26
C SER E 188 -28.75 -1.87 -11.14
N GLY E 189 -27.98 -1.31 -10.22
CA GLY E 189 -27.46 -2.05 -9.10
C GLY E 189 -25.94 -1.92 -9.01
N ASN E 190 -25.42 -2.48 -7.91
CA ASN E 190 -23.98 -2.44 -7.66
C ASN E 190 -23.24 -3.24 -8.72
N LYS E 191 -22.29 -2.61 -9.39
CA LYS E 191 -21.45 -3.27 -10.37
C LYS E 191 -20.12 -3.66 -9.74
N LEU E 192 -19.62 -4.83 -10.13
CA LEU E 192 -18.43 -5.40 -9.52
C LEU E 192 -17.64 -6.18 -10.56
N VAL E 193 -16.36 -5.83 -10.72
CA VAL E 193 -15.42 -6.58 -11.54
C VAL E 193 -14.34 -7.13 -10.61
N THR E 194 -14.09 -8.43 -10.71
CA THR E 194 -13.06 -9.03 -9.86
C THR E 194 -12.31 -10.07 -10.69
N VAL E 195 -11.01 -9.84 -10.89
CA VAL E 195 -10.16 -10.70 -11.71
C VAL E 195 -9.14 -11.39 -10.82
N GLY E 196 -8.58 -12.49 -11.32
CA GLY E 196 -7.64 -13.24 -10.53
C GLY E 196 -6.90 -14.34 -11.27
N SER E 197 -5.62 -14.51 -10.92
CA SER E 197 -4.82 -15.66 -11.35
C SER E 197 -4.16 -16.32 -10.14
N SER E 198 -3.26 -17.27 -10.40
CA SER E 198 -2.55 -17.92 -9.29
C SER E 198 -1.64 -16.96 -8.56
N ASN E 199 -1.19 -15.89 -9.21
CA ASN E 199 -0.29 -14.94 -8.59
C ASN E 199 -0.93 -13.58 -8.29
N TYR E 200 -2.15 -13.32 -8.77
CA TYR E 200 -2.74 -11.99 -8.73
C TYR E 200 -4.21 -12.10 -8.36
N GLN E 201 -4.58 -11.46 -7.25
CA GLN E 201 -5.98 -11.27 -6.88
C GLN E 201 -6.22 -9.77 -6.75
N GLN E 202 -7.38 -9.33 -7.22
CA GLN E 202 -7.76 -7.93 -7.09
C GLN E 202 -9.22 -7.76 -7.48
N SER E 203 -9.93 -6.96 -6.69
CA SER E 203 -11.32 -6.64 -6.96
C SER E 203 -11.41 -5.19 -7.45
N PHE E 204 -12.47 -4.91 -8.22
CA PHE E 204 -12.67 -3.58 -8.82
C PHE E 204 -14.13 -3.17 -8.72
N VAL E 205 -14.37 -1.99 -8.15
CA VAL E 205 -15.71 -1.40 -8.12
C VAL E 205 -15.60 -0.02 -8.76
N PRO E 206 -16.39 0.28 -9.80
CA PRO E 206 -16.24 1.56 -10.51
C PRO E 206 -16.56 2.76 -9.63
N SER E 207 -16.03 3.91 -10.05
CA SER E 207 -16.14 5.17 -9.32
C SER E 207 -16.77 6.20 -10.26
N PRO E 208 -18.08 6.13 -10.47
CA PRO E 208 -18.72 7.09 -11.40
C PRO E 208 -18.63 8.50 -10.87
N GLY E 209 -18.26 9.43 -11.74
CA GLY E 209 -18.06 10.81 -11.34
C GLY E 209 -17.83 11.68 -12.55
N ALA E 210 -17.65 12.97 -12.27
CA ALA E 210 -17.40 13.98 -13.30
C ALA E 210 -15.92 14.32 -13.36
N ARG E 211 -15.36 14.28 -14.56
CA ARG E 211 -13.96 14.59 -14.79
C ARG E 211 -13.88 15.58 -15.95
N PRO E 212 -12.79 16.36 -16.03
CA PRO E 212 -12.64 17.29 -17.15
C PRO E 212 -12.68 16.57 -18.49
N GLN E 213 -13.30 17.21 -19.47
CA GLN E 213 -13.53 16.57 -20.75
C GLN E 213 -12.22 16.42 -21.52
N VAL E 214 -11.88 15.18 -21.86
CA VAL E 214 -10.74 14.88 -22.71
C VAL E 214 -11.25 14.07 -23.90
N ASN E 215 -10.96 14.55 -25.11
CA ASN E 215 -11.59 14.03 -26.32
C ASN E 215 -13.12 14.11 -26.20
N GLY E 216 -13.61 15.23 -25.65
CA GLY E 216 -15.02 15.48 -25.48
C GLY E 216 -15.71 14.65 -24.42
N LEU E 217 -15.06 13.58 -23.92
CA LEU E 217 -15.68 12.67 -22.98
C LEU E 217 -15.28 13.00 -21.54
N SER E 218 -16.23 12.81 -20.61
CA SER E 218 -16.02 13.13 -19.21
C SER E 218 -15.79 11.90 -18.35
N GLY E 219 -15.98 10.69 -18.88
CA GLY E 219 -15.66 9.50 -18.13
C GLY E 219 -14.19 9.13 -18.26
N ARG E 220 -13.80 8.10 -17.51
CA ARG E 220 -12.40 7.66 -17.52
C ARG E 220 -12.37 6.14 -17.53
N ILE E 221 -11.30 5.59 -18.12
CA ILE E 221 -11.05 4.16 -18.16
C ILE E 221 -9.76 3.86 -17.42
N ASP E 222 -9.83 2.99 -16.41
CA ASP E 222 -8.64 2.58 -15.67
C ASP E 222 -8.10 1.31 -16.30
N PHE E 223 -6.94 1.41 -16.94
CA PHE E 223 -6.31 0.26 -17.57
C PHE E 223 -5.42 -0.46 -16.56
N HIS E 224 -5.66 -1.76 -16.39
CA HIS E 224 -4.87 -2.60 -15.50
C HIS E 224 -4.17 -3.67 -16.31
N TRP E 225 -3.07 -4.17 -15.76
CA TRP E 225 -2.32 -5.23 -16.43
C TRP E 225 -1.68 -6.16 -15.42
N LEU E 226 -1.49 -7.40 -15.86
CA LEU E 226 -0.70 -8.37 -15.12
C LEU E 226 -0.03 -9.27 -16.15
N MET E 227 0.94 -10.06 -15.70
CA MET E 227 1.64 -10.96 -16.61
C MET E 227 1.39 -12.41 -16.20
N LEU E 228 0.48 -13.07 -16.91
CA LEU E 228 0.25 -14.51 -16.72
C LEU E 228 1.52 -15.32 -16.90
N ASN E 229 1.67 -16.34 -16.09
CA ASN E 229 2.80 -17.24 -16.22
C ASN E 229 2.45 -18.41 -17.11
N PRO E 230 3.45 -19.11 -17.65
CA PRO E 230 3.15 -20.32 -18.45
C PRO E 230 2.31 -21.31 -17.65
N ASN E 231 1.30 -21.87 -18.32
CA ASN E 231 0.33 -22.82 -17.79
C ASN E 231 -0.65 -22.22 -16.78
N ASP E 232 -0.55 -20.94 -16.47
CA ASP E 232 -1.45 -20.35 -15.49
C ASP E 232 -2.71 -19.82 -16.16
N THR E 233 -3.78 -19.75 -15.38
CA THR E 233 -5.09 -19.33 -15.84
C THR E 233 -5.52 -18.08 -15.08
N VAL E 234 -5.96 -17.06 -15.81
CA VAL E 234 -6.58 -15.87 -15.23
C VAL E 234 -8.08 -15.98 -15.41
N THR E 235 -8.84 -15.42 -14.46
CA THR E 235 -10.29 -15.57 -14.45
C THR E 235 -10.93 -14.22 -14.15
N PHE E 236 -11.77 -13.76 -15.07
CA PHE E 236 -12.54 -12.54 -14.90
C PHE E 236 -13.97 -12.90 -14.49
N SER E 237 -14.52 -12.17 -13.53
CA SER E 237 -15.93 -12.30 -13.21
C SER E 237 -16.45 -10.91 -12.96
N PHE E 238 -17.55 -10.57 -13.61
CA PHE E 238 -17.98 -9.18 -13.70
C PHE E 238 -19.48 -9.12 -13.99
N ASN E 239 -20.11 -8.02 -13.59
CA ASN E 239 -21.50 -7.73 -13.94
C ASN E 239 -21.65 -6.37 -14.61
N GLY E 240 -20.59 -5.86 -15.23
CA GLY E 240 -20.67 -4.56 -15.89
C GLY E 240 -19.49 -3.64 -15.66
N ALA E 241 -19.48 -2.50 -16.37
CA ALA E 241 -18.40 -1.51 -16.30
C ALA E 241 -17.05 -2.17 -16.55
N PHE E 242 -17.04 -3.13 -17.47
CA PHE E 242 -15.84 -3.90 -17.79
C PHE E 242 -15.40 -3.67 -19.23
N ILE E 243 -14.10 -3.50 -19.42
CA ILE E 243 -13.50 -3.38 -20.75
C ILE E 243 -12.71 -4.67 -20.96
N ALA E 244 -13.34 -5.65 -21.60
CA ALA E 244 -12.79 -7.00 -21.63
C ALA E 244 -11.71 -7.12 -22.72
N PRO E 245 -10.57 -7.74 -22.42
CA PRO E 245 -9.57 -7.99 -23.46
C PRO E 245 -10.04 -9.03 -24.47
N ASP E 246 -9.51 -8.92 -25.69
CA ASP E 246 -9.79 -9.88 -26.73
C ASP E 246 -8.57 -10.66 -27.15
N ARG E 247 -7.37 -10.15 -26.89
CA ARG E 247 -6.13 -10.77 -27.34
C ARG E 247 -5.05 -10.58 -26.28
N ALA E 248 -4.27 -11.63 -26.04
CA ALA E 248 -3.10 -11.58 -25.17
C ALA E 248 -1.89 -11.04 -25.96
N SER E 249 -0.81 -10.74 -25.23
CA SER E 249 0.36 -10.12 -25.82
C SER E 249 1.60 -10.84 -25.33
N PHE E 250 2.38 -11.40 -26.26
CA PHE E 250 3.62 -12.07 -25.94
C PHE E 250 4.82 -11.29 -26.49
N LEU E 251 5.88 -11.19 -25.69
CA LEU E 251 7.06 -10.46 -26.12
C LEU E 251 7.88 -11.29 -27.10
N ARG E 252 8.38 -10.63 -28.15
CA ARG E 252 9.05 -11.36 -29.24
C ARG E 252 10.50 -11.67 -28.92
N GLY E 253 11.24 -10.69 -28.41
CA GLY E 253 12.68 -10.85 -28.27
C GLY E 253 13.30 -9.74 -27.47
N LYS E 254 14.39 -9.18 -27.98
CA LYS E 254 15.14 -8.13 -27.32
C LYS E 254 15.24 -6.92 -28.23
N SER E 255 15.13 -5.74 -27.65
CA SER E 255 15.27 -4.50 -28.40
C SER E 255 15.65 -3.38 -27.44
N MET E 256 15.67 -2.15 -27.95
CA MET E 256 15.90 -0.97 -27.13
C MET E 256 14.99 0.14 -27.61
N GLY E 257 14.20 0.71 -26.69
CA GLY E 257 13.44 1.90 -26.98
C GLY E 257 14.23 3.17 -26.71
N ILE E 258 13.94 4.23 -27.47
CA ILE E 258 14.52 5.56 -27.27
C ILE E 258 13.42 6.60 -27.40
N GLN E 259 13.74 7.82 -26.99
CA GLN E 259 12.83 8.96 -27.10
C GLN E 259 13.54 10.04 -27.89
N SER E 260 12.88 10.55 -28.91
CA SER E 260 13.58 11.44 -29.84
C SER E 260 12.59 12.36 -30.55
N GLY E 261 13.13 13.40 -31.16
CA GLY E 261 12.31 14.29 -31.95
C GLY E 261 12.94 14.66 -33.28
N VAL E 262 13.78 13.76 -33.81
CA VAL E 262 14.51 14.05 -35.04
C VAL E 262 14.21 12.96 -36.07
N GLN E 263 14.49 13.29 -37.33
CA GLN E 263 14.17 12.41 -38.44
C GLN E 263 15.00 11.12 -38.39
N VAL E 264 14.38 10.02 -38.85
CA VAL E 264 15.12 8.78 -39.00
C VAL E 264 16.04 8.89 -40.23
N ASP E 265 17.16 8.19 -40.18
CA ASP E 265 18.10 8.16 -41.30
C ASP E 265 18.76 6.80 -41.38
N ALA E 266 18.76 6.20 -42.57
CA ALA E 266 19.44 4.93 -42.78
C ALA E 266 20.80 5.11 -43.45
N ASN E 267 21.28 6.34 -43.55
CA ASN E 267 22.60 6.61 -44.11
C ASN E 267 23.70 6.52 -43.07
N CYS E 268 23.49 7.11 -41.89
CA CYS E 268 24.44 7.01 -40.80
C CYS E 268 24.09 5.83 -39.90
N GLU E 269 25.10 5.34 -39.18
CA GLU E 269 24.98 4.14 -38.35
C GLU E 269 25.64 4.44 -37.01
N GLY E 270 24.82 4.56 -35.95
CA GLY E 270 25.34 4.81 -34.62
C GLY E 270 24.65 3.92 -33.62
N ASP E 271 25.24 3.86 -32.41
CA ASP E 271 24.72 3.05 -31.31
C ASP E 271 24.39 3.86 -30.05
N CYS E 272 24.50 5.18 -30.09
CA CYS E 272 24.29 6.02 -28.93
C CYS E 272 23.26 7.06 -29.31
N TYR E 273 22.09 7.02 -28.65
CA TYR E 273 20.96 7.87 -29.00
C TYR E 273 20.58 8.77 -27.84
N HIS E 274 20.17 9.99 -28.16
CA HIS E 274 19.49 10.88 -27.22
C HIS E 274 18.34 11.55 -27.94
N SER E 275 17.59 12.37 -27.20
CA SER E 275 16.40 12.98 -27.78
C SER E 275 16.75 13.87 -28.98
N GLY E 276 17.95 14.45 -28.98
CA GLY E 276 18.37 15.37 -30.01
C GLY E 276 19.15 14.77 -31.16
N GLY E 277 19.24 13.45 -31.26
CA GLY E 277 19.97 12.87 -32.36
C GLY E 277 20.76 11.63 -31.98
N THR E 278 21.89 11.43 -32.66
CA THR E 278 22.74 10.26 -32.47
C THR E 278 24.18 10.72 -32.28
N ILE E 279 24.86 10.10 -31.32
CA ILE E 279 26.26 10.41 -31.05
C ILE E 279 27.11 9.32 -31.70
N ILE E 280 27.86 9.69 -32.73
CA ILE E 280 28.75 8.79 -33.44
C ILE E 280 30.16 9.29 -33.18
N SER E 281 30.88 8.60 -32.29
CA SER E 281 32.20 9.05 -31.89
C SER E 281 32.99 7.91 -31.29
N ASN E 282 34.31 7.95 -31.51
CA ASN E 282 35.23 6.99 -30.90
C ASN E 282 35.81 7.48 -29.58
N LEU E 283 35.57 8.75 -29.24
CA LEU E 283 36.12 9.32 -28.03
C LEU E 283 35.51 8.65 -26.79
N PRO E 284 36.24 8.72 -25.64
CA PRO E 284 35.75 8.07 -24.41
C PRO E 284 34.71 8.90 -23.65
N PHE E 285 34.77 10.22 -23.81
CA PHE E 285 33.88 11.10 -23.08
C PHE E 285 33.04 11.92 -24.04
N GLN E 286 31.96 12.49 -23.51
CA GLN E 286 31.01 13.26 -24.31
C GLN E 286 30.30 14.24 -23.39
N ASN E 287 30.01 15.43 -23.93
CA ASN E 287 29.43 16.53 -23.18
C ASN E 287 28.02 16.89 -23.66
N ILE E 288 27.41 16.00 -24.45
CA ILE E 288 26.19 16.34 -25.19
C ILE E 288 24.95 16.16 -24.32
N ASP E 289 24.78 14.97 -23.72
CA ASP E 289 23.58 14.69 -22.94
C ASP E 289 23.91 13.57 -21.96
N SER E 290 23.46 13.72 -20.70
CA SER E 290 23.74 12.73 -19.67
C SER E 290 22.78 11.55 -19.70
N ARG E 291 21.60 11.68 -20.31
CA ARG E 291 20.62 10.60 -20.41
C ARG E 291 20.70 9.87 -21.77
N ALA E 292 21.80 10.01 -22.50
CA ALA E 292 21.97 9.26 -23.73
C ALA E 292 21.94 7.76 -23.45
N VAL E 293 21.38 7.00 -24.40
CA VAL E 293 21.15 5.58 -24.20
C VAL E 293 21.83 4.78 -25.31
N GLY E 294 22.07 3.49 -25.00
CA GLY E 294 22.82 2.61 -25.86
C GLY E 294 24.28 2.56 -25.45
N LYS E 295 25.12 2.19 -26.42
CA LYS E 295 26.56 2.11 -26.20
C LYS E 295 27.15 3.50 -26.40
N CYS E 296 27.26 4.26 -25.31
CA CYS E 296 27.66 5.66 -25.33
C CYS E 296 28.98 5.88 -24.63
N PRO E 297 29.69 6.96 -24.96
CA PRO E 297 30.76 7.44 -24.08
C PRO E 297 30.17 7.99 -22.79
N ARG E 298 31.03 8.17 -21.80
CA ARG E 298 30.57 8.65 -20.50
C ARG E 298 30.32 10.16 -20.54
N TYR E 299 29.12 10.58 -20.15
CA TYR E 299 28.89 12.00 -20.00
C TYR E 299 29.85 12.58 -18.96
N VAL E 300 30.50 13.68 -19.32
CA VAL E 300 31.28 14.48 -18.37
C VAL E 300 30.77 15.91 -18.44
N LYS E 301 31.05 16.68 -17.39
CA LYS E 301 30.61 18.07 -17.39
C LYS E 301 31.50 18.95 -18.25
N GLN E 302 32.77 18.58 -18.41
CA GLN E 302 33.75 19.44 -19.06
C GLN E 302 33.49 19.58 -20.54
N ARG E 303 33.51 20.82 -21.03
CA ARG E 303 33.29 21.09 -22.45
C ARG E 303 34.37 20.46 -23.32
N SER E 304 35.61 20.44 -22.84
CA SER E 304 36.74 19.91 -23.59
C SER E 304 37.86 19.50 -22.64
N LEU E 305 38.56 18.41 -22.97
CA LEU E 305 39.72 17.95 -22.22
C LEU E 305 40.79 17.56 -23.24
N LEU E 306 41.79 18.41 -23.42
CA LEU E 306 42.81 18.16 -24.44
C LEU E 306 43.89 17.21 -23.93
N LEU E 307 44.20 16.19 -24.74
CA LEU E 307 45.21 15.17 -24.45
C LEU E 307 46.41 15.44 -25.34
N ALA E 308 47.52 15.83 -24.72
CA ALA E 308 48.74 16.14 -25.47
C ALA E 308 49.27 14.90 -26.19
N THR E 309 49.54 15.06 -27.49
CA THR E 309 50.13 13.99 -28.31
C THR E 309 51.49 14.41 -28.86
N GLY E 310 52.12 15.42 -28.25
CA GLY E 310 53.44 15.85 -28.64
C GLY E 310 54.22 16.30 -27.42
N MET E 311 55.41 16.82 -27.66
CA MET E 311 56.29 17.28 -26.60
C MET E 311 55.94 18.72 -26.17
N LYS E 312 56.73 19.24 -25.24
CA LYS E 312 56.67 20.66 -24.92
C LYS E 312 56.95 21.50 -26.16
N ASN E 313 56.32 22.66 -26.23
CA ASN E 313 56.57 23.61 -27.31
C ASN E 313 57.44 24.74 -26.78
N VAL E 314 58.70 24.77 -27.21
CA VAL E 314 59.60 25.89 -26.98
C VAL E 314 60.02 26.43 -28.35
N PRO E 315 59.39 27.50 -28.83
CA PRO E 315 59.79 28.08 -30.11
C PRO E 315 61.05 28.94 -29.98
N GLU E 316 61.42 29.61 -31.06
CA GLU E 316 62.58 30.50 -31.05
C GLU E 316 62.13 31.93 -30.71
N GLY F 1 58.80 17.89 -17.10
CA GLY F 1 60.16 18.37 -17.27
C GLY F 1 61.13 17.81 -16.24
N LEU F 2 61.06 16.50 -16.01
CA LEU F 2 61.82 15.88 -14.94
C LEU F 2 63.27 15.63 -15.30
N PHE F 3 63.65 15.70 -16.58
CA PHE F 3 65.01 15.38 -16.99
C PHE F 3 65.79 16.60 -17.47
N GLY F 4 65.22 17.80 -17.36
CA GLY F 4 65.84 18.91 -18.06
C GLY F 4 65.72 18.69 -19.56
N ALA F 5 66.58 19.38 -20.30
CA ALA F 5 66.76 19.16 -21.73
C ALA F 5 65.61 19.58 -22.65
N ILE F 6 64.47 20.03 -22.13
CA ILE F 6 63.45 20.68 -22.96
C ILE F 6 63.25 22.15 -22.56
N ALA F 7 63.02 22.40 -21.27
CA ALA F 7 63.25 23.72 -20.72
C ALA F 7 64.62 23.80 -20.05
N GLY F 8 65.37 22.70 -20.03
CA GLY F 8 66.64 22.61 -19.35
C GLY F 8 67.76 23.19 -20.17
N PHE F 9 68.88 22.48 -20.25
CA PHE F 9 70.06 23.02 -20.92
C PHE F 9 69.80 23.29 -22.39
N ILE F 10 68.88 22.55 -23.00
CA ILE F 10 68.52 22.83 -24.38
C ILE F 10 67.77 24.16 -24.42
N GLU F 11 68.37 25.16 -25.06
CA GLU F 11 67.81 26.52 -25.07
C GLU F 11 66.38 26.53 -25.60
N ASN F 12 66.19 26.11 -26.85
CA ASN F 12 64.90 26.20 -27.49
C ASN F 12 64.79 25.14 -28.57
N GLY F 13 63.57 24.86 -28.97
CA GLY F 13 63.37 23.93 -30.06
C GLY F 13 63.75 24.54 -31.39
N TRP F 14 63.92 23.66 -32.37
CA TRP F 14 64.20 24.05 -33.75
C TRP F 14 62.91 23.92 -34.56
N GLU F 15 62.35 25.07 -34.99
CA GLU F 15 61.15 25.04 -35.82
C GLU F 15 61.44 24.48 -37.21
N GLY F 16 62.69 24.58 -37.67
CA GLY F 16 63.06 24.07 -38.98
C GLY F 16 63.11 22.56 -39.07
N LEU F 17 63.29 21.86 -37.94
CA LEU F 17 63.39 20.41 -37.94
C LEU F 17 62.01 19.82 -38.16
N ILE F 18 61.70 19.54 -39.43
CA ILE F 18 60.41 18.97 -39.82
C ILE F 18 60.53 17.51 -40.23
N ASP F 19 61.72 16.94 -40.15
CA ASP F 19 61.93 15.55 -40.55
C ASP F 19 61.37 14.60 -39.48
N GLY F 20 61.87 14.73 -38.25
CA GLY F 20 61.38 14.00 -37.11
C GLY F 20 61.12 14.93 -35.93
N TRP F 21 61.31 14.36 -34.73
CA TRP F 21 61.12 15.10 -33.48
C TRP F 21 62.45 15.51 -32.85
N TYR F 22 63.43 14.64 -32.83
CA TYR F 22 64.77 14.95 -32.34
C TYR F 22 65.75 14.84 -33.50
N GLY F 23 66.87 15.54 -33.39
CA GLY F 23 67.81 15.47 -34.48
C GLY F 23 69.15 16.09 -34.15
N PHE F 24 70.07 15.97 -35.11
CA PHE F 24 71.40 16.54 -35.04
C PHE F 24 71.47 17.80 -35.90
N ARG F 25 72.27 18.76 -35.44
CA ARG F 25 72.64 19.94 -36.22
C ARG F 25 74.15 20.14 -36.08
N HIS F 26 74.90 19.83 -37.14
CA HIS F 26 76.36 19.86 -37.10
C HIS F 26 76.90 21.11 -37.78
N GLN F 27 78.07 21.53 -37.31
CA GLN F 27 78.79 22.68 -37.86
C GLN F 27 80.26 22.31 -38.04
N ASN F 28 80.75 22.37 -39.28
CA ASN F 28 82.15 22.09 -39.55
C ASN F 28 82.56 22.87 -40.81
N ALA F 29 83.81 22.65 -41.26
CA ALA F 29 84.36 23.45 -42.35
C ALA F 29 83.65 23.18 -43.67
N GLN F 30 83.20 21.95 -43.90
CA GLN F 30 82.46 21.64 -45.12
C GLN F 30 81.10 22.33 -45.19
N GLY F 31 80.67 23.02 -44.14
CA GLY F 31 79.43 23.77 -44.18
C GLY F 31 78.52 23.50 -43.00
N GLU F 32 77.21 23.41 -43.28
CA GLU F 32 76.19 23.24 -42.26
C GLU F 32 75.33 22.03 -42.58
N GLY F 33 74.62 21.55 -41.57
CA GLY F 33 73.76 20.39 -41.73
C GLY F 33 72.78 20.23 -40.59
N THR F 34 71.64 19.60 -40.88
CA THR F 34 70.61 19.30 -39.89
C THR F 34 69.81 18.11 -40.38
N ALA F 35 69.68 17.08 -39.53
CA ALA F 35 68.96 15.87 -39.88
C ALA F 35 68.29 15.30 -38.62
N ALA F 36 67.36 14.36 -38.84
CA ALA F 36 66.60 13.75 -37.75
C ALA F 36 67.24 12.45 -37.27
N ASP F 37 66.74 11.96 -36.13
CA ASP F 37 67.14 10.66 -35.60
C ASP F 37 65.90 9.78 -35.54
N TYR F 38 65.93 8.68 -36.30
CA TYR F 38 64.77 7.80 -36.38
C TYR F 38 64.52 7.09 -35.06
N LYS F 39 65.58 6.62 -34.39
CA LYS F 39 65.42 5.80 -33.20
C LYS F 39 64.70 6.56 -32.08
N SER F 40 65.19 7.76 -31.73
CA SER F 40 64.56 8.51 -30.64
C SER F 40 63.18 9.00 -31.05
N THR F 41 63.07 9.53 -32.26
CA THR F 41 61.79 10.10 -32.70
C THR F 41 60.72 9.02 -32.73
N GLN F 42 61.01 7.89 -33.38
CA GLN F 42 60.00 6.84 -33.50
C GLN F 42 59.70 6.18 -32.16
N SER F 43 60.64 6.22 -31.21
CA SER F 43 60.39 5.58 -29.92
C SER F 43 59.50 6.41 -29.00
N ALA F 44 59.31 7.69 -29.31
CA ALA F 44 58.35 8.51 -28.57
C ALA F 44 56.98 8.47 -29.24
N ILE F 45 56.98 8.60 -30.56
CA ILE F 45 55.75 8.47 -31.35
C ILE F 45 55.06 7.15 -31.05
N ASP F 46 55.83 6.06 -31.03
CA ASP F 46 55.28 4.75 -30.75
C ASP F 46 54.61 4.73 -29.39
N GLN F 47 55.20 5.42 -28.41
CA GLN F 47 54.60 5.49 -27.09
C GLN F 47 53.35 6.35 -27.10
N ILE F 48 53.44 7.59 -27.60
CA ILE F 48 52.28 8.46 -27.66
C ILE F 48 51.12 7.76 -28.37
N THR F 49 51.44 7.01 -29.43
CA THR F 49 50.41 6.24 -30.13
C THR F 49 49.79 5.19 -29.22
N GLY F 50 50.61 4.48 -28.44
CA GLY F 50 50.07 3.49 -27.53
C GLY F 50 49.08 4.07 -26.54
N LYS F 51 49.26 5.32 -26.12
CA LYS F 51 48.28 5.95 -25.26
C LYS F 51 46.95 6.13 -25.98
N LEU F 52 47.00 6.53 -27.26
CA LEU F 52 45.77 6.79 -28.00
C LEU F 52 44.96 5.52 -28.18
N ASN F 53 45.63 4.39 -28.46
CA ASN F 53 44.94 3.10 -28.57
C ASN F 53 44.38 2.63 -27.24
N ARG F 54 44.71 3.30 -26.14
CA ARG F 54 44.19 2.91 -24.84
C ARG F 54 42.91 3.65 -24.46
N LEU F 55 42.72 4.88 -24.95
CA LEU F 55 41.52 5.67 -24.66
C LEU F 55 40.55 5.70 -25.84
N ILE F 56 41.07 5.94 -27.05
CA ILE F 56 40.24 6.02 -28.24
C ILE F 56 39.67 4.65 -28.59
N GLU F 57 38.45 4.65 -29.13
CA GLU F 57 37.83 3.46 -29.67
C GLU F 57 37.76 2.36 -28.63
N LYS F 58 37.04 2.65 -27.54
CA LYS F 58 36.74 1.64 -26.53
C LYS F 58 35.24 1.56 -26.34
N THR F 59 34.71 0.35 -26.46
CA THR F 59 33.28 0.10 -26.35
C THR F 59 32.86 0.11 -24.88
N ASN F 60 31.58 0.38 -24.66
CA ASN F 60 31.01 0.42 -23.33
C ASN F 60 29.76 -0.43 -23.31
N GLN F 61 29.24 -0.68 -22.11
CA GLN F 61 28.05 -1.50 -21.97
C GLN F 61 26.83 -0.78 -22.55
N GLN F 62 25.79 -1.55 -22.81
CA GLN F 62 24.52 -0.96 -23.23
C GLN F 62 23.77 -0.46 -22.01
N PHE F 63 23.33 0.79 -22.04
CA PHE F 63 22.47 1.35 -21.01
C PHE F 63 21.14 1.72 -21.63
N GLU F 64 20.05 1.30 -21.00
CA GLU F 64 18.71 1.60 -21.46
C GLU F 64 18.12 2.74 -20.64
N LEU F 65 16.84 3.01 -20.84
CA LEU F 65 16.16 4.11 -20.17
C LEU F 65 15.56 3.68 -18.84
N ILE F 66 15.75 4.51 -17.82
CA ILE F 66 14.95 4.46 -16.61
C ILE F 66 14.17 5.75 -16.36
N ASP F 67 14.37 6.79 -17.16
CA ASP F 67 13.67 8.05 -17.06
C ASP F 67 12.58 8.14 -18.12
N ASN F 68 12.01 9.34 -18.27
CA ASN F 68 11.10 9.64 -19.36
C ASN F 68 11.08 11.15 -19.56
N GLU F 69 11.33 11.61 -20.80
CA GLU F 69 11.28 13.04 -21.08
C GLU F 69 9.85 13.53 -21.18
N PHE F 70 8.97 12.72 -21.76
CA PHE F 70 7.61 13.16 -22.10
C PHE F 70 6.65 12.93 -20.93
N ASN F 71 6.47 11.69 -20.53
CA ASN F 71 5.55 11.32 -19.47
C ASN F 71 6.37 11.11 -18.19
N GLU F 72 6.55 12.20 -17.43
CA GLU F 72 7.48 12.21 -16.31
C GLU F 72 7.14 11.12 -15.30
N VAL F 73 8.18 10.58 -14.66
CA VAL F 73 8.06 9.48 -13.68
C VAL F 73 7.63 10.06 -12.34
N GLU F 74 7.25 9.18 -11.40
CA GLU F 74 6.87 9.63 -10.07
C GLU F 74 8.07 10.34 -9.42
N LYS F 75 7.77 11.32 -8.56
CA LYS F 75 8.84 12.20 -8.11
C LYS F 75 9.84 11.49 -7.22
N GLN F 76 9.37 10.72 -6.25
CA GLN F 76 10.29 10.14 -5.28
C GLN F 76 11.33 9.26 -5.95
N ILE F 77 10.92 8.45 -6.92
CA ILE F 77 11.89 7.66 -7.69
C ILE F 77 12.68 8.55 -8.66
N GLY F 78 12.11 9.67 -9.08
CA GLY F 78 12.85 10.55 -9.98
C GLY F 78 14.05 11.20 -9.32
N ASN F 79 13.85 11.78 -8.13
CA ASN F 79 14.95 12.44 -7.41
C ASN F 79 16.04 11.44 -7.03
N VAL F 80 15.69 10.16 -6.84
CA VAL F 80 16.72 9.15 -6.61
C VAL F 80 17.51 8.87 -7.89
N ILE F 81 16.80 8.59 -8.99
CA ILE F 81 17.46 8.36 -10.28
C ILE F 81 18.32 9.55 -10.66
N ASN F 82 17.84 10.77 -10.40
CA ASN F 82 18.64 11.96 -10.67
C ASN F 82 19.82 12.07 -9.72
N TRP F 83 19.59 11.81 -8.44
CA TRP F 83 20.67 11.96 -7.47
C TRP F 83 21.80 10.98 -7.77
N THR F 84 21.46 9.78 -8.25
CA THR F 84 22.47 8.81 -8.61
C THR F 84 23.23 9.21 -9.86
N ARG F 85 22.50 9.58 -10.92
CA ARG F 85 23.14 10.00 -12.16
C ARG F 85 24.07 11.20 -11.94
N ASP F 86 23.59 12.20 -11.18
CA ASP F 86 24.42 13.36 -10.86
C ASP F 86 25.64 12.94 -10.03
N SER F 87 25.53 11.86 -9.25
CA SER F 87 26.67 11.38 -8.49
C SER F 87 27.67 10.62 -9.35
N ILE F 88 27.19 9.90 -10.36
CA ILE F 88 28.12 9.21 -11.25
C ILE F 88 28.79 10.21 -12.20
N THR F 89 28.07 11.26 -12.59
CA THR F 89 28.69 12.26 -13.45
C THR F 89 29.88 12.92 -12.75
N GLU F 90 29.79 13.13 -11.43
CA GLU F 90 30.94 13.62 -10.70
C GLU F 90 32.10 12.65 -10.82
N VAL F 91 31.84 11.36 -10.61
CA VAL F 91 32.89 10.35 -10.65
C VAL F 91 33.59 10.34 -12.02
N TRP F 92 32.81 10.26 -13.10
CA TRP F 92 33.41 10.17 -14.43
C TRP F 92 34.06 11.48 -14.85
N SER F 93 33.53 12.62 -14.39
CA SER F 93 34.21 13.88 -14.67
C SER F 93 35.56 13.95 -13.95
N TYR F 94 35.57 13.61 -12.66
CA TYR F 94 36.84 13.57 -11.93
C TYR F 94 37.81 12.59 -12.58
N ASN F 95 37.32 11.40 -12.95
CA ASN F 95 38.18 10.42 -13.58
C ASN F 95 38.74 10.94 -14.90
N ALA F 96 37.96 11.73 -15.64
CA ALA F 96 38.41 12.24 -16.93
C ALA F 96 39.47 13.33 -16.76
N GLU F 97 39.15 14.41 -16.04
CA GLU F 97 40.12 15.49 -15.84
C GLU F 97 41.42 14.99 -15.22
N LEU F 98 41.34 14.00 -14.33
CA LEU F 98 42.55 13.48 -13.69
C LEU F 98 43.36 12.62 -14.65
N LEU F 99 42.68 11.73 -15.37
CA LEU F 99 43.36 10.85 -16.33
C LEU F 99 44.17 11.65 -17.34
N VAL F 100 43.57 12.71 -17.89
CA VAL F 100 44.24 13.51 -18.91
C VAL F 100 45.39 14.30 -18.29
N ALA F 101 45.18 14.92 -17.13
CA ALA F 101 46.27 15.62 -16.44
C ALA F 101 47.43 14.67 -16.14
N MET F 102 47.14 13.51 -15.55
CA MET F 102 48.19 12.51 -15.36
C MET F 102 48.76 12.06 -16.71
N GLU F 103 47.90 11.94 -17.72
CA GLU F 103 48.38 11.47 -19.01
C GLU F 103 49.34 12.48 -19.64
N ASN F 104 48.95 13.76 -19.67
CA ASN F 104 49.82 14.77 -20.25
C ASN F 104 51.13 14.89 -19.48
N GLN F 105 51.04 14.88 -18.16
CA GLN F 105 52.24 14.97 -17.33
C GLN F 105 53.25 13.89 -17.71
N HIS F 106 52.77 12.66 -17.88
CA HIS F 106 53.65 11.57 -18.32
C HIS F 106 54.10 11.77 -19.77
N THR F 107 53.24 12.32 -20.62
CA THR F 107 53.60 12.53 -22.02
C THR F 107 54.77 13.50 -22.14
N ILE F 108 54.70 14.63 -21.44
CA ILE F 108 55.74 15.65 -21.54
C ILE F 108 57.06 15.13 -21.00
N ASP F 109 57.05 14.53 -19.80
CA ASP F 109 58.26 13.89 -19.29
C ASP F 109 58.73 12.75 -20.19
N LEU F 110 57.81 12.09 -20.90
CA LEU F 110 58.20 11.03 -21.82
C LEU F 110 59.11 11.56 -22.92
N ALA F 111 58.86 12.79 -23.37
CA ALA F 111 59.70 13.38 -24.41
C ALA F 111 61.01 13.96 -23.86
N ASP F 112 61.00 14.47 -22.62
CA ASP F 112 62.26 14.79 -21.96
C ASP F 112 63.22 13.62 -22.01
N SER F 113 62.79 12.47 -21.47
CA SER F 113 63.63 11.29 -21.42
C SER F 113 64.25 11.00 -22.78
N GLU F 114 63.42 10.93 -23.82
CA GLU F 114 63.96 10.54 -25.12
C GLU F 114 64.93 11.57 -25.68
N MET F 115 64.70 12.86 -25.41
CA MET F 115 65.72 13.86 -25.70
C MET F 115 67.00 13.57 -24.93
N ASP F 116 66.90 13.52 -23.60
CA ASP F 116 68.06 13.32 -22.75
C ASP F 116 68.77 12.01 -23.08
N LYS F 117 68.02 10.96 -23.40
CA LYS F 117 68.65 9.69 -23.77
C LYS F 117 69.48 9.82 -25.03
N LEU F 118 68.99 10.60 -26.01
CA LEU F 118 69.76 10.85 -27.22
C LEU F 118 71.03 11.62 -26.90
N TYR F 119 70.91 12.67 -26.09
CA TYR F 119 72.09 13.44 -25.72
C TYR F 119 73.13 12.59 -25.02
N GLU F 120 72.70 11.65 -24.18
CA GLU F 120 73.67 10.85 -23.44
C GLU F 120 74.29 9.77 -24.30
N ARG F 121 73.55 9.24 -25.28
CA ARG F 121 74.13 8.27 -26.21
C ARG F 121 75.32 8.86 -26.94
N VAL F 122 75.12 10.00 -27.59
CA VAL F 122 76.19 10.67 -28.34
C VAL F 122 77.38 10.92 -27.45
N LYS F 123 77.14 11.47 -26.25
CA LYS F 123 78.23 11.80 -25.35
C LYS F 123 79.17 10.61 -25.11
N ARG F 124 78.62 9.40 -24.98
CA ARG F 124 79.50 8.24 -24.81
C ARG F 124 79.97 7.64 -26.14
N GLN F 125 79.38 8.02 -27.27
CA GLN F 125 79.95 7.67 -28.56
C GLN F 125 81.33 8.28 -28.72
N LEU F 126 81.37 9.61 -28.73
CA LEU F 126 82.63 10.33 -28.78
C LEU F 126 82.97 10.30 -27.31
N ARG F 127 84.02 9.58 -26.94
CA ARG F 127 84.30 9.42 -25.53
C ARG F 127 85.13 10.60 -24.99
N GLU F 128 86.39 10.66 -25.32
CA GLU F 128 87.18 11.72 -24.76
C GLU F 128 87.68 12.65 -25.78
N ASN F 129 86.96 12.72 -26.86
CA ASN F 129 87.30 13.53 -27.96
C ASN F 129 86.36 14.66 -28.04
N ALA F 130 85.56 14.94 -27.03
CA ALA F 130 84.60 16.02 -27.10
C ALA F 130 84.17 16.51 -25.75
N GLU F 131 83.80 17.75 -25.64
CA GLU F 131 83.40 18.26 -24.33
C GLU F 131 81.97 18.80 -24.39
N GLU F 132 81.33 18.81 -23.23
CA GLU F 132 79.95 19.22 -23.10
C GLU F 132 79.85 20.74 -23.06
N ASP F 133 79.41 21.34 -24.17
CA ASP F 133 79.19 22.78 -24.23
C ASP F 133 78.31 23.27 -23.09
N GLY F 134 77.13 22.68 -22.94
CA GLY F 134 76.16 23.08 -21.93
C GLY F 134 74.82 23.51 -22.49
N THR F 135 74.76 23.86 -23.77
CA THR F 135 73.50 24.22 -24.43
C THR F 135 72.96 23.09 -25.30
N GLY F 136 73.47 21.88 -25.14
CA GLY F 136 73.13 20.80 -26.02
C GLY F 136 74.08 20.61 -27.18
N CYS F 137 75.29 21.17 -27.11
CA CYS F 137 76.28 21.09 -28.18
C CYS F 137 77.51 20.34 -27.69
N PHE F 138 78.28 19.82 -28.65
CA PHE F 138 79.51 19.09 -28.38
C PHE F 138 80.62 19.72 -29.21
N GLU F 139 81.59 20.35 -28.54
CA GLU F 139 82.74 20.92 -29.23
C GLU F 139 83.70 19.78 -29.54
N ILE F 140 83.73 19.35 -30.79
CA ILE F 140 84.61 18.25 -31.23
C ILE F 140 86.03 18.80 -31.39
N PHE F 141 86.98 18.16 -30.71
CA PHE F 141 88.37 18.59 -30.73
C PHE F 141 89.19 17.93 -31.83
N HIS F 142 88.55 17.51 -32.92
CA HIS F 142 89.25 16.99 -34.08
C HIS F 142 88.38 17.25 -35.29
N LYS F 143 89.00 17.54 -36.42
CA LYS F 143 88.23 17.89 -37.61
C LYS F 143 87.36 16.70 -38.01
N CYS F 144 86.04 16.95 -38.04
CA CYS F 144 85.07 15.90 -38.30
C CYS F 144 84.29 16.35 -39.54
N ASP F 145 84.65 15.78 -40.70
CA ASP F 145 84.03 16.21 -41.94
C ASP F 145 82.59 15.67 -42.04
N ASP F 146 81.90 16.05 -43.12
CA ASP F 146 80.51 15.66 -43.29
C ASP F 146 80.35 14.14 -43.33
N ASP F 147 81.39 13.42 -43.73
CA ASP F 147 81.35 11.96 -43.66
C ASP F 147 81.57 11.47 -42.23
N CYS F 148 82.31 12.23 -41.43
CA CYS F 148 82.51 11.87 -40.03
C CYS F 148 81.28 12.23 -39.19
N MET F 149 80.69 13.40 -39.43
CA MET F 149 79.42 13.74 -38.78
C MET F 149 78.38 12.65 -39.05
N ALA F 150 78.35 12.14 -40.28
CA ALA F 150 77.47 11.03 -40.61
C ALA F 150 77.80 9.78 -39.79
N SER F 151 79.07 9.60 -39.42
CA SER F 151 79.42 8.43 -38.60
C SER F 151 78.82 8.53 -37.21
N ILE F 152 78.84 9.73 -36.62
CA ILE F 152 78.20 9.94 -35.32
C ILE F 152 76.72 9.62 -35.39
N ARG F 153 76.05 10.05 -36.46
CA ARG F 153 74.61 9.89 -36.58
C ARG F 153 74.20 8.43 -36.67
N ASN F 154 74.84 7.66 -37.57
CA ASN F 154 74.48 6.26 -37.76
C ASN F 154 75.26 5.31 -36.85
N ASN F 155 75.96 5.84 -35.84
CA ASN F 155 76.62 5.04 -34.82
C ASN F 155 77.71 4.15 -35.42
N THR F 156 78.48 4.71 -36.35
CA THR F 156 79.68 4.06 -36.86
C THR F 156 80.94 4.77 -36.39
N TYR F 157 80.80 5.77 -35.52
CA TYR F 157 81.94 6.52 -35.01
C TYR F 157 82.87 5.62 -34.20
N ASP F 158 84.12 5.52 -34.65
CA ASP F 158 85.17 4.81 -33.92
C ASP F 158 86.06 5.88 -33.28
N HIS F 159 85.95 6.04 -31.96
CA HIS F 159 86.67 7.11 -31.29
C HIS F 159 88.17 6.90 -31.31
N SER F 160 88.64 5.65 -31.43
CA SER F 160 90.08 5.38 -31.47
C SER F 160 90.73 5.94 -32.75
N LYS F 161 90.01 5.92 -33.87
CA LYS F 161 90.51 6.49 -35.12
C LYS F 161 90.63 8.01 -35.09
N TYR F 162 90.19 8.67 -34.00
CA TYR F 162 90.43 10.09 -33.79
C TYR F 162 90.95 10.40 -32.41
N ARG F 163 90.95 9.43 -31.53
CA ARG F 163 91.34 9.66 -30.17
C ARG F 163 92.68 10.26 -29.98
N GLU F 164 93.49 10.21 -30.99
CA GLU F 164 94.80 10.74 -30.83
C GLU F 164 94.84 12.24 -30.91
N GLU F 165 94.22 12.85 -31.91
CA GLU F 165 94.30 14.27 -32.01
C GLU F 165 93.65 14.90 -30.87
N ALA F 166 92.45 14.42 -30.62
CA ALA F 166 91.55 14.85 -29.58
C ALA F 166 92.21 15.28 -28.34
N MET F 167 92.83 14.35 -27.67
CA MET F 167 93.51 14.64 -26.43
C MET F 167 94.64 15.60 -26.55
N GLN F 168 95.34 15.62 -27.68
CA GLN F 168 96.41 16.56 -27.91
C GLN F 168 95.88 17.97 -27.96
N ASN F 169 94.67 18.19 -28.43
CA ASN F 169 94.07 19.49 -28.51
C ASN F 169 93.34 19.90 -27.27
N ARG F 170 92.83 19.00 -26.46
CA ARG F 170 92.20 19.45 -25.22
C ARG F 170 93.21 20.01 -24.20
N ILE F 171 94.49 19.68 -24.36
CA ILE F 171 95.54 20.19 -23.49
C ILE F 171 96.34 21.29 -24.20
N GLU G 1 -27.50 34.33 -22.33
CA GLU G 1 -28.48 33.44 -22.95
C GLU G 1 -28.06 33.10 -24.38
N VAL G 2 -28.45 31.91 -24.85
CA VAL G 2 -28.03 31.41 -26.16
C VAL G 2 -29.09 31.79 -27.20
N GLN G 3 -28.63 32.30 -28.34
CA GLN G 3 -29.50 32.71 -29.44
C GLN G 3 -29.38 31.71 -30.59
N LEU G 4 -30.52 31.18 -31.03
CA LEU G 4 -30.61 30.36 -32.23
C LEU G 4 -31.57 31.04 -33.20
N VAL G 5 -31.12 31.26 -34.43
CA VAL G 5 -31.89 31.99 -35.44
C VAL G 5 -31.89 31.17 -36.73
N GLU G 6 -33.05 30.64 -37.10
CA GLU G 6 -33.22 30.01 -38.39
C GLU G 6 -33.57 31.04 -39.45
N SER G 7 -33.54 30.60 -40.71
CA SER G 7 -33.85 31.41 -41.87
C SER G 7 -33.81 30.54 -43.12
N GLY G 8 -34.09 31.11 -44.28
CA GLY G 8 -33.98 30.42 -45.55
C GLY G 8 -35.23 29.68 -46.00
N GLY G 9 -36.07 29.26 -45.05
CA GLY G 9 -37.31 28.62 -45.43
C GLY G 9 -38.24 29.59 -46.14
N GLY G 10 -38.99 29.05 -47.10
CA GLY G 10 -39.90 29.87 -47.90
C GLY G 10 -40.91 29.04 -48.66
N LEU G 11 -41.13 29.39 -49.93
CA LEU G 11 -42.02 28.64 -50.80
C LEU G 11 -41.27 28.30 -52.08
N VAL G 12 -41.10 26.99 -52.34
CA VAL G 12 -40.49 26.50 -53.57
C VAL G 12 -41.30 25.28 -54.03
N GLN G 13 -41.33 25.06 -55.35
CA GLN G 13 -42.06 23.95 -55.93
C GLN G 13 -41.38 22.61 -55.61
N PRO G 14 -42.13 21.49 -55.71
CA PRO G 14 -41.57 20.14 -55.53
C PRO G 14 -40.34 19.89 -56.41
N LEU G 18 -32.46 25.23 -52.73
CA LEU G 18 -32.63 26.00 -51.50
C LEU G 18 -31.47 25.74 -50.55
N ARG G 19 -31.13 26.74 -49.72
CA ARG G 19 -30.01 26.66 -48.79
C ARG G 19 -30.40 27.38 -47.50
N LEU G 20 -30.65 26.62 -46.44
CA LEU G 20 -31.12 27.18 -45.19
C LEU G 20 -29.97 27.83 -44.43
N SER G 21 -30.29 28.39 -43.25
CA SER G 21 -29.31 29.05 -42.41
C SER G 21 -29.81 29.04 -40.97
N CYS G 22 -28.92 28.69 -40.05
CA CYS G 22 -29.27 28.64 -38.62
C CYS G 22 -28.19 29.32 -37.79
N ALA G 23 -28.38 30.61 -37.53
CA ALA G 23 -27.42 31.38 -36.74
C ALA G 23 -27.39 30.92 -35.28
N ALA G 24 -26.26 31.12 -34.62
CA ALA G 24 -26.10 30.71 -33.23
C ALA G 24 -25.06 31.59 -32.54
N SER G 25 -25.33 31.89 -31.27
CA SER G 25 -24.38 32.62 -30.43
C SER G 25 -24.75 32.38 -28.97
N GLY G 26 -23.74 32.43 -28.10
CA GLY G 26 -23.94 32.19 -26.68
C GLY G 26 -23.21 30.98 -26.13
N PHE G 27 -22.52 30.21 -26.96
CA PHE G 27 -21.77 29.04 -26.52
C PHE G 27 -20.59 28.85 -27.45
N THR G 28 -19.75 27.85 -27.14
CA THR G 28 -18.63 27.49 -28.01
C THR G 28 -19.18 26.61 -29.13
N PHE G 29 -19.38 27.21 -30.30
CA PHE G 29 -20.07 26.51 -31.39
C PHE G 29 -19.26 25.31 -31.89
N SER G 30 -17.93 25.36 -31.75
CA SER G 30 -17.10 24.25 -32.23
C SER G 30 -17.29 23.00 -31.38
N SER G 31 -17.61 23.16 -30.09
CA SER G 31 -17.65 22.05 -29.15
C SER G 31 -19.07 21.58 -28.84
N TYR G 32 -20.02 21.79 -29.76
CA TYR G 32 -21.37 21.29 -29.56
C TYR G 32 -21.90 20.76 -30.88
N ALA G 33 -22.48 19.56 -30.85
CA ALA G 33 -23.12 19.00 -32.04
C ALA G 33 -24.42 19.76 -32.31
N MET G 34 -24.82 19.77 -33.58
CA MET G 34 -26.01 20.48 -34.02
C MET G 34 -26.84 19.57 -34.90
N SER G 35 -28.16 19.78 -34.85
CA SER G 35 -29.10 18.96 -35.62
C SER G 35 -30.12 19.88 -36.29
N TRP G 36 -30.99 19.27 -37.10
CA TRP G 36 -32.13 19.93 -37.70
C TRP G 36 -33.37 19.12 -37.35
N VAL G 37 -34.43 19.81 -36.94
CA VAL G 37 -35.67 19.15 -36.58
C VAL G 37 -36.82 19.90 -37.23
N ARG G 38 -37.65 19.18 -37.98
CA ARG G 38 -38.80 19.73 -38.66
C ARG G 38 -40.10 19.21 -38.08
N GLN G 39 -41.11 20.08 -38.12
CA GLN G 39 -42.44 19.80 -37.60
C GLN G 39 -43.59 20.26 -38.53
N ALA G 40 -44.07 19.31 -39.33
CA ALA G 40 -45.16 19.46 -40.27
C ALA G 40 -46.34 20.06 -39.54
N PRO G 41 -47.01 21.03 -40.14
CA PRO G 41 -48.09 21.74 -39.44
C PRO G 41 -49.19 20.78 -39.02
N GLY G 42 -49.52 20.83 -37.73
CA GLY G 42 -50.59 20.00 -37.18
C GLY G 42 -50.18 18.61 -36.78
N LYS G 43 -48.88 18.28 -36.86
CA LYS G 43 -48.40 16.95 -36.52
C LYS G 43 -47.18 17.04 -35.61
N GLY G 44 -46.51 15.93 -35.38
CA GLY G 44 -45.38 15.90 -34.47
C GLY G 44 -44.08 16.38 -35.10
N LEU G 45 -43.01 16.17 -34.34
CA LEU G 45 -41.65 16.56 -34.73
C LEU G 45 -40.95 15.38 -35.39
N GLU G 46 -40.10 15.69 -36.37
CA GLU G 46 -39.39 14.66 -37.13
C GLU G 46 -37.93 15.05 -37.26
N TRP G 47 -37.04 14.17 -36.80
CA TRP G 47 -35.61 14.44 -36.84
C TRP G 47 -35.11 14.39 -38.28
N VAL G 48 -34.43 15.46 -38.70
CA VAL G 48 -33.97 15.59 -40.09
C VAL G 48 -32.55 15.06 -40.26
N SER G 49 -31.59 15.65 -39.56
CA SER G 49 -30.21 15.23 -39.65
C SER G 49 -29.46 15.74 -38.42
N ALA G 50 -28.16 15.47 -38.37
CA ALA G 50 -27.31 15.95 -37.29
C ALA G 50 -25.87 15.95 -37.78
N ILE G 51 -25.02 16.68 -37.06
CA ILE G 51 -23.61 16.78 -37.42
C ILE G 51 -22.81 16.93 -36.14
N SER G 52 -21.55 16.49 -36.20
CA SER G 52 -20.67 16.53 -35.03
C SER G 52 -20.29 17.98 -34.71
N GLY G 53 -19.50 18.15 -33.67
CA GLY G 53 -18.96 19.46 -33.35
C GLY G 53 -17.96 19.93 -34.39
N SER G 54 -16.87 19.17 -34.55
CA SER G 54 -15.83 19.56 -35.52
C SER G 54 -16.34 19.50 -36.95
N GLY G 55 -17.35 18.66 -37.22
CA GLY G 55 -17.91 18.54 -38.54
C GLY G 55 -17.43 17.33 -39.33
N GLY G 56 -16.37 16.66 -38.88
CA GLY G 56 -15.83 15.51 -39.58
C GLY G 56 -16.80 14.36 -39.74
N SER G 57 -17.79 14.26 -38.85
CA SER G 57 -18.84 13.25 -38.92
C SER G 57 -20.17 13.93 -39.26
N THR G 58 -21.05 13.15 -39.90
CA THR G 58 -22.37 13.65 -40.27
C THR G 58 -23.35 12.49 -40.29
N TYR G 59 -24.62 12.81 -40.06
CA TYR G 59 -25.67 11.80 -39.99
C TYR G 59 -26.94 12.34 -40.63
N TYR G 60 -27.73 11.43 -41.21
CA TYR G 60 -28.97 11.79 -41.89
C TYR G 60 -30.06 10.83 -41.47
N ALA G 61 -31.29 11.15 -41.86
CA ALA G 61 -32.45 10.37 -41.50
C ALA G 61 -32.89 9.47 -42.66
N ASP G 62 -33.89 8.63 -42.37
CA ASP G 62 -34.37 7.65 -43.35
C ASP G 62 -34.99 8.34 -44.56
N SER G 63 -35.83 9.35 -44.33
CA SER G 63 -36.59 9.97 -45.41
C SER G 63 -35.70 10.85 -46.29
N VAL G 64 -34.74 11.55 -45.69
CA VAL G 64 -34.00 12.59 -46.40
C VAL G 64 -32.61 12.15 -46.82
N LYS G 65 -32.21 10.92 -46.51
CA LYS G 65 -30.86 10.47 -46.86
C LYS G 65 -30.68 10.48 -48.37
N GLY G 66 -29.62 11.15 -48.83
CA GLY G 66 -29.30 11.28 -50.22
C GLY G 66 -29.81 12.56 -50.85
N ARG G 67 -30.97 13.06 -50.41
CA ARG G 67 -31.50 14.33 -50.90
C ARG G 67 -30.84 15.51 -50.20
N PHE G 68 -30.95 15.57 -48.87
CA PHE G 68 -30.43 16.68 -48.09
C PHE G 68 -28.90 16.60 -47.98
N THR G 69 -28.32 17.68 -47.48
CA THR G 69 -26.89 17.72 -47.15
C THR G 69 -26.71 18.69 -46.00
N ILE G 70 -26.22 18.19 -44.86
CA ILE G 70 -25.98 19.00 -43.67
C ILE G 70 -24.52 19.39 -43.64
N SER G 71 -24.24 20.60 -43.14
CA SER G 71 -22.88 21.11 -43.07
C SER G 71 -22.84 22.21 -42.02
N ARG G 72 -21.62 22.61 -41.65
CA ARG G 72 -21.45 23.64 -40.64
C ARG G 72 -20.14 24.36 -40.89
N ASP G 73 -20.09 25.63 -40.48
CA ASP G 73 -18.88 26.44 -40.55
C ASP G 73 -18.64 27.03 -39.16
N ASN G 74 -17.72 26.43 -38.41
CA ASN G 74 -17.37 26.92 -37.08
C ASN G 74 -16.47 28.16 -37.12
N SER G 75 -16.10 28.63 -38.31
CA SER G 75 -15.38 29.89 -38.42
C SER G 75 -16.32 31.08 -38.24
N LYS G 76 -17.49 31.03 -38.86
CA LYS G 76 -18.52 32.06 -38.72
C LYS G 76 -19.69 31.63 -37.84
N ASN G 77 -19.67 30.39 -37.33
CA ASN G 77 -20.70 29.87 -36.42
C ASN G 77 -22.09 29.95 -37.05
N THR G 78 -22.26 29.16 -38.11
CA THR G 78 -23.50 29.11 -38.86
C THR G 78 -23.80 27.66 -39.23
N LEU G 79 -25.09 27.33 -39.30
CA LEU G 79 -25.53 25.98 -39.64
C LEU G 79 -26.43 26.03 -40.87
N TYR G 80 -25.97 25.45 -41.96
CA TYR G 80 -26.73 25.42 -43.21
C TYR G 80 -27.44 24.10 -43.44
N LEU G 81 -28.29 24.08 -44.46
CA LEU G 81 -29.06 22.88 -44.81
C LEU G 81 -29.40 22.96 -46.30
N GLN G 82 -28.72 22.15 -47.11
CA GLN G 82 -29.00 22.06 -48.53
C GLN G 82 -30.10 21.02 -48.74
N MET G 83 -31.27 21.47 -49.17
CA MET G 83 -32.46 20.62 -49.30
C MET G 83 -32.86 20.54 -50.77
N ASN G 84 -32.65 19.36 -51.38
CA ASN G 84 -32.91 19.14 -52.79
C ASN G 84 -34.06 18.16 -52.97
N SER G 85 -34.67 18.20 -54.15
CA SER G 85 -35.67 17.22 -54.59
C SER G 85 -36.78 17.05 -53.55
N LEU G 86 -37.39 18.18 -53.17
CA LEU G 86 -38.42 18.19 -52.14
C LEU G 86 -39.63 17.38 -52.57
N ARG G 87 -40.44 17.02 -51.59
CA ARG G 87 -41.69 16.29 -51.79
C ARG G 87 -42.84 17.14 -51.27
N ALA G 88 -44.03 16.53 -51.24
CA ALA G 88 -45.22 17.20 -50.71
C ALA G 88 -45.35 17.09 -49.20
N GLU G 89 -44.58 16.19 -48.56
CA GLU G 89 -44.63 15.99 -47.12
C GLU G 89 -43.58 16.79 -46.36
N ASP G 90 -42.59 17.34 -47.07
CA ASP G 90 -41.54 18.16 -46.43
C ASP G 90 -42.09 19.46 -45.85
N THR G 91 -43.37 19.76 -46.04
CA THR G 91 -43.98 20.92 -45.41
C THR G 91 -43.85 20.82 -43.90
N ALA G 92 -43.12 21.77 -43.31
CA ALA G 92 -42.80 21.74 -41.90
C ALA G 92 -42.11 23.04 -41.52
N VAL G 93 -42.18 23.37 -40.23
CA VAL G 93 -41.34 24.41 -39.64
C VAL G 93 -40.04 23.74 -39.21
N TYR G 94 -38.91 24.22 -39.74
CA TYR G 94 -37.61 23.57 -39.54
C TYR G 94 -36.87 24.28 -38.41
N TYR G 95 -36.88 23.68 -37.23
CA TYR G 95 -36.14 24.17 -36.08
C TYR G 95 -34.73 23.59 -36.07
N CYS G 96 -33.74 24.43 -35.80
CA CYS G 96 -32.38 23.97 -35.55
C CYS G 96 -32.16 23.95 -34.04
N ALA G 97 -31.81 22.79 -33.51
CA ALA G 97 -31.62 22.61 -32.07
C ALA G 97 -30.16 22.34 -31.77
N LYS G 98 -29.77 22.66 -30.55
CA LYS G 98 -28.39 22.53 -30.09
C LYS G 98 -28.26 21.30 -29.21
N ASP G 99 -27.31 20.42 -29.55
CA ASP G 99 -27.08 19.22 -28.76
C ASP G 99 -26.61 19.61 -27.36
N ARG G 100 -26.69 18.63 -26.46
CA ARG G 100 -26.05 18.75 -25.16
C ARG G 100 -24.63 18.18 -25.17
N LEU G 101 -24.34 17.28 -26.10
CA LEU G 101 -23.05 16.60 -26.19
C LEU G 101 -22.24 17.15 -27.35
N LEU G 102 -20.97 16.75 -27.39
CA LEU G 102 -20.08 17.13 -28.49
C LEU G 102 -20.15 16.16 -29.66
N TRP G 103 -20.55 14.93 -29.42
CA TRP G 103 -20.64 13.91 -30.45
C TRP G 103 -22.09 13.54 -30.70
N PHE G 104 -22.38 13.08 -31.92
CA PHE G 104 -23.65 12.45 -32.24
C PHE G 104 -23.40 11.00 -32.62
N GLY G 105 -24.47 10.22 -32.61
CA GLY G 105 -24.30 8.79 -32.83
C GLY G 105 -23.61 8.09 -31.69
N GLU G 106 -23.64 8.69 -30.50
CA GLU G 106 -22.99 8.11 -29.33
C GLU G 106 -23.85 7.00 -28.75
N LEU G 107 -23.32 6.38 -27.71
CA LEU G 107 -24.03 5.28 -27.05
C LEU G 107 -25.33 5.78 -26.42
N LEU G 108 -25.25 6.87 -25.65
CA LEU G 108 -26.41 7.58 -25.14
C LEU G 108 -26.60 8.90 -25.88
N PHE G 109 -27.69 9.58 -25.54
CA PHE G 109 -28.02 10.87 -26.14
C PHE G 109 -28.97 11.59 -25.20
N GLU G 110 -28.58 12.80 -24.78
CA GLU G 110 -29.28 13.51 -23.72
C GLU G 110 -30.29 14.53 -24.25
N GLY G 111 -30.51 14.57 -25.55
CA GLY G 111 -31.49 15.48 -26.11
C GLY G 111 -30.95 16.89 -26.30
N PHE G 112 -31.81 17.72 -26.89
CA PHE G 112 -31.46 19.10 -27.17
C PHE G 112 -31.84 19.99 -25.99
N ASP G 113 -31.00 20.98 -25.69
CA ASP G 113 -31.21 21.87 -24.57
C ASP G 113 -31.65 23.28 -24.96
N TYR G 114 -31.54 23.65 -26.23
CA TYR G 114 -31.93 24.97 -26.68
C TYR G 114 -32.51 24.88 -28.10
N TRP G 115 -33.72 25.41 -28.27
CA TRP G 115 -34.42 25.37 -29.55
C TRP G 115 -34.48 26.75 -30.19
N GLY G 116 -34.45 26.77 -31.52
CA GLY G 116 -34.77 27.97 -32.26
C GLY G 116 -36.25 28.09 -32.57
N GLN G 117 -36.63 29.22 -33.16
CA GLN G 117 -38.02 29.51 -33.48
C GLN G 117 -38.51 28.83 -34.75
N GLY G 118 -37.59 28.42 -35.64
CA GLY G 118 -37.95 27.73 -36.85
C GLY G 118 -37.97 28.66 -38.06
N THR G 119 -37.78 28.05 -39.24
CA THR G 119 -37.95 28.73 -40.52
C THR G 119 -38.88 27.88 -41.38
N LEU G 120 -39.85 28.53 -42.02
CA LEU G 120 -40.98 27.84 -42.63
C LEU G 120 -40.70 27.56 -44.10
N VAL G 121 -40.61 26.27 -44.46
CA VAL G 121 -40.51 25.86 -45.85
C VAL G 121 -41.91 25.58 -46.42
N ASN H 1 -34.57 1.09 -34.09
CA ASN H 1 -35.87 1.15 -34.75
C ASN H 1 -37.00 0.78 -33.79
N PHE H 2 -37.81 1.77 -33.44
CA PHE H 2 -38.90 1.63 -32.48
C PHE H 2 -39.73 2.92 -32.54
N MET H 3 -40.73 3.01 -31.67
CA MET H 3 -41.57 4.20 -31.61
C MET H 3 -42.12 4.39 -30.20
N LEU H 4 -42.35 5.66 -29.85
CA LEU H 4 -42.94 6.06 -28.58
C LEU H 4 -44.37 6.51 -28.80
N THR H 5 -45.25 6.20 -27.85
CA THR H 5 -46.67 6.47 -28.01
C THR H 5 -47.21 7.21 -26.80
N GLN H 6 -47.93 8.30 -27.05
CA GLN H 6 -48.57 9.13 -26.04
C GLN H 6 -50.04 9.31 -26.36
N PRO H 7 -50.89 9.51 -25.35
CA PRO H 7 -52.30 9.80 -25.61
C PRO H 7 -52.46 11.09 -26.41
N HIS H 8 -53.65 11.26 -27.00
CA HIS H 8 -53.88 12.38 -27.91
C HIS H 8 -54.05 13.70 -27.16
N SER H 9 -54.72 13.67 -26.00
CA SER H 9 -54.98 14.89 -25.27
C SER H 9 -55.23 14.58 -23.79
N VAL H 10 -54.85 15.53 -22.93
CA VAL H 10 -55.04 15.44 -21.49
C VAL H 10 -55.60 16.77 -21.00
N SER H 11 -56.52 16.71 -20.04
CA SER H 11 -57.09 17.92 -19.46
C SER H 11 -57.00 17.90 -17.94
N THR H 19 -50.60 13.25 -15.31
CA THR H 19 -49.35 12.56 -15.63
C THR H 19 -49.42 11.94 -17.02
N ILE H 20 -48.72 12.54 -17.98
CA ILE H 20 -48.66 11.98 -19.33
C ILE H 20 -47.91 10.65 -19.30
N SER H 21 -48.23 9.77 -20.23
CA SER H 21 -47.52 8.51 -20.38
C SER H 21 -46.86 8.49 -21.76
N CYS H 22 -45.69 7.84 -21.81
CA CYS H 22 -44.94 7.68 -23.06
C CYS H 22 -44.37 6.26 -23.05
N THR H 23 -45.03 5.37 -23.79
CA THR H 23 -44.69 3.95 -23.80
C THR H 23 -43.87 3.61 -25.05
N ARG H 24 -42.82 2.82 -24.85
CA ARG H 24 -41.85 2.52 -25.90
C ARG H 24 -42.18 1.17 -26.54
N SER H 25 -42.20 1.15 -27.87
CA SER H 25 -42.64 -0.04 -28.60
C SER H 25 -41.67 -1.21 -28.41
N SER H 26 -40.43 -1.04 -28.88
CA SER H 26 -39.42 -2.08 -28.82
C SER H 26 -38.26 -1.64 -27.92
N GLY H 27 -37.55 -2.62 -27.37
CA GLY H 27 -36.44 -2.35 -26.48
C GLY H 27 -36.87 -1.82 -25.12
N SER H 28 -35.95 -1.83 -24.15
CA SER H 28 -36.26 -1.36 -22.81
C SER H 28 -36.26 0.16 -22.78
N ILE H 29 -37.19 0.72 -22.00
CA ILE H 29 -37.26 2.17 -21.86
C ILE H 29 -36.09 2.70 -21.03
N ALA H 30 -35.50 1.87 -20.19
CA ALA H 30 -34.41 2.27 -19.30
C ALA H 30 -33.03 2.12 -19.94
N SER H 31 -32.96 1.89 -21.26
CA SER H 31 -31.69 1.70 -21.95
C SER H 31 -31.20 2.97 -22.64
N ASN H 32 -31.83 4.11 -22.38
CA ASN H 32 -31.35 5.40 -22.89
C ASN H 32 -32.07 6.52 -22.15
N TYR H 33 -31.77 7.76 -22.54
CA TYR H 33 -32.28 8.95 -21.88
C TYR H 33 -33.57 9.41 -22.57
N VAL H 34 -34.60 9.63 -21.77
CA VAL H 34 -35.88 10.17 -22.25
C VAL H 34 -35.94 11.64 -21.84
N GLN H 35 -36.25 12.50 -22.81
CA GLN H 35 -36.37 13.94 -22.62
C GLN H 35 -37.85 14.34 -22.68
N TRP H 36 -38.11 15.63 -22.52
CA TRP H 36 -39.46 16.17 -22.59
C TRP H 36 -39.39 17.58 -23.14
N TYR H 37 -40.28 17.87 -24.10
CA TYR H 37 -40.31 19.17 -24.77
C TYR H 37 -41.68 19.81 -24.61
N GLN H 38 -41.69 21.09 -24.27
CA GLN H 38 -42.89 21.91 -24.22
C GLN H 38 -42.92 22.87 -25.39
N GLN H 39 -44.02 22.80 -26.12
CA GLN H 39 -44.38 23.54 -27.25
C GLN H 39 -45.74 24.36 -27.12
N ARG H 40 -45.61 25.49 -26.41
CA ARG H 40 -46.70 26.44 -26.28
C ARG H 40 -47.15 26.86 -27.67
N PRO H 41 -48.45 27.06 -27.85
CA PRO H 41 -49.04 27.09 -29.19
C PRO H 41 -48.38 28.13 -30.10
N GLY H 42 -47.98 27.67 -31.29
CA GLY H 42 -47.39 28.54 -32.29
C GLY H 42 -46.03 29.11 -31.94
N SER H 43 -45.40 28.62 -30.88
CA SER H 43 -44.09 29.10 -30.44
C SER H 43 -43.07 27.98 -30.54
N SER H 44 -41.79 28.35 -30.46
CA SER H 44 -40.70 27.39 -30.51
C SER H 44 -40.77 26.46 -29.30
N PRO H 45 -40.36 25.20 -29.47
CA PRO H 45 -40.36 24.28 -28.33
C PRO H 45 -39.35 24.68 -27.27
N THR H 46 -39.57 24.18 -26.07
CA THR H 46 -38.62 24.32 -24.98
C THR H 46 -38.57 23.00 -24.21
N THR H 47 -37.41 22.70 -23.64
CA THR H 47 -37.13 21.41 -23.04
C THR H 47 -37.35 21.50 -21.53
N VAL H 48 -38.28 20.71 -21.01
CA VAL H 48 -38.65 20.80 -19.59
C VAL H 48 -37.95 19.73 -18.76
N ILE H 49 -37.62 18.59 -19.37
CA ILE H 49 -37.06 17.45 -18.65
C ILE H 49 -36.02 16.78 -19.55
N TYR H 50 -34.90 16.37 -18.94
CA TYR H 50 -33.88 15.59 -19.64
C TYR H 50 -33.24 14.62 -18.66
N GLU H 51 -32.53 13.63 -19.21
CA GLU H 51 -31.96 12.51 -18.44
C GLU H 51 -33.04 11.85 -17.58
N ASP H 52 -34.28 11.91 -18.07
CA ASP H 52 -35.48 11.29 -17.52
C ASP H 52 -35.99 11.95 -16.23
N ASN H 53 -35.15 12.75 -15.57
CA ASN H 53 -35.64 13.47 -14.39
C ASN H 53 -35.07 14.87 -14.22
N GLN H 54 -33.97 15.24 -14.86
CA GLN H 54 -33.32 16.51 -14.55
C GLN H 54 -34.07 17.67 -15.19
N ARG H 55 -34.08 18.81 -14.49
CA ARG H 55 -34.77 20.01 -14.94
C ARG H 55 -33.77 21.04 -15.42
N PRO H 56 -33.93 21.59 -16.62
CA PRO H 56 -33.09 22.72 -17.04
C PRO H 56 -33.27 23.92 -16.10
N SER H 57 -32.38 24.89 -16.28
CA SER H 57 -32.38 26.09 -15.43
C SER H 57 -33.69 26.86 -15.60
N GLY H 58 -34.22 27.36 -14.49
CA GLY H 58 -35.41 28.19 -14.54
C GLY H 58 -36.70 27.47 -14.91
N VAL H 59 -36.85 26.22 -14.49
CA VAL H 59 -38.06 25.45 -14.72
C VAL H 59 -38.61 25.03 -13.36
N PRO H 60 -39.89 25.29 -13.06
CA PRO H 60 -40.40 25.10 -11.69
C PRO H 60 -40.36 23.64 -11.24
N ASP H 61 -40.16 23.46 -9.93
CA ASP H 61 -40.08 22.13 -9.32
C ASP H 61 -41.41 21.39 -9.33
N ARG H 62 -42.43 22.01 -9.94
CA ARG H 62 -43.73 21.39 -10.09
C ARG H 62 -43.58 20.36 -11.20
N PHE H 63 -42.83 20.71 -12.24
CA PHE H 63 -42.58 19.80 -13.35
C PHE H 63 -41.65 18.68 -12.91
N SER H 64 -41.97 17.45 -13.30
CA SER H 64 -41.15 16.31 -12.92
C SER H 64 -41.45 15.14 -13.86
N GLY H 65 -40.46 14.24 -13.98
CA GLY H 65 -40.61 13.03 -14.76
C GLY H 65 -40.27 11.79 -13.96
N SER H 66 -40.59 10.64 -14.56
CA SER H 66 -40.31 9.34 -13.94
C SER H 66 -40.12 8.33 -15.06
N ILE H 67 -39.80 7.09 -14.67
CA ILE H 67 -39.63 5.97 -15.58
C ILE H 67 -40.32 4.75 -14.97
N ASP H 68 -40.93 3.91 -15.82
CA ASP H 68 -41.54 2.66 -15.38
C ASP H 68 -41.12 1.55 -16.33
N SER H 69 -40.26 0.64 -15.84
CA SER H 69 -39.88 -0.52 -16.64
C SER H 69 -41.03 -1.50 -16.80
N SER H 70 -41.93 -1.57 -15.81
CA SER H 70 -43.06 -2.50 -15.86
C SER H 70 -43.96 -2.21 -17.05
N SER H 71 -44.59 -1.04 -17.06
CA SER H 71 -45.41 -0.63 -18.21
C SER H 71 -44.57 -0.07 -19.36
N ASN H 72 -43.23 -0.09 -19.23
CA ASN H 72 -42.31 0.34 -20.29
C ASN H 72 -42.61 1.77 -20.74
N SER H 73 -42.86 2.66 -19.76
CA SER H 73 -43.31 4.01 -20.04
C SER H 73 -42.46 5.04 -19.30
N ALA H 74 -42.42 6.24 -19.87
CA ALA H 74 -41.83 7.41 -19.24
C ALA H 74 -42.93 8.44 -19.03
N SER H 75 -43.08 8.92 -17.80
CA SER H 75 -44.23 9.74 -17.42
C SER H 75 -43.79 11.13 -16.99
N LEU H 76 -44.39 12.15 -17.60
CA LEU H 76 -44.21 13.54 -17.21
C LEU H 76 -45.39 13.99 -16.34
N THR H 77 -45.09 14.58 -15.17
CA THR H 77 -46.10 14.93 -14.18
C THR H 77 -45.97 16.40 -13.82
N ILE H 78 -47.06 17.15 -13.96
CA ILE H 78 -47.09 18.58 -13.66
C ILE H 78 -48.01 18.78 -12.46
N SER H 79 -47.43 18.96 -11.28
CA SER H 79 -48.19 19.36 -10.11
C SER H 79 -48.44 20.87 -10.12
N GLY H 80 -49.46 21.30 -9.38
CA GLY H 80 -49.83 22.71 -9.33
C GLY H 80 -50.02 23.32 -10.71
N LEU H 81 -51.05 22.88 -11.41
CA LEU H 81 -51.26 23.28 -12.80
C LEU H 81 -51.51 24.78 -12.89
N LYS H 82 -50.67 25.47 -13.67
CA LYS H 82 -50.82 26.88 -13.95
C LYS H 82 -51.29 27.07 -15.40
N THR H 83 -51.86 28.25 -15.67
CA THR H 83 -52.51 28.49 -16.96
C THR H 83 -51.51 28.44 -18.11
N GLU H 84 -50.33 29.04 -17.94
CA GLU H 84 -49.36 29.12 -19.03
C GLU H 84 -48.79 27.76 -19.42
N ASP H 85 -49.08 26.70 -18.65
CA ASP H 85 -48.62 25.36 -18.97
C ASP H 85 -49.39 24.73 -20.12
N GLU H 86 -50.44 25.38 -20.62
CA GLU H 86 -51.23 24.81 -21.69
C GLU H 86 -50.42 24.83 -22.98
N ALA H 87 -49.97 23.66 -23.42
CA ALA H 87 -49.02 23.55 -24.51
C ALA H 87 -49.05 22.12 -25.04
N ASP H 88 -48.08 21.79 -25.88
CA ASP H 88 -47.88 20.44 -26.41
C ASP H 88 -46.66 19.79 -25.77
N TYR H 89 -46.72 18.46 -25.65
CA TYR H 89 -45.70 17.70 -24.93
C TYR H 89 -45.33 16.45 -25.71
N TYR H 90 -44.08 16.39 -26.15
CA TYR H 90 -43.54 15.24 -26.88
C TYR H 90 -42.45 14.60 -26.05
N CYS H 91 -42.51 13.28 -25.90
CA CYS H 91 -41.39 12.56 -25.30
C CYS H 91 -40.39 12.21 -26.39
N GLN H 92 -39.11 12.23 -26.03
CA GLN H 92 -38.04 11.96 -26.97
C GLN H 92 -37.05 11.00 -26.31
N SER H 93 -36.84 9.87 -26.94
CA SER H 93 -35.77 8.95 -26.55
C SER H 93 -34.87 8.74 -27.76
N TYR H 94 -33.94 7.79 -27.64
CA TYR H 94 -32.89 7.63 -28.63
C TYR H 94 -32.59 6.16 -28.82
N ASP H 95 -32.32 5.78 -30.06
CA ASP H 95 -31.82 4.46 -30.42
C ASP H 95 -30.50 4.67 -31.16
N SER H 96 -29.90 3.56 -31.61
CA SER H 96 -28.52 3.54 -32.09
C SER H 96 -28.11 4.80 -32.87
N SER H 97 -28.91 5.19 -33.86
CA SER H 97 -28.79 6.52 -34.45
C SER H 97 -30.13 7.17 -34.77
N ASN H 98 -31.25 6.50 -34.47
CA ASN H 98 -32.57 6.99 -34.79
C ASN H 98 -33.12 7.81 -33.62
N VAL H 99 -33.47 9.06 -33.87
CA VAL H 99 -34.09 9.92 -32.87
C VAL H 99 -35.61 9.78 -33.01
N VAL H 100 -36.27 9.35 -31.94
CA VAL H 100 -37.69 9.03 -31.93
C VAL H 100 -38.43 10.09 -31.12
N PHE H 101 -39.49 10.65 -31.71
CA PHE H 101 -40.39 11.56 -31.01
C PHE H 101 -41.74 10.89 -30.78
N GLY H 102 -42.39 11.28 -29.69
CA GLY H 102 -43.75 10.83 -29.46
C GLY H 102 -44.73 11.48 -30.42
N GLY H 103 -45.98 10.99 -30.38
CA GLY H 103 -47.00 11.54 -31.25
C GLY H 103 -47.48 12.92 -30.85
N GLY H 104 -47.26 13.32 -29.61
CA GLY H 104 -47.81 14.56 -29.08
C GLY H 104 -48.97 14.29 -28.14
N THR H 105 -49.14 15.19 -27.17
CA THR H 105 -50.25 15.11 -26.23
C THR H 105 -50.67 16.55 -25.90
N LYS H 106 -51.88 16.93 -26.34
CA LYS H 106 -52.41 18.28 -26.12
C LYS H 106 -52.91 18.38 -24.68
N LEU H 107 -52.25 19.21 -23.88
CA LEU H 107 -52.68 19.41 -22.49
C LEU H 107 -53.64 20.59 -22.39
N GLU I 1 -13.43 0.32 38.20
CA GLU I 1 -14.66 0.96 38.66
C GLU I 1 -14.50 2.48 38.69
N VAL I 2 -15.36 3.17 38.00
CA VAL I 2 -15.27 4.60 37.93
C VAL I 2 -16.17 5.15 38.97
N GLN I 3 -15.73 6.13 39.72
CA GLN I 3 -16.59 6.65 40.73
C GLN I 3 -16.38 8.09 40.91
N LEU I 4 -17.46 8.86 40.95
CA LEU I 4 -17.39 10.29 41.16
C LEU I 4 -18.13 10.61 42.41
N VAL I 5 -17.70 11.63 43.10
CA VAL I 5 -18.30 12.03 44.37
C VAL I 5 -18.27 13.54 44.47
N GLU I 6 -19.42 14.14 44.78
CA GLU I 6 -19.54 15.58 44.92
C GLU I 6 -19.69 15.96 46.39
N SER I 7 -19.08 17.08 46.77
CA SER I 7 -19.28 17.67 48.09
C SER I 7 -19.42 19.18 47.95
N GLY I 8 -19.89 19.81 49.03
CA GLY I 8 -20.00 21.26 49.07
C GLY I 8 -21.42 21.79 49.04
N GLY I 9 -22.43 20.92 49.02
CA GLY I 9 -23.80 21.40 48.98
C GLY I 9 -24.25 21.93 50.34
N GLY I 10 -24.99 23.03 50.29
CA GLY I 10 -25.53 23.61 51.51
C GLY I 10 -26.67 24.57 51.22
N LEU I 11 -27.03 25.35 52.24
CA LEU I 11 -28.04 26.38 52.12
C LEU I 11 -27.36 27.73 52.03
N VAL I 12 -27.82 28.56 51.10
CA VAL I 12 -27.19 29.85 50.82
C VAL I 12 -28.27 30.90 50.63
N GLN I 13 -28.12 32.03 51.31
CA GLN I 13 -29.00 33.17 51.06
C GLN I 13 -28.76 33.69 49.65
N PRO I 14 -29.82 34.05 48.91
CA PRO I 14 -29.65 34.57 47.55
C PRO I 14 -28.72 35.78 47.52
N GLY I 15 -27.88 35.83 46.49
CA GLY I 15 -26.82 36.80 46.42
C GLY I 15 -25.49 36.32 46.96
N GLY I 16 -25.41 35.05 47.37
CA GLY I 16 -24.19 34.48 47.89
C GLY I 16 -23.52 33.52 46.93
N SER I 17 -22.38 32.99 47.39
CA SER I 17 -21.53 32.13 46.58
C SER I 17 -21.40 30.75 47.22
N LEU I 18 -20.96 29.79 46.43
CA LEU I 18 -20.73 28.44 46.89
C LEU I 18 -19.82 27.73 45.89
N ARG I 19 -18.80 27.04 46.40
CA ARG I 19 -17.82 26.36 45.56
C ARG I 19 -18.03 24.84 45.69
N LEU I 20 -18.65 24.26 44.68
CA LEU I 20 -18.84 22.81 44.65
C LEU I 20 -17.57 22.14 44.14
N SER I 21 -17.30 20.94 44.66
CA SER I 21 -16.12 20.18 44.28
C SER I 21 -16.51 18.71 44.09
N CYS I 22 -16.29 18.21 42.88
CA CYS I 22 -16.52 16.79 42.58
C CYS I 22 -15.18 16.06 42.60
N ALA I 23 -15.19 14.86 43.19
CA ALA I 23 -13.98 14.07 43.39
C ALA I 23 -13.98 12.87 42.45
N ALA I 24 -12.93 12.74 41.65
CA ALA I 24 -12.85 11.70 40.64
C ALA I 24 -11.82 10.64 41.03
N SER I 25 -12.06 9.42 40.54
CA SER I 25 -11.23 8.27 40.83
C SER I 25 -11.64 7.12 39.91
N GLY I 26 -10.69 6.23 39.64
CA GLY I 26 -10.98 5.06 38.84
C GLY I 26 -10.87 5.23 37.34
N PHE I 27 -10.37 6.36 36.86
CA PHE I 27 -10.09 6.54 35.45
C PHE I 27 -8.99 7.58 35.30
N THR I 28 -8.46 7.69 34.09
CA THR I 28 -7.42 8.69 33.81
C THR I 28 -8.12 10.05 33.69
N PHE I 29 -8.13 10.80 34.80
CA PHE I 29 -8.96 12.00 34.89
C PHE I 29 -8.55 13.09 33.89
N SER I 30 -7.26 13.17 33.57
CA SER I 30 -6.76 14.25 32.73
C SER I 30 -7.27 14.14 31.30
N SER I 31 -7.60 12.94 30.83
CA SER I 31 -7.91 12.70 29.42
C SER I 31 -9.41 12.58 29.15
N TYR I 32 -10.25 13.02 30.09
CA TYR I 32 -11.70 12.97 29.90
C TYR I 32 -12.30 14.30 30.34
N ALA I 33 -12.97 14.99 29.43
CA ALA I 33 -13.66 16.22 29.76
C ALA I 33 -14.76 15.96 30.82
N MET I 34 -15.02 16.97 31.64
CA MET I 34 -15.99 16.86 32.72
C MET I 34 -17.08 17.93 32.58
N SER I 35 -18.25 17.63 33.12
CA SER I 35 -19.39 18.54 32.98
C SER I 35 -20.22 18.48 34.25
N TRP I 36 -20.98 19.56 34.48
CA TRP I 36 -21.86 19.68 35.65
C TRP I 36 -23.30 19.74 35.18
N VAL I 37 -24.13 18.83 35.70
CA VAL I 37 -25.55 18.81 35.39
C VAL I 37 -26.33 19.03 36.67
N ARG I 38 -27.42 19.79 36.58
CA ARG I 38 -28.27 20.08 37.72
C ARG I 38 -29.69 19.62 37.45
N GLN I 39 -30.46 19.42 38.53
CA GLN I 39 -31.86 19.02 38.41
C GLN I 39 -32.65 19.75 39.48
N ALA I 40 -33.54 20.64 39.05
CA ALA I 40 -34.45 21.31 39.97
C ALA I 40 -35.30 20.28 40.71
N PRO I 41 -35.73 20.58 41.94
CA PRO I 41 -36.41 19.56 42.76
C PRO I 41 -37.79 19.22 42.23
N GLY I 42 -37.85 18.31 41.26
CA GLY I 42 -39.13 17.88 40.71
C GLY I 42 -39.26 18.18 39.24
N LYS I 43 -38.18 18.68 38.64
CA LYS I 43 -38.10 19.03 37.23
C LYS I 43 -37.05 18.17 36.50
N GLY I 44 -36.83 18.47 35.23
CA GLY I 44 -35.94 17.67 34.42
C GLY I 44 -34.47 18.01 34.60
N LEU I 45 -33.65 17.37 33.77
CA LEU I 45 -32.21 17.62 33.79
C LEU I 45 -31.89 18.86 32.98
N GLU I 46 -30.84 19.56 33.41
CA GLU I 46 -30.38 20.77 32.73
C GLU I 46 -28.87 20.82 32.81
N TRP I 47 -28.20 20.80 31.66
CA TRP I 47 -26.75 20.90 31.64
C TRP I 47 -26.31 22.33 31.95
N VAL I 48 -25.25 22.45 32.75
CA VAL I 48 -24.84 23.72 33.35
C VAL I 48 -23.56 24.25 32.74
N SER I 49 -22.50 23.45 32.72
CA SER I 49 -21.25 23.85 32.10
C SER I 49 -20.42 22.60 31.77
N ALA I 50 -19.24 22.82 31.22
CA ALA I 50 -18.34 21.73 30.85
C ALA I 50 -16.94 22.29 30.72
N ILE I 51 -15.96 21.41 30.88
CA ILE I 51 -14.55 21.81 30.85
C ILE I 51 -13.75 20.70 30.19
N SER I 52 -12.76 21.07 29.37
CA SER I 52 -11.96 20.12 28.62
C SER I 52 -10.94 19.43 29.54
N GLY I 53 -10.33 18.36 29.01
CA GLY I 53 -9.36 17.60 29.79
C GLY I 53 -8.15 18.43 30.19
N SER I 54 -7.62 19.23 29.26
CA SER I 54 -6.51 20.12 29.57
C SER I 54 -6.92 21.16 30.61
N GLY I 55 -8.11 21.71 30.49
CA GLY I 55 -8.57 22.79 31.34
C GLY I 55 -8.54 24.15 30.69
N GLY I 56 -8.06 24.26 29.45
CA GLY I 56 -7.98 25.53 28.77
C GLY I 56 -9.33 26.03 28.28
N SER I 57 -10.08 25.14 27.64
CA SER I 57 -11.39 25.48 27.11
C SER I 57 -12.48 25.25 28.16
N THR I 58 -13.34 26.24 28.34
CA THR I 58 -14.41 26.19 29.33
C THR I 58 -15.71 26.66 28.67
N TYR I 59 -16.76 25.84 28.78
CA TYR I 59 -18.03 26.11 28.11
C TYR I 59 -19.15 26.14 29.14
N TYR I 60 -19.90 27.23 29.18
CA TYR I 60 -21.02 27.42 30.11
C TYR I 60 -22.34 27.42 29.36
N ALA I 61 -23.41 27.11 30.08
CA ALA I 61 -24.75 27.28 29.56
C ALA I 61 -25.15 28.76 29.64
N ASP I 62 -26.21 29.11 28.92
CA ASP I 62 -26.64 30.52 28.89
C ASP I 62 -27.13 30.97 30.26
N SER I 63 -28.00 30.17 30.88
CA SER I 63 -28.66 30.57 32.11
C SER I 63 -27.69 30.92 33.22
N VAL I 64 -26.46 30.41 33.17
CA VAL I 64 -25.49 30.58 34.24
C VAL I 64 -24.22 31.30 33.79
N LYS I 65 -24.14 31.72 32.53
CA LYS I 65 -22.90 32.28 32.01
C LYS I 65 -22.54 33.58 32.71
N GLY I 66 -21.26 33.70 33.09
CA GLY I 66 -20.75 34.84 33.79
C GLY I 66 -20.85 34.75 35.30
N ARG I 67 -21.89 34.09 35.82
CA ARG I 67 -22.02 33.87 37.25
C ARG I 67 -21.32 32.60 37.71
N PHE I 68 -21.30 31.56 36.88
CA PHE I 68 -20.63 30.31 37.19
C PHE I 68 -19.27 30.29 36.53
N THR I 69 -18.28 29.75 37.24
CA THR I 69 -16.93 29.57 36.72
C THR I 69 -16.47 28.15 37.04
N ILE I 70 -16.21 27.37 36.01
CA ILE I 70 -15.76 25.99 36.18
C ILE I 70 -14.23 25.96 36.08
N SER I 71 -13.64 25.03 36.84
CA SER I 71 -12.19 24.86 36.88
C SER I 71 -11.88 23.45 37.35
N ARG I 72 -10.64 23.03 37.15
CA ARG I 72 -10.23 21.70 37.57
C ARG I 72 -8.74 21.69 37.90
N ASP I 73 -8.36 20.70 38.69
CA ASP I 73 -6.96 20.45 39.04
C ASP I 73 -6.66 19.00 38.68
N ASN I 74 -5.93 18.78 37.57
CA ASN I 74 -5.66 17.42 37.12
C ASN I 74 -4.77 16.64 38.08
N SER I 75 -4.01 17.33 38.93
CA SER I 75 -3.15 16.64 39.89
C SER I 75 -3.94 16.09 41.07
N LYS I 76 -4.94 16.84 41.55
CA LYS I 76 -5.76 16.42 42.67
C LYS I 76 -6.97 15.59 42.25
N ASN I 77 -7.05 15.20 40.97
CA ASN I 77 -8.20 14.47 40.41
C ASN I 77 -9.53 15.01 40.93
N THR I 78 -9.63 16.34 40.97
CA THR I 78 -10.78 17.04 41.56
C THR I 78 -11.36 18.03 40.54
N LEU I 79 -12.67 18.16 40.58
CA LEU I 79 -13.42 19.09 39.75
C LEU I 79 -14.02 20.15 40.63
N TYR I 80 -14.30 21.33 40.05
CA TYR I 80 -14.82 22.44 40.82
C TYR I 80 -15.88 23.18 40.00
N LEU I 81 -16.75 23.88 40.71
CA LEU I 81 -17.71 24.78 40.09
C LEU I 81 -17.96 25.93 41.04
N GLN I 82 -17.57 27.14 40.64
CA GLN I 82 -17.76 28.33 41.45
C GLN I 82 -19.08 28.99 41.07
N MET I 83 -20.03 28.98 41.99
CA MET I 83 -21.36 29.53 41.76
C MET I 83 -21.46 30.88 42.47
N ASN I 84 -21.68 31.94 41.69
CA ASN I 84 -21.73 33.30 42.22
C ASN I 84 -23.02 33.97 41.78
N SER I 85 -23.41 35.01 42.52
CA SER I 85 -24.66 35.74 42.28
C SER I 85 -25.85 34.79 42.25
N LEU I 86 -25.87 33.85 43.18
CA LEU I 86 -26.87 32.79 43.20
C LEU I 86 -28.29 33.35 43.24
N ARG I 87 -29.23 32.55 42.77
CA ARG I 87 -30.63 32.95 42.71
C ARG I 87 -31.50 31.81 43.22
N ALA I 88 -32.79 32.09 43.38
CA ALA I 88 -33.74 31.05 43.74
C ALA I 88 -33.84 29.98 42.65
N GLU I 89 -33.70 30.39 41.38
CA GLU I 89 -33.83 29.44 40.27
C GLU I 89 -32.72 28.41 40.30
N ASP I 90 -31.53 28.78 40.76
CA ASP I 90 -30.37 27.89 40.75
C ASP I 90 -30.40 26.86 41.87
N THR I 91 -31.50 26.78 42.62
CA THR I 91 -31.65 25.76 43.64
C THR I 91 -31.95 24.42 43.00
N ALA I 92 -31.06 23.45 43.17
CA ALA I 92 -31.19 22.15 42.49
C ALA I 92 -30.19 21.17 43.09
N VAL I 93 -30.13 19.98 42.47
CA VAL I 93 -29.13 18.96 42.77
C VAL I 93 -28.12 18.94 41.63
N TYR I 94 -26.82 18.98 41.97
CA TYR I 94 -25.75 19.12 40.99
C TYR I 94 -24.93 17.83 40.90
N TYR I 95 -24.88 17.25 39.70
CA TYR I 95 -24.05 16.09 39.40
C TYR I 95 -22.83 16.50 38.57
N CYS I 96 -21.72 15.79 38.78
CA CYS I 96 -20.61 15.84 37.84
C CYS I 96 -20.69 14.59 36.98
N ALA I 97 -20.61 14.79 35.66
CA ALA I 97 -20.83 13.72 34.69
C ALA I 97 -19.58 13.60 33.83
N LYS I 98 -18.96 12.42 33.86
CA LYS I 98 -17.78 12.18 33.02
C LYS I 98 -18.20 12.17 31.56
N ASP I 99 -17.57 13.04 30.77
CA ASP I 99 -17.81 13.04 29.32
C ASP I 99 -17.01 11.92 28.68
N ARG I 100 -17.49 11.47 27.52
CA ARG I 100 -16.86 10.34 26.82
C ARG I 100 -15.66 10.77 25.98
N LEU I 101 -15.55 12.05 25.63
CA LEU I 101 -14.49 12.57 24.78
C LEU I 101 -13.45 13.33 25.60
N LEU I 102 -12.29 13.55 24.97
CA LEU I 102 -11.28 14.44 25.56
C LEU I 102 -11.71 15.90 25.44
N TRP I 103 -12.15 16.29 24.24
CA TRP I 103 -12.59 17.65 23.96
C TRP I 103 -14.10 17.76 24.11
N PHE I 104 -14.55 18.92 24.54
CA PHE I 104 -15.98 19.22 24.55
C PHE I 104 -16.30 20.27 23.49
N GLY I 105 -17.48 20.15 22.92
CA GLY I 105 -17.96 21.15 21.99
C GLY I 105 -17.40 21.03 20.58
N GLU I 106 -17.53 19.86 19.96
CA GLU I 106 -17.04 19.75 18.59
C GLU I 106 -17.90 18.75 17.80
N LEU I 107 -18.94 19.27 17.15
CA LEU I 107 -19.58 18.61 16.01
C LEU I 107 -20.31 17.34 16.40
N LEU I 108 -20.07 16.85 17.62
CA LEU I 108 -20.52 15.52 17.99
C LEU I 108 -20.29 15.29 19.48
N PHE I 109 -21.33 14.88 20.20
CA PHE I 109 -21.27 14.70 21.64
C PHE I 109 -21.90 13.35 21.95
N GLU I 110 -21.09 12.42 22.46
CA GLU I 110 -21.50 11.05 22.70
C GLU I 110 -22.16 10.88 24.06
N GLY I 111 -22.46 11.97 24.75
CA GLY I 111 -23.18 11.91 26.02
C GLY I 111 -22.25 11.81 27.21
N PHE I 112 -22.78 11.26 28.29
CA PHE I 112 -22.01 10.95 29.48
C PHE I 112 -22.12 9.46 29.75
N ASP I 113 -21.11 8.89 30.41
CA ASP I 113 -21.18 7.48 30.76
C ASP I 113 -21.22 7.22 32.27
N TYR I 114 -20.83 8.19 33.10
CA TYR I 114 -20.90 7.98 34.55
C TYR I 114 -21.36 9.26 35.22
N TRP I 115 -22.15 9.09 36.28
CA TRP I 115 -22.75 10.20 36.99
C TRP I 115 -22.43 10.10 38.48
N GLY I 116 -21.92 11.19 39.04
CA GLY I 116 -21.74 11.26 40.48
C GLY I 116 -23.06 11.16 41.23
N GLN I 117 -22.95 10.96 42.53
CA GLN I 117 -24.15 10.69 43.35
C GLN I 117 -25.03 11.93 43.51
N GLY I 118 -24.44 13.12 43.52
CA GLY I 118 -25.20 14.35 43.60
C GLY I 118 -24.96 15.10 44.89
N THR I 119 -25.35 16.38 44.88
CA THR I 119 -25.26 17.25 46.04
C THR I 119 -26.34 18.32 45.93
N LEU I 120 -26.95 18.67 47.06
CA LEU I 120 -28.08 19.58 47.10
C LEU I 120 -27.62 20.99 47.46
N VAL I 121 -27.83 21.93 46.54
CA VAL I 121 -27.61 23.36 46.80
C VAL I 121 -28.97 24.00 46.87
N THR I 122 -29.28 24.59 48.03
CA THR I 122 -30.58 25.22 48.28
C THR I 122 -30.35 26.72 48.50
N VAL I 123 -31.13 27.54 47.83
CA VAL I 123 -30.99 28.99 47.89
C VAL I 123 -32.35 29.60 48.20
N SER I 124 -32.49 30.16 49.41
CA SER I 124 -33.72 30.81 49.84
C SER I 124 -33.42 31.63 51.09
N SER I 125 -34.00 32.83 51.15
CA SER I 125 -33.96 33.67 52.34
C SER I 125 -34.97 33.11 53.35
N ALA I 126 -34.57 32.04 54.02
CA ALA I 126 -35.49 31.24 54.83
C ALA I 126 -35.68 31.92 56.19
N SER I 127 -36.67 32.80 56.24
CA SER I 127 -37.12 33.37 57.51
C SER I 127 -38.29 32.52 58.02
N THR I 128 -38.16 32.00 59.23
CA THR I 128 -39.23 31.19 59.83
C THR I 128 -40.51 32.01 59.97
N LYS I 129 -41.62 31.48 59.44
CA LYS I 129 -42.89 32.18 59.45
C LYS I 129 -44.01 31.27 59.93
N GLY I 130 -44.91 31.83 60.74
CA GLY I 130 -46.13 31.15 61.11
C GLY I 130 -47.16 31.27 60.01
N PRO I 131 -47.95 30.20 59.80
CA PRO I 131 -48.92 30.21 58.70
C PRO I 131 -50.05 31.21 58.90
N SER I 132 -50.90 31.33 57.88
CA SER I 132 -52.13 32.12 57.94
C SER I 132 -53.24 31.25 57.37
N VAL I 133 -54.16 30.80 58.24
CA VAL I 133 -55.13 29.78 57.89
C VAL I 133 -56.36 30.42 57.27
N PHE I 134 -56.85 29.84 56.18
CA PHE I 134 -58.06 30.29 55.52
C PHE I 134 -59.03 29.14 55.34
N PRO I 135 -60.34 29.39 55.53
CA PRO I 135 -61.33 28.32 55.38
C PRO I 135 -61.70 28.08 53.93
N LEU I 136 -61.73 26.82 53.53
CA LEU I 136 -62.24 26.42 52.22
C LEU I 136 -63.70 26.02 52.40
N ALA I 137 -64.61 26.94 52.08
CA ALA I 137 -66.03 26.70 52.28
C ALA I 137 -66.56 25.68 51.27
N PRO I 138 -67.61 24.94 51.63
CA PRO I 138 -68.14 23.92 50.72
C PRO I 138 -69.06 24.52 49.67
N SER I 139 -69.38 23.71 48.67
CA SER I 139 -70.20 24.16 47.55
C SER I 139 -71.60 24.56 48.03
N SER I 140 -72.32 25.25 47.15
CA SER I 140 -73.64 25.79 47.50
C SER I 140 -74.65 24.67 47.62
N LYS I 141 -74.51 23.89 48.71
CA LYS I 141 -75.40 22.76 49.03
C LYS I 141 -75.56 21.80 47.84
N SER I 142 -74.52 21.68 47.02
CA SER I 142 -74.51 20.73 45.93
C SER I 142 -73.66 19.52 46.30
N THR I 143 -74.07 18.35 45.83
CA THR I 143 -73.44 17.11 46.26
C THR I 143 -73.48 16.10 45.12
N SER I 144 -72.92 14.91 45.37
CA SER I 144 -72.76 13.85 44.37
C SER I 144 -73.58 12.60 44.69
N GLY I 145 -73.33 11.97 45.84
CA GLY I 145 -74.10 10.84 46.30
C GLY I 145 -74.30 11.01 47.79
N GLY I 146 -74.36 12.27 48.23
CA GLY I 146 -74.46 12.65 49.62
C GLY I 146 -73.24 13.40 50.13
N THR I 147 -72.11 13.30 49.42
CA THR I 147 -70.83 13.82 49.88
C THR I 147 -70.81 15.34 49.82
N ALA I 148 -69.68 15.91 50.23
CA ALA I 148 -69.42 17.34 50.18
C ALA I 148 -67.93 17.55 50.45
N ALA I 149 -67.42 18.69 50.02
CA ALA I 149 -66.00 18.98 50.12
C ALA I 149 -65.81 20.32 50.81
N LEU I 150 -65.22 20.30 52.01
CA LEU I 150 -64.79 21.49 52.71
C LEU I 150 -63.48 21.20 53.42
N GLY I 151 -62.68 22.25 53.64
CA GLY I 151 -61.40 22.06 54.27
C GLY I 151 -60.79 23.37 54.70
N CYS I 152 -59.56 23.28 55.20
CA CYS I 152 -58.82 24.44 55.65
C CYS I 152 -57.57 24.60 54.79
N LEU I 153 -57.17 25.86 54.59
CA LEU I 153 -56.03 26.20 53.74
C LEU I 153 -54.92 26.79 54.59
N VAL I 154 -53.78 26.10 54.63
CA VAL I 154 -52.58 26.60 55.29
C VAL I 154 -51.70 27.24 54.23
N LYS I 155 -51.25 28.46 54.49
CA LYS I 155 -50.63 29.27 53.43
C LYS I 155 -49.38 29.96 53.96
N ASP I 156 -48.30 29.89 53.16
CA ASP I 156 -47.08 30.67 53.38
C ASP I 156 -46.45 30.39 54.74
N TYR I 157 -46.22 29.11 55.03
CA TYR I 157 -45.62 28.70 56.29
C TYR I 157 -44.23 28.12 56.04
N PHE I 158 -43.36 28.28 57.04
CA PHE I 158 -42.01 27.73 56.99
C PHE I 158 -41.50 27.61 58.42
N PRO I 159 -40.79 26.52 58.77
CA PRO I 159 -40.55 25.38 57.87
C PRO I 159 -41.54 24.25 58.10
N GLU I 160 -41.31 23.12 57.43
CA GLU I 160 -42.08 21.94 57.73
C GLU I 160 -41.71 21.42 59.12
N PRO I 161 -42.64 20.76 59.82
CA PRO I 161 -44.01 20.47 59.37
C PRO I 161 -45.08 21.29 60.07
N VAL I 162 -46.34 21.05 59.68
CA VAL I 162 -47.51 21.47 60.41
C VAL I 162 -48.37 20.24 60.63
N THR I 163 -49.33 20.36 61.54
CA THR I 163 -50.26 19.28 61.84
C THR I 163 -51.67 19.84 61.82
N VAL I 164 -52.56 19.20 61.06
CA VAL I 164 -53.93 19.67 60.86
C VAL I 164 -54.87 18.57 61.33
N SER I 165 -55.62 18.85 62.41
CA SER I 165 -56.64 17.96 62.91
C SER I 165 -57.98 18.68 62.87
N TRP I 166 -59.06 17.91 62.93
CA TRP I 166 -60.41 18.44 62.78
C TRP I 166 -61.22 18.16 64.04
N ASN I 167 -61.74 19.23 64.65
CA ASN I 167 -62.50 19.17 65.91
C ASN I 167 -61.66 18.52 67.01
N SER I 168 -60.46 19.08 67.22
CA SER I 168 -59.54 18.67 68.29
C SER I 168 -59.25 17.18 68.27
N GLY I 169 -59.28 16.56 67.08
CA GLY I 169 -58.96 15.15 66.92
C GLY I 169 -60.16 14.23 66.88
N ALA I 170 -61.39 14.77 66.88
CA ALA I 170 -62.58 13.93 66.84
C ALA I 170 -62.83 13.38 65.45
N LEU I 171 -62.75 14.23 64.43
CA LEU I 171 -63.08 13.86 63.05
C LEU I 171 -61.85 13.21 62.42
N THR I 172 -61.94 11.89 62.17
CA THR I 172 -60.89 11.12 61.53
C THR I 172 -61.32 10.57 60.18
N SER I 173 -62.51 10.00 60.09
CA SER I 173 -62.96 9.38 58.85
C SER I 173 -63.33 10.43 57.82
N GLY I 174 -62.82 10.27 56.60
CA GLY I 174 -63.13 11.18 55.52
C GLY I 174 -62.18 12.36 55.37
N VAL I 175 -61.15 12.46 56.21
CA VAL I 175 -60.18 13.56 56.14
C VAL I 175 -59.04 13.17 55.22
N HIS I 176 -58.46 14.19 54.57
CA HIS I 176 -57.26 13.99 53.77
C HIS I 176 -56.43 15.26 53.82
N THR I 177 -55.24 15.17 54.42
CA THR I 177 -54.30 16.28 54.48
C THR I 177 -53.22 16.06 53.40
N PHE I 178 -53.13 17.01 52.48
CA PHE I 178 -52.23 16.86 51.34
C PHE I 178 -50.79 17.24 51.71
N PRO I 179 -49.82 16.71 50.96
CA PRO I 179 -48.44 17.19 51.13
C PRO I 179 -48.33 18.68 50.80
N ALA I 180 -47.34 19.32 51.42
CA ALA I 180 -47.10 20.74 51.18
C ALA I 180 -46.39 20.94 49.85
N VAL I 181 -46.58 22.14 49.28
CA VAL I 181 -45.89 22.55 48.05
C VAL I 181 -44.84 23.58 48.45
N LEU I 182 -43.62 23.39 47.96
CA LEU I 182 -42.53 24.36 48.20
C LEU I 182 -42.62 25.39 47.09
N GLN I 183 -43.34 26.48 47.36
CA GLN I 183 -43.59 27.46 46.31
C GLN I 183 -42.35 28.31 46.08
N SER I 184 -42.49 29.29 45.18
CA SER I 184 -41.34 30.05 44.69
C SER I 184 -40.70 30.88 45.80
N SER I 185 -41.50 31.37 46.75
CA SER I 185 -41.02 32.24 47.83
C SER I 185 -40.10 31.54 48.82
N GLY I 186 -39.72 30.28 48.58
CA GLY I 186 -38.95 29.51 49.55
C GLY I 186 -39.75 28.94 50.69
N LEU I 187 -41.07 29.19 50.72
CA LEU I 187 -41.94 28.75 51.79
C LEU I 187 -42.77 27.54 51.34
N TYR I 188 -43.41 26.89 52.30
CA TYR I 188 -44.31 25.79 52.05
C TYR I 188 -45.76 26.28 52.06
N SER I 189 -46.68 25.37 51.69
CA SER I 189 -48.11 25.61 51.75
C SER I 189 -48.83 24.29 51.53
N LEU I 190 -49.91 24.06 52.27
CA LEU I 190 -50.67 22.83 52.10
C LEU I 190 -52.12 23.08 52.46
N SER I 191 -52.95 22.08 52.15
CA SER I 191 -54.37 22.12 52.50
C SER I 191 -54.76 20.76 53.06
N SER I 192 -55.97 20.71 53.62
CA SER I 192 -56.56 19.48 54.12
C SER I 192 -58.06 19.61 53.98
N VAL I 193 -58.71 18.55 53.47
CA VAL I 193 -60.15 18.56 53.22
C VAL I 193 -60.80 17.32 53.80
N VAL I 194 -62.12 17.40 54.01
CA VAL I 194 -62.93 16.32 54.54
C VAL I 194 -64.11 16.07 53.61
N THR I 195 -64.49 14.80 53.45
CA THR I 195 -65.66 14.41 52.68
C THR I 195 -66.81 14.16 53.65
N VAL I 196 -67.75 15.09 53.73
CA VAL I 196 -68.77 15.10 54.77
C VAL I 196 -70.13 14.95 54.10
N PRO I 197 -71.15 14.54 54.85
CA PRO I 197 -72.50 14.46 54.26
C PRO I 197 -73.10 15.83 54.01
N SER I 198 -73.78 15.95 52.87
CA SER I 198 -74.36 17.23 52.47
C SER I 198 -75.55 17.65 53.33
N SER I 199 -76.09 16.75 54.14
CA SER I 199 -77.22 17.08 55.01
C SER I 199 -76.81 18.08 56.09
N SER I 200 -75.81 17.71 56.91
CA SER I 200 -75.40 18.49 58.08
C SER I 200 -74.82 19.86 57.72
N LEU I 201 -74.71 20.16 56.43
CA LEU I 201 -74.27 21.49 56.02
C LEU I 201 -75.23 22.55 56.57
N GLY I 202 -74.66 23.55 57.23
CA GLY I 202 -75.44 24.61 57.84
C GLY I 202 -76.00 24.28 59.22
N THR I 203 -76.02 23.00 59.61
CA THR I 203 -76.52 22.58 60.91
C THR I 203 -75.42 22.09 61.84
N GLN I 204 -74.17 22.04 61.39
CA GLN I 204 -73.07 21.52 62.18
C GLN I 204 -71.87 22.44 62.05
N THR I 205 -71.00 22.37 63.05
CA THR I 205 -69.78 23.18 63.12
C THR I 205 -68.57 22.28 62.92
N TYR I 206 -67.77 22.59 61.89
CA TYR I 206 -66.51 21.91 61.62
C TYR I 206 -65.36 22.86 61.93
N ILE I 207 -64.48 22.45 62.84
CA ILE I 207 -63.33 23.25 63.27
C ILE I 207 -62.06 22.51 62.86
N CYS I 208 -61.15 23.20 62.18
CA CYS I 208 -59.86 22.63 61.84
C CYS I 208 -58.81 23.15 62.81
N ASN I 209 -57.94 22.25 63.26
CA ASN I 209 -56.91 22.56 64.24
C ASN I 209 -55.56 22.46 63.57
N VAL I 210 -54.90 23.61 63.36
CA VAL I 210 -53.57 23.68 62.77
C VAL I 210 -52.56 23.94 63.86
N ASN I 211 -51.46 23.19 63.86
CA ASN I 211 -50.40 23.30 64.86
C ASN I 211 -49.06 23.44 64.13
N HIS I 212 -48.42 24.60 64.28
CA HIS I 212 -47.08 24.84 63.76
C HIS I 212 -46.15 25.06 64.95
N LYS I 213 -45.29 24.07 65.21
CA LYS I 213 -44.45 24.14 66.41
C LYS I 213 -43.33 25.16 66.29
N PRO I 214 -42.51 25.17 65.22
CA PRO I 214 -41.38 26.11 65.19
C PRO I 214 -41.77 27.57 65.31
N SER I 215 -42.93 27.95 64.80
CA SER I 215 -43.43 29.31 64.98
C SER I 215 -44.30 29.48 66.22
N ASN I 216 -44.54 28.39 66.96
CA ASN I 216 -45.44 28.39 68.12
C ASN I 216 -46.81 28.98 67.75
N THR I 217 -47.23 28.77 66.50
CA THR I 217 -48.49 29.29 65.98
C THR I 217 -49.44 28.10 65.82
N LYS I 218 -50.52 28.12 66.60
CA LYS I 218 -51.58 27.11 66.53
C LYS I 218 -52.92 27.83 66.48
N VAL I 219 -53.74 27.51 65.49
CA VAL I 219 -54.99 28.22 65.24
C VAL I 219 -56.09 27.23 64.91
N ASP I 220 -57.25 27.40 65.56
CA ASP I 220 -58.46 26.68 65.21
C ASP I 220 -59.30 27.57 64.29
N LYS I 221 -59.81 26.98 63.20
CA LYS I 221 -60.56 27.74 62.20
C LYS I 221 -61.87 27.01 61.88
N LYS I 222 -62.91 27.79 61.64
CA LYS I 222 -64.24 27.27 61.39
C LYS I 222 -64.64 27.51 59.94
N VAL I 223 -65.31 26.54 59.33
CA VAL I 223 -65.68 26.62 57.93
C VAL I 223 -67.17 26.97 57.77
N GLU J 1 -18.53 -36.69 -18.55
CA GLU J 1 -19.59 -37.46 -17.88
C GLU J 1 -19.00 -38.35 -16.79
N VAL J 2 -19.52 -38.19 -15.58
CA VAL J 2 -19.00 -38.86 -14.40
C VAL J 2 -19.76 -40.17 -14.18
N GLN J 3 -19.03 -41.27 -14.01
CA GLN J 3 -19.61 -42.56 -13.68
C GLN J 3 -18.96 -43.07 -12.40
N LEU J 4 -19.80 -43.39 -11.41
CA LEU J 4 -19.37 -44.00 -10.17
C LEU J 4 -20.11 -45.32 -10.02
N VAL J 5 -19.35 -46.42 -9.97
CA VAL J 5 -19.93 -47.77 -10.04
C VAL J 5 -19.48 -48.57 -8.82
N GLU J 6 -20.38 -48.76 -7.87
CA GLU J 6 -20.09 -49.55 -6.68
C GLU J 6 -20.31 -51.03 -6.97
N SER J 7 -19.67 -51.86 -6.14
CA SER J 7 -19.81 -53.31 -6.26
C SER J 7 -19.34 -53.92 -4.95
N GLY J 8 -19.40 -55.25 -4.89
CA GLY J 8 -18.86 -56.00 -3.78
C GLY J 8 -19.80 -56.18 -2.61
N GLY J 9 -21.10 -55.90 -2.79
CA GLY J 9 -22.07 -56.06 -1.72
C GLY J 9 -22.67 -57.46 -1.70
N GLY J 10 -23.55 -57.67 -0.74
CA GLY J 10 -24.25 -58.94 -0.61
C GLY J 10 -24.57 -59.23 0.84
N LEU J 11 -25.06 -60.45 1.06
CA LEU J 11 -25.43 -60.89 2.40
C LEU J 11 -24.19 -61.34 3.15
N VAL J 12 -24.18 -61.06 4.46
CA VAL J 12 -23.03 -61.35 5.31
C VAL J 12 -23.54 -61.64 6.72
N GLN J 13 -22.88 -62.58 7.39
CA GLN J 13 -23.23 -62.90 8.78
C GLN J 13 -22.81 -61.78 9.72
N PRO J 14 -23.54 -61.60 10.83
CA PRO J 14 -23.11 -60.63 11.85
C PRO J 14 -21.69 -60.91 12.33
N GLY J 15 -21.00 -59.84 12.71
CA GLY J 15 -19.60 -59.91 13.05
C GLY J 15 -18.66 -60.19 11.89
N GLY J 16 -19.17 -60.40 10.69
CA GLY J 16 -18.35 -60.76 9.55
C GLY J 16 -17.53 -59.59 9.01
N SER J 17 -17.02 -59.79 7.80
CA SER J 17 -16.15 -58.80 7.16
C SER J 17 -16.47 -58.74 5.67
N LEU J 18 -16.65 -57.51 5.17
CA LEU J 18 -16.95 -57.30 3.76
C LEU J 18 -16.17 -56.09 3.26
N ARG J 19 -15.81 -56.12 1.97
CA ARG J 19 -14.91 -55.12 1.40
C ARG J 19 -15.53 -54.56 0.12
N LEU J 20 -16.01 -53.32 0.19
CA LEU J 20 -16.68 -52.67 -0.93
C LEU J 20 -15.69 -51.86 -1.76
N SER J 21 -15.96 -51.76 -3.05
CA SER J 21 -15.14 -50.98 -3.99
C SER J 21 -16.07 -50.17 -4.89
N CYS J 22 -15.76 -48.88 -5.05
CA CYS J 22 -16.48 -48.01 -5.97
C CYS J 22 -15.50 -47.56 -7.04
N ALA J 23 -15.63 -48.13 -8.24
CA ALA J 23 -14.79 -47.74 -9.37
C ALA J 23 -15.33 -46.44 -9.98
N ALA J 24 -14.42 -45.50 -10.22
CA ALA J 24 -14.79 -44.16 -10.66
C ALA J 24 -14.17 -43.85 -12.02
N SER J 25 -14.88 -43.06 -12.81
CA SER J 25 -14.40 -42.61 -14.11
C SER J 25 -15.05 -41.28 -14.44
N GLY J 26 -14.38 -40.49 -15.27
CA GLY J 26 -14.92 -39.24 -15.75
C GLY J 26 -14.36 -38.00 -15.11
N PHE J 27 -13.33 -38.12 -14.26
CA PHE J 27 -12.75 -36.94 -13.63
C PHE J 27 -11.36 -37.29 -13.10
N THR J 28 -10.58 -36.25 -12.80
CA THR J 28 -9.26 -36.43 -12.20
C THR J 28 -9.47 -36.93 -10.78
N PHE J 29 -9.35 -38.25 -10.60
CA PHE J 29 -9.69 -38.87 -9.32
C PHE J 29 -8.79 -38.37 -8.20
N SER J 30 -7.48 -38.25 -8.47
CA SER J 30 -6.51 -37.90 -7.44
C SER J 30 -6.79 -36.54 -6.82
N SER J 31 -7.50 -35.66 -7.51
CA SER J 31 -7.70 -34.28 -7.06
C SER J 31 -9.10 -34.03 -6.49
N TYR J 32 -9.80 -35.08 -6.07
CA TYR J 32 -11.12 -34.93 -5.45
C TYR J 32 -11.30 -35.94 -4.34
N ALA J 33 -11.77 -35.46 -3.19
CA ALA J 33 -12.13 -36.35 -2.09
C ALA J 33 -13.39 -37.13 -2.44
N MET J 34 -13.55 -38.27 -1.78
CA MET J 34 -14.73 -39.11 -1.94
C MET J 34 -15.32 -39.43 -0.57
N SER J 35 -16.49 -40.04 -0.58
CA SER J 35 -17.18 -40.42 0.65
C SER J 35 -18.05 -41.63 0.39
N TRP J 36 -18.36 -42.35 1.46
CA TRP J 36 -19.33 -43.44 1.43
C TRP J 36 -20.52 -43.01 2.24
N VAL J 37 -21.70 -42.97 1.61
CA VAL J 37 -22.93 -42.60 2.27
C VAL J 37 -23.89 -43.79 2.20
N ARG J 38 -24.51 -44.13 3.33
CA ARG J 38 -25.36 -45.31 3.40
C ARG J 38 -26.80 -44.92 3.72
N GLN J 39 -27.72 -45.76 3.24
CA GLN J 39 -29.16 -45.51 3.39
C GLN J 39 -29.83 -46.81 3.82
N ALA J 40 -30.31 -46.83 5.06
CA ALA J 40 -31.06 -47.96 5.62
C ALA J 40 -32.23 -48.30 4.71
N PRO J 41 -32.80 -49.51 4.81
CA PRO J 41 -33.94 -49.86 3.95
C PRO J 41 -35.21 -49.13 4.36
N GLY J 42 -35.38 -47.89 3.90
CA GLY J 42 -36.55 -47.09 4.18
C GLY J 42 -36.36 -45.96 5.17
N LYS J 43 -35.13 -45.56 5.46
CA LYS J 43 -34.79 -44.50 6.41
C LYS J 43 -34.06 -43.37 5.69
N GLY J 44 -33.72 -42.33 6.45
CA GLY J 44 -32.94 -41.24 5.89
C GLY J 44 -31.52 -41.66 5.55
N LEU J 45 -30.87 -40.85 4.73
CA LEU J 45 -29.48 -41.08 4.38
C LEU J 45 -28.60 -40.85 5.61
N GLU J 46 -27.49 -41.56 5.66
CA GLU J 46 -26.54 -41.45 6.76
C GLU J 46 -25.14 -41.32 6.20
N TRP J 47 -24.40 -40.31 6.67
CA TRP J 47 -23.00 -40.18 6.29
C TRP J 47 -22.14 -41.17 7.08
N VAL J 48 -21.23 -41.85 6.38
CA VAL J 48 -20.40 -42.90 6.97
C VAL J 48 -18.95 -42.45 7.12
N SER J 49 -18.27 -42.15 6.02
CA SER J 49 -16.86 -41.80 6.05
C SER J 49 -16.50 -41.09 4.74
N ALA J 50 -15.27 -40.61 4.68
CA ALA J 50 -14.79 -39.83 3.55
C ALA J 50 -13.28 -39.77 3.61
N ILE J 51 -12.63 -39.90 2.45
CA ILE J 51 -11.18 -39.85 2.35
C ILE J 51 -10.80 -38.71 1.42
N SER J 52 -9.76 -37.96 1.79
CA SER J 52 -9.30 -36.83 0.98
C SER J 52 -8.60 -37.34 -0.28
N GLY J 53 -8.40 -36.41 -1.23
CA GLY J 53 -7.95 -36.80 -2.56
C GLY J 53 -6.58 -37.48 -2.57
N SER J 54 -5.61 -36.89 -1.87
CA SER J 54 -4.28 -37.49 -1.79
C SER J 54 -4.27 -38.81 -1.03
N GLY J 55 -5.36 -39.16 -0.35
CA GLY J 55 -5.41 -40.36 0.48
C GLY J 55 -4.81 -40.21 1.86
N GLY J 56 -4.30 -39.02 2.21
CA GLY J 56 -3.68 -38.79 3.50
C GLY J 56 -4.61 -38.89 4.68
N SER J 57 -5.53 -37.93 4.80
CA SER J 57 -6.45 -37.87 5.92
C SER J 57 -7.75 -38.59 5.61
N THR J 58 -8.31 -39.24 6.64
CA THR J 58 -9.53 -40.02 6.52
C THR J 58 -10.41 -39.75 7.73
N TYR J 59 -11.72 -39.67 7.49
CA TYR J 59 -12.69 -39.26 8.49
C TYR J 59 -13.85 -40.24 8.55
N TYR J 60 -14.19 -40.71 9.76
CA TYR J 60 -15.26 -41.67 9.96
C TYR J 60 -16.33 -41.09 10.88
N ALA J 61 -17.50 -41.74 10.89
CA ALA J 61 -18.60 -41.34 11.75
C ALA J 61 -18.66 -42.24 12.98
N ASP J 62 -19.11 -41.65 14.10
CA ASP J 62 -19.07 -42.34 15.39
C ASP J 62 -19.71 -43.72 15.32
N SER J 63 -20.71 -43.89 14.46
CA SER J 63 -21.39 -45.17 14.37
C SER J 63 -20.45 -46.27 13.88
N VAL J 64 -19.53 -45.93 13.00
CA VAL J 64 -18.69 -46.94 12.34
C VAL J 64 -17.23 -46.81 12.69
N LYS J 65 -16.83 -45.78 13.44
CA LYS J 65 -15.41 -45.53 13.67
C LYS J 65 -14.77 -46.70 14.41
N GLY J 66 -13.58 -47.10 13.97
CA GLY J 66 -12.89 -48.24 14.52
C GLY J 66 -13.27 -49.55 13.87
N ARG J 67 -14.48 -49.65 13.34
CA ARG J 67 -14.94 -50.84 12.62
C ARG J 67 -14.70 -50.72 11.12
N PHE J 68 -14.90 -49.53 10.56
CA PHE J 68 -14.74 -49.31 9.12
C PHE J 68 -13.42 -48.64 8.81
N THR J 69 -12.85 -49.00 7.66
CA THR J 69 -11.58 -48.46 7.19
C THR J 69 -11.68 -48.20 5.69
N ILE J 70 -11.51 -46.93 5.29
CA ILE J 70 -11.61 -46.54 3.88
C ILE J 70 -10.22 -46.31 3.30
N SER J 71 -9.99 -46.84 2.10
CA SER J 71 -8.73 -46.70 1.40
C SER J 71 -9.02 -46.35 -0.06
N ARG J 72 -7.99 -45.96 -0.80
CA ARG J 72 -8.16 -45.65 -2.20
C ARG J 72 -6.89 -45.98 -2.98
N ASP J 73 -7.07 -46.14 -4.28
CA ASP J 73 -6.01 -46.50 -5.23
C ASP J 73 -6.11 -45.49 -6.37
N ASN J 74 -5.28 -44.43 -6.32
CA ASN J 74 -5.32 -43.40 -7.34
C ASN J 74 -4.70 -43.83 -8.66
N SER J 75 -3.98 -44.96 -8.68
CA SER J 75 -3.49 -45.51 -9.94
C SER J 75 -4.60 -46.23 -10.71
N LYS J 76 -5.51 -46.90 -10.00
CA LYS J 76 -6.59 -47.67 -10.61
C LYS J 76 -7.91 -46.92 -10.63
N ASN J 77 -7.96 -45.69 -10.11
CA ASN J 77 -9.19 -44.90 -10.00
C ASN J 77 -10.30 -45.69 -9.32
N THR J 78 -10.03 -46.09 -8.07
CA THR J 78 -10.92 -46.95 -7.31
C THR J 78 -11.01 -46.43 -5.89
N LEU J 79 -12.19 -46.52 -5.29
CA LEU J 79 -12.41 -46.20 -3.89
C LEU J 79 -12.89 -47.45 -3.17
N TYR J 80 -12.41 -47.65 -1.95
CA TYR J 80 -12.68 -48.85 -1.17
C TYR J 80 -13.41 -48.49 0.13
N LEU J 81 -13.95 -49.51 0.77
CA LEU J 81 -14.46 -49.39 2.14
C LEU J 81 -14.45 -50.78 2.76
N GLN J 82 -13.54 -51.02 3.70
CA GLN J 82 -13.48 -52.29 4.42
C GLN J 82 -14.43 -52.24 5.61
N MET J 83 -15.28 -53.24 5.71
CA MET J 83 -16.30 -53.32 6.77
C MET J 83 -15.98 -54.52 7.65
N ASN J 84 -15.73 -54.25 8.94
CA ASN J 84 -15.45 -55.28 9.93
C ASN J 84 -16.43 -55.14 11.08
N SER J 85 -16.53 -56.19 11.89
CA SER J 85 -17.41 -56.21 13.06
C SER J 85 -18.83 -55.76 12.69
N LEU J 86 -19.29 -56.21 11.53
CA LEU J 86 -20.59 -55.77 11.01
C LEU J 86 -21.72 -56.19 11.95
N ARG J 87 -22.48 -55.20 12.42
CA ARG J 87 -23.69 -55.45 13.18
C ARG J 87 -24.90 -55.49 12.23
N ALA J 88 -26.04 -55.91 12.78
CA ALA J 88 -27.27 -56.01 11.98
C ALA J 88 -27.74 -54.65 11.49
N GLU J 89 -27.51 -53.60 12.28
CA GLU J 89 -27.98 -52.27 11.90
C GLU J 89 -27.29 -51.77 10.64
N ASP J 90 -26.07 -52.22 10.38
CA ASP J 90 -25.34 -51.75 9.21
C ASP J 90 -25.98 -52.14 7.89
N THR J 91 -26.99 -53.02 7.90
CA THR J 91 -27.64 -53.44 6.67
C THR J 91 -28.27 -52.24 5.99
N ALA J 92 -27.77 -51.90 4.79
CA ALA J 92 -28.22 -50.71 4.08
C ALA J 92 -27.58 -50.70 2.69
N VAL J 93 -27.97 -49.71 1.89
CA VAL J 93 -27.35 -49.44 0.60
C VAL J 93 -26.22 -48.45 0.81
N TYR J 94 -25.06 -48.73 0.22
CA TYR J 94 -23.87 -47.91 0.36
C TYR J 94 -23.55 -47.24 -0.98
N TYR J 95 -23.74 -45.91 -1.02
CA TYR J 95 -23.41 -45.09 -2.18
C TYR J 95 -22.01 -44.49 -2.01
N CYS J 96 -21.25 -44.43 -3.11
CA CYS J 96 -20.05 -43.61 -3.13
C CYS J 96 -20.39 -42.25 -3.75
N ALA J 97 -19.92 -41.19 -3.10
CA ALA J 97 -20.27 -39.83 -3.48
C ALA J 97 -18.99 -39.02 -3.69
N LYS J 98 -18.93 -38.28 -4.79
CA LYS J 98 -17.80 -37.42 -5.07
C LYS J 98 -17.92 -36.12 -4.28
N ASP J 99 -16.80 -35.69 -3.69
CA ASP J 99 -16.76 -34.44 -2.96
C ASP J 99 -16.57 -33.27 -3.90
N ARG J 100 -17.12 -32.13 -3.51
CA ARG J 100 -16.92 -30.91 -4.28
C ARG J 100 -15.48 -30.41 -4.18
N LEU J 101 -14.82 -30.66 -3.04
CA LEU J 101 -13.50 -30.13 -2.72
C LEU J 101 -12.43 -31.23 -2.78
N LEU J 102 -11.19 -30.83 -2.52
CA LEU J 102 -10.06 -31.75 -2.53
C LEU J 102 -9.76 -32.33 -1.15
N TRP J 103 -10.19 -31.68 -0.08
CA TRP J 103 -10.04 -32.20 1.26
C TRP J 103 -11.39 -32.27 1.96
N PHE J 104 -11.41 -33.03 3.06
CA PHE J 104 -12.54 -33.01 3.98
C PHE J 104 -12.12 -32.26 5.23
N GLY J 105 -13.10 -31.71 5.92
CA GLY J 105 -12.85 -31.08 7.19
C GLY J 105 -12.41 -29.64 7.10
N GLU J 106 -12.69 -28.98 5.99
CA GLU J 106 -12.45 -27.54 5.92
C GLU J 106 -13.54 -26.81 6.68
N LEU J 107 -13.42 -25.48 6.75
CA LEU J 107 -14.41 -24.68 7.44
C LEU J 107 -15.80 -24.84 6.82
N LEU J 108 -15.87 -24.82 5.49
CA LEU J 108 -17.12 -25.04 4.75
C LEU J 108 -17.10 -26.38 4.04
N PHE J 109 -18.29 -26.80 3.61
CA PHE J 109 -18.49 -28.04 2.86
C PHE J 109 -19.54 -27.79 1.79
N GLU J 110 -19.19 -28.07 0.53
CA GLU J 110 -20.05 -27.76 -0.60
C GLU J 110 -20.88 -28.96 -1.05
N GLY J 111 -21.04 -29.96 -0.18
CA GLY J 111 -21.87 -31.09 -0.52
C GLY J 111 -21.18 -32.01 -1.52
N PHE J 112 -22.01 -32.86 -2.13
CA PHE J 112 -21.57 -33.77 -3.19
C PHE J 112 -22.21 -33.35 -4.51
N ASP J 113 -21.53 -33.69 -5.60
CA ASP J 113 -22.03 -33.37 -6.93
C ASP J 113 -22.46 -34.59 -7.72
N TYR J 114 -21.89 -35.75 -7.45
CA TYR J 114 -22.21 -36.98 -8.17
C TYR J 114 -22.26 -38.14 -7.20
N TRP J 115 -23.26 -39.00 -7.35
CA TRP J 115 -23.39 -40.21 -6.56
C TRP J 115 -23.26 -41.44 -7.47
N GLY J 116 -22.93 -42.56 -6.86
CA GLY J 116 -23.06 -43.84 -7.52
C GLY J 116 -24.50 -44.29 -7.53
N GLN J 117 -24.70 -45.59 -7.72
CA GLN J 117 -26.03 -46.19 -7.66
C GLN J 117 -26.27 -47.00 -6.39
N GLY J 118 -25.22 -47.43 -5.70
CA GLY J 118 -25.33 -48.15 -4.45
C GLY J 118 -24.97 -49.61 -4.60
N THR J 119 -24.81 -50.25 -3.44
CA THR J 119 -24.72 -51.70 -3.36
C THR J 119 -25.36 -52.12 -2.04
N LEU J 120 -26.09 -53.24 -2.07
CA LEU J 120 -26.90 -53.66 -0.93
C LEU J 120 -26.08 -54.61 -0.05
N VAL J 121 -25.73 -54.15 1.15
CA VAL J 121 -25.02 -54.94 2.14
C VAL J 121 -26.01 -55.34 3.21
N THR J 122 -26.40 -56.62 3.22
CA THR J 122 -27.34 -57.15 4.18
C THR J 122 -26.58 -57.96 5.24
N VAL J 123 -26.76 -57.59 6.50
CA VAL J 123 -26.17 -58.30 7.63
C VAL J 123 -27.32 -59.02 8.32
N SER J 124 -27.43 -60.34 8.10
CA SER J 124 -28.51 -61.12 8.68
C SER J 124 -28.03 -62.55 8.88
N SER J 125 -28.19 -63.05 10.10
CA SER J 125 -27.80 -64.42 10.47
C SER J 125 -28.92 -65.42 10.21
N ALA J 126 -29.84 -65.12 9.29
CA ALA J 126 -31.04 -65.92 9.10
C ALA J 126 -30.74 -67.13 8.21
N SER J 127 -30.91 -68.33 8.76
CA SER J 127 -31.05 -69.50 7.92
C SER J 127 -32.43 -69.47 7.25
N THR J 128 -32.65 -70.41 6.33
CA THR J 128 -33.98 -70.54 5.75
C THR J 128 -34.94 -71.12 6.79
N LYS J 129 -36.08 -70.47 6.98
CA LYS J 129 -36.95 -70.79 8.11
C LYS J 129 -38.41 -70.61 7.69
N GLY J 130 -39.27 -71.45 8.26
CA GLY J 130 -40.69 -71.44 7.94
C GLY J 130 -41.49 -70.54 8.85
N PRO J 131 -42.65 -70.09 8.39
CA PRO J 131 -43.44 -69.13 9.16
C PRO J 131 -44.23 -69.77 10.29
N SER J 132 -44.78 -68.90 11.13
CA SER J 132 -45.84 -69.26 12.07
C SER J 132 -47.11 -68.54 11.65
N VAL J 133 -48.25 -69.16 11.92
CA VAL J 133 -49.55 -68.59 11.57
C VAL J 133 -50.42 -68.52 12.82
N PHE J 134 -51.11 -67.39 12.99
CA PHE J 134 -51.98 -67.16 14.14
C PHE J 134 -53.26 -66.49 13.67
N PRO J 135 -54.36 -66.68 14.39
CA PRO J 135 -55.60 -66.01 14.02
C PRO J 135 -55.62 -64.55 14.45
N LEU J 136 -56.45 -63.77 13.76
CA LEU J 136 -56.79 -62.42 14.16
C LEU J 136 -58.31 -62.29 14.08
N ALA J 137 -58.96 -62.13 15.23
CA ALA J 137 -60.41 -62.08 15.34
C ALA J 137 -60.82 -60.88 16.17
N PRO J 138 -62.04 -60.34 15.94
CA PRO J 138 -62.47 -59.12 16.64
C PRO J 138 -62.61 -59.31 18.16
N GLY J 145 -72.29 -51.16 13.97
CA GLY J 145 -71.19 -50.84 13.08
C GLY J 145 -71.25 -51.58 11.75
N GLY J 146 -71.78 -52.79 11.79
CA GLY J 146 -71.96 -53.59 10.59
C GLY J 146 -70.67 -54.14 10.00
N THR J 147 -69.53 -53.56 10.38
CA THR J 147 -68.23 -53.92 9.80
C THR J 147 -67.27 -54.25 10.95
N ALA J 148 -67.13 -55.55 11.25
CA ALA J 148 -66.10 -56.06 12.14
C ALA J 148 -65.15 -56.93 11.33
N ALA J 149 -63.86 -56.85 11.64
CA ALA J 149 -62.82 -57.46 10.83
C ALA J 149 -62.21 -58.65 11.53
N LEU J 150 -61.53 -59.48 10.73
CA LEU J 150 -60.78 -60.63 11.23
C LEU J 150 -59.68 -60.93 10.23
N GLY J 151 -58.65 -61.65 10.68
CA GLY J 151 -57.53 -61.92 9.80
C GLY J 151 -56.65 -63.05 10.30
N CYS J 152 -55.53 -63.23 9.61
CA CYS J 152 -54.54 -64.23 9.97
C CYS J 152 -53.15 -63.62 9.87
N LEU J 153 -52.24 -64.12 10.70
CA LEU J 153 -50.90 -63.57 10.84
C LEU J 153 -49.89 -64.52 10.21
N VAL J 154 -48.98 -63.96 9.41
CA VAL J 154 -47.81 -64.68 8.89
C VAL J 154 -46.59 -64.07 9.56
N LYS J 155 -45.96 -64.82 10.46
CA LYS J 155 -44.95 -64.28 11.37
C LYS J 155 -43.64 -65.05 11.25
N ASP J 156 -42.52 -64.31 11.23
CA ASP J 156 -41.17 -64.86 11.35
C ASP J 156 -40.86 -65.89 10.26
N TYR J 157 -40.96 -65.44 9.02
CA TYR J 157 -40.67 -66.30 7.89
C TYR J 157 -39.49 -65.76 7.08
N PHE J 158 -38.94 -66.63 6.23
CA PHE J 158 -37.85 -66.30 5.32
C PHE J 158 -37.68 -67.41 4.28
N PRO J 159 -37.55 -67.05 2.99
CA PRO J 159 -37.63 -65.68 2.51
C PRO J 159 -38.98 -65.32 1.91
N GLU J 160 -39.08 -64.09 1.41
CA GLU J 160 -40.25 -63.68 0.66
C GLU J 160 -40.22 -64.33 -0.71
N PRO J 161 -41.39 -64.46 -1.36
CA PRO J 161 -42.72 -64.08 -0.86
C PRO J 161 -43.52 -65.24 -0.27
N VAL J 162 -44.75 -64.93 0.16
CA VAL J 162 -45.71 -65.93 0.60
C VAL J 162 -47.07 -65.58 -0.01
N THR J 163 -48.02 -66.50 0.14
CA THR J 163 -49.35 -66.34 -0.42
C THR J 163 -50.39 -66.77 0.61
N VAL J 164 -51.49 -66.01 0.68
CA VAL J 164 -52.56 -66.28 1.63
C VAL J 164 -53.89 -66.30 0.87
N SER J 165 -54.76 -67.23 1.24
CA SER J 165 -56.10 -67.34 0.67
C SER J 165 -57.09 -67.69 1.78
N TRP J 166 -58.37 -67.68 1.41
CA TRP J 166 -59.45 -68.07 2.32
C TRP J 166 -60.39 -69.02 1.58
N ASN J 167 -60.60 -70.20 2.17
CA ASN J 167 -61.53 -71.20 1.62
C ASN J 167 -61.12 -71.66 0.23
N SER J 168 -59.80 -71.85 0.03
CA SER J 168 -59.22 -72.36 -1.21
C SER J 168 -59.52 -71.43 -2.40
N GLY J 169 -59.11 -70.18 -2.24
CA GLY J 169 -59.34 -69.19 -3.28
C GLY J 169 -60.79 -68.80 -3.52
N ALA J 170 -61.68 -69.15 -2.60
CA ALA J 170 -63.10 -68.85 -2.78
C ALA J 170 -63.44 -67.42 -2.38
N LEU J 171 -62.84 -66.91 -1.31
CA LEU J 171 -63.13 -65.57 -0.81
C LEU J 171 -62.19 -64.58 -1.47
N THR J 172 -62.70 -63.85 -2.46
CA THR J 172 -61.94 -62.82 -3.17
C THR J 172 -62.52 -61.43 -3.01
N SER J 173 -63.59 -61.27 -2.22
CA SER J 173 -64.23 -59.97 -2.01
C SER J 173 -64.12 -59.59 -0.55
N GLY J 174 -63.46 -58.47 -0.27
CA GLY J 174 -63.29 -58.01 1.09
C GLY J 174 -61.99 -58.39 1.75
N VAL J 175 -60.98 -58.83 0.98
CA VAL J 175 -59.69 -59.25 1.52
C VAL J 175 -58.66 -58.17 1.26
N HIS J 176 -57.65 -58.10 2.14
CA HIS J 176 -56.51 -57.22 1.93
C HIS J 176 -55.29 -57.84 2.59
N THR J 177 -54.20 -57.94 1.83
CA THR J 177 -52.94 -58.47 2.31
C THR J 177 -51.84 -57.44 2.08
N PHE J 178 -51.06 -57.16 3.13
CA PHE J 178 -50.08 -56.08 3.15
C PHE J 178 -48.70 -56.58 2.79
N PRO J 179 -47.79 -55.67 2.43
CA PRO J 179 -46.37 -56.06 2.34
C PRO J 179 -45.85 -56.49 3.69
N ALA J 180 -44.87 -57.38 3.68
CA ALA J 180 -44.28 -57.88 4.91
C ALA J 180 -43.16 -56.96 5.37
N VAL J 181 -43.00 -56.86 6.69
CA VAL J 181 -41.91 -56.11 7.30
C VAL J 181 -40.70 -57.02 7.44
N LEU J 182 -39.51 -56.45 7.35
CA LEU J 182 -38.27 -57.13 7.69
C LEU J 182 -37.80 -56.54 9.02
N GLN J 183 -37.87 -57.32 10.08
CA GLN J 183 -37.65 -56.82 11.43
C GLN J 183 -36.17 -56.96 11.80
N SER J 184 -35.85 -56.69 13.07
CA SER J 184 -34.46 -56.65 13.52
C SER J 184 -33.80 -58.02 13.48
N SER J 185 -34.52 -59.07 13.89
CA SER J 185 -33.97 -60.42 13.89
C SER J 185 -33.61 -60.91 12.49
N GLY J 186 -34.05 -60.23 11.44
CA GLY J 186 -33.74 -60.64 10.09
C GLY J 186 -34.77 -61.50 9.42
N LEU J 187 -35.99 -61.54 9.94
CA LEU J 187 -37.06 -62.36 9.38
C LEU J 187 -38.21 -61.47 8.91
N TYR J 188 -39.06 -62.05 8.08
CA TYR J 188 -40.20 -61.34 7.53
C TYR J 188 -41.48 -61.64 8.31
N SER J 189 -42.48 -60.78 8.14
CA SER J 189 -43.77 -60.94 8.79
C SER J 189 -44.82 -60.05 8.15
N LEU J 190 -46.01 -60.60 7.89
CA LEU J 190 -47.13 -59.84 7.36
C LEU J 190 -48.43 -60.40 7.91
N SER J 191 -49.54 -59.77 7.53
CA SER J 191 -50.87 -60.27 7.87
C SER J 191 -51.80 -60.01 6.70
N SER J 192 -52.93 -60.74 6.71
CA SER J 192 -54.01 -60.55 5.75
C SER J 192 -55.33 -60.50 6.51
N VAL J 193 -56.17 -59.52 6.19
CA VAL J 193 -57.46 -59.33 6.84
C VAL J 193 -58.58 -59.45 5.82
N VAL J 194 -59.77 -59.78 6.31
CA VAL J 194 -60.97 -59.94 5.50
C VAL J 194 -62.10 -59.10 6.11
N THR J 195 -62.91 -58.49 5.25
CA THR J 195 -64.08 -57.74 5.68
C THR J 195 -65.30 -58.63 5.54
N VAL J 196 -66.00 -58.83 6.65
CA VAL J 196 -67.14 -59.76 6.70
C VAL J 196 -68.33 -59.06 7.35
N PRO J 197 -69.56 -59.46 7.03
CA PRO J 197 -70.73 -58.91 7.73
C PRO J 197 -70.68 -59.21 9.23
N SER J 198 -70.71 -58.15 10.04
CA SER J 198 -70.61 -58.31 11.49
C SER J 198 -71.72 -59.16 12.07
N SER J 199 -72.81 -59.37 11.32
CA SER J 199 -73.88 -60.25 11.77
C SER J 199 -73.53 -61.72 11.63
N SER J 200 -72.50 -62.05 10.83
CA SER J 200 -72.14 -63.43 10.54
C SER J 200 -71.18 -64.03 11.56
N LEU J 201 -71.02 -63.40 12.72
CA LEU J 201 -70.05 -63.87 13.71
C LEU J 201 -70.40 -65.28 14.19
N GLY J 202 -69.42 -66.17 14.12
CA GLY J 202 -69.55 -67.50 14.70
C GLY J 202 -70.42 -68.47 13.95
N THR J 203 -71.27 -67.98 13.06
CA THR J 203 -72.21 -68.84 12.34
C THR J 203 -71.48 -69.76 11.36
N GLN J 204 -70.58 -69.19 10.57
CA GLN J 204 -69.78 -69.94 9.61
C GLN J 204 -68.31 -69.61 9.85
N THR J 205 -67.48 -70.64 10.00
CA THR J 205 -66.07 -70.42 10.26
C THR J 205 -65.33 -70.05 8.98
N TYR J 206 -64.08 -69.62 9.14
CA TYR J 206 -63.23 -69.26 8.02
C TYR J 206 -61.83 -69.83 8.25
N ILE J 207 -61.15 -70.16 7.15
CA ILE J 207 -59.82 -70.73 7.20
C ILE J 207 -58.91 -69.94 6.27
N CYS J 208 -57.69 -69.68 6.72
CA CYS J 208 -56.67 -69.00 5.93
C CYS J 208 -55.58 -69.98 5.53
N ASN J 209 -55.07 -69.84 4.31
CA ASN J 209 -54.13 -70.77 3.73
C ASN J 209 -52.83 -70.05 3.43
N VAL J 210 -51.81 -70.27 4.27
CA VAL J 210 -50.51 -69.62 4.13
C VAL J 210 -49.55 -70.63 3.48
N ASN J 211 -49.15 -70.32 2.25
CA ASN J 211 -48.21 -71.15 1.49
C ASN J 211 -46.80 -70.57 1.63
N HIS J 212 -45.83 -71.43 1.90
CA HIS J 212 -44.42 -71.05 1.87
C HIS J 212 -43.67 -72.12 1.07
N LYS J 213 -43.11 -71.72 -0.08
CA LYS J 213 -42.43 -72.64 -0.98
C LYS J 213 -41.01 -72.98 -0.52
N PRO J 214 -40.15 -72.01 -0.19
CA PRO J 214 -38.76 -72.38 0.20
C PRO J 214 -38.69 -73.21 1.47
N SER J 215 -39.67 -73.10 2.38
CA SER J 215 -39.75 -73.98 3.52
C SER J 215 -40.68 -75.18 3.27
N ASN J 216 -41.26 -75.27 2.07
CA ASN J 216 -42.17 -76.36 1.69
C ASN J 216 -43.30 -76.53 2.69
N THR J 217 -43.76 -75.41 3.27
CA THR J 217 -44.69 -75.41 4.39
C THR J 217 -45.94 -74.62 4.01
N LYS J 218 -47.05 -75.34 3.80
CA LYS J 218 -48.38 -74.76 3.68
C LYS J 218 -49.22 -75.26 4.84
N VAL J 219 -49.88 -74.33 5.54
CA VAL J 219 -50.69 -74.68 6.71
C VAL J 219 -51.97 -73.86 6.67
N ASP J 220 -53.10 -74.53 6.88
CA ASP J 220 -54.41 -73.91 6.90
C ASP J 220 -54.89 -73.80 8.35
N LYS J 221 -55.17 -72.58 8.79
CA LYS J 221 -55.52 -72.29 10.17
C LYS J 221 -56.96 -71.77 10.25
N LYS J 222 -57.69 -72.24 11.27
CA LYS J 222 -59.07 -71.85 11.47
C LYS J 222 -59.17 -70.69 12.45
N VAL J 223 -60.03 -69.72 12.14
CA VAL J 223 -60.23 -68.54 12.97
C VAL J 223 -61.13 -68.88 14.17
N ASN K 1 -30.83 27.14 19.24
CA ASN K 1 -30.84 25.71 19.53
C ASN K 1 -32.21 25.10 19.23
N PHE K 2 -32.51 23.99 19.90
CA PHE K 2 -33.74 23.24 19.66
C PHE K 2 -34.22 22.66 20.99
N MET K 3 -35.37 21.99 20.92
CA MET K 3 -35.98 21.41 22.11
C MET K 3 -36.46 20.00 21.79
N LEU K 4 -36.35 19.11 22.76
CA LEU K 4 -36.77 17.73 22.63
C LEU K 4 -38.03 17.49 23.43
N THR K 5 -38.92 16.63 22.91
CA THR K 5 -40.26 16.44 23.47
C THR K 5 -40.54 14.96 23.66
N GLN K 6 -40.53 14.49 24.93
CA GLN K 6 -41.03 13.19 25.33
C GLN K 6 -42.36 13.28 26.06
N PRO K 7 -43.16 12.21 26.00
CA PRO K 7 -44.40 12.18 26.78
C PRO K 7 -44.10 12.21 28.28
N HIS K 8 -45.04 12.76 29.04
CA HIS K 8 -44.84 12.80 30.48
C HIS K 8 -45.10 11.43 31.11
N SER K 9 -46.08 10.69 30.61
CA SER K 9 -46.54 9.45 31.23
C SER K 9 -46.51 8.31 30.21
N VAL K 10 -45.94 7.19 30.62
CA VAL K 10 -45.99 5.93 29.88
C VAL K 10 -46.20 4.81 30.89
N SER K 11 -47.09 3.87 30.56
CA SER K 11 -47.40 2.79 31.47
C SER K 11 -47.61 1.49 30.69
N GLU K 12 -47.29 0.38 31.33
CA GLU K 12 -47.58 -0.94 30.78
C GLU K 12 -47.44 -1.98 31.89
N SER K 13 -47.89 -3.24 31.56
CA SER K 13 -47.89 -4.42 32.41
C SER K 13 -46.54 -5.15 32.33
N PRO K 14 -46.13 -5.80 33.41
CA PRO K 14 -44.85 -6.54 33.38
C PRO K 14 -44.82 -7.54 32.24
N GLY K 15 -43.61 -7.75 31.70
CA GLY K 15 -43.43 -8.60 30.54
C GLY K 15 -43.84 -7.99 29.21
N LYS K 16 -44.65 -6.94 29.21
CA LYS K 16 -45.06 -6.28 27.97
C LYS K 16 -43.92 -5.42 27.45
N THR K 17 -44.20 -4.60 26.43
CA THR K 17 -43.17 -3.82 25.76
C THR K 17 -43.62 -2.37 25.59
N VAL K 18 -42.78 -1.44 26.04
CA VAL K 18 -43.05 -0.01 25.94
C VAL K 18 -42.12 0.61 24.90
N THR K 19 -42.49 1.81 24.45
CA THR K 19 -41.60 2.67 23.69
C THR K 19 -41.77 4.10 24.20
N ILE K 20 -40.66 4.77 24.49
CA ILE K 20 -40.65 6.17 24.88
C ILE K 20 -40.06 6.98 23.74
N SER K 21 -40.86 7.86 23.15
CA SER K 21 -40.41 8.64 22.02
C SER K 21 -39.87 9.99 22.47
N CYS K 22 -39.06 10.59 21.59
CA CYS K 22 -38.33 11.83 21.85
C CYS K 22 -38.28 12.58 20.52
N THR K 23 -38.95 13.73 20.44
CA THR K 23 -39.07 14.45 19.17
C THR K 23 -38.34 15.77 19.25
N ARG K 24 -37.60 16.08 18.19
CA ARG K 24 -36.75 17.26 18.14
C ARG K 24 -37.43 18.36 17.33
N SER K 25 -37.52 19.56 17.93
CA SER K 25 -38.22 20.66 17.29
C SER K 25 -37.54 21.09 16.00
N SER K 26 -36.30 21.56 16.10
CA SER K 26 -35.53 22.07 14.97
C SER K 26 -34.33 21.18 14.68
N GLY K 27 -33.93 21.13 13.41
CA GLY K 27 -32.80 20.31 13.00
C GLY K 27 -33.16 18.84 12.95
N SER K 28 -32.55 18.10 12.03
CA SER K 28 -32.84 16.67 11.90
C SER K 28 -32.43 15.91 13.16
N ILE K 29 -33.04 14.73 13.34
CA ILE K 29 -32.68 13.92 14.50
C ILE K 29 -31.41 13.11 14.23
N ALA K 30 -31.13 12.82 12.96
CA ALA K 30 -29.96 12.04 12.57
C ALA K 30 -28.74 12.91 12.26
N SER K 31 -28.71 14.15 12.76
CA SER K 31 -27.57 15.03 12.58
C SER K 31 -26.66 15.09 13.80
N ASN K 32 -26.94 14.27 14.83
CA ASN K 32 -26.07 14.16 15.99
C ASN K 32 -26.55 12.98 16.84
N TYR K 33 -25.70 12.59 17.80
CA TYR K 33 -25.96 11.43 18.64
C TYR K 33 -26.98 11.74 19.73
N VAL K 34 -27.76 10.71 20.08
CA VAL K 34 -28.81 10.79 21.08
C VAL K 34 -28.56 9.77 22.19
N GLN K 35 -28.76 10.19 23.43
CA GLN K 35 -28.60 9.35 24.61
C GLN K 35 -29.96 9.07 25.25
N TRP K 36 -29.96 8.13 26.19
CA TRP K 36 -31.14 7.80 26.99
C TRP K 36 -30.68 7.50 28.43
N TYR K 37 -30.97 8.40 29.34
CA TYR K 37 -30.57 8.25 30.74
C TYR K 37 -31.77 7.79 31.54
N GLN K 38 -31.53 7.08 32.64
CA GLN K 38 -32.62 6.62 33.42
C GLN K 38 -32.40 6.97 34.84
N GLN K 39 -33.42 7.42 35.50
CA GLN K 39 -33.22 7.81 36.86
C GLN K 39 -34.17 7.18 37.79
N ARG K 40 -33.71 6.15 38.46
CA ARG K 40 -34.56 5.56 39.49
C ARG K 40 -34.61 6.49 40.70
N PRO K 41 -35.80 6.72 41.27
CA PRO K 41 -35.95 7.79 42.27
C PRO K 41 -35.02 7.58 43.47
N GLY K 42 -34.38 8.66 43.89
CA GLY K 42 -33.43 8.64 44.99
C GLY K 42 -32.01 8.31 44.60
N SER K 43 -31.74 8.06 43.32
CA SER K 43 -30.39 7.75 42.85
C SER K 43 -30.03 8.68 41.71
N SER K 44 -28.71 8.79 41.47
CA SER K 44 -28.22 9.56 40.34
C SER K 44 -28.69 8.92 39.03
N PRO K 45 -28.75 9.70 37.95
CA PRO K 45 -29.07 9.10 36.65
C PRO K 45 -27.95 8.18 36.19
N THR K 46 -28.32 7.17 35.40
CA THR K 46 -27.36 6.32 34.72
C THR K 46 -27.76 6.21 33.27
N THR K 47 -26.80 5.87 32.41
CA THR K 47 -26.99 5.95 30.97
C THR K 47 -27.26 4.54 30.43
N VAL K 48 -28.42 4.34 29.80
CA VAL K 48 -28.75 3.04 29.25
C VAL K 48 -28.56 2.98 27.74
N ILE K 49 -28.40 4.12 27.06
CA ILE K 49 -28.16 4.15 25.62
C ILE K 49 -27.21 5.30 25.30
N TYR K 50 -26.31 5.09 24.34
CA TYR K 50 -25.52 6.17 23.75
C TYR K 50 -25.35 5.88 22.27
N GLU K 51 -24.98 6.92 21.50
CA GLU K 51 -24.87 6.84 20.04
C GLU K 51 -26.15 6.26 19.41
N ASP K 52 -27.28 6.56 20.05
CA ASP K 52 -28.66 6.31 19.62
C ASP K 52 -29.09 4.84 19.72
N ASN K 53 -28.16 3.88 19.85
CA ASN K 53 -28.57 2.49 19.98
C ASN K 53 -27.67 1.62 20.85
N GLN K 54 -26.62 2.14 21.48
CA GLN K 54 -25.59 1.29 22.07
C GLN K 54 -25.83 1.10 23.56
N ARG K 55 -25.80 -0.16 24.01
CA ARG K 55 -25.97 -0.50 25.42
C ARG K 55 -24.61 -0.49 26.12
N PRO K 56 -24.48 0.23 27.24
CA PRO K 56 -23.29 0.04 28.08
C PRO K 56 -23.23 -1.38 28.63
N SER K 57 -22.02 -1.83 28.94
CA SER K 57 -21.85 -3.13 29.57
C SER K 57 -22.61 -3.16 30.89
N GLY K 58 -23.54 -4.10 31.01
CA GLY K 58 -24.41 -4.18 32.18
C GLY K 58 -25.80 -3.62 32.01
N VAL K 59 -26.25 -3.43 30.77
CA VAL K 59 -27.61 -2.96 30.48
C VAL K 59 -28.34 -4.10 29.77
N PRO K 60 -29.46 -4.58 30.32
CA PRO K 60 -30.13 -5.75 29.73
C PRO K 60 -30.51 -5.53 28.28
N ASP K 61 -30.40 -6.60 27.49
CA ASP K 61 -30.64 -6.57 26.04
C ASP K 61 -32.07 -6.21 25.67
N ARG K 62 -32.96 -6.06 26.65
CA ARG K 62 -34.33 -5.64 26.38
C ARG K 62 -34.41 -4.15 26.03
N PHE K 63 -33.40 -3.36 26.45
CA PHE K 63 -33.29 -1.97 26.05
C PHE K 63 -32.73 -1.87 24.62
N SER K 64 -33.39 -1.08 23.78
CA SER K 64 -32.90 -0.84 22.43
C SER K 64 -33.03 0.65 22.11
N GLY K 65 -32.10 1.14 21.27
CA GLY K 65 -32.21 2.47 20.73
C GLY K 65 -32.72 2.47 19.29
N SER K 66 -33.16 3.63 18.84
CA SER K 66 -33.68 3.74 17.48
C SER K 66 -33.69 5.19 17.07
N ILE K 67 -33.77 5.41 15.76
CA ILE K 67 -33.85 6.74 15.17
C ILE K 67 -34.80 6.65 13.99
N ASP K 68 -35.88 7.41 14.03
CA ASP K 68 -36.84 7.49 12.93
C ASP K 68 -36.70 8.89 12.33
N SER K 69 -36.00 8.98 11.21
CA SER K 69 -35.78 10.27 10.57
C SER K 69 -37.05 10.83 9.93
N SER K 70 -38.05 9.99 9.63
CA SER K 70 -39.28 10.48 9.06
C SER K 70 -40.08 11.30 10.07
N SER K 71 -40.29 10.75 11.26
CA SER K 71 -40.97 11.47 12.33
C SER K 71 -40.04 12.39 13.12
N ASN K 72 -38.74 12.41 12.79
CA ASN K 72 -37.73 13.18 13.52
C ASN K 72 -37.74 12.82 15.00
N SER K 73 -37.77 11.51 15.26
CA SER K 73 -37.90 10.99 16.61
C SER K 73 -36.82 9.96 16.89
N ALA K 74 -36.43 9.88 18.15
CA ALA K 74 -35.60 8.81 18.68
C ALA K 74 -36.44 8.08 19.72
N SER K 75 -36.42 6.74 19.67
CA SER K 75 -37.35 5.94 20.48
C SER K 75 -36.59 4.86 21.26
N LEU K 76 -36.58 4.99 22.59
CA LEU K 76 -36.24 3.89 23.46
C LEU K 76 -37.30 2.78 23.34
N THR K 77 -36.91 1.55 23.65
CA THR K 77 -37.84 0.42 23.61
C THR K 77 -37.38 -0.60 24.65
N ILE K 78 -38.27 -0.96 25.57
CA ILE K 78 -37.99 -1.93 26.63
C ILE K 78 -38.87 -3.15 26.41
N SER K 79 -38.23 -4.32 26.28
CA SER K 79 -38.92 -5.60 26.16
C SER K 79 -39.00 -6.26 27.53
N GLY K 80 -40.07 -7.03 27.74
CA GLY K 80 -40.22 -7.81 28.95
C GLY K 80 -39.97 -7.01 30.21
N LEU K 81 -40.85 -6.06 30.50
CA LEU K 81 -40.63 -5.13 31.59
C LEU K 81 -40.47 -5.85 32.92
N LYS K 82 -39.52 -5.38 33.71
CA LYS K 82 -39.38 -5.77 35.10
C LYS K 82 -39.93 -4.67 36.01
N THR K 83 -39.99 -4.96 37.30
CA THR K 83 -40.44 -3.97 38.26
C THR K 83 -39.36 -2.94 38.57
N GLU K 84 -38.09 -3.27 38.30
CA GLU K 84 -36.97 -2.39 38.57
C GLU K 84 -36.73 -1.39 37.45
N ASP K 85 -37.43 -1.54 36.32
CA ASP K 85 -37.37 -0.59 35.22
C ASP K 85 -38.20 0.65 35.46
N GLU K 86 -38.94 0.70 36.56
CA GLU K 86 -39.76 1.86 36.90
C GLU K 86 -38.85 3.02 37.29
N ALA K 87 -38.77 4.02 36.43
CA ALA K 87 -37.92 5.18 36.65
C ALA K 87 -38.37 6.31 35.74
N ASP K 88 -37.60 7.39 35.70
CA ASP K 88 -37.79 8.49 34.77
C ASP K 88 -36.73 8.41 33.70
N TYR K 89 -37.13 8.62 32.43
CA TYR K 89 -36.27 8.42 31.26
C TYR K 89 -36.13 9.72 30.48
N TYR K 90 -34.89 10.25 30.46
CA TYR K 90 -34.56 11.49 29.77
C TYR K 90 -33.82 11.18 28.47
N CYS K 91 -34.24 11.81 27.37
CA CYS K 91 -33.47 11.72 26.13
C CYS K 91 -32.60 12.98 26.04
N GLN K 92 -31.52 12.87 25.27
CA GLN K 92 -30.51 13.92 25.21
C GLN K 92 -29.90 13.94 23.81
N SER K 93 -29.64 15.14 23.30
CA SER K 93 -28.99 15.30 22.01
C SER K 93 -28.13 16.55 22.09
N TYR K 94 -27.62 17.00 20.93
CA TYR K 94 -26.53 17.96 20.92
C TYR K 94 -26.58 18.86 19.69
N ASP K 95 -26.13 20.10 19.89
CA ASP K 95 -26.02 21.12 18.85
C ASP K 95 -24.67 21.82 19.02
N SER K 96 -24.50 22.96 18.35
CA SER K 96 -23.19 23.61 18.18
C SER K 96 -22.32 23.52 19.44
N SER K 97 -22.78 24.09 20.56
CA SER K 97 -22.13 23.87 21.85
C SER K 97 -23.17 23.66 22.94
N ASN K 98 -24.38 23.27 22.56
CA ASN K 98 -25.54 23.23 23.43
C ASN K 98 -25.96 21.78 23.66
N VAL K 99 -26.21 21.42 24.92
CA VAL K 99 -26.65 20.07 25.29
C VAL K 99 -28.12 20.15 25.67
N VAL K 100 -28.98 19.51 24.88
CA VAL K 100 -30.44 19.60 25.03
C VAL K 100 -30.93 18.36 25.76
N PHE K 101 -31.71 18.59 26.82
CA PHE K 101 -32.30 17.50 27.59
C PHE K 101 -33.80 17.43 27.33
N GLY K 102 -34.31 16.21 27.17
CA GLY K 102 -35.75 16.01 27.07
C GLY K 102 -36.45 16.34 28.38
N GLY K 103 -37.78 16.45 28.30
CA GLY K 103 -38.55 16.79 29.48
C GLY K 103 -38.54 15.73 30.56
N GLY K 104 -38.27 14.48 30.19
CA GLY K 104 -38.42 13.39 31.13
C GLY K 104 -39.72 12.64 30.90
N THR K 105 -39.67 11.32 31.07
CA THR K 105 -40.84 10.46 30.93
C THR K 105 -40.94 9.56 32.15
N LYS K 106 -42.13 9.51 32.76
CA LYS K 106 -42.39 8.64 33.91
C LYS K 106 -42.88 7.29 33.39
N LEU K 107 -42.08 6.25 33.59
CA LEU K 107 -42.43 4.89 33.17
C LEU K 107 -42.96 4.12 34.37
N THR K 108 -44.22 3.72 34.29
CA THR K 108 -44.89 3.01 35.37
C THR K 108 -45.21 1.59 34.91
N VAL K 109 -44.81 0.62 35.73
CA VAL K 109 -45.23 -0.77 35.54
C VAL K 109 -46.50 -0.98 36.36
N LEU K 110 -47.60 -1.23 35.65
CA LEU K 110 -48.92 -1.30 36.30
C LEU K 110 -48.95 -2.43 37.34
N GLY K 111 -49.17 -2.05 38.60
CA GLY K 111 -49.34 -3.01 39.68
C GLY K 111 -50.77 -3.09 40.17
N GLN K 112 -51.63 -2.23 39.62
CA GLN K 112 -53.04 -2.16 39.96
C GLN K 112 -53.75 -1.46 38.81
N PRO K 113 -55.05 -1.70 38.62
CA PRO K 113 -55.75 -1.09 37.47
C PRO K 113 -55.72 0.43 37.52
N LYS K 114 -55.74 1.03 36.33
CA LYS K 114 -55.67 2.48 36.24
C LYS K 114 -56.90 3.12 36.87
N ALA K 115 -56.71 4.30 37.46
CA ALA K 115 -57.80 5.02 38.10
C ALA K 115 -57.68 6.50 37.78
N ALA K 116 -58.69 7.03 37.08
CA ALA K 116 -58.72 8.45 36.76
C ALA K 116 -58.74 9.29 38.03
N PRO K 117 -58.09 10.46 38.03
CA PRO K 117 -58.00 11.26 39.25
C PRO K 117 -59.33 11.93 39.60
N SER K 118 -59.43 12.34 40.86
CA SER K 118 -60.61 13.01 41.38
C SER K 118 -60.22 14.45 41.71
N VAL K 119 -60.84 15.40 41.02
CA VAL K 119 -60.47 16.81 41.09
C VAL K 119 -61.52 17.55 41.91
N THR K 120 -61.05 18.35 42.88
CA THR K 120 -61.91 19.19 43.71
C THR K 120 -61.34 20.60 43.71
N LEU K 121 -62.08 21.54 43.13
CA LEU K 121 -61.57 22.90 42.88
C LEU K 121 -62.33 23.90 43.75
N PHE K 122 -61.58 24.62 44.59
CA PHE K 122 -62.07 25.62 45.54
C PHE K 122 -61.79 27.04 45.05
N PRO K 123 -62.72 27.96 45.26
CA PRO K 123 -62.44 29.37 44.99
C PRO K 123 -61.62 29.97 46.12
N PRO K 124 -61.20 31.24 46.00
CA PRO K 124 -60.57 31.91 47.15
C PRO K 124 -61.60 32.27 48.20
N SER K 125 -61.20 32.11 49.47
CA SER K 125 -62.07 32.49 50.58
C SER K 125 -62.25 34.00 50.64
N SER K 126 -63.43 34.44 51.09
CA SER K 126 -63.68 35.87 51.23
C SER K 126 -62.75 36.52 52.23
N GLU K 127 -62.21 35.73 53.18
CA GLU K 127 -61.27 36.25 54.16
C GLU K 127 -59.95 36.61 53.50
N GLU K 128 -59.44 35.74 52.63
CA GLU K 128 -58.22 36.07 51.90
C GLU K 128 -58.45 37.23 50.95
N LEU K 129 -59.65 37.35 50.38
CA LEU K 129 -59.99 38.53 49.57
C LEU K 129 -59.96 39.81 50.40
N GLN K 130 -59.98 39.69 51.73
CA GLN K 130 -59.78 40.83 52.62
C GLN K 130 -58.30 41.10 52.89
N ALA K 131 -57.46 40.06 52.88
CA ALA K 131 -56.02 40.25 52.94
C ALA K 131 -55.44 40.83 51.64
N ASN K 132 -56.32 41.21 50.71
CA ASN K 132 -55.94 41.63 49.36
C ASN K 132 -55.11 40.56 48.65
N LYS K 133 -55.41 39.29 48.94
CA LYS K 133 -54.78 38.14 48.30
C LYS K 133 -55.87 37.22 47.78
N ALA K 134 -55.47 36.27 46.92
CA ALA K 134 -56.41 35.34 46.32
C ALA K 134 -55.64 34.10 45.89
N THR K 135 -56.14 32.93 46.27
CA THR K 135 -55.44 31.68 46.01
C THR K 135 -56.45 30.62 45.60
N LEU K 136 -56.17 29.93 44.50
CA LEU K 136 -57.02 28.85 44.00
C LEU K 136 -56.37 27.51 44.34
N VAL K 137 -57.18 26.57 44.82
CA VAL K 137 -56.70 25.28 45.29
C VAL K 137 -57.36 24.20 44.45
N CYS K 138 -56.53 23.43 43.74
CA CYS K 138 -56.98 22.30 42.93
C CYS K 138 -56.41 21.02 43.54
N LEU K 139 -57.26 20.24 44.18
CA LEU K 139 -56.84 19.05 44.90
C LEU K 139 -57.14 17.80 44.07
N ILE K 140 -56.11 16.98 43.85
CA ILE K 140 -56.14 15.85 42.92
C ILE K 140 -55.79 14.60 43.71
N SER K 141 -56.74 13.68 43.82
CA SER K 141 -56.59 12.51 44.69
C SER K 141 -56.91 11.23 43.94
N ASP K 142 -56.32 10.13 44.43
CA ASP K 142 -56.72 8.77 44.07
C ASP K 142 -56.57 8.49 42.57
N PHE K 143 -55.38 8.74 42.04
CA PHE K 143 -55.05 8.41 40.66
C PHE K 143 -53.85 7.47 40.62
N TYR K 144 -53.81 6.66 39.57
CA TYR K 144 -52.75 5.72 39.30
C TYR K 144 -52.79 5.54 37.79
N PRO K 145 -51.63 5.61 37.09
CA PRO K 145 -50.26 5.79 37.61
C PRO K 145 -50.01 7.19 38.20
N GLY K 146 -48.87 7.37 38.85
CA GLY K 146 -48.56 8.63 39.51
C GLY K 146 -48.04 9.76 38.63
N ALA K 147 -48.63 9.96 37.45
CA ALA K 147 -48.23 11.03 36.55
C ALA K 147 -49.46 11.85 36.17
N VAL K 148 -49.40 13.17 36.43
CA VAL K 148 -50.45 14.09 36.01
C VAL K 148 -49.81 15.34 35.39
N THR K 149 -50.62 16.08 34.64
CA THR K 149 -50.26 17.39 34.11
C THR K 149 -51.36 18.37 34.50
N VAL K 150 -50.99 19.45 35.18
CA VAL K 150 -51.93 20.44 35.68
C VAL K 150 -51.79 21.71 34.84
N ALA K 151 -52.89 22.12 34.22
CA ALA K 151 -52.94 23.33 33.42
C ALA K 151 -54.06 24.22 33.94
N TRP K 152 -53.76 25.50 34.15
CA TRP K 152 -54.75 26.48 34.57
C TRP K 152 -55.14 27.36 33.38
N LYS K 153 -56.39 27.82 33.38
CA LYS K 153 -56.92 28.66 32.32
C LYS K 153 -57.67 29.84 32.92
N ALA K 154 -57.32 31.05 32.49
CA ALA K 154 -57.98 32.28 32.94
C ALA K 154 -59.09 32.59 31.93
N ASP K 155 -60.24 31.98 32.17
CA ASP K 155 -61.54 32.30 31.59
C ASP K 155 -61.69 31.86 30.13
N SER K 156 -60.58 31.83 29.38
CA SER K 156 -60.50 30.90 28.25
C SER K 156 -59.05 30.66 27.85
N SER K 157 -58.08 30.95 28.71
CA SER K 157 -56.72 31.25 28.25
C SER K 157 -55.69 30.73 29.23
N PRO K 158 -54.64 30.07 28.75
CA PRO K 158 -53.63 29.50 29.67
C PRO K 158 -53.01 30.58 30.55
N VAL K 159 -52.88 30.25 31.84
CA VAL K 159 -52.22 31.11 32.81
C VAL K 159 -51.19 30.24 33.54
N LYS K 160 -49.92 30.54 33.34
CA LYS K 160 -48.84 29.75 33.93
C LYS K 160 -48.14 30.48 35.08
N ALA K 161 -48.36 31.79 35.22
CA ALA K 161 -47.71 32.59 36.24
C ALA K 161 -48.46 32.52 37.56
N GLY K 162 -47.74 32.19 38.63
CA GLY K 162 -48.33 32.08 39.94
C GLY K 162 -48.74 30.66 40.32
N VAL K 163 -48.56 29.68 39.42
CA VAL K 163 -48.98 28.31 39.69
C VAL K 163 -47.87 27.58 40.44
N GLU K 164 -48.29 26.72 41.37
CA GLU K 164 -47.38 25.88 42.15
C GLU K 164 -47.99 24.49 42.20
N THR K 165 -47.30 23.51 41.63
CA THR K 165 -47.85 22.17 41.47
C THR K 165 -46.96 21.18 42.20
N THR K 166 -47.58 20.30 42.98
CA THR K 166 -46.85 19.33 43.79
C THR K 166 -46.44 18.14 42.93
N THR K 167 -45.38 17.49 43.37
CA THR K 167 -45.02 16.21 42.80
C THR K 167 -45.93 15.13 43.37
N PRO K 168 -46.48 14.25 42.54
CA PRO K 168 -47.43 13.25 43.04
C PRO K 168 -46.76 12.30 44.04
N SER K 169 -47.41 12.13 45.18
CA SER K 169 -46.94 11.23 46.22
C SER K 169 -48.00 10.18 46.53
N LYS K 170 -47.55 9.00 46.96
CA LYS K 170 -48.46 7.90 47.19
C LYS K 170 -49.30 8.14 48.44
N GLN K 171 -50.60 7.86 48.34
CA GLN K 171 -51.51 7.94 49.47
C GLN K 171 -51.37 6.68 50.32
N SER K 172 -52.30 6.50 51.27
CA SER K 172 -52.29 5.28 52.07
C SER K 172 -52.62 4.05 51.23
N ASN K 173 -53.51 4.19 50.25
CA ASN K 173 -54.07 3.07 49.51
C ASN K 173 -53.30 2.75 48.22
N ASN K 174 -51.99 3.04 48.18
CA ASN K 174 -51.15 2.76 47.01
C ASN K 174 -51.66 3.49 45.76
N LYS K 175 -52.31 4.63 45.96
CA LYS K 175 -52.67 5.52 44.88
C LYS K 175 -52.04 6.89 45.15
N TYR K 176 -51.90 7.68 44.10
CA TYR K 176 -51.11 8.90 44.18
C TYR K 176 -52.02 10.12 44.32
N ALA K 177 -51.48 11.16 44.97
CA ALA K 177 -52.18 12.41 45.20
C ALA K 177 -51.26 13.59 44.92
N ALA K 178 -51.86 14.71 44.57
CA ALA K 178 -51.13 15.92 44.23
C ALA K 178 -52.01 17.13 44.51
N SER K 179 -51.38 18.30 44.49
CA SER K 179 -52.08 19.56 44.70
C SER K 179 -51.53 20.58 43.71
N SER K 180 -52.32 21.63 43.46
CA SER K 180 -51.88 22.71 42.58
C SER K 180 -52.55 23.99 43.04
N TYR K 181 -51.75 25.00 43.40
CA TYR K 181 -52.24 26.25 43.97
C TYR K 181 -51.87 27.39 43.03
N LEU K 182 -52.88 28.05 42.47
CA LEU K 182 -52.67 29.22 41.62
C LEU K 182 -52.77 30.48 42.48
N SER K 183 -51.71 31.29 42.46
CA SER K 183 -51.67 32.54 43.19
C SER K 183 -52.15 33.67 42.29
N LEU K 184 -53.00 34.55 42.85
CA LEU K 184 -53.62 35.65 42.12
C LEU K 184 -53.77 36.85 43.06
N THR K 185 -54.27 37.96 42.50
CA THR K 185 -54.65 39.10 43.34
C THR K 185 -56.14 39.36 43.16
N PRO K 186 -56.83 39.86 44.19
CA PRO K 186 -58.30 39.99 44.11
C PRO K 186 -58.79 40.79 42.91
N GLU K 187 -57.97 41.70 42.40
CA GLU K 187 -58.38 42.47 41.23
C GLU K 187 -58.45 41.58 39.99
N GLN K 188 -57.48 40.67 39.83
CA GLN K 188 -57.54 39.71 38.72
C GLN K 188 -58.61 38.65 38.93
N TRP K 189 -58.92 38.34 40.20
CA TRP K 189 -59.91 37.30 40.48
C TRP K 189 -61.31 37.73 40.06
N LYS K 190 -61.72 38.93 40.45
CA LYS K 190 -63.01 39.48 40.03
C LYS K 190 -62.99 39.95 38.58
N SER K 191 -61.84 39.90 37.91
CA SER K 191 -61.71 40.46 36.56
C SER K 191 -62.38 39.56 35.52
N HIS K 192 -62.06 38.27 35.52
CA HIS K 192 -62.45 37.37 34.45
C HIS K 192 -63.83 36.74 34.72
N ARG K 193 -64.24 35.86 33.83
CA ARG K 193 -65.54 35.20 33.92
C ARG K 193 -65.50 33.91 34.71
N SER K 194 -64.39 33.18 34.67
CA SER K 194 -64.30 31.87 35.29
C SER K 194 -62.85 31.45 35.35
N TYR K 195 -62.55 30.51 36.24
CA TYR K 195 -61.22 29.95 36.34
C TYR K 195 -61.32 28.42 36.32
N SER K 196 -60.38 27.77 35.65
CA SER K 196 -60.43 26.33 35.46
C SER K 196 -59.12 25.69 35.85
N CYS K 197 -59.21 24.47 36.39
CA CYS K 197 -58.08 23.61 36.68
C CYS K 197 -58.21 22.35 35.83
N GLN K 198 -57.29 22.14 34.89
CA GLN K 198 -57.33 21.02 33.98
C GLN K 198 -56.27 20.02 34.38
N VAL K 199 -56.70 18.82 34.78
CA VAL K 199 -55.80 17.73 35.17
C VAL K 199 -55.81 16.69 34.06
N THR K 200 -54.64 16.38 33.54
CA THR K 200 -54.49 15.44 32.44
C THR K 200 -53.83 14.16 32.94
N HIS K 201 -54.48 13.03 32.68
CA HIS K 201 -54.03 11.73 33.17
C HIS K 201 -54.21 10.70 32.06
N GLU K 202 -53.10 10.09 31.63
CA GLU K 202 -53.12 8.98 30.67
C GLU K 202 -53.90 9.34 29.40
N GLY K 203 -53.80 10.60 28.98
CA GLY K 203 -54.46 11.05 27.79
C GLY K 203 -55.91 11.48 27.95
N SER K 204 -56.44 11.47 29.17
CA SER K 204 -57.77 11.98 29.45
C SER K 204 -57.67 13.24 30.29
N THR K 205 -58.58 14.18 30.04
CA THR K 205 -58.59 15.47 30.70
C THR K 205 -59.87 15.60 31.54
N VAL K 206 -59.71 15.91 32.81
CA VAL K 206 -60.82 16.23 33.69
C VAL K 206 -60.73 17.71 34.06
N GLU K 207 -61.67 18.50 33.56
CA GLU K 207 -61.72 19.94 33.76
C GLU K 207 -62.74 20.31 34.83
N LYS K 208 -62.36 21.21 35.72
CA LYS K 208 -63.28 21.77 36.70
C LYS K 208 -63.16 23.28 36.67
N THR K 209 -64.29 23.96 36.88
CA THR K 209 -64.37 25.41 36.78
C THR K 209 -64.93 25.99 38.07
N VAL K 210 -64.44 27.17 38.44
CA VAL K 210 -65.00 27.95 39.52
C VAL K 210 -65.16 29.38 39.04
N ALA K 211 -65.86 30.18 39.84
CA ALA K 211 -66.22 31.55 39.46
C ALA K 211 -66.38 32.38 40.72
N PRO K 212 -66.33 33.71 40.61
CA PRO K 212 -66.59 34.56 41.79
C PRO K 212 -68.05 34.45 42.21
N THR K 213 -68.26 34.06 43.48
CA THR K 213 -69.58 33.96 44.10
C THR K 213 -70.54 33.06 43.31
N ASN L 1 -22.44 -30.78 17.61
CA ASN L 1 -23.31 -31.49 16.69
C ASN L 1 -24.75 -30.94 16.78
N PHE L 2 -25.53 -31.17 15.73
CA PHE L 2 -26.91 -30.70 15.64
C PHE L 2 -27.68 -31.68 14.75
N MET L 3 -28.92 -31.31 14.44
CA MET L 3 -29.73 -32.13 13.56
C MET L 3 -30.66 -31.23 12.74
N LEU L 4 -30.98 -31.69 11.54
CA LEU L 4 -31.90 -31.00 10.66
C LEU L 4 -33.26 -31.68 10.70
N THR L 5 -34.31 -30.87 10.57
CA THR L 5 -35.68 -31.34 10.72
C THR L 5 -36.48 -30.96 9.48
N GLN L 6 -37.05 -31.96 8.82
CA GLN L 6 -37.90 -31.78 7.66
C GLN L 6 -39.32 -32.28 7.93
N PRO L 7 -40.30 -31.78 7.19
CA PRO L 7 -41.64 -32.37 7.27
C PRO L 7 -41.69 -33.69 6.51
N HIS L 8 -42.55 -34.60 7.00
CA HIS L 8 -42.62 -35.93 6.40
C HIS L 8 -43.17 -35.87 4.98
N SER L 9 -44.27 -35.13 4.76
CA SER L 9 -44.90 -35.05 3.45
C SER L 9 -45.24 -33.61 3.13
N VAL L 10 -44.87 -33.18 1.92
CA VAL L 10 -45.34 -31.94 1.32
C VAL L 10 -46.19 -32.32 0.11
N SER L 11 -47.38 -31.74 0.03
CA SER L 11 -48.36 -32.13 -0.98
C SER L 11 -48.89 -30.90 -1.71
N GLU L 12 -49.00 -31.02 -3.04
CA GLU L 12 -49.64 -29.98 -3.85
C GLU L 12 -50.07 -30.57 -5.18
N SER L 13 -50.91 -29.80 -5.89
CA SER L 13 -51.46 -30.14 -7.19
C SER L 13 -50.46 -29.82 -8.29
N PRO L 14 -50.60 -30.45 -9.46
CA PRO L 14 -49.69 -30.14 -10.57
C PRO L 14 -49.69 -28.66 -10.91
N GLY L 15 -48.53 -28.17 -11.34
CA GLY L 15 -48.35 -26.79 -11.72
C GLY L 15 -48.25 -25.81 -10.57
N LYS L 16 -48.65 -26.20 -9.36
CA LYS L 16 -48.59 -25.31 -8.21
C LYS L 16 -47.14 -25.20 -7.72
N THR L 17 -46.95 -24.53 -6.58
CA THR L 17 -45.63 -24.16 -6.07
C THR L 17 -45.48 -24.62 -4.64
N VAL L 18 -44.47 -25.47 -4.39
CA VAL L 18 -44.19 -26.01 -3.06
C VAL L 18 -42.91 -25.40 -2.51
N THR L 19 -42.80 -25.39 -1.19
CA THR L 19 -41.56 -25.05 -0.49
C THR L 19 -41.33 -26.07 0.62
N ILE L 20 -40.26 -26.84 0.51
CA ILE L 20 -39.84 -27.76 1.56
C ILE L 20 -38.88 -27.02 2.49
N SER L 21 -39.16 -27.04 3.79
CA SER L 21 -38.34 -26.35 4.76
C SER L 21 -37.47 -27.33 5.53
N CYS L 22 -36.32 -26.83 6.01
CA CYS L 22 -35.29 -27.66 6.64
C CYS L 22 -34.69 -26.85 7.79
N THR L 23 -35.14 -27.12 9.02
CA THR L 23 -34.79 -26.32 10.18
C THR L 23 -33.62 -26.93 10.94
N ARG L 24 -32.63 -26.11 11.28
CA ARG L 24 -31.43 -26.57 11.95
C ARG L 24 -31.52 -26.29 13.44
N SER L 25 -31.33 -27.33 14.26
CA SER L 25 -31.65 -27.24 15.68
C SER L 25 -30.65 -26.39 16.45
N SER L 26 -29.35 -26.54 16.13
CA SER L 26 -28.28 -25.89 16.87
C SER L 26 -27.33 -25.19 15.90
N GLY L 27 -26.92 -23.99 16.26
CA GLY L 27 -26.06 -23.20 15.39
C GLY L 27 -26.82 -22.58 14.23
N SER L 28 -26.29 -21.48 13.69
CA SER L 28 -26.94 -20.82 12.57
C SER L 28 -27.00 -21.74 11.35
N ILE L 29 -28.09 -21.63 10.59
CA ILE L 29 -28.14 -22.31 9.31
C ILE L 29 -27.22 -21.62 8.32
N ALA L 30 -26.96 -20.32 8.54
CA ALA L 30 -26.18 -19.50 7.62
C ALA L 30 -24.68 -19.68 7.78
N SER L 31 -24.23 -20.32 8.86
CA SER L 31 -22.81 -20.52 9.09
C SER L 31 -22.24 -21.65 8.23
N ASN L 32 -23.03 -22.22 7.32
CA ASN L 32 -22.52 -23.22 6.38
C ASN L 32 -23.45 -23.33 5.19
N TYR L 33 -22.94 -23.94 4.13
CA TYR L 33 -23.75 -24.20 2.95
C TYR L 33 -24.78 -25.29 3.23
N VAL L 34 -25.91 -25.21 2.55
CA VAL L 34 -27.01 -26.16 2.64
C VAL L 34 -27.27 -26.74 1.26
N GLN L 35 -27.21 -28.06 1.15
CA GLN L 35 -27.44 -28.77 -0.10
C GLN L 35 -28.82 -29.42 -0.08
N TRP L 36 -29.38 -29.62 -1.28
CA TRP L 36 -30.62 -30.37 -1.43
C TRP L 36 -30.38 -31.50 -2.42
N TYR L 37 -30.71 -32.71 -2.02
CA TYR L 37 -30.59 -33.90 -2.87
C TYR L 37 -31.96 -34.46 -3.16
N GLN L 38 -32.10 -35.08 -4.34
CA GLN L 38 -33.38 -35.60 -4.81
C GLN L 38 -33.26 -37.09 -5.08
N GLN L 39 -34.04 -37.91 -4.38
CA GLN L 39 -34.01 -39.36 -4.55
C GLN L 39 -35.35 -39.78 -5.15
N ARG L 40 -35.36 -39.99 -6.47
CA ARG L 40 -36.52 -40.58 -7.12
C ARG L 40 -36.65 -42.04 -6.70
N PRO L 41 -37.87 -42.55 -6.60
CA PRO L 41 -38.10 -43.86 -5.96
C PRO L 41 -37.26 -44.98 -6.56
N GLY L 42 -36.70 -45.80 -5.68
CA GLY L 42 -35.89 -46.96 -6.05
C GLY L 42 -34.58 -46.67 -6.75
N SER L 43 -34.11 -45.42 -6.74
CA SER L 43 -32.90 -45.02 -7.45
C SER L 43 -32.00 -44.19 -6.55
N SER L 44 -30.75 -44.03 -7.00
CA SER L 44 -29.78 -43.25 -6.24
C SER L 44 -30.10 -41.76 -6.35
N PRO L 45 -29.66 -40.97 -5.37
CA PRO L 45 -29.98 -39.54 -5.37
C PRO L 45 -29.15 -38.76 -6.37
N THR L 46 -29.66 -37.58 -6.71
CA THR L 46 -28.91 -36.56 -7.44
C THR L 46 -29.04 -35.25 -6.65
N THR L 47 -28.20 -34.27 -7.01
CA THR L 47 -28.27 -32.97 -6.37
C THR L 47 -29.10 -32.01 -7.21
N VAL L 48 -29.85 -31.13 -6.54
CA VAL L 48 -30.65 -30.12 -7.21
C VAL L 48 -30.20 -28.71 -6.82
N ILE L 49 -29.80 -28.50 -5.57
CA ILE L 49 -29.33 -27.22 -5.08
C ILE L 49 -28.03 -27.42 -4.31
N TYR L 50 -27.05 -26.56 -4.57
CA TYR L 50 -25.86 -26.51 -3.71
C TYR L 50 -25.52 -25.06 -3.42
N GLU L 51 -24.71 -24.86 -2.38
CA GLU L 51 -24.37 -23.52 -1.86
C GLU L 51 -25.62 -22.65 -1.67
N ASP L 52 -26.73 -23.33 -1.31
CA ASP L 52 -28.00 -22.78 -0.82
C ASP L 52 -28.86 -22.17 -1.92
N ASN L 53 -28.28 -21.84 -3.07
CA ASN L 53 -29.10 -21.37 -4.17
C ASN L 53 -28.59 -21.78 -5.54
N GLN L 54 -27.46 -22.45 -5.66
CA GLN L 54 -26.87 -22.73 -6.96
C GLN L 54 -27.35 -24.07 -7.50
N ARG L 55 -27.74 -24.08 -8.80
CA ARG L 55 -28.20 -25.28 -9.49
C ARG L 55 -27.09 -25.82 -10.38
N PRO L 56 -26.81 -27.11 -10.32
CA PRO L 56 -25.89 -27.73 -11.30
C PRO L 56 -26.48 -27.78 -12.70
N SER L 57 -25.75 -28.43 -13.61
CA SER L 57 -26.15 -28.50 -15.02
C SER L 57 -27.24 -29.54 -15.20
N GLY L 58 -28.40 -29.11 -15.72
CA GLY L 58 -29.48 -30.00 -16.07
C GLY L 58 -30.68 -29.95 -15.15
N VAL L 59 -30.70 -29.06 -14.17
CA VAL L 59 -31.78 -28.95 -13.20
C VAL L 59 -32.70 -27.82 -13.63
N PRO L 60 -34.02 -28.03 -13.73
CA PRO L 60 -34.93 -26.97 -14.16
C PRO L 60 -34.89 -25.77 -13.22
N ASP L 61 -34.85 -24.58 -13.80
CA ASP L 61 -34.72 -23.35 -13.01
C ASP L 61 -35.93 -23.07 -12.13
N ARG L 62 -36.85 -24.04 -12.06
CA ARG L 62 -38.00 -23.91 -11.18
C ARG L 62 -37.49 -24.11 -9.76
N PHE L 63 -36.58 -25.07 -9.60
CA PHE L 63 -35.97 -25.36 -8.31
C PHE L 63 -35.17 -24.15 -7.84
N SER L 64 -35.53 -23.61 -6.68
CA SER L 64 -34.84 -22.47 -6.11
C SER L 64 -34.69 -22.68 -4.60
N GLY L 65 -33.43 -22.74 -4.13
CA GLY L 65 -33.16 -22.81 -2.70
C GLY L 65 -32.98 -21.44 -2.07
N SER L 66 -33.22 -21.38 -0.76
CA SER L 66 -33.11 -20.13 -0.01
C SER L 66 -32.73 -20.46 1.43
N ILE L 67 -32.53 -19.40 2.22
CA ILE L 67 -32.12 -19.48 3.61
C ILE L 67 -32.88 -18.42 4.39
N ASP L 68 -33.32 -18.75 5.60
CA ASP L 68 -34.03 -17.81 6.47
C ASP L 68 -33.35 -17.81 7.82
N SER L 69 -32.72 -16.69 8.18
CA SER L 69 -31.99 -16.60 9.44
C SER L 69 -32.94 -16.51 10.64
N SER L 70 -34.13 -15.93 10.45
CA SER L 70 -35.05 -15.73 11.56
C SER L 70 -35.63 -17.06 12.04
N SER L 71 -36.18 -17.85 11.11
CA SER L 71 -36.66 -19.20 11.41
C SER L 71 -35.52 -20.20 11.55
N ASN L 72 -34.28 -19.79 11.26
CA ASN L 72 -33.10 -20.67 11.29
C ASN L 72 -33.31 -21.92 10.45
N SER L 73 -33.88 -21.73 9.26
CA SER L 73 -34.28 -22.83 8.40
C SER L 73 -33.87 -22.53 6.97
N ALA L 74 -33.73 -23.58 6.17
CA ALA L 74 -33.55 -23.48 4.74
C ALA L 74 -34.90 -23.63 4.04
N SER L 75 -34.86 -23.62 2.70
CA SER L 75 -36.08 -23.73 1.91
C SER L 75 -35.70 -24.25 0.53
N LEU L 76 -36.47 -25.23 0.04
CA LEU L 76 -36.41 -25.68 -1.35
C LEU L 76 -37.77 -25.41 -2.00
N THR L 77 -37.81 -24.43 -2.90
CA THR L 77 -39.05 -23.98 -3.51
C THR L 77 -39.10 -24.46 -4.96
N ILE L 78 -40.15 -25.22 -5.29
CA ILE L 78 -40.36 -25.74 -6.64
C ILE L 78 -41.58 -25.07 -7.25
N SER L 79 -41.39 -24.41 -8.39
CA SER L 79 -42.46 -23.78 -9.15
C SER L 79 -42.92 -24.69 -10.28
N GLY L 80 -44.20 -24.61 -10.61
CA GLY L 80 -44.77 -25.41 -11.68
C GLY L 80 -44.43 -26.90 -11.57
N LEU L 81 -44.98 -27.55 -10.54
CA LEU L 81 -44.71 -28.97 -10.31
C LEU L 81 -45.00 -29.80 -11.55
N LYS L 82 -44.15 -30.79 -11.80
CA LYS L 82 -44.39 -31.79 -12.83
C LYS L 82 -44.39 -33.16 -12.15
N THR L 83 -45.13 -34.10 -12.75
CA THR L 83 -45.24 -35.43 -12.15
C THR L 83 -43.89 -36.14 -12.04
N GLU L 84 -42.86 -35.63 -12.71
CA GLU L 84 -41.51 -36.17 -12.59
C GLU L 84 -40.78 -35.67 -11.35
N ASP L 85 -41.39 -34.76 -10.59
CA ASP L 85 -40.80 -34.21 -9.38
C ASP L 85 -41.20 -34.95 -8.11
N GLU L 86 -42.06 -35.97 -8.23
CA GLU L 86 -42.41 -36.80 -7.08
C GLU L 86 -41.20 -37.63 -6.70
N ALA L 87 -40.66 -37.39 -5.51
CA ALA L 87 -39.47 -38.09 -5.02
C ALA L 87 -39.33 -37.80 -3.53
N ASP L 88 -38.22 -38.25 -2.95
CA ASP L 88 -37.85 -37.92 -1.58
C ASP L 88 -36.72 -36.88 -1.60
N TYR L 89 -36.80 -35.90 -0.70
CA TYR L 89 -35.91 -34.74 -0.70
C TYR L 89 -35.21 -34.61 0.64
N TYR L 90 -33.88 -34.70 0.63
CA TYR L 90 -33.06 -34.54 1.82
C TYR L 90 -32.25 -33.25 1.73
N CYS L 91 -32.36 -32.39 2.73
CA CYS L 91 -31.39 -31.31 2.83
C CYS L 91 -30.10 -31.86 3.46
N GLN L 92 -29.07 -31.02 3.47
CA GLN L 92 -27.79 -31.41 4.04
C GLN L 92 -27.01 -30.17 4.44
N SER L 93 -26.36 -30.23 5.61
CA SER L 93 -25.48 -29.16 6.05
C SER L 93 -24.25 -29.83 6.67
N TYR L 94 -23.44 -29.05 7.37
CA TYR L 94 -22.14 -29.54 7.79
C TYR L 94 -21.68 -28.78 9.02
N ASP L 95 -20.98 -29.50 9.89
CA ASP L 95 -20.35 -28.93 11.08
C ASP L 95 -18.88 -29.36 11.07
N SER L 96 -18.15 -29.15 12.18
CA SER L 96 -16.69 -29.20 12.22
C SER L 96 -16.09 -30.28 11.30
N SER L 97 -16.50 -31.55 11.50
CA SER L 97 -16.10 -32.61 10.57
C SER L 97 -17.27 -33.55 10.26
N ASN L 98 -18.49 -33.16 10.58
CA ASN L 98 -19.63 -34.05 10.56
C ASN L 98 -20.70 -33.52 9.62
N VAL L 99 -21.12 -34.35 8.67
CA VAL L 99 -22.16 -34.01 7.70
C VAL L 99 -23.49 -34.56 8.20
N VAL L 100 -24.49 -33.68 8.32
CA VAL L 100 -25.80 -34.03 8.88
C VAL L 100 -26.84 -34.02 7.75
N PHE L 101 -27.60 -35.10 7.65
CA PHE L 101 -28.67 -35.21 6.67
C PHE L 101 -30.01 -34.96 7.33
N GLY L 102 -30.92 -34.34 6.59
CA GLY L 102 -32.27 -34.17 7.07
C GLY L 102 -33.03 -35.48 7.13
N GLY L 103 -34.19 -35.43 7.78
CA GLY L 103 -35.00 -36.63 7.94
C GLY L 103 -35.53 -37.16 6.63
N GLY L 104 -35.85 -36.27 5.70
CA GLY L 104 -36.44 -36.63 4.43
C GLY L 104 -37.86 -36.10 4.30
N THR L 105 -38.20 -35.65 3.09
CA THR L 105 -39.51 -35.10 2.77
C THR L 105 -40.07 -35.85 1.57
N LYS L 106 -41.27 -36.41 1.73
CA LYS L 106 -41.94 -37.18 0.68
C LYS L 106 -42.82 -36.22 -0.12
N LEU L 107 -42.29 -35.76 -1.27
CA LEU L 107 -43.03 -34.82 -2.11
C LEU L 107 -44.01 -35.60 -2.98
N THR L 108 -45.30 -35.31 -2.82
CA THR L 108 -46.37 -36.02 -3.52
C THR L 108 -47.14 -35.04 -4.39
N VAL L 109 -47.23 -35.35 -5.69
CA VAL L 109 -48.06 -34.59 -6.63
C VAL L 109 -49.43 -35.21 -6.68
N LEU L 110 -50.45 -34.45 -6.27
CA LEU L 110 -51.79 -35.00 -6.13
C LEU L 110 -52.35 -35.41 -7.49
N GLY L 111 -52.79 -36.67 -7.57
CA GLY L 111 -53.48 -37.20 -8.73
C GLY L 111 -54.88 -37.66 -8.38
N GLN L 112 -55.22 -37.55 -7.09
CA GLN L 112 -56.54 -37.89 -6.56
C GLN L 112 -56.74 -37.09 -5.29
N PRO L 113 -57.97 -37.01 -4.79
CA PRO L 113 -58.20 -36.24 -3.55
C PRO L 113 -57.59 -36.92 -2.34
N LYS L 114 -57.38 -36.10 -1.30
CA LYS L 114 -56.75 -36.60 -0.07
C LYS L 114 -57.70 -37.51 0.69
N ALA L 115 -57.18 -38.65 1.13
CA ALA L 115 -57.95 -39.64 1.87
C ALA L 115 -57.32 -39.87 3.23
N ALA L 116 -58.17 -39.94 4.26
CA ALA L 116 -57.76 -40.20 5.63
C ALA L 116 -57.62 -41.70 5.87
N PRO L 117 -56.71 -42.11 6.77
CA PRO L 117 -56.45 -43.54 6.95
C PRO L 117 -57.62 -44.27 7.61
N SER L 118 -57.62 -45.58 7.42
CA SER L 118 -58.60 -46.50 8.04
C SER L 118 -57.80 -47.49 8.88
N VAL L 119 -57.79 -47.28 10.20
CA VAL L 119 -56.90 -48.01 11.11
C VAL L 119 -57.66 -49.12 11.82
N THR L 120 -57.00 -50.26 12.00
CA THR L 120 -57.53 -51.37 12.77
C THR L 120 -56.39 -52.06 13.50
N LEU L 121 -56.51 -52.17 14.82
CA LEU L 121 -55.45 -52.70 15.67
C LEU L 121 -55.91 -54.02 16.28
N PHE L 122 -55.17 -55.11 15.97
CA PHE L 122 -55.47 -56.44 16.51
C PHE L 122 -54.58 -56.74 17.69
N PRO L 123 -55.14 -57.20 18.82
CA PRO L 123 -54.32 -57.63 19.95
C PRO L 123 -53.66 -58.96 19.67
N PRO L 124 -52.74 -59.42 20.52
CA PRO L 124 -52.09 -60.72 20.28
C PRO L 124 -53.08 -61.87 20.37
N SER L 125 -52.95 -62.82 19.44
CA SER L 125 -53.78 -64.01 19.45
C SER L 125 -53.45 -64.88 20.66
N SER L 126 -54.49 -65.40 21.33
CA SER L 126 -54.28 -66.28 22.48
C SER L 126 -53.47 -67.51 22.09
N GLU L 127 -53.55 -67.92 20.82
CA GLU L 127 -52.68 -68.99 20.33
C GLU L 127 -51.21 -68.58 20.44
N GLU L 128 -50.92 -67.33 20.13
CA GLU L 128 -49.56 -66.81 20.22
C GLU L 128 -49.06 -66.83 21.65
N LEU L 129 -49.94 -66.50 22.60
CA LEU L 129 -49.58 -66.49 24.01
C LEU L 129 -49.14 -67.86 24.51
N GLN L 130 -49.48 -68.93 23.77
CA GLN L 130 -48.98 -70.26 24.11
C GLN L 130 -47.51 -70.40 23.75
N ALA L 131 -47.03 -69.65 22.76
CA ALA L 131 -45.63 -69.68 22.35
C ALA L 131 -44.76 -68.73 23.15
N ASN L 132 -45.28 -68.20 24.26
CA ASN L 132 -44.61 -67.19 25.08
C ASN L 132 -44.31 -65.91 24.29
N LYS L 133 -45.05 -65.68 23.21
CA LYS L 133 -44.82 -64.55 22.31
C LYS L 133 -46.06 -63.68 22.22
N ALA L 134 -45.84 -62.37 22.05
CA ALA L 134 -46.91 -61.40 21.86
C ALA L 134 -46.61 -60.58 20.63
N THR L 135 -47.61 -60.39 19.77
CA THR L 135 -47.48 -59.59 18.55
C THR L 135 -48.74 -58.76 18.37
N LEU L 136 -48.59 -57.45 18.40
CA LEU L 136 -49.68 -56.53 18.09
C LEU L 136 -49.57 -56.10 16.64
N VAL L 137 -50.71 -56.01 15.96
CA VAL L 137 -50.75 -55.67 14.54
C VAL L 137 -51.64 -54.45 14.35
N CYS L 138 -51.04 -53.36 13.91
CA CYS L 138 -51.76 -52.13 13.58
C CYS L 138 -51.76 -51.98 12.06
N LEU L 139 -52.94 -52.08 11.45
CA LEU L 139 -53.08 -52.11 10.00
C LEU L 139 -53.68 -50.79 9.54
N ILE L 140 -52.94 -50.09 8.68
CA ILE L 140 -53.38 -48.80 8.13
C ILE L 140 -53.69 -49.00 6.66
N SER L 141 -54.73 -48.31 6.17
CA SER L 141 -55.17 -48.54 4.80
C SER L 141 -55.92 -47.31 4.29
N ASP L 142 -55.84 -47.10 2.98
CA ASP L 142 -56.68 -46.14 2.24
C ASP L 142 -56.42 -44.69 2.68
N PHE L 143 -55.15 -44.27 2.55
CA PHE L 143 -54.80 -42.87 2.75
C PHE L 143 -53.99 -42.38 1.56
N TYR L 144 -54.05 -41.05 1.36
CA TYR L 144 -53.35 -40.37 0.28
C TYR L 144 -53.20 -38.90 0.65
N PRO L 145 -51.98 -38.33 0.60
CA PRO L 145 -50.71 -38.90 0.11
C PRO L 145 -50.13 -39.94 1.06
N GLY L 146 -49.36 -40.88 0.54
CA GLY L 146 -48.84 -41.94 1.40
C GLY L 146 -47.66 -41.50 2.25
N ALA L 147 -47.95 -41.20 3.53
CA ALA L 147 -46.96 -40.79 4.52
C ALA L 147 -47.64 -40.86 5.89
N VAL L 148 -47.05 -41.61 6.81
CA VAL L 148 -47.72 -41.94 8.08
C VAL L 148 -46.73 -41.89 9.22
N THR L 149 -47.19 -41.37 10.37
CA THR L 149 -46.40 -41.24 11.60
C THR L 149 -47.04 -42.14 12.67
N VAL L 150 -46.61 -43.40 12.72
CA VAL L 150 -47.15 -44.37 13.67
C VAL L 150 -46.44 -44.20 15.00
N ALA L 151 -47.21 -44.00 16.06
CA ALA L 151 -46.69 -43.84 17.42
C ALA L 151 -47.38 -44.83 18.34
N TRP L 152 -46.62 -45.77 18.90
CA TRP L 152 -47.17 -46.75 19.83
C TRP L 152 -47.11 -46.21 21.25
N LYS L 153 -48.13 -46.52 22.05
CA LYS L 153 -48.26 -45.96 23.39
C LYS L 153 -48.83 -47.03 24.33
N ALA L 154 -47.95 -47.63 25.13
CA ALA L 154 -48.36 -48.57 26.17
C ALA L 154 -48.97 -47.79 27.33
N ASP L 155 -50.30 -47.65 27.30
CA ASP L 155 -51.17 -47.28 28.41
C ASP L 155 -51.13 -45.81 28.80
N SER L 156 -50.01 -45.11 28.60
CA SER L 156 -50.03 -43.67 28.37
C SER L 156 -48.76 -43.24 27.62
N SER L 157 -47.74 -44.15 27.61
CA SER L 157 -46.36 -43.73 27.40
C SER L 157 -45.82 -44.24 26.08
N PRO L 158 -45.01 -43.44 25.39
CA PRO L 158 -44.45 -43.87 24.10
C PRO L 158 -43.57 -45.10 24.26
N VAL L 159 -43.79 -46.09 23.40
CA VAL L 159 -42.96 -47.28 23.35
C VAL L 159 -42.49 -47.47 21.90
N LYS L 160 -41.23 -47.13 21.64
CA LYS L 160 -40.60 -47.40 20.35
C LYS L 160 -39.72 -48.64 20.40
N ALA L 161 -39.84 -49.44 21.46
CA ALA L 161 -38.94 -50.57 21.70
C ALA L 161 -39.02 -51.64 20.61
N GLY L 162 -40.15 -52.33 20.53
CA GLY L 162 -40.24 -53.47 19.64
C GLY L 162 -40.96 -53.21 18.33
N VAL L 163 -41.15 -51.93 17.97
CA VAL L 163 -41.96 -51.59 16.81
C VAL L 163 -41.14 -51.80 15.55
N GLU L 164 -41.79 -52.32 14.51
CA GLU L 164 -41.22 -52.42 13.17
C GLU L 164 -42.32 -52.02 12.19
N THR L 165 -42.07 -50.97 11.40
CA THR L 165 -43.10 -50.33 10.61
C THR L 165 -42.73 -50.36 9.13
N THR L 166 -43.64 -50.91 8.31
CA THR L 166 -43.41 -51.02 6.88
C THR L 166 -43.52 -49.66 6.20
N THR L 167 -42.79 -49.52 5.11
CA THR L 167 -42.94 -48.30 4.31
C THR L 167 -44.21 -48.39 3.47
N PRO L 168 -44.93 -47.27 3.30
CA PRO L 168 -46.22 -47.33 2.58
C PRO L 168 -46.09 -47.96 1.20
N SER L 169 -47.19 -48.54 0.74
CA SER L 169 -47.24 -49.20 -0.56
C SER L 169 -48.51 -48.79 -1.29
N LYS L 170 -48.42 -48.72 -2.62
CA LYS L 170 -49.55 -48.34 -3.45
C LYS L 170 -50.58 -49.47 -3.47
N GLN L 171 -51.76 -49.21 -2.89
CA GLN L 171 -52.85 -50.18 -2.91
C GLN L 171 -53.41 -50.30 -4.32
N SER L 172 -54.24 -51.34 -4.52
CA SER L 172 -54.87 -51.56 -5.83
C SER L 172 -55.72 -50.37 -6.26
N ASN L 173 -56.38 -49.68 -5.31
CA ASN L 173 -57.22 -48.53 -5.60
C ASN L 173 -56.44 -47.23 -5.69
N ASN L 174 -55.12 -47.30 -5.97
CA ASN L 174 -54.27 -46.12 -6.10
C ASN L 174 -54.24 -45.30 -4.82
N LYS L 175 -54.29 -45.98 -3.68
CA LYS L 175 -54.11 -45.35 -2.37
C LYS L 175 -53.00 -46.10 -1.65
N TYR L 176 -52.67 -45.66 -0.44
CA TYR L 176 -51.53 -46.18 0.26
C TYR L 176 -51.95 -46.86 1.56
N ALA L 177 -51.28 -47.97 1.89
CA ALA L 177 -51.55 -48.74 3.09
C ALA L 177 -50.23 -49.22 3.69
N ALA L 178 -50.21 -49.33 5.02
CA ALA L 178 -49.00 -49.73 5.74
C ALA L 178 -49.39 -50.46 7.01
N SER L 179 -48.40 -51.12 7.61
CA SER L 179 -48.61 -51.94 8.81
C SER L 179 -47.59 -51.58 9.89
N SER L 180 -47.92 -51.93 11.13
CA SER L 180 -47.02 -51.81 12.27
C SER L 180 -47.07 -53.07 13.10
N TYR L 181 -45.96 -53.38 13.77
CA TYR L 181 -45.86 -54.56 14.61
C TYR L 181 -45.09 -54.19 15.87
N LEU L 182 -45.76 -54.22 17.02
CA LEU L 182 -45.10 -54.07 18.32
C LEU L 182 -44.93 -55.46 18.93
N SER L 183 -43.71 -55.99 18.87
CA SER L 183 -43.44 -57.32 19.41
C SER L 183 -43.16 -57.21 20.92
N LEU L 184 -43.87 -58.02 21.70
CA LEU L 184 -43.78 -57.96 23.15
C LEU L 184 -43.57 -59.32 23.78
N THR L 185 -43.67 -59.37 25.10
CA THR L 185 -43.72 -60.61 25.86
C THR L 185 -45.01 -60.63 26.67
N PRO L 186 -45.66 -61.81 26.83
CA PRO L 186 -47.00 -61.87 27.45
C PRO L 186 -47.08 -61.20 28.81
N GLU L 187 -45.92 -61.02 29.47
CA GLU L 187 -45.89 -60.30 30.74
C GLU L 187 -46.21 -58.82 30.53
N GLN L 188 -45.51 -58.19 29.58
CA GLN L 188 -45.75 -56.78 29.29
C GLN L 188 -47.17 -56.57 28.76
N TRP L 189 -47.66 -57.51 27.95
CA TRP L 189 -49.02 -57.42 27.44
C TRP L 189 -50.04 -57.44 28.59
N LYS L 190 -49.93 -58.42 29.48
CA LYS L 190 -50.82 -58.52 30.62
C LYS L 190 -50.49 -57.52 31.73
N SER L 191 -49.39 -56.78 31.60
CA SER L 191 -49.01 -55.80 32.61
C SER L 191 -49.86 -54.53 32.51
N HIS L 192 -49.81 -53.86 31.35
CA HIS L 192 -50.51 -52.60 31.17
C HIS L 192 -51.96 -52.83 30.76
N ARG L 193 -52.80 -51.83 31.06
CA ARG L 193 -54.23 -51.97 30.81
C ARG L 193 -54.56 -51.85 29.34
N SER L 194 -53.90 -50.94 28.62
CA SER L 194 -54.25 -50.64 27.23
C SER L 194 -52.99 -50.41 26.41
N TYR L 195 -53.04 -50.84 25.15
CA TYR L 195 -51.97 -50.60 24.17
C TYR L 195 -52.58 -49.93 22.95
N SER L 196 -52.13 -48.72 22.66
CA SER L 196 -52.71 -47.90 21.60
C SER L 196 -51.77 -47.85 20.39
N CYS L 197 -52.38 -47.63 19.23
CA CYS L 197 -51.64 -47.38 17.99
C CYS L 197 -52.14 -46.05 17.43
N GLN L 198 -51.28 -45.04 17.47
CA GLN L 198 -51.62 -43.70 17.00
C GLN L 198 -51.03 -43.49 15.62
N VAL L 199 -51.89 -43.18 14.65
CA VAL L 199 -51.47 -42.88 13.29
C VAL L 199 -51.73 -41.40 13.05
N THR L 200 -50.72 -40.71 12.53
CA THR L 200 -50.80 -39.27 12.28
C THR L 200 -50.76 -39.05 10.78
N HIS L 201 -51.73 -38.30 10.25
CA HIS L 201 -51.89 -38.08 8.83
C HIS L 201 -52.38 -36.67 8.61
N GLU L 202 -51.58 -35.86 7.91
CA GLU L 202 -51.90 -34.45 7.68
C GLU L 202 -52.09 -33.69 8.99
N GLY L 203 -51.23 -33.97 9.96
CA GLY L 203 -51.36 -33.37 11.27
C GLY L 203 -52.61 -33.77 12.02
N SER L 204 -53.34 -34.77 11.51
CA SER L 204 -54.59 -35.25 12.09
C SER L 204 -54.38 -36.67 12.58
N THR L 205 -54.52 -36.87 13.89
CA THR L 205 -54.18 -38.14 14.53
C THR L 205 -55.44 -38.96 14.81
N VAL L 206 -55.31 -40.28 14.69
CA VAL L 206 -56.35 -41.23 15.06
C VAL L 206 -55.74 -42.26 15.99
N GLU L 207 -56.48 -42.66 17.02
CA GLU L 207 -56.01 -43.63 17.99
C GLU L 207 -56.94 -44.84 17.97
N LYS L 208 -56.36 -46.02 17.75
CA LYS L 208 -57.05 -47.28 17.97
C LYS L 208 -56.33 -48.02 19.10
N THR L 209 -57.10 -48.62 20.01
CA THR L 209 -56.55 -49.18 21.25
C THR L 209 -57.11 -50.57 21.47
N VAL L 210 -56.26 -51.46 22.01
CA VAL L 210 -56.67 -52.79 22.43
C VAL L 210 -56.28 -52.99 23.89
N ALA L 211 -56.81 -54.05 24.49
CA ALA L 211 -56.59 -54.38 25.89
C ALA L 211 -56.76 -55.89 26.07
N PRO L 212 -56.06 -56.50 27.03
CA PRO L 212 -56.26 -57.93 27.29
C PRO L 212 -57.63 -58.20 27.91
N THR L 213 -58.36 -59.14 27.30
CA THR L 213 -59.70 -59.56 27.72
C THR L 213 -60.74 -58.42 27.62
C1 NAG M . 53.23 24.19 6.14
C2 NAG M . 53.11 25.64 5.70
C3 NAG M . 51.97 26.34 6.44
C4 NAG M . 50.70 25.51 6.39
C5 NAG M . 50.97 24.07 6.80
C6 NAG M . 49.71 23.21 6.69
C7 NAG M . 55.29 26.43 4.99
C8 NAG M . 56.52 27.21 5.36
N2 NAG M . 54.35 26.34 5.93
O3 NAG M . 51.73 27.62 5.85
O4 NAG M . 49.73 26.08 7.28
O5 NAG M . 51.99 23.52 5.96
O6 NAG M . 48.61 23.90 7.30
O7 NAG M . 55.15 25.92 3.90
C1 NAG N . -3.54 29.27 -21.71
C2 NAG N . -2.37 29.43 -22.69
C3 NAG N . -2.12 30.90 -22.98
C4 NAG N . -3.41 31.61 -23.40
C5 NAG N . -4.54 31.34 -22.40
C6 NAG N . -5.87 31.89 -22.85
C7 NAG N . -0.79 27.56 -22.49
C8 NAG N . 0.48 27.07 -21.85
N2 NAG N . -1.17 28.80 -22.16
O3 NAG N . -1.15 31.01 -24.01
O4 NAG N . -3.17 33.02 -23.46
O5 NAG N . -4.70 29.93 -22.23
O6 NAG N . -6.97 31.15 -22.32
O7 NAG N . -1.43 26.87 -23.29
C1 NAG O . 19.61 3.88 6.12
C2 NAG O . 18.80 3.07 7.13
C3 NAG O . 18.42 3.92 8.33
C4 NAG O . 19.67 4.55 8.94
C5 NAG O . 20.41 5.36 7.88
C6 NAG O . 21.70 5.94 8.39
C7 NAG O . 17.47 1.19 6.26
C8 NAG O . 16.18 0.77 5.63
N2 NAG O . 17.61 2.50 6.52
O3 NAG O . 17.74 3.11 9.28
O4 NAG O . 19.33 5.41 10.03
O5 NAG O . 20.75 4.48 6.79
O6 NAG O . 22.48 6.45 7.31
O7 NAG O . 18.36 0.37 6.53
C1 NAG P . 57.50 -13.88 -8.56
C2 NAG P . 58.37 -13.99 -7.31
C3 NAG P . 57.81 -15.03 -6.35
C4 NAG P . 56.33 -14.81 -6.11
C5 NAG P . 55.57 -14.65 -7.43
C6 NAG P . 54.10 -14.36 -7.18
C7 NAG P . 60.61 -13.40 -8.02
C8 NAG P . 62.00 -13.89 -8.32
N2 NAG P . 59.72 -14.33 -7.68
O3 NAG P . 58.51 -14.95 -5.10
O4 NAG P . 55.79 -15.93 -5.38
O5 NAG P . 56.15 -13.59 -8.18
O6 NAG P . 53.33 -14.81 -8.31
O7 NAG P . 60.32 -12.21 -8.09
C1 NAG Q . 8.57 4.12 27.03
C2 NAG Q . 9.73 5.08 27.38
C3 NAG Q . 10.14 4.94 28.85
C4 NAG Q . 8.92 5.02 29.77
C5 NAG Q . 7.86 4.02 29.34
C6 NAG Q . 6.60 4.05 30.17
C7 NAG Q . 10.92 5.19 25.22
C8 NAG Q . 12.19 4.87 24.49
N2 NAG Q . 10.87 4.84 26.51
O3 NAG Q . 11.08 5.95 29.19
O4 NAG Q . 9.31 4.75 31.12
O5 NAG Q . 7.49 4.30 27.98
O6 NAG Q . 5.98 5.34 30.18
O7 NAG Q . 9.97 5.74 24.66
C1 NAG R . 18.72 -7.51 -13.86
C2 NAG R . 17.53 -8.00 -14.67
C3 NAG R . 17.29 -9.48 -14.45
C4 NAG R . 18.58 -10.27 -14.62
C5 NAG R . 19.71 -9.65 -13.82
C6 NAG R . 21.02 -10.40 -14.04
C7 NAG R . 15.78 -6.37 -15.14
C8 NAG R . 14.51 -5.72 -14.66
N2 NAG R . 16.34 -7.25 -14.31
O3 NAG R . 16.31 -9.96 -15.38
O4 NAG R . 18.37 -11.63 -14.19
O5 NAG R . 19.86 -8.28 -14.19
O6 NAG R . 22.07 -9.78 -13.27
O7 NAG R . 16.28 -6.11 -16.22
C1 NAG S . 48.41 15.73 -34.29
C2 NAG S . 49.06 15.17 -35.55
C3 NAG S . 48.09 14.31 -36.35
C4 NAG S . 47.40 13.30 -35.44
C5 NAG S . 46.84 13.96 -34.19
C6 NAG S . 46.23 12.93 -33.25
C7 NAG S . 50.82 16.66 -36.34
C8 NAG S . 51.20 17.75 -37.29
N2 NAG S . 49.54 16.26 -36.37
O3 NAG S . 48.79 13.64 -37.39
O4 NAG S . 46.33 12.66 -36.16
O5 NAG S . 47.89 14.65 -33.51
O6 NAG S . 45.70 11.84 -34.02
O7 NAG S . 51.63 16.16 -35.56
C1 NAG T . 3.02 -26.70 -18.87
C2 NAG T . 4.44 -27.19 -18.52
C3 NAG T . 4.87 -28.29 -19.50
C4 NAG T . 3.83 -29.41 -19.55
C5 NAG T . 2.43 -28.85 -19.82
C6 NAG T . 1.33 -29.88 -19.73
C7 NAG T . 5.52 -25.19 -17.56
C8 NAG T . 6.57 -24.12 -17.76
N2 NAG T . 5.39 -26.09 -18.56
O3 NAG T . 6.15 -28.79 -19.12
O4 NAG T . 4.15 -30.36 -20.56
O5 NAG T . 2.12 -27.82 -18.86
O6 NAG T . 0.08 -29.32 -19.36
O7 NAG T . 4.82 -25.23 -16.54
C1 NAG U . 15.91 15.03 -13.32
C2 NAG U . 14.61 15.79 -13.01
C3 NAG U . 13.99 16.39 -14.27
C4 NAG U . 15.01 17.22 -15.04
C5 NAG U . 16.21 16.34 -15.36
C6 NAG U . 17.30 17.07 -16.10
C7 NAG U . 12.70 15.34 -11.51
C8 NAG U . 11.81 14.27 -10.93
N2 NAG U . 13.66 14.90 -12.34
O3 NAG U . 12.87 17.20 -13.92
O4 NAG U . 14.47 17.73 -16.25
O5 NAG U . 16.79 15.88 -14.13
O6 NAG U . 18.41 16.21 -16.36
O7 NAG U . 12.55 16.53 -11.27
#